data_6GKD
#
_entry.id   6GKD
#
_cell.length_a   116.940
_cell.length_b   146.830
_cell.length_c   188.340
_cell.angle_alpha   90.00
_cell.angle_beta   90.00
_cell.angle_gamma   90.00
#
_symmetry.space_group_name_H-M   'P 21 21 21'
#
loop_
_entity.id
_entity.type
_entity.pdbx_description
1 polymer 'Cystic fibrosis transmembrane conductance regulator'
2 polymer 'Nanobody D12'
3 polymer 'Nanobody G3a'
4 branched alpha-D-fructofuranose-(2-1)-alpha-D-glucopyranose
5 non-polymer "ADENOSINE-5'-TRIPHOSPHATE"
6 non-polymer 'MAGNESIUM ION'
7 non-polymer GLYCEROL
8 water water
#
loop_
_entity_poly.entity_id
_entity_poly.type
_entity_poly.pdbx_seq_one_letter_code
_entity_poly.pdbx_strand_id
1 'polypeptide(L)'
;SLTTTEVVMENVTAFWEEGGTPVLKDINFKIERGQLLAVAGSTGAGKTSLLMMIMGELEPSEGKIKHSGRISFCSQFSWI
MPGTIKENIIFGVSYDEYRYRSVIKACQLEEDISKFAEKDNIVLGEGGITLSGGQRARISLARAVYKDADLYLLDSPFGY
LDVLTEKEIFESCVCKLMANKTRILVTSKMEHLKKADKILILHEGSSYFYGTFSELQNLQPDFSSKLMG
;
A,F,I,L,O,R
2 'polypeptide(L)'
;QVQLQESGGGLVQAGSSLRLACAATGSIRSINNMGWYRQAPGKQRGMVAIITRVGNTDYADSVKGRFTISRDNAKNTVYL
QMNSLKPEDTATYYCHAEITEQSRPFYLTDDYWGQGTQVTVSSAAAHHHHHHGAAEQKLISEEDLNGAA
;
B,G,J,M,P,S
3 'polypeptide(L)'
;QVQLQESGGGLVQAGGSLRLSCTASGRAFSWYVMGWFRQAPGKEREFVATVSGNGSRRDYADSVKGRFTISRDNAKNTVY
LQMNSLKPEDTAVYYCAASSTYYYTDPEKYDYWGQGTQVTVSSAAAHHHHHHGAAEQKLISEEDLNGAA
;
C,H,K,N,Q,T
#
# COMPACT_ATOMS: atom_id res chain seq x y z
N THR A 4 -36.42 15.88 -12.70
CA THR A 4 -37.64 15.47 -12.01
C THR A 4 -38.06 16.46 -10.90
N THR A 5 -37.61 17.73 -11.02
CA THR A 5 -37.88 18.80 -10.07
C THR A 5 -38.31 20.09 -10.77
N GLU A 6 -38.78 21.03 -9.96
CA GLU A 6 -39.15 22.36 -10.38
C GLU A 6 -38.17 23.28 -9.63
N VAL A 7 -37.54 24.23 -10.35
CA VAL A 7 -36.62 25.17 -9.73
C VAL A 7 -37.24 26.55 -9.84
N VAL A 8 -37.57 27.18 -8.70
CA VAL A 8 -38.17 28.52 -8.72
C VAL A 8 -37.38 29.49 -7.86
N MET A 9 -37.22 30.70 -8.38
CA MET A 9 -36.56 31.84 -7.74
C MET A 9 -37.47 33.04 -7.93
N GLU A 10 -37.77 33.76 -6.84
CA GLU A 10 -38.64 34.94 -6.91
C GLU A 10 -38.03 36.09 -6.15
N ASN A 11 -37.67 37.17 -6.88
CA ASN A 11 -37.09 38.42 -6.39
C ASN A 11 -35.97 38.21 -5.35
N VAL A 12 -35.11 37.20 -5.61
CA VAL A 12 -34.04 36.75 -4.74
C VAL A 12 -32.81 37.65 -4.81
N THR A 13 -32.35 38.09 -3.63
CA THR A 13 -31.13 38.88 -3.45
C THR A 13 -30.38 38.29 -2.27
N ALA A 14 -29.04 38.22 -2.35
CA ALA A 14 -28.19 37.69 -1.29
C ALA A 14 -26.85 38.40 -1.22
N PHE A 15 -26.22 38.35 -0.04
CA PHE A 15 -24.93 38.97 0.25
C PHE A 15 -23.99 37.93 0.85
N TRP A 16 -22.71 37.96 0.47
CA TRP A 16 -21.70 37.08 1.05
C TRP A 16 -21.19 37.72 2.34
N GLU A 17 -21.10 39.06 2.36
CA GLU A 17 -20.63 39.85 3.50
C GLU A 17 -21.70 40.84 3.94
N GLU A 18 -21.95 40.86 5.27
CA GLU A 18 -22.90 41.72 5.97
C GLU A 18 -22.69 43.19 5.66
N GLY A 19 -23.73 43.83 5.13
CA GLY A 19 -23.74 45.25 4.79
C GLY A 19 -22.99 45.63 3.53
N GLY A 20 -22.40 44.65 2.83
CA GLY A 20 -21.63 44.84 1.60
C GLY A 20 -22.46 44.95 0.34
N THR A 21 -21.86 44.65 -0.82
CA THR A 21 -22.55 44.70 -2.12
C THR A 21 -23.25 43.34 -2.35
N PRO A 22 -24.52 43.30 -2.80
CA PRO A 22 -25.17 42.00 -3.00
C PRO A 22 -24.56 41.24 -4.18
N VAL A 23 -24.26 39.96 -3.95
CA VAL A 23 -23.67 39.08 -4.98
C VAL A 23 -24.69 38.75 -6.08
N LEU A 24 -25.98 38.72 -5.70
CA LEU A 24 -27.09 38.48 -6.60
C LEU A 24 -28.19 39.47 -6.25
N LYS A 25 -28.67 40.20 -7.25
CA LYS A 25 -29.68 41.24 -7.15
C LYS A 25 -30.93 40.96 -8.00
N ASP A 26 -32.07 40.77 -7.32
CA ASP A 26 -33.40 40.52 -7.85
C ASP A 26 -33.44 39.45 -8.93
N ILE A 27 -33.18 38.20 -8.51
CA ILE A 27 -33.14 37.06 -9.43
C ILE A 27 -34.50 36.38 -9.50
N ASN A 28 -34.97 36.14 -10.72
CA ASN A 28 -36.26 35.51 -11.00
C ASN A 28 -36.11 34.50 -12.09
N PHE A 29 -36.67 33.29 -11.90
CA PHE A 29 -36.71 32.19 -12.87
C PHE A 29 -37.52 30.99 -12.40
N LYS A 30 -38.09 30.24 -13.36
CA LYS A 30 -38.87 29.03 -13.13
C LYS A 30 -38.45 27.99 -14.16
N ILE A 31 -37.83 26.90 -13.69
CA ILE A 31 -37.37 25.80 -14.53
C ILE A 31 -38.29 24.61 -14.31
N GLU A 32 -39.01 24.22 -15.37
CA GLU A 32 -39.95 23.09 -15.35
C GLU A 32 -39.17 21.76 -15.32
N ARG A 33 -39.86 20.66 -14.96
CA ARG A 33 -39.28 19.31 -14.89
C ARG A 33 -38.65 18.90 -16.22
N GLY A 34 -37.44 18.36 -16.14
CA GLY A 34 -36.65 17.89 -17.27
C GLY A 34 -36.08 18.93 -18.21
N GLN A 35 -36.17 20.23 -17.85
CA GLN A 35 -35.68 21.34 -18.69
C GLN A 35 -34.19 21.66 -18.47
N LEU A 36 -33.57 22.32 -19.46
CA LEU A 36 -32.18 22.75 -19.40
C LEU A 36 -32.08 24.27 -19.32
N LEU A 37 -31.59 24.78 -18.18
CA LEU A 37 -31.38 26.20 -18.00
C LEU A 37 -29.90 26.49 -18.19
N ALA A 38 -29.59 27.44 -19.07
CA ALA A 38 -28.23 27.86 -19.31
C ALA A 38 -27.96 29.14 -18.51
N VAL A 39 -26.91 29.13 -17.68
CA VAL A 39 -26.54 30.31 -16.90
C VAL A 39 -25.25 30.90 -17.46
N ALA A 40 -25.38 32.02 -18.19
CA ALA A 40 -24.27 32.72 -18.82
C ALA A 40 -23.91 33.99 -18.07
N GLY A 41 -22.75 34.54 -18.39
CA GLY A 41 -22.27 35.77 -17.77
C GLY A 41 -20.77 35.94 -17.81
N SER A 42 -20.31 37.17 -17.48
CA SER A 42 -18.91 37.53 -17.40
C SER A 42 -18.29 36.89 -16.12
N THR A 43 -16.97 36.89 -16.01
CA THR A 43 -16.29 36.36 -14.83
C THR A 43 -16.63 37.25 -13.62
N GLY A 44 -17.08 36.62 -12.54
CA GLY A 44 -17.48 37.30 -11.32
C GLY A 44 -18.94 37.74 -11.27
N ALA A 45 -19.73 37.38 -12.30
CA ALA A 45 -21.16 37.73 -12.44
C ALA A 45 -22.06 37.23 -11.29
N GLY A 46 -21.70 36.12 -10.65
CA GLY A 46 -22.45 35.52 -9.55
C GLY A 46 -23.10 34.19 -9.88
N LYS A 47 -22.66 33.54 -10.99
CA LYS A 47 -23.16 32.25 -11.50
C LYS A 47 -23.00 31.11 -10.49
N THR A 48 -21.77 30.90 -9.99
CA THR A 48 -21.48 29.86 -9.00
C THR A 48 -22.27 30.15 -7.74
N SER A 49 -22.29 31.42 -7.31
CA SER A 49 -23.03 31.94 -6.16
C SER A 49 -24.54 31.62 -6.25
N LEU A 50 -25.10 31.66 -7.47
CA LEU A 50 -26.50 31.30 -7.70
C LEU A 50 -26.71 29.81 -7.43
N LEU A 51 -25.76 28.96 -7.88
CA LEU A 51 -25.81 27.51 -7.64
C LEU A 51 -25.63 27.20 -6.16
N MET A 52 -24.75 27.96 -5.49
CA MET A 52 -24.45 27.87 -4.05
C MET A 52 -25.72 28.13 -3.24
N MET A 53 -26.58 29.01 -3.76
CA MET A 53 -27.85 29.38 -3.16
C MET A 53 -28.85 28.25 -3.24
N ILE A 54 -28.90 27.56 -4.41
CA ILE A 54 -29.78 26.40 -4.65
C ILE A 54 -29.37 25.27 -3.68
N MET A 55 -28.07 25.16 -3.41
CA MET A 55 -27.52 24.17 -2.50
C MET A 55 -27.68 24.53 -1.03
N GLY A 56 -28.05 25.78 -0.74
CA GLY A 56 -28.26 26.27 0.62
C GLY A 56 -27.04 26.85 1.28
N GLU A 57 -25.90 26.83 0.58
CA GLU A 57 -24.65 27.40 1.08
C GLU A 57 -24.73 28.93 1.14
N LEU A 58 -25.68 29.54 0.42
CA LEU A 58 -25.91 30.98 0.41
C LEU A 58 -27.37 31.22 0.73
N GLU A 59 -27.62 31.96 1.82
CA GLU A 59 -28.96 32.29 2.30
C GLU A 59 -29.44 33.61 1.70
N PRO A 60 -30.64 33.66 1.09
CA PRO A 60 -31.11 34.93 0.52
C PRO A 60 -31.53 35.91 1.61
N SER A 61 -31.19 37.21 1.42
CA SER A 61 -31.58 38.27 2.34
C SER A 61 -33.06 38.63 2.09
N GLU A 62 -33.48 38.56 0.82
CA GLU A 62 -34.83 38.81 0.32
C GLU A 62 -35.17 37.83 -0.80
N GLY A 63 -36.44 37.48 -0.91
CA GLY A 63 -36.94 36.57 -1.94
C GLY A 63 -37.16 35.15 -1.45
N LYS A 64 -37.61 34.26 -2.37
CA LYS A 64 -37.88 32.86 -2.07
C LYS A 64 -37.37 31.87 -3.15
N ILE A 65 -36.86 30.70 -2.70
CA ILE A 65 -36.34 29.62 -3.55
C ILE A 65 -37.10 28.32 -3.26
N LYS A 66 -37.58 27.63 -4.31
CA LYS A 66 -38.26 26.35 -4.17
C LYS A 66 -37.67 25.28 -5.10
N HIS A 67 -37.45 24.05 -4.57
CA HIS A 67 -36.97 22.86 -5.31
C HIS A 67 -37.18 21.56 -4.51
N SER A 68 -37.11 20.41 -5.21
CA SER A 68 -37.41 19.10 -4.63
C SER A 68 -36.20 18.27 -4.10
N GLY A 69 -35.11 18.93 -3.70
CA GLY A 69 -33.93 18.24 -3.20
C GLY A 69 -33.39 17.24 -4.20
N ARG A 70 -32.62 16.23 -3.74
CA ARG A 70 -31.97 15.21 -4.58
C ARG A 70 -31.26 15.95 -5.73
N ILE A 71 -30.24 16.74 -5.36
CA ILE A 71 -29.46 17.51 -6.30
C ILE A 71 -28.04 16.96 -6.39
N SER A 72 -27.53 16.80 -7.63
CA SER A 72 -26.14 16.38 -7.91
C SER A 72 -25.40 17.59 -8.45
N PHE A 73 -24.30 17.96 -7.80
CA PHE A 73 -23.54 19.13 -8.21
C PHE A 73 -22.16 18.84 -8.76
N CYS A 74 -21.90 19.41 -9.94
CA CYS A 74 -20.62 19.33 -10.61
C CYS A 74 -19.92 20.69 -10.49
N SER A 75 -18.80 20.70 -9.76
CA SER A 75 -17.97 21.87 -9.50
C SER A 75 -17.24 22.36 -10.75
N GLN A 76 -16.89 23.65 -10.75
CA GLN A 76 -16.08 24.33 -11.77
C GLN A 76 -14.67 23.75 -11.69
N PHE A 77 -14.27 23.38 -10.45
CA PHE A 77 -12.96 22.87 -10.11
C PHE A 77 -12.99 21.39 -9.82
N SER A 78 -12.39 20.61 -10.73
CA SER A 78 -12.30 19.15 -10.64
C SER A 78 -11.58 18.71 -9.37
N TRP A 79 -12.07 17.64 -8.75
CA TRP A 79 -11.51 17.07 -7.55
C TRP A 79 -11.51 15.57 -7.67
N ILE A 80 -10.40 14.96 -7.26
CA ILE A 80 -10.21 13.53 -7.35
C ILE A 80 -9.82 12.98 -6.00
N MET A 81 -10.54 11.94 -5.54
CA MET A 81 -10.27 11.30 -4.25
C MET A 81 -9.25 10.19 -4.41
N PRO A 82 -8.47 9.85 -3.37
CA PRO A 82 -7.52 8.74 -3.52
C PRO A 82 -8.28 7.45 -3.70
N GLY A 83 -7.88 6.69 -4.70
CA GLY A 83 -8.51 5.42 -5.05
C GLY A 83 -8.52 5.21 -6.54
N THR A 84 -9.22 4.16 -7.00
CA THR A 84 -9.29 3.84 -8.43
C THR A 84 -10.22 4.81 -9.18
N ILE A 85 -10.24 4.70 -10.52
CA ILE A 85 -11.13 5.49 -11.37
C ILE A 85 -12.58 5.11 -11.00
N LYS A 86 -12.89 3.80 -10.92
CA LYS A 86 -14.21 3.26 -10.58
C LYS A 86 -14.67 3.82 -9.22
N GLU A 87 -13.77 3.80 -8.22
CA GLU A 87 -13.99 4.31 -6.87
C GLU A 87 -14.39 5.80 -6.93
N ASN A 88 -13.71 6.58 -7.80
CA ASN A 88 -13.97 8.00 -7.99
C ASN A 88 -15.29 8.29 -8.64
N ILE A 89 -15.70 7.51 -9.64
CA ILE A 89 -16.98 7.72 -10.35
C ILE A 89 -18.20 7.25 -9.51
N ILE A 90 -18.15 5.99 -8.98
CA ILE A 90 -19.29 5.43 -8.25
C ILE A 90 -19.45 6.15 -6.89
N PHE A 91 -18.35 6.49 -6.17
CA PHE A 91 -18.42 7.31 -4.95
C PHE A 91 -19.58 7.02 -3.95
N GLY A 92 -19.60 5.84 -3.39
CA GLY A 92 -20.65 5.50 -2.44
C GLY A 92 -22.03 5.31 -3.03
N VAL A 93 -22.17 5.33 -4.37
CA VAL A 93 -23.45 5.06 -5.04
C VAL A 93 -23.37 3.60 -5.52
N SER A 94 -24.45 2.81 -5.30
CA SER A 94 -24.50 1.40 -5.71
C SER A 94 -24.09 1.25 -7.17
N TYR A 95 -23.38 0.14 -7.45
CA TYR A 95 -22.87 -0.08 -8.79
C TYR A 95 -23.84 -0.80 -9.72
N ASP A 96 -24.07 -0.22 -10.91
CA ASP A 96 -24.85 -0.80 -12.00
C ASP A 96 -23.97 -0.68 -13.25
N GLU A 97 -23.59 -1.84 -13.83
CA GLU A 97 -22.71 -1.89 -15.01
C GLU A 97 -23.19 -1.05 -16.18
N TYR A 98 -24.47 -1.20 -16.55
CA TYR A 98 -25.10 -0.48 -17.64
C TYR A 98 -24.98 1.03 -17.45
N ARG A 99 -25.42 1.53 -16.28
CA ARG A 99 -25.36 2.94 -15.93
C ARG A 99 -23.92 3.45 -15.95
N TYR A 100 -23.00 2.67 -15.34
CA TYR A 100 -21.57 2.99 -15.25
C TYR A 100 -20.90 3.11 -16.63
N ARG A 101 -20.97 2.05 -17.43
CA ARG A 101 -20.39 2.00 -18.77
C ARG A 101 -21.03 2.99 -19.74
N SER A 102 -22.31 3.35 -19.51
CA SER A 102 -23.04 4.33 -20.33
C SER A 102 -22.55 5.73 -20.03
N VAL A 103 -22.33 6.05 -18.73
CA VAL A 103 -21.85 7.35 -18.24
C VAL A 103 -20.42 7.61 -18.78
N ILE A 104 -19.54 6.58 -18.70
CA ILE A 104 -18.16 6.62 -19.19
C ILE A 104 -18.14 6.96 -20.69
N LYS A 105 -18.95 6.24 -21.48
CA LYS A 105 -19.08 6.42 -22.92
C LYS A 105 -19.44 7.88 -23.18
N ALA A 106 -20.54 8.35 -22.55
CA ALA A 106 -21.07 9.72 -22.67
C ALA A 106 -20.06 10.79 -22.29
N CYS A 107 -19.25 10.55 -21.24
CA CYS A 107 -18.27 11.51 -20.74
C CYS A 107 -16.91 11.38 -21.40
N GLN A 108 -16.80 10.68 -22.53
CA GLN A 108 -15.56 10.51 -23.29
C GLN A 108 -14.41 9.94 -22.47
N LEU A 109 -14.71 8.92 -21.64
CA LEU A 109 -13.68 8.33 -20.78
C LEU A 109 -13.23 6.93 -21.19
N GLU A 110 -14.04 6.21 -21.98
CA GLU A 110 -13.75 4.83 -22.41
C GLU A 110 -12.37 4.64 -23.00
N GLU A 111 -12.00 5.47 -24.01
CA GLU A 111 -10.70 5.42 -24.69
C GLU A 111 -9.54 5.61 -23.73
N ASP A 112 -9.62 6.62 -22.83
CA ASP A 112 -8.60 6.91 -21.82
C ASP A 112 -8.44 5.73 -20.87
N ILE A 113 -9.54 5.24 -20.31
CA ILE A 113 -9.59 4.12 -19.38
C ILE A 113 -9.03 2.86 -20.03
N SER A 114 -9.45 2.56 -21.28
CA SER A 114 -8.95 1.35 -21.97
C SER A 114 -7.46 1.44 -22.35
N LYS A 115 -6.88 2.66 -22.36
CA LYS A 115 -5.45 2.83 -22.64
C LYS A 115 -4.60 2.23 -21.50
N PHE A 116 -5.13 2.18 -20.26
CA PHE A 116 -4.49 1.59 -19.09
C PHE A 116 -4.69 0.08 -19.06
N ALA A 117 -3.67 -0.69 -18.66
CA ALA A 117 -3.74 -2.15 -18.57
C ALA A 117 -4.70 -2.59 -17.48
N GLU A 118 -4.71 -1.83 -16.36
CA GLU A 118 -5.60 -2.05 -15.21
C GLU A 118 -6.98 -1.42 -15.40
N LYS A 119 -7.20 -0.73 -16.51
CA LYS A 119 -8.45 -0.07 -16.87
C LYS A 119 -8.95 0.83 -15.73
N ASP A 120 -10.22 0.66 -15.28
CA ASP A 120 -10.80 1.51 -14.22
C ASP A 120 -10.22 1.22 -12.84
N ASN A 121 -9.41 0.15 -12.72
CA ASN A 121 -8.79 -0.24 -11.46
C ASN A 121 -7.41 0.43 -11.22
N ILE A 122 -7.06 1.39 -12.08
CA ILE A 122 -5.83 2.15 -11.92
C ILE A 122 -5.99 3.09 -10.72
N VAL A 123 -4.96 3.15 -9.86
CA VAL A 123 -5.01 3.96 -8.66
C VAL A 123 -4.65 5.40 -8.96
N LEU A 124 -5.55 6.30 -8.57
CA LEU A 124 -5.45 7.73 -8.75
C LEU A 124 -4.86 8.42 -7.54
N GLY A 125 -4.51 9.68 -7.76
CA GLY A 125 -3.82 10.54 -6.80
C GLY A 125 -2.34 10.40 -7.03
N GLU A 126 -1.54 11.08 -6.17
CA GLU A 126 -0.07 11.08 -6.23
C GLU A 126 0.54 9.67 -6.16
N GLY A 127 -0.04 8.81 -5.31
CA GLY A 127 0.39 7.43 -5.07
C GLY A 127 0.47 6.58 -6.32
N GLY A 128 -0.60 6.63 -7.12
CA GLY A 128 -0.72 5.90 -8.36
C GLY A 128 -0.32 6.64 -9.62
N ILE A 129 -1.16 7.61 -10.09
CA ILE A 129 -1.00 8.35 -11.38
C ILE A 129 -1.48 9.83 -11.35
N THR A 130 -0.97 10.62 -12.30
CA THR A 130 -1.39 12.00 -12.53
C THR A 130 -2.04 12.08 -13.91
N LEU A 131 -3.31 12.44 -13.92
CA LEU A 131 -4.14 12.61 -15.11
C LEU A 131 -4.03 14.03 -15.62
N SER A 132 -4.50 14.28 -16.87
CA SER A 132 -4.51 15.60 -17.48
C SER A 132 -5.73 16.36 -16.96
N GLY A 133 -5.74 17.67 -17.13
CA GLY A 133 -6.84 18.54 -16.72
C GLY A 133 -8.17 18.09 -17.27
N GLY A 134 -8.15 17.67 -18.54
CA GLY A 134 -9.31 17.15 -19.26
C GLY A 134 -9.77 15.82 -18.69
N GLN A 135 -8.82 14.92 -18.39
CA GLN A 135 -9.12 13.61 -17.80
C GLN A 135 -9.76 13.80 -16.44
N ARG A 136 -9.22 14.74 -15.63
CA ARG A 136 -9.72 15.08 -14.30
C ARG A 136 -11.14 15.65 -14.37
N ALA A 137 -11.39 16.55 -15.33
CA ALA A 137 -12.67 17.21 -15.55
C ALA A 137 -13.74 16.19 -15.96
N ARG A 138 -13.34 15.23 -16.83
CA ARG A 138 -14.22 14.16 -17.32
C ARG A 138 -14.63 13.22 -16.21
N ILE A 139 -13.68 12.83 -15.33
CA ILE A 139 -13.93 11.97 -14.17
C ILE A 139 -14.87 12.67 -13.19
N SER A 140 -14.66 13.98 -12.94
CA SER A 140 -15.52 14.79 -12.07
C SER A 140 -16.96 14.89 -12.62
N LEU A 141 -17.11 15.14 -13.93
CA LEU A 141 -18.42 15.19 -14.56
C LEU A 141 -19.10 13.82 -14.51
N ALA A 142 -18.33 12.73 -14.80
CA ALA A 142 -18.82 11.35 -14.80
C ALA A 142 -19.42 11.01 -13.45
N ARG A 143 -18.71 11.38 -12.36
CA ARG A 143 -19.12 11.14 -10.98
C ARG A 143 -20.46 11.81 -10.71
N ALA A 144 -20.61 13.07 -11.15
CA ALA A 144 -21.81 13.88 -10.97
C ALA A 144 -22.98 13.31 -11.75
N VAL A 145 -22.76 12.90 -13.02
CA VAL A 145 -23.85 12.36 -13.83
C VAL A 145 -24.18 10.92 -13.39
N TYR A 146 -23.21 10.18 -12.79
CA TYR A 146 -23.48 8.83 -12.27
C TYR A 146 -24.45 8.88 -11.10
N LYS A 147 -24.38 9.94 -10.27
CA LYS A 147 -25.25 10.12 -9.11
C LYS A 147 -26.65 10.31 -9.61
N ASP A 148 -27.62 9.55 -9.11
CA ASP A 148 -29.00 9.70 -9.55
C ASP A 148 -29.71 10.74 -8.70
N ALA A 149 -29.94 11.91 -9.30
CA ALA A 149 -30.58 13.04 -8.65
C ALA A 149 -31.70 13.56 -9.54
N ASP A 150 -32.54 14.42 -8.96
CA ASP A 150 -33.67 15.04 -9.64
C ASP A 150 -33.23 16.28 -10.39
N LEU A 151 -32.21 16.98 -9.83
CA LEU A 151 -31.65 18.21 -10.39
C LEU A 151 -30.13 18.11 -10.53
N TYR A 152 -29.62 18.50 -11.69
CA TYR A 152 -28.18 18.49 -11.96
C TYR A 152 -27.64 19.90 -12.15
N LEU A 153 -26.78 20.33 -11.23
CA LEU A 153 -26.14 21.64 -11.27
C LEU A 153 -24.74 21.44 -11.83
N LEU A 154 -24.53 21.82 -13.10
CA LEU A 154 -23.24 21.67 -13.77
C LEU A 154 -22.57 23.01 -13.97
N ASP A 155 -21.70 23.38 -13.03
CA ASP A 155 -20.98 24.64 -13.04
C ASP A 155 -19.73 24.51 -13.91
N SER A 156 -19.75 25.21 -15.07
CA SER A 156 -18.66 25.26 -16.08
C SER A 156 -17.83 23.95 -16.15
N PRO A 157 -18.45 22.79 -16.47
CA PRO A 157 -17.67 21.54 -16.51
C PRO A 157 -16.69 21.43 -17.69
N PHE A 158 -16.99 22.14 -18.81
CA PHE A 158 -16.18 22.10 -20.02
C PHE A 158 -15.00 23.09 -20.05
N GLY A 159 -14.80 23.79 -18.93
CA GLY A 159 -13.75 24.79 -18.75
C GLY A 159 -12.34 24.41 -19.15
N TYR A 160 -11.90 23.18 -18.80
CA TYR A 160 -10.55 22.69 -19.11
C TYR A 160 -10.56 21.60 -20.17
N LEU A 161 -11.62 21.58 -20.99
CA LEU A 161 -11.77 20.60 -22.07
C LEU A 161 -11.57 21.24 -23.41
N ASP A 162 -11.04 20.46 -24.39
CA ASP A 162 -10.88 20.90 -25.78
C ASP A 162 -12.28 20.96 -26.42
N VAL A 163 -12.43 21.82 -27.43
CA VAL A 163 -13.72 22.05 -28.11
C VAL A 163 -14.30 20.78 -28.76
N LEU A 164 -13.44 19.83 -29.17
CA LEU A 164 -13.89 18.61 -29.81
C LEU A 164 -14.54 17.66 -28.81
N THR A 165 -13.89 17.45 -27.64
CA THR A 165 -14.38 16.61 -26.55
C THR A 165 -15.64 17.24 -25.97
N GLU A 166 -15.59 18.56 -25.70
CA GLU A 166 -16.72 19.32 -25.16
C GLU A 166 -17.97 19.12 -26.03
N LYS A 167 -17.82 19.19 -27.37
CA LYS A 167 -18.92 18.99 -28.32
C LYS A 167 -19.53 17.60 -28.15
N GLU A 168 -18.69 16.54 -28.09
CA GLU A 168 -19.12 15.16 -27.91
C GLU A 168 -19.85 14.97 -26.57
N ILE A 169 -19.25 15.47 -25.46
CA ILE A 169 -19.83 15.40 -24.11
C ILE A 169 -21.16 16.15 -24.03
N PHE A 170 -21.22 17.37 -24.52
CA PHE A 170 -22.46 18.14 -24.47
C PHE A 170 -23.61 17.43 -25.18
N GLU A 171 -23.35 16.95 -26.41
CA GLU A 171 -24.33 16.26 -27.25
C GLU A 171 -24.77 14.91 -26.67
N SER A 172 -23.82 14.04 -26.31
CA SER A 172 -24.14 12.70 -25.84
C SER A 172 -24.45 12.56 -24.32
N CYS A 173 -23.93 13.47 -23.49
CA CYS A 173 -24.15 13.39 -22.04
C CYS A 173 -25.25 14.36 -21.59
N VAL A 174 -24.98 15.67 -21.64
CA VAL A 174 -25.90 16.72 -21.21
C VAL A 174 -27.24 16.65 -21.97
N CYS A 175 -27.20 16.42 -23.29
CA CYS A 175 -28.40 16.40 -24.14
C CYS A 175 -29.05 15.04 -24.32
N LYS A 176 -28.27 13.95 -24.49
CA LYS A 176 -28.87 12.63 -24.72
C LYS A 176 -29.05 11.81 -23.44
N LEU A 177 -27.94 11.58 -22.68
CA LEU A 177 -27.96 10.76 -21.46
C LEU A 177 -28.84 11.34 -20.35
N MET A 178 -28.78 12.64 -20.13
CA MET A 178 -29.55 13.29 -19.07
C MET A 178 -30.78 14.01 -19.59
N ALA A 179 -31.27 13.68 -20.81
CA ALA A 179 -32.39 14.31 -21.52
C ALA A 179 -33.66 14.56 -20.72
N ASN A 180 -34.02 13.64 -19.83
CA ASN A 180 -35.26 13.79 -19.08
C ASN A 180 -35.09 14.37 -17.66
N LYS A 181 -33.85 14.70 -17.29
CA LYS A 181 -33.54 15.24 -15.96
C LYS A 181 -33.38 16.74 -16.02
N THR A 182 -33.90 17.48 -15.00
CA THR A 182 -33.77 18.94 -14.90
C THR A 182 -32.28 19.24 -14.71
N ARG A 183 -31.75 20.15 -15.54
CA ARG A 183 -30.33 20.51 -15.55
C ARG A 183 -30.13 22.01 -15.60
N ILE A 184 -29.19 22.52 -14.80
CA ILE A 184 -28.76 23.91 -14.79
C ILE A 184 -27.29 23.88 -15.20
N LEU A 185 -26.99 24.37 -16.40
CA LEU A 185 -25.65 24.37 -16.95
C LEU A 185 -25.05 25.77 -17.03
N VAL A 186 -23.97 26.01 -16.28
CA VAL A 186 -23.26 27.28 -16.30
C VAL A 186 -22.35 27.23 -17.52
N THR A 187 -22.74 27.97 -18.58
CA THR A 187 -22.03 28.07 -19.86
C THR A 187 -22.30 29.39 -20.53
N SER A 188 -21.31 29.93 -21.26
CA SER A 188 -21.43 31.17 -22.03
C SER A 188 -21.29 30.97 -23.54
N LYS A 189 -21.39 29.70 -23.98
CA LYS A 189 -21.28 29.27 -25.36
C LYS A 189 -22.62 29.26 -26.08
N MET A 190 -22.71 29.92 -27.24
CA MET A 190 -23.91 29.98 -28.07
C MET A 190 -24.33 28.57 -28.50
N GLU A 191 -23.32 27.74 -28.85
CA GLU A 191 -23.42 26.34 -29.26
C GLU A 191 -24.24 25.57 -28.23
N HIS A 192 -24.06 25.91 -26.94
CA HIS A 192 -24.78 25.29 -25.83
C HIS A 192 -26.12 25.95 -25.61
N LEU A 193 -26.14 27.29 -25.71
CA LEU A 193 -27.32 28.13 -25.52
C LEU A 193 -28.45 27.82 -26.48
N LYS A 194 -28.12 27.41 -27.73
CA LYS A 194 -29.13 27.06 -28.73
C LYS A 194 -29.98 25.85 -28.30
N LYS A 195 -29.37 24.93 -27.55
CA LYS A 195 -30.04 23.72 -27.05
C LYS A 195 -30.75 23.90 -25.68
N ALA A 196 -30.66 25.10 -25.09
CA ALA A 196 -31.28 25.39 -23.79
C ALA A 196 -32.76 25.67 -23.90
N ASP A 197 -33.52 25.31 -22.86
CA ASP A 197 -34.97 25.54 -22.77
C ASP A 197 -35.19 27.00 -22.37
N LYS A 198 -34.45 27.47 -21.36
CA LYS A 198 -34.43 28.86 -20.90
C LYS A 198 -32.97 29.29 -20.65
N ILE A 199 -32.70 30.59 -20.75
CA ILE A 199 -31.36 31.18 -20.59
C ILE A 199 -31.38 32.34 -19.59
N LEU A 200 -30.46 32.30 -18.62
CA LEU A 200 -30.30 33.38 -17.65
C LEU A 200 -28.91 33.98 -17.84
N ILE A 201 -28.86 35.29 -18.16
CA ILE A 201 -27.59 35.98 -18.34
C ILE A 201 -27.37 36.92 -17.17
N LEU A 202 -26.28 36.71 -16.43
CA LEU A 202 -25.93 37.51 -15.28
C LEU A 202 -24.76 38.44 -15.57
N HIS A 203 -24.82 39.64 -14.98
CA HIS A 203 -23.75 40.63 -15.08
C HIS A 203 -23.73 41.45 -13.82
N GLU A 204 -22.64 41.32 -13.04
CA GLU A 204 -22.41 41.99 -11.76
C GLU A 204 -23.60 41.80 -10.78
N GLY A 205 -23.98 40.54 -10.58
CA GLY A 205 -25.07 40.15 -9.70
C GLY A 205 -26.47 40.35 -10.25
N SER A 206 -26.60 41.08 -11.35
CA SER A 206 -27.90 41.38 -11.94
C SER A 206 -28.25 40.51 -13.14
N SER A 207 -29.56 40.28 -13.34
CA SER A 207 -30.12 39.52 -14.45
C SER A 207 -30.26 40.46 -15.65
N TYR A 208 -29.38 40.31 -16.65
CA TYR A 208 -29.40 41.13 -17.86
C TYR A 208 -30.36 40.56 -18.90
N PHE A 209 -30.57 39.23 -18.90
CA PHE A 209 -31.50 38.55 -19.80
C PHE A 209 -32.06 37.28 -19.17
N TYR A 210 -33.35 37.03 -19.40
CA TYR A 210 -34.04 35.81 -18.99
C TYR A 210 -35.14 35.51 -19.99
N GLY A 211 -35.01 34.38 -20.66
CA GLY A 211 -35.97 33.93 -21.66
C GLY A 211 -35.47 32.78 -22.50
N THR A 212 -36.15 32.55 -23.64
CA THR A 212 -35.82 31.48 -24.57
C THR A 212 -34.70 31.89 -25.53
N PHE A 213 -34.19 30.93 -26.34
CA PHE A 213 -33.14 31.18 -27.31
C PHE A 213 -33.63 32.10 -28.42
N SER A 214 -34.88 31.92 -28.87
CA SER A 214 -35.52 32.75 -29.89
C SER A 214 -35.60 34.21 -29.44
N GLU A 215 -35.91 34.44 -28.15
CA GLU A 215 -35.97 35.76 -27.51
C GLU A 215 -34.59 36.41 -27.48
N LEU A 216 -33.54 35.59 -27.22
CA LEU A 216 -32.14 36.01 -27.20
C LEU A 216 -31.68 36.33 -28.62
N GLN A 217 -32.12 35.52 -29.61
CA GLN A 217 -31.83 35.68 -31.04
C GLN A 217 -32.40 37.00 -31.56
N ASN A 218 -33.58 37.40 -31.05
CA ASN A 218 -34.26 38.65 -31.40
C ASN A 218 -33.66 39.87 -30.66
N LEU A 219 -32.35 39.86 -30.36
CA LEU A 219 -31.68 40.99 -29.70
C LEU A 219 -30.35 41.35 -30.39
N GLN B 1 -17.11 40.75 -37.89
CA GLN B 1 -15.87 40.31 -38.51
C GLN B 1 -14.88 39.70 -37.51
N VAL B 2 -14.57 38.40 -37.67
CA VAL B 2 -13.56 37.70 -36.87
C VAL B 2 -12.69 36.87 -37.81
N GLN B 3 -11.39 37.08 -37.72
CA GLN B 3 -10.45 36.34 -38.53
C GLN B 3 -9.34 35.80 -37.64
N LEU B 4 -9.06 34.49 -37.75
CA LEU B 4 -7.98 33.78 -37.04
C LEU B 4 -6.90 33.44 -38.05
N GLN B 5 -5.68 33.96 -37.84
CA GLN B 5 -4.60 33.75 -38.80
C GLN B 5 -3.39 33.07 -38.22
N GLU B 6 -3.16 31.82 -38.64
CA GLU B 6 -2.00 31.04 -38.20
C GLU B 6 -0.79 31.34 -39.06
N SER B 7 0.40 31.17 -38.48
CA SER B 7 1.69 31.39 -39.12
C SER B 7 2.74 30.60 -38.35
N GLY B 8 3.93 30.46 -38.92
CA GLY B 8 5.06 29.77 -38.27
C GLY B 8 5.35 28.36 -38.73
N GLY B 9 4.48 27.81 -39.57
CA GLY B 9 4.60 26.45 -40.09
C GLY B 9 5.72 26.30 -41.09
N GLY B 10 5.95 25.07 -41.52
CA GLY B 10 7.00 24.81 -42.50
C GLY B 10 7.60 23.44 -42.42
N LEU B 11 8.62 23.23 -43.23
CA LEU B 11 9.34 21.97 -43.30
C LEU B 11 10.61 22.07 -42.49
N VAL B 12 10.73 21.23 -41.45
CA VAL B 12 11.88 21.24 -40.54
C VAL B 12 12.47 19.82 -40.44
N GLN B 13 13.69 19.74 -39.91
CA GLN B 13 14.35 18.45 -39.64
C GLN B 13 13.87 17.94 -38.29
N ALA B 14 14.05 16.65 -38.01
CA ALA B 14 13.68 16.09 -36.72
C ALA B 14 14.64 16.64 -35.66
N GLY B 15 14.09 17.00 -34.50
CA GLY B 15 14.82 17.57 -33.37
C GLY B 15 14.77 19.08 -33.37
N SER B 16 14.30 19.68 -34.49
CA SER B 16 14.18 21.13 -34.65
C SER B 16 13.13 21.74 -33.76
N SER B 17 13.21 23.05 -33.60
CA SER B 17 12.27 23.85 -32.85
C SER B 17 11.41 24.62 -33.87
N LEU B 18 10.24 25.11 -33.45
CA LEU B 18 9.31 25.85 -34.30
C LEU B 18 8.32 26.61 -33.42
N ARG B 19 7.93 27.82 -33.82
CA ARG B 19 6.97 28.59 -33.02
C ARG B 19 5.79 28.95 -33.91
N LEU B 20 4.63 28.36 -33.65
CA LEU B 20 3.41 28.69 -34.37
C LEU B 20 2.76 29.82 -33.64
N ALA B 21 2.09 30.69 -34.38
CA ALA B 21 1.39 31.84 -33.82
C ALA B 21 0.04 31.98 -34.51
N CYS B 22 -0.97 32.40 -33.76
CA CYS B 22 -2.32 32.58 -34.29
C CYS B 22 -2.95 33.80 -33.65
N ALA B 23 -3.23 34.83 -34.45
CA ALA B 23 -3.81 36.08 -33.98
C ALA B 23 -5.25 36.30 -34.41
N ALA B 24 -6.06 36.76 -33.46
CA ALA B 24 -7.47 37.06 -33.68
C ALA B 24 -7.57 38.54 -34.03
N THR B 25 -8.17 38.83 -35.20
CA THR B 25 -8.34 40.18 -35.73
C THR B 25 -9.82 40.44 -36.03
N GLY B 26 -10.21 41.71 -35.95
CA GLY B 26 -11.58 42.16 -36.18
C GLY B 26 -12.23 42.78 -34.95
N SER B 27 -13.58 42.84 -34.94
CA SER B 27 -14.35 43.40 -33.81
C SER B 27 -14.48 42.34 -32.67
N ILE B 28 -13.40 42.18 -31.89
CA ILE B 28 -13.33 41.23 -30.79
C ILE B 28 -13.55 41.96 -29.47
N ARG B 29 -14.68 41.66 -28.76
CA ARG B 29 -15.00 42.25 -27.47
C ARG B 29 -14.09 41.58 -26.46
N SER B 30 -14.01 40.23 -26.51
CA SER B 30 -13.17 39.39 -25.65
C SER B 30 -13.05 37.96 -26.21
N ILE B 31 -12.01 37.26 -25.77
CA ILE B 31 -11.71 35.88 -26.15
C ILE B 31 -11.48 35.14 -24.87
N ASN B 32 -12.05 33.94 -24.69
CA ASN B 32 -11.71 33.32 -23.43
C ASN B 32 -10.82 32.07 -23.61
N ASN B 33 -11.18 31.07 -24.47
CA ASN B 33 -10.34 29.88 -24.57
C ASN B 33 -9.76 29.80 -25.92
N MET B 34 -8.48 29.45 -25.97
CA MET B 34 -7.73 29.31 -27.22
C MET B 34 -7.03 28.01 -27.20
N GLY B 35 -6.86 27.40 -28.36
CA GLY B 35 -6.19 26.11 -28.43
C GLY B 35 -5.62 25.77 -29.78
N TRP B 36 -4.65 24.84 -29.76
CA TRP B 36 -3.98 24.30 -30.93
C TRP B 36 -4.39 22.85 -31.10
N TYR B 37 -4.83 22.52 -32.30
CA TYR B 37 -5.30 21.18 -32.68
C TYR B 37 -4.51 20.74 -33.90
N ARG B 38 -4.44 19.44 -34.18
CA ARG B 38 -3.71 18.96 -35.34
C ARG B 38 -4.43 17.83 -36.03
N GLN B 39 -4.25 17.73 -37.35
CA GLN B 39 -4.82 16.67 -38.17
C GLN B 39 -3.78 16.13 -39.14
N ALA B 40 -3.34 14.90 -38.90
CA ALA B 40 -2.37 14.20 -39.72
C ALA B 40 -3.12 13.54 -40.89
N PRO B 41 -2.47 13.26 -42.04
CA PRO B 41 -3.21 12.64 -43.18
C PRO B 41 -3.89 11.31 -42.83
N GLY B 42 -5.16 11.20 -43.21
CA GLY B 42 -6.00 10.04 -42.96
C GLY B 42 -6.61 9.99 -41.57
N LYS B 43 -5.88 10.49 -40.56
CA LYS B 43 -6.30 10.54 -39.17
C LYS B 43 -7.26 11.72 -38.92
N GLN B 44 -7.99 11.66 -37.79
CA GLN B 44 -8.96 12.70 -37.40
C GLN B 44 -8.28 13.83 -36.62
N ARG B 45 -8.94 15.02 -36.59
CA ARG B 45 -8.42 16.18 -35.88
C ARG B 45 -8.49 15.93 -34.36
N GLY B 46 -7.40 16.26 -33.69
CA GLY B 46 -7.26 16.11 -32.25
C GLY B 46 -6.56 17.27 -31.60
N MET B 47 -6.71 17.41 -30.27
CA MET B 47 -6.09 18.45 -29.45
C MET B 47 -4.59 18.28 -29.38
N VAL B 48 -3.88 19.39 -29.15
CA VAL B 48 -2.43 19.41 -28.91
C VAL B 48 -2.24 20.11 -27.56
N ALA B 49 -2.74 21.35 -27.47
CA ALA B 49 -2.67 22.16 -26.26
C ALA B 49 -3.80 23.17 -26.23
N ILE B 50 -4.29 23.47 -25.03
CA ILE B 50 -5.37 24.46 -24.82
C ILE B 50 -4.93 25.43 -23.72
N ILE B 51 -5.43 26.67 -23.75
CA ILE B 51 -5.10 27.71 -22.78
C ILE B 51 -6.32 28.57 -22.40
N THR B 52 -6.55 28.75 -21.09
CA THR B 52 -7.67 29.56 -20.58
C THR B 52 -7.25 31.04 -20.62
N ARG B 53 -8.24 31.99 -20.55
CA ARG B 53 -7.97 33.44 -20.61
C ARG B 53 -6.94 33.85 -19.57
N VAL B 54 -7.05 33.25 -18.38
CA VAL B 54 -6.19 33.46 -17.22
C VAL B 54 -4.79 32.77 -17.38
N GLY B 55 -4.64 31.87 -18.35
CA GLY B 55 -3.36 31.22 -18.62
C GLY B 55 -3.16 29.77 -18.21
N ASN B 56 -4.22 29.10 -17.69
CA ASN B 56 -4.13 27.69 -17.31
C ASN B 56 -4.08 26.84 -18.58
N THR B 57 -3.08 25.93 -18.67
CA THR B 57 -2.83 25.12 -19.85
C THR B 57 -3.00 23.62 -19.69
N ASP B 58 -3.49 22.92 -20.73
CA ASP B 58 -3.58 21.47 -20.80
C ASP B 58 -2.93 20.98 -22.08
N TYR B 59 -2.35 19.78 -22.05
CA TYR B 59 -1.61 19.21 -23.17
C TYR B 59 -1.98 17.77 -23.49
N ALA B 60 -1.75 17.37 -24.75
CA ALA B 60 -1.91 16.00 -25.19
C ALA B 60 -0.70 15.25 -24.64
N ASP B 61 -0.87 13.97 -24.26
CA ASP B 61 0.21 13.17 -23.68
C ASP B 61 1.45 13.15 -24.55
N SER B 62 1.23 13.00 -25.88
CA SER B 62 2.25 12.97 -26.94
C SER B 62 3.12 14.23 -27.01
N VAL B 63 2.58 15.42 -26.60
CA VAL B 63 3.28 16.70 -26.70
C VAL B 63 3.70 17.32 -25.34
N LYS B 64 3.06 16.90 -24.22
CA LYS B 64 3.33 17.41 -22.85
C LYS B 64 4.83 17.40 -22.53
N GLY B 65 5.35 18.58 -22.16
CA GLY B 65 6.76 18.76 -21.85
C GLY B 65 7.63 19.19 -23.02
N ARG B 66 7.25 18.79 -24.24
CA ARG B 66 7.98 19.15 -25.46
C ARG B 66 7.42 20.44 -26.04
N PHE B 67 6.08 20.56 -26.08
CA PHE B 67 5.40 21.73 -26.60
C PHE B 67 4.95 22.66 -25.47
N THR B 68 4.87 23.97 -25.74
CA THR B 68 4.42 24.95 -24.76
C THR B 68 3.45 25.93 -25.39
N ILE B 69 2.26 26.04 -24.80
CA ILE B 69 1.24 26.98 -25.26
C ILE B 69 1.30 28.23 -24.40
N SER B 70 1.20 29.41 -25.03
CA SER B 70 1.22 30.72 -24.35
C SER B 70 0.29 31.69 -25.05
N ARG B 71 -0.12 32.77 -24.36
CA ARG B 71 -0.99 33.77 -24.97
C ARG B 71 -0.70 35.20 -24.55
N ASP B 72 -0.89 36.15 -25.49
CA ASP B 72 -0.75 37.59 -25.25
C ASP B 72 -2.16 38.11 -25.40
N ASN B 73 -2.83 38.38 -24.27
CA ASN B 73 -4.21 38.87 -24.26
C ASN B 73 -4.34 40.27 -24.84
N ALA B 74 -3.26 41.08 -24.76
CA ALA B 74 -3.21 42.42 -25.33
C ALA B 74 -3.22 42.33 -26.87
N LYS B 75 -2.44 41.37 -27.42
CA LYS B 75 -2.31 41.15 -28.86
C LYS B 75 -3.34 40.16 -29.42
N ASN B 76 -4.17 39.53 -28.55
CA ASN B 76 -5.17 38.52 -28.94
C ASN B 76 -4.52 37.40 -29.76
N THR B 77 -3.36 36.93 -29.28
CA THR B 77 -2.54 35.93 -29.96
C THR B 77 -2.23 34.75 -29.05
N VAL B 78 -2.30 33.54 -29.63
CA VAL B 78 -1.94 32.27 -28.99
C VAL B 78 -0.68 31.74 -29.70
N TYR B 79 0.24 31.14 -28.94
CA TYR B 79 1.49 30.63 -29.49
C TYR B 79 1.74 29.17 -29.13
N LEU B 80 2.33 28.42 -30.05
CA LEU B 80 2.72 27.05 -29.77
C LEU B 80 4.21 26.91 -30.03
N GLN B 81 4.98 26.77 -28.96
CA GLN B 81 6.42 26.55 -29.01
C GLN B 81 6.63 25.03 -29.11
N MET B 82 7.06 24.56 -30.28
CA MET B 82 7.24 23.15 -30.58
C MET B 82 8.71 22.81 -30.56
N ASN B 83 9.14 22.05 -29.56
CA ASN B 83 10.54 21.64 -29.42
C ASN B 83 10.70 20.16 -29.74
N SER B 84 11.97 19.69 -29.93
CA SER B 84 12.35 18.31 -30.21
C SER B 84 11.36 17.61 -31.12
N LEU B 85 11.14 18.20 -32.32
CA LEU B 85 10.17 17.70 -33.28
C LEU B 85 10.49 16.30 -33.76
N LYS B 86 9.45 15.49 -33.87
CA LYS B 86 9.46 14.09 -34.29
C LYS B 86 8.66 13.99 -35.59
N PRO B 87 8.93 13.00 -36.49
CA PRO B 87 8.11 12.90 -37.72
C PRO B 87 6.64 12.57 -37.47
N GLU B 88 6.31 12.24 -36.23
CA GLU B 88 4.98 11.93 -35.72
C GLU B 88 4.18 13.23 -35.58
N ASP B 89 4.88 14.39 -35.44
CA ASP B 89 4.24 15.71 -35.31
C ASP B 89 3.83 16.31 -36.66
N THR B 90 4.16 15.64 -37.79
CA THR B 90 3.76 16.10 -39.13
C THR B 90 2.23 16.08 -39.22
N ALA B 91 1.64 17.25 -39.42
CA ALA B 91 0.19 17.43 -39.50
C ALA B 91 -0.12 18.87 -39.85
N THR B 92 -1.42 19.16 -40.01
CA THR B 92 -1.92 20.51 -40.24
C THR B 92 -2.38 20.98 -38.88
N TYR B 93 -1.83 22.09 -38.42
CA TYR B 93 -2.12 22.67 -37.13
C TYR B 93 -3.17 23.73 -37.24
N TYR B 94 -4.27 23.56 -36.50
CA TYR B 94 -5.41 24.47 -36.47
C TYR B 94 -5.49 25.19 -35.16
N CYS B 95 -5.91 26.42 -35.24
CA CYS B 95 -6.08 27.32 -34.09
C CYS B 95 -7.56 27.49 -33.83
N HIS B 96 -7.95 27.43 -32.55
CA HIS B 96 -9.34 27.62 -32.16
C HIS B 96 -9.44 28.71 -31.10
N ALA B 97 -10.57 29.44 -31.08
CA ALA B 97 -10.84 30.48 -30.10
C ALA B 97 -12.34 30.67 -29.84
N GLU B 98 -12.71 30.88 -28.58
CA GLU B 98 -14.10 31.16 -28.15
C GLU B 98 -14.18 32.67 -28.09
N ILE B 99 -14.71 33.30 -29.14
CA ILE B 99 -14.72 34.76 -29.23
C ILE B 99 -16.09 35.39 -29.05
N THR B 100 -16.13 36.51 -28.33
CA THR B 100 -17.29 37.36 -28.14
C THR B 100 -17.07 38.54 -29.12
N GLU B 101 -17.99 38.71 -30.07
CA GLU B 101 -17.91 39.79 -31.06
C GLU B 101 -18.37 41.08 -30.40
N GLN B 102 -17.81 42.24 -30.84
CA GLN B 102 -18.18 43.56 -30.29
C GLN B 102 -19.69 43.85 -30.41
N SER B 103 -20.34 43.29 -31.46
CA SER B 103 -21.77 43.40 -31.75
C SER B 103 -22.70 42.77 -30.67
N ARG B 104 -22.26 41.65 -30.03
CA ARG B 104 -23.01 40.91 -29.01
C ARG B 104 -23.37 41.81 -27.81
N PRO B 105 -24.65 41.85 -27.37
CA PRO B 105 -24.99 42.69 -26.21
C PRO B 105 -24.53 42.12 -24.87
N PHE B 106 -24.37 40.79 -24.79
CA PHE B 106 -23.94 40.07 -23.59
C PHE B 106 -22.60 39.35 -23.83
N TYR B 107 -21.97 38.85 -22.74
CA TYR B 107 -20.69 38.13 -22.81
C TYR B 107 -20.89 36.64 -23.16
N LEU B 108 -21.30 36.41 -24.41
CA LEU B 108 -21.59 35.12 -25.03
C LEU B 108 -20.54 34.84 -26.10
N THR B 109 -20.01 33.60 -26.16
CA THR B 109 -18.95 33.23 -27.11
C THR B 109 -19.43 32.39 -28.29
N ASP B 110 -18.61 32.38 -29.36
CA ASP B 110 -18.79 31.61 -30.58
C ASP B 110 -17.45 30.99 -30.94
N ASP B 111 -17.46 29.75 -31.48
CA ASP B 111 -16.25 29.02 -31.84
C ASP B 111 -15.70 29.43 -33.18
N TYR B 112 -14.46 29.88 -33.20
CA TYR B 112 -13.78 30.30 -34.42
C TYR B 112 -12.58 29.42 -34.68
N TRP B 113 -12.34 29.09 -35.95
CA TRP B 113 -11.22 28.24 -36.36
C TRP B 113 -10.32 28.92 -37.38
N GLY B 114 -9.04 28.55 -37.36
CA GLY B 114 -8.07 29.04 -38.34
C GLY B 114 -8.12 28.17 -39.58
N GLN B 115 -7.48 28.63 -40.66
CA GLN B 115 -7.42 27.90 -41.93
C GLN B 115 -6.44 26.71 -41.88
N GLY B 116 -5.51 26.79 -40.94
CA GLY B 116 -4.50 25.78 -40.71
C GLY B 116 -3.13 26.26 -41.13
N THR B 117 -2.12 25.53 -40.69
CA THR B 117 -0.70 25.71 -41.00
C THR B 117 -0.09 24.34 -41.06
N GLN B 118 0.58 24.04 -42.16
CA GLN B 118 1.23 22.74 -42.31
C GLN B 118 2.61 22.75 -41.65
N VAL B 119 2.87 21.71 -40.87
CA VAL B 119 4.15 21.44 -40.22
C VAL B 119 4.60 20.07 -40.72
N THR B 120 5.78 20.00 -41.36
CA THR B 120 6.33 18.75 -41.87
C THR B 120 7.72 18.54 -41.26
N VAL B 121 7.87 17.41 -40.58
CA VAL B 121 9.11 17.00 -39.90
C VAL B 121 9.70 15.86 -40.73
N SER B 122 10.77 16.16 -41.45
CA SER B 122 11.41 15.22 -42.38
C SER B 122 12.83 15.66 -42.76
N SER B 123 13.65 14.69 -43.26
CA SER B 123 15.00 14.91 -43.75
C SER B 123 15.05 15.60 -45.12
N ALA B 124 13.85 15.89 -45.69
CA ALA B 124 13.63 16.66 -46.93
C ALA B 124 14.01 18.11 -46.66
N ALA B 125 13.98 18.51 -45.38
CA ALA B 125 14.31 19.83 -44.88
C ALA B 125 15.82 20.12 -44.94
N ALA B 126 16.19 21.41 -44.67
CA ALA B 126 17.57 21.89 -44.62
C ALA B 126 18.14 21.79 -43.20
N GLN C 1 -4.12 -5.34 -22.36
CA GLN C 1 -4.33 -6.47 -23.27
C GLN C 1 -4.71 -7.78 -22.55
N VAL C 2 -5.35 -8.72 -23.29
CA VAL C 2 -5.74 -10.07 -22.83
C VAL C 2 -5.39 -11.12 -23.88
N GLN C 3 -4.83 -12.27 -23.45
CA GLN C 3 -4.50 -13.37 -24.34
C GLN C 3 -5.55 -14.48 -24.19
N LEU C 4 -6.29 -14.80 -25.27
CA LEU C 4 -7.37 -15.77 -25.23
C LEU C 4 -7.04 -17.15 -25.80
N GLN C 5 -7.49 -18.24 -25.11
CA GLN C 5 -7.30 -19.60 -25.60
C GLN C 5 -8.55 -20.45 -25.45
N GLU C 6 -9.13 -20.87 -26.58
CA GLU C 6 -10.34 -21.68 -26.64
C GLU C 6 -10.01 -23.15 -26.58
N SER C 7 -10.99 -23.96 -26.15
CA SER C 7 -10.92 -25.42 -26.07
C SER C 7 -12.35 -25.96 -26.11
N GLY C 8 -12.49 -27.26 -26.34
CA GLY C 8 -13.78 -27.93 -26.34
C GLY C 8 -14.36 -28.32 -27.68
N GLY C 9 -13.69 -27.95 -28.77
CA GLY C 9 -14.13 -28.28 -30.12
C GLY C 9 -13.97 -29.75 -30.47
N GLY C 10 -14.49 -30.14 -31.63
CA GLY C 10 -14.41 -31.51 -32.13
C GLY C 10 -15.55 -31.95 -33.01
N LEU C 11 -15.70 -33.28 -33.19
CA LEU C 11 -16.79 -33.88 -33.98
C LEU C 11 -17.93 -34.31 -33.07
N VAL C 12 -19.17 -34.04 -33.49
CA VAL C 12 -20.37 -34.38 -32.75
C VAL C 12 -21.51 -34.89 -33.65
N GLN C 13 -22.37 -35.79 -33.11
CA GLN C 13 -23.55 -36.30 -33.81
C GLN C 13 -24.58 -35.19 -33.75
N ALA C 14 -25.39 -35.02 -34.82
CA ALA C 14 -26.48 -34.03 -34.91
C ALA C 14 -27.39 -34.12 -33.66
N GLY C 15 -27.97 -33.00 -33.27
CA GLY C 15 -28.79 -32.87 -32.06
C GLY C 15 -27.97 -33.04 -30.80
N GLY C 16 -26.65 -33.19 -31.00
CA GLY C 16 -25.67 -33.37 -29.94
C GLY C 16 -25.51 -32.19 -29.03
N SER C 17 -24.44 -32.21 -28.26
CA SER C 17 -24.10 -31.13 -27.33
C SER C 17 -22.60 -31.05 -27.15
N LEU C 18 -22.10 -29.79 -27.10
CA LEU C 18 -20.68 -29.49 -26.95
C LEU C 18 -20.52 -28.24 -26.12
N ARG C 19 -19.48 -28.20 -25.28
CA ARG C 19 -19.22 -27.06 -24.43
C ARG C 19 -17.84 -26.50 -24.71
N LEU C 20 -17.79 -25.23 -25.12
CA LEU C 20 -16.52 -24.57 -25.41
C LEU C 20 -16.11 -23.69 -24.24
N SER C 21 -14.80 -23.63 -23.98
CA SER C 21 -14.24 -22.81 -22.91
C SER C 21 -13.24 -21.84 -23.51
N CYS C 22 -13.00 -20.73 -22.83
CA CYS C 22 -12.02 -19.75 -23.27
C CYS C 22 -11.44 -19.06 -22.06
N THR C 23 -10.15 -19.30 -21.80
CA THR C 23 -9.47 -18.68 -20.68
C THR C 23 -8.69 -17.48 -21.17
N ALA C 24 -8.79 -16.38 -20.43
CA ALA C 24 -8.13 -15.13 -20.75
C ALA C 24 -7.00 -14.87 -19.77
N SER C 25 -5.85 -14.43 -20.29
CA SER C 25 -4.67 -14.11 -19.49
C SER C 25 -4.41 -12.62 -19.60
N GLY C 26 -4.52 -11.93 -18.48
CA GLY C 26 -4.29 -10.50 -18.42
C GLY C 26 -5.09 -9.83 -17.34
N ARG C 27 -4.87 -8.54 -17.21
CA ARG C 27 -5.56 -7.75 -16.22
C ARG C 27 -6.93 -7.28 -16.68
N ALA C 28 -7.77 -6.88 -15.70
CA ALA C 28 -9.11 -6.32 -15.84
C ALA C 28 -10.02 -7.12 -16.78
N PHE C 29 -10.11 -8.44 -16.56
CA PHE C 29 -10.95 -9.32 -17.37
C PHE C 29 -12.41 -8.87 -17.33
N SER C 30 -12.90 -8.28 -16.19
CA SER C 30 -14.26 -7.78 -15.99
C SER C 30 -14.59 -6.56 -16.88
N TRP C 31 -13.58 -5.87 -17.42
CA TRP C 31 -13.78 -4.68 -18.27
C TRP C 31 -14.22 -5.08 -19.66
N TYR C 32 -13.79 -6.28 -20.10
CA TYR C 32 -14.03 -6.78 -21.44
C TYR C 32 -15.37 -7.39 -21.64
N VAL C 33 -15.98 -7.12 -22.82
CA VAL C 33 -17.22 -7.73 -23.23
C VAL C 33 -16.71 -8.93 -24.03
N MET C 34 -17.03 -10.14 -23.57
CA MET C 34 -16.58 -11.37 -24.21
C MET C 34 -17.58 -11.81 -25.23
N GLY C 35 -17.09 -12.39 -26.30
CA GLY C 35 -17.96 -12.89 -27.36
C GLY C 35 -17.45 -14.13 -28.06
N TRP C 36 -18.40 -14.96 -28.53
CA TRP C 36 -18.14 -16.16 -29.29
C TRP C 36 -18.53 -15.86 -30.72
N PHE C 37 -17.63 -16.16 -31.66
CA PHE C 37 -17.81 -15.88 -33.08
C PHE C 37 -17.51 -17.13 -33.87
N ARG C 38 -18.24 -17.37 -34.98
CA ARG C 38 -17.97 -18.54 -35.82
C ARG C 38 -17.66 -18.17 -37.25
N GLN C 39 -16.65 -18.85 -37.82
CA GLN C 39 -16.24 -18.65 -39.20
C GLN C 39 -16.45 -19.95 -39.97
N ALA C 40 -17.53 -19.97 -40.77
CA ALA C 40 -17.91 -21.10 -41.61
C ALA C 40 -16.95 -21.18 -42.80
N PRO C 41 -16.67 -22.39 -43.37
CA PRO C 41 -15.75 -22.46 -44.51
C PRO C 41 -16.23 -21.59 -45.67
N GLY C 42 -15.39 -20.64 -46.06
CA GLY C 42 -15.68 -19.68 -47.11
C GLY C 42 -16.35 -18.41 -46.65
N LYS C 43 -17.14 -18.47 -45.55
CA LYS C 43 -17.86 -17.32 -44.98
C LYS C 43 -17.01 -16.45 -44.03
N GLU C 44 -17.55 -15.26 -43.68
CA GLU C 44 -16.93 -14.29 -42.78
C GLU C 44 -17.18 -14.69 -41.33
N ARG C 45 -16.51 -14.03 -40.35
CA ARG C 45 -16.72 -14.31 -38.94
C ARG C 45 -18.06 -13.72 -38.54
N GLU C 46 -18.97 -14.58 -38.08
CA GLU C 46 -20.30 -14.18 -37.66
C GLU C 46 -20.38 -14.23 -36.15
N PHE C 47 -21.11 -13.31 -35.58
CA PHE C 47 -21.29 -13.25 -34.14
C PHE C 47 -22.22 -14.40 -33.69
N VAL C 48 -21.90 -15.05 -32.55
CA VAL C 48 -22.71 -16.15 -32.01
C VAL C 48 -23.41 -15.74 -30.70
N ALA C 49 -22.63 -15.25 -29.72
CA ALA C 49 -23.12 -14.83 -28.41
C ALA C 49 -22.13 -13.87 -27.73
N THR C 50 -22.64 -12.94 -26.89
CA THR C 50 -21.82 -11.99 -26.13
C THR C 50 -22.22 -11.87 -24.68
N VAL C 51 -21.24 -11.55 -23.78
CA VAL C 51 -21.42 -11.34 -22.33
C VAL C 51 -20.77 -10.04 -21.94
N SER C 52 -21.49 -9.22 -21.14
CA SER C 52 -20.90 -8.01 -20.58
C SER C 52 -19.86 -8.41 -19.49
N GLY C 53 -18.96 -7.49 -19.16
CA GLY C 53 -17.92 -7.76 -18.15
C GLY C 53 -18.43 -8.32 -16.85
N ASN C 54 -19.57 -7.77 -16.38
CA ASN C 54 -20.36 -8.10 -15.20
C ASN C 54 -21.02 -9.48 -15.35
N GLY C 55 -21.50 -9.77 -16.56
CA GLY C 55 -22.26 -10.96 -16.90
C GLY C 55 -23.72 -10.63 -17.05
N SER C 56 -24.13 -9.42 -16.65
CA SER C 56 -25.49 -8.91 -16.65
C SER C 56 -26.17 -8.86 -18.01
N ARG C 57 -25.39 -8.69 -19.09
CA ARG C 57 -25.93 -8.64 -20.43
C ARG C 57 -25.43 -9.78 -21.28
N ARG C 58 -26.38 -10.57 -21.84
CA ARG C 58 -26.10 -11.69 -22.73
C ARG C 58 -26.94 -11.55 -23.98
N ASP C 59 -26.31 -11.63 -25.16
CA ASP C 59 -27.00 -11.53 -26.43
C ASP C 59 -26.57 -12.66 -27.34
N TYR C 60 -27.51 -13.19 -28.12
CA TYR C 60 -27.27 -14.33 -29.00
C TYR C 60 -27.75 -14.05 -30.42
N ALA C 61 -27.10 -14.72 -31.41
CA ALA C 61 -27.48 -14.68 -32.81
C ALA C 61 -28.84 -15.40 -32.90
N ASP C 62 -29.74 -14.91 -33.77
CA ASP C 62 -31.09 -15.46 -33.92
C ASP C 62 -31.08 -16.96 -34.20
N SER C 63 -30.12 -17.42 -35.01
CA SER C 63 -29.92 -18.84 -35.39
C SER C 63 -29.63 -19.76 -34.21
N VAL C 64 -28.87 -19.28 -33.21
CA VAL C 64 -28.47 -20.07 -32.04
C VAL C 64 -29.40 -19.88 -30.82
N LYS C 65 -30.24 -18.83 -30.81
CA LYS C 65 -31.17 -18.51 -29.72
C LYS C 65 -31.96 -19.72 -29.26
N GLY C 66 -31.99 -19.93 -27.95
CA GLY C 66 -32.69 -21.04 -27.31
C GLY C 66 -31.93 -22.35 -27.25
N ARG C 67 -30.80 -22.45 -27.97
CA ARG C 67 -29.99 -23.68 -28.02
C ARG C 67 -28.61 -23.45 -27.41
N PHE C 68 -28.04 -22.25 -27.59
CA PHE C 68 -26.71 -21.89 -27.08
C PHE C 68 -26.85 -21.01 -25.84
N THR C 69 -25.90 -21.15 -24.89
CA THR C 69 -25.87 -20.36 -23.66
C THR C 69 -24.45 -19.88 -23.35
N ILE C 70 -24.30 -18.56 -23.21
CA ILE C 70 -23.03 -17.94 -22.88
C ILE C 70 -22.95 -17.63 -21.37
N SER C 71 -21.82 -17.98 -20.74
CA SER C 71 -21.58 -17.76 -19.31
C SER C 71 -20.18 -17.30 -19.04
N ARG C 72 -19.98 -16.74 -17.84
CA ARG C 72 -18.72 -16.15 -17.43
C ARG C 72 -18.34 -16.45 -15.98
N ASP C 73 -17.04 -16.58 -15.73
CA ASP C 73 -16.47 -16.74 -14.39
C ASP C 73 -15.26 -15.82 -14.28
N ASN C 74 -15.48 -14.61 -13.77
CA ASN C 74 -14.46 -13.60 -13.64
C ASN C 74 -13.35 -13.99 -12.69
N ALA C 75 -13.65 -14.85 -11.72
CA ALA C 75 -12.67 -15.32 -10.75
C ALA C 75 -11.70 -16.32 -11.41
N LYS C 76 -12.20 -17.06 -12.42
CA LYS C 76 -11.43 -18.05 -13.16
C LYS C 76 -10.99 -17.51 -14.53
N ASN C 77 -11.30 -16.22 -14.83
CA ASN C 77 -10.97 -15.54 -16.11
C ASN C 77 -11.41 -16.37 -17.32
N THR C 78 -12.55 -17.03 -17.20
CA THR C 78 -13.07 -17.91 -18.25
C THR C 78 -14.46 -17.50 -18.72
N VAL C 79 -14.72 -17.75 -20.01
CA VAL C 79 -16.01 -17.55 -20.67
C VAL C 79 -16.35 -18.90 -21.33
N TYR C 80 -17.62 -19.34 -21.22
CA TYR C 80 -18.06 -20.61 -21.78
C TYR C 80 -19.20 -20.46 -22.77
N LEU C 81 -19.30 -21.43 -23.68
CA LEU C 81 -20.38 -21.53 -24.65
C LEU C 81 -20.93 -22.97 -24.66
N GLN C 82 -22.14 -23.15 -24.12
CA GLN C 82 -22.82 -24.43 -24.11
C GLN C 82 -23.67 -24.46 -25.36
N MET C 83 -23.32 -25.37 -26.27
CA MET C 83 -24.01 -25.55 -27.54
C MET C 83 -24.85 -26.82 -27.51
N ASN C 84 -26.16 -26.70 -27.25
CA ASN C 84 -27.07 -27.84 -27.21
C ASN C 84 -27.80 -27.97 -28.56
N SER C 85 -28.41 -29.16 -28.81
CA SER C 85 -29.18 -29.49 -30.01
C SER C 85 -28.51 -28.93 -31.28
N LEU C 86 -27.27 -29.38 -31.54
CA LEU C 86 -26.46 -28.93 -32.67
C LEU C 86 -26.99 -29.42 -34.00
N LYS C 87 -26.89 -28.58 -35.02
CA LYS C 87 -27.31 -28.89 -36.38
C LYS C 87 -26.10 -28.79 -37.32
N PRO C 88 -26.09 -29.46 -38.51
CA PRO C 88 -24.92 -29.38 -39.40
C PRO C 88 -24.50 -27.96 -39.80
N GLU C 89 -25.42 -26.98 -39.70
CA GLU C 89 -25.18 -25.57 -40.01
C GLU C 89 -24.13 -24.93 -39.09
N ASP C 90 -24.06 -25.40 -37.84
CA ASP C 90 -23.14 -24.89 -36.81
C ASP C 90 -21.68 -25.29 -37.01
N THR C 91 -21.37 -26.07 -38.06
CA THR C 91 -19.99 -26.46 -38.39
C THR C 91 -19.22 -25.23 -38.78
N ALA C 92 -18.23 -24.83 -37.95
CA ALA C 92 -17.39 -23.64 -38.16
C ALA C 92 -16.27 -23.61 -37.13
N VAL C 93 -15.30 -22.70 -37.33
CA VAL C 93 -14.22 -22.50 -36.36
C VAL C 93 -14.74 -21.46 -35.36
N TYR C 94 -14.90 -21.88 -34.10
CA TYR C 94 -15.41 -21.02 -33.05
C TYR C 94 -14.28 -20.28 -32.37
N TYR C 95 -14.38 -18.94 -32.41
CA TYR C 95 -13.44 -17.99 -31.87
C TYR C 95 -14.03 -17.32 -30.65
N CYS C 96 -13.15 -17.00 -29.71
CA CYS C 96 -13.49 -16.29 -28.50
C CYS C 96 -12.75 -14.96 -28.60
N ALA C 97 -13.49 -13.85 -28.40
CA ALA C 97 -12.93 -12.49 -28.53
C ALA C 97 -13.33 -11.57 -27.40
N ALA C 98 -12.49 -10.58 -27.12
CA ALA C 98 -12.69 -9.57 -26.08
C ALA C 98 -12.78 -8.18 -26.68
N SER C 99 -13.73 -7.37 -26.18
CA SER C 99 -13.93 -5.98 -26.60
C SER C 99 -13.78 -5.04 -25.44
N SER C 100 -12.97 -4.00 -25.60
CA SER C 100 -12.72 -3.01 -24.56
C SER C 100 -13.77 -1.87 -24.60
N THR C 101 -14.80 -2.03 -25.39
CA THR C 101 -15.81 -1.02 -25.51
C THR C 101 -17.16 -1.61 -25.20
N TYR C 102 -18.01 -0.84 -24.52
CA TYR C 102 -19.29 -1.35 -24.07
C TYR C 102 -20.42 -1.48 -25.04
N TYR C 103 -20.90 -2.71 -25.02
CA TYR C 103 -21.98 -3.27 -25.78
C TYR C 103 -22.24 -3.31 -27.24
N TYR C 104 -21.38 -4.00 -27.94
CA TYR C 104 -21.56 -4.20 -29.34
C TYR C 104 -21.46 -5.67 -29.63
N THR C 105 -22.15 -6.15 -30.66
CA THR C 105 -22.15 -7.55 -31.10
C THR C 105 -21.35 -7.73 -32.42
N ASP C 106 -20.96 -6.62 -33.10
CA ASP C 106 -20.20 -6.68 -34.35
C ASP C 106 -18.75 -7.03 -34.08
N PRO C 107 -18.22 -8.09 -34.73
CA PRO C 107 -16.80 -8.48 -34.52
C PRO C 107 -15.75 -7.42 -34.77
N GLU C 108 -16.13 -6.32 -35.46
CA GLU C 108 -15.25 -5.21 -35.77
C GLU C 108 -14.82 -4.44 -34.52
N LYS C 109 -15.65 -4.51 -33.44
CA LYS C 109 -15.42 -3.85 -32.16
C LYS C 109 -14.56 -4.68 -31.17
N TYR C 110 -14.23 -5.94 -31.57
CA TYR C 110 -13.43 -6.86 -30.77
C TYR C 110 -11.99 -6.85 -31.23
N ASP C 111 -11.08 -6.42 -30.36
CA ASP C 111 -9.65 -6.30 -30.62
C ASP C 111 -8.81 -7.54 -30.35
N TYR C 112 -9.10 -8.25 -29.25
CA TYR C 112 -8.33 -9.44 -28.88
C TYR C 112 -9.08 -10.70 -29.25
N TRP C 113 -8.37 -11.61 -29.95
CA TRP C 113 -8.93 -12.86 -30.46
C TRP C 113 -8.11 -14.07 -30.07
N GLY C 114 -8.77 -15.22 -30.00
CA GLY C 114 -8.14 -16.51 -29.71
C GLY C 114 -7.77 -17.23 -30.99
N GLN C 115 -7.14 -18.42 -30.87
CA GLN C 115 -6.74 -19.21 -32.04
C GLN C 115 -7.90 -19.89 -32.78
N GLY C 116 -8.97 -20.21 -32.06
CA GLY C 116 -10.17 -20.85 -32.59
C GLY C 116 -10.16 -22.35 -32.40
N THR C 117 -11.36 -22.98 -32.42
CA THR C 117 -11.55 -24.43 -32.34
C THR C 117 -12.54 -24.89 -33.38
N GLN C 118 -12.19 -25.95 -34.13
CA GLN C 118 -13.08 -26.51 -35.15
C GLN C 118 -14.19 -27.34 -34.46
N VAL C 119 -15.46 -27.11 -34.83
CA VAL C 119 -16.63 -27.81 -34.30
C VAL C 119 -17.44 -28.34 -35.49
N THR C 120 -17.42 -29.68 -35.72
CA THR C 120 -18.10 -30.32 -36.86
C THR C 120 -19.34 -31.11 -36.43
N VAL C 121 -20.43 -30.98 -37.20
CA VAL C 121 -21.72 -31.66 -37.01
C VAL C 121 -22.09 -32.40 -38.31
N SER C 122 -22.44 -33.68 -38.16
CA SER C 122 -22.87 -34.56 -39.25
C SER C 122 -24.26 -35.08 -38.91
N SER C 123 -25.20 -35.00 -39.88
CA SER C 123 -26.58 -35.46 -39.76
C SER C 123 -26.66 -36.97 -39.56
N THR D 5 41.82 -26.52 9.01
CA THR D 5 42.01 -25.65 10.17
C THR D 5 41.23 -24.33 9.96
N GLU D 6 39.88 -24.43 9.98
CA GLU D 6 38.95 -23.33 9.73
C GLU D 6 38.93 -22.24 10.82
N VAL D 7 38.69 -22.58 12.10
CA VAL D 7 38.61 -21.58 13.19
C VAL D 7 39.60 -21.90 14.31
N VAL D 8 40.41 -20.89 14.74
CA VAL D 8 41.38 -21.06 15.83
C VAL D 8 41.34 -19.87 16.80
N MET D 9 41.38 -20.17 18.10
CA MET D 9 41.43 -19.18 19.19
C MET D 9 42.58 -19.52 20.13
N GLU D 10 43.44 -18.52 20.42
CA GLU D 10 44.62 -18.69 21.28
C GLU D 10 44.65 -17.66 22.37
N ASN D 11 44.61 -18.12 23.64
CA ASN D 11 44.64 -17.33 24.89
C ASN D 11 43.87 -16.00 24.80
N VAL D 12 42.67 -16.04 24.17
CA VAL D 12 41.81 -14.88 23.91
C VAL D 12 41.05 -14.44 25.15
N THR D 13 41.12 -13.12 25.44
CA THR D 13 40.42 -12.45 26.55
C THR D 13 39.90 -11.10 26.04
N ALA D 14 38.71 -10.68 26.51
CA ALA D 14 38.10 -9.40 26.11
C ALA D 14 37.19 -8.84 27.20
N PHE D 15 36.90 -7.52 27.16
CA PHE D 15 35.98 -6.81 28.10
C PHE D 15 34.94 -6.01 27.33
N TRP D 16 33.69 -5.96 27.82
CA TRP D 16 32.65 -5.13 27.19
C TRP D 16 32.80 -3.68 27.67
N GLU D 17 33.13 -3.51 28.96
CA GLU D 17 33.35 -2.22 29.61
C GLU D 17 34.65 -2.27 30.39
N THR D 21 34.94 -6.71 34.76
CA THR D 21 35.29 -8.13 34.70
C THR D 21 35.36 -8.57 33.22
N PRO D 22 36.41 -9.33 32.79
CA PRO D 22 36.46 -9.77 31.38
C PRO D 22 35.31 -10.72 31.06
N VAL D 23 34.64 -10.48 29.92
CA VAL D 23 33.50 -11.28 29.46
C VAL D 23 33.99 -12.66 29.03
N LEU D 24 35.23 -12.76 28.52
CA LEU D 24 35.86 -14.01 28.14
C LEU D 24 37.30 -13.98 28.65
N LYS D 25 37.71 -15.06 29.36
CA LYS D 25 39.02 -15.22 29.98
C LYS D 25 39.78 -16.47 29.49
N ASP D 26 40.92 -16.24 28.81
CA ASP D 26 41.86 -17.21 28.24
C ASP D 26 41.15 -18.35 27.48
N ILE D 27 40.56 -18.00 26.32
CA ILE D 27 39.83 -18.96 25.49
C ILE D 27 40.74 -19.58 24.45
N ASN D 28 40.71 -20.92 24.37
CA ASN D 28 41.52 -21.72 23.44
C ASN D 28 40.67 -22.80 22.79
N PHE D 29 40.79 -22.94 21.45
CA PHE D 29 40.11 -23.95 20.62
C PHE D 29 40.55 -23.93 19.16
N LYS D 30 40.45 -25.09 18.49
CA LYS D 30 40.77 -25.26 17.08
C LYS D 30 39.70 -26.15 16.45
N ILE D 31 38.90 -25.57 15.54
CA ILE D 31 37.83 -26.26 14.82
C ILE D 31 38.30 -26.53 13.38
N GLU D 32 38.43 -27.83 13.03
CA GLU D 32 38.84 -28.24 11.69
C GLU D 32 37.72 -28.02 10.68
N ARG D 33 38.04 -28.00 9.37
CA ARG D 33 37.08 -27.79 8.28
C ARG D 33 35.93 -28.81 8.33
N GLY D 34 34.71 -28.32 8.19
CA GLY D 34 33.49 -29.10 8.21
C GLY D 34 33.05 -29.68 9.54
N GLN D 35 33.69 -29.27 10.66
CA GLN D 35 33.36 -29.76 12.00
C GLN D 35 32.26 -28.96 12.70
N LEU D 36 31.61 -29.59 13.72
CA LEU D 36 30.58 -28.96 14.52
C LEU D 36 31.06 -28.74 15.95
N LEU D 37 31.20 -27.46 16.34
CA LEU D 37 31.58 -27.09 17.69
C LEU D 37 30.34 -26.68 18.46
N ALA D 38 30.11 -27.31 19.61
CA ALA D 38 28.99 -26.96 20.47
C ALA D 38 29.48 -26.05 21.58
N VAL D 39 28.81 -24.91 21.76
CA VAL D 39 29.18 -23.97 22.82
C VAL D 39 28.07 -23.96 23.86
N ALA D 40 28.35 -24.58 25.00
CA ALA D 40 27.42 -24.68 26.12
C ALA D 40 27.83 -23.77 27.27
N GLY D 41 26.92 -23.58 28.22
CA GLY D 41 27.17 -22.75 29.39
C GLY D 41 25.93 -22.20 30.04
N SER D 42 26.11 -21.63 31.25
CA SER D 42 25.04 -21.00 32.03
C SER D 42 24.69 -19.66 31.40
N THR D 43 23.55 -19.05 31.80
CA THR D 43 23.15 -17.74 31.28
C THR D 43 24.17 -16.67 31.74
N GLY D 44 24.70 -15.90 30.79
CA GLY D 44 25.69 -14.87 31.06
C GLY D 44 27.13 -15.35 30.98
N ALA D 45 27.36 -16.62 30.60
CA ALA D 45 28.69 -17.25 30.50
C ALA D 45 29.66 -16.60 29.51
N GLY D 46 29.15 -15.97 28.46
CA GLY D 46 29.94 -15.29 27.43
C GLY D 46 29.94 -15.93 26.04
N LYS D 47 29.04 -16.89 25.79
CA LYS D 47 28.80 -17.62 24.53
C LYS D 47 28.56 -16.69 23.35
N THR D 48 27.53 -15.80 23.42
CA THR D 48 27.21 -14.83 22.36
C THR D 48 28.40 -13.94 22.12
N SER D 49 29.00 -13.45 23.22
CA SER D 49 30.19 -12.60 23.23
C SER D 49 31.36 -13.22 22.50
N LEU D 50 31.51 -14.56 22.61
CA LEU D 50 32.56 -15.30 21.91
C LEU D 50 32.32 -15.24 20.41
N LEU D 51 31.05 -15.30 19.97
CA LEU D 51 30.67 -15.23 18.56
C LEU D 51 30.94 -13.84 17.98
N MET D 52 30.62 -12.78 18.77
CA MET D 52 30.85 -11.37 18.43
C MET D 52 32.33 -11.13 18.17
N MET D 53 33.23 -11.77 18.97
CA MET D 53 34.68 -11.71 18.81
C MET D 53 35.09 -12.32 17.48
N ILE D 54 34.47 -13.48 17.08
CA ILE D 54 34.68 -14.16 15.79
C ILE D 54 34.20 -13.28 14.66
N MET D 55 33.10 -12.53 14.88
CA MET D 55 32.60 -11.56 13.90
C MET D 55 33.57 -10.40 13.76
N GLY D 56 34.00 -9.88 14.92
CA GLY D 56 34.85 -8.70 15.03
C GLY D 56 34.14 -7.56 15.74
N GLU D 57 32.89 -7.78 16.19
CA GLU D 57 32.08 -6.81 16.93
C GLU D 57 32.60 -6.60 18.37
N LEU D 58 33.49 -7.50 18.81
CA LEU D 58 34.15 -7.43 20.10
C LEU D 58 35.64 -7.64 19.88
N GLU D 59 36.42 -6.66 20.31
CA GLU D 59 37.87 -6.67 20.16
C GLU D 59 38.57 -7.36 21.32
N PRO D 60 39.44 -8.36 21.07
CA PRO D 60 40.14 -9.01 22.19
C PRO D 60 41.23 -8.09 22.75
N SER D 61 41.36 -8.06 24.09
CA SER D 61 42.40 -7.28 24.78
C SER D 61 43.73 -8.02 24.66
N GLU D 62 43.67 -9.36 24.68
CA GLU D 62 44.80 -10.29 24.56
C GLU D 62 44.37 -11.51 23.75
N GLY D 63 45.32 -12.10 23.03
CA GLY D 63 45.08 -13.28 22.21
C GLY D 63 44.90 -13.02 20.73
N LYS D 64 44.80 -14.10 19.92
CA LYS D 64 44.62 -14.02 18.47
C LYS D 64 43.60 -15.03 17.95
N ILE D 65 42.77 -14.61 16.97
CA ILE D 65 41.70 -15.40 16.34
C ILE D 65 42.00 -15.54 14.85
N LYS D 66 41.93 -16.77 14.30
CA LYS D 66 42.18 -17.04 12.89
C LYS D 66 41.02 -17.79 12.23
N HIS D 67 40.57 -17.32 11.03
CA HIS D 67 39.49 -17.90 10.20
C HIS D 67 39.38 -17.26 8.81
N SER D 68 38.65 -17.92 7.89
CA SER D 68 38.35 -17.41 6.55
C SER D 68 37.10 -16.51 6.68
N GLY D 69 37.15 -15.34 6.04
CA GLY D 69 36.11 -14.31 6.09
C GLY D 69 34.66 -14.66 5.84
N ARG D 70 34.37 -15.76 5.09
CA ARG D 70 32.99 -16.15 4.77
C ARG D 70 32.20 -16.70 5.98
N ILE D 71 31.50 -15.79 6.68
CA ILE D 71 30.70 -16.11 7.87
C ILE D 71 29.23 -15.77 7.69
N SER D 72 28.34 -16.66 8.16
CA SER D 72 26.91 -16.45 8.21
C SER D 72 26.46 -16.62 9.66
N PHE D 73 25.86 -15.57 10.23
CA PHE D 73 25.48 -15.57 11.63
C PHE D 73 24.00 -15.56 11.88
N CYS D 74 23.56 -16.49 12.73
CA CYS D 74 22.18 -16.64 13.18
C CYS D 74 22.09 -16.17 14.64
N SER D 75 21.36 -15.08 14.85
CA SER D 75 21.15 -14.46 16.15
C SER D 75 20.27 -15.30 17.08
N GLN D 76 20.45 -15.08 18.39
CA GLN D 76 19.66 -15.66 19.48
C GLN D 76 18.26 -15.08 19.38
N PHE D 77 18.18 -13.82 18.93
CA PHE D 77 16.98 -13.03 18.84
C PHE D 77 16.54 -12.89 17.40
N SER D 78 15.43 -13.56 17.05
CA SER D 78 14.84 -13.57 15.71
C SER D 78 14.44 -12.15 15.32
N TRP D 79 14.70 -11.81 14.06
CA TRP D 79 14.36 -10.51 13.49
C TRP D 79 13.80 -10.73 12.12
N ILE D 80 12.71 -10.04 11.84
CA ILE D 80 12.04 -10.16 10.56
C ILE D 80 11.82 -8.78 9.96
N MET D 81 12.24 -8.63 8.71
CA MET D 81 12.12 -7.39 7.94
C MET D 81 10.73 -7.24 7.30
N PRO D 82 10.31 -6.00 7.00
CA PRO D 82 8.93 -5.78 6.51
C PRO D 82 8.45 -6.49 5.23
N GLY D 83 9.31 -7.04 4.40
CA GLY D 83 8.79 -7.68 3.18
C GLY D 83 8.10 -9.03 3.30
N THR D 84 8.02 -9.76 2.16
CA THR D 84 7.47 -11.12 2.06
C THR D 84 8.39 -12.13 2.76
N ILE D 85 7.92 -13.39 2.90
CA ILE D 85 8.72 -14.48 3.48
C ILE D 85 9.97 -14.69 2.61
N LYS D 86 9.78 -14.78 1.28
CA LYS D 86 10.87 -14.98 0.31
C LYS D 86 11.91 -13.88 0.44
N GLU D 87 11.44 -12.59 0.51
CA GLU D 87 12.28 -11.38 0.69
C GLU D 87 13.12 -11.51 1.95
N ASN D 88 12.54 -12.05 3.04
CA ASN D 88 13.21 -12.26 4.33
C ASN D 88 14.26 -13.37 4.27
N ILE D 89 13.99 -14.48 3.57
CA ILE D 89 14.91 -15.60 3.52
C ILE D 89 16.07 -15.34 2.57
N ILE D 90 15.71 -14.87 1.38
CA ILE D 90 16.66 -14.53 0.34
C ILE D 90 17.50 -13.33 0.67
N PHE D 91 16.89 -12.35 1.30
CA PHE D 91 17.58 -11.15 1.71
C PHE D 91 18.22 -10.48 0.52
N GLY D 92 19.53 -10.36 0.54
CA GLY D 92 20.22 -9.77 -0.56
C GLY D 92 20.91 -10.80 -1.42
N VAL D 93 20.65 -12.07 -1.18
CA VAL D 93 21.32 -13.13 -1.95
C VAL D 93 20.56 -13.50 -3.24
N SER D 94 21.30 -13.82 -4.31
CA SER D 94 20.67 -14.25 -5.56
C SER D 94 19.81 -15.49 -5.33
N TYR D 95 18.71 -15.56 -6.07
CA TYR D 95 17.76 -16.64 -5.90
C TYR D 95 18.05 -17.89 -6.73
N ASP D 96 18.09 -19.04 -6.04
CA ASP D 96 18.21 -20.37 -6.66
C ASP D 96 17.08 -21.21 -6.05
N GLU D 97 16.15 -21.67 -6.92
CA GLU D 97 14.99 -22.45 -6.50
C GLU D 97 15.34 -23.67 -5.68
N TYR D 98 16.29 -24.49 -6.16
CA TYR D 98 16.72 -25.71 -5.50
C TYR D 98 17.22 -25.42 -4.10
N ARG D 99 18.14 -24.46 -3.97
CA ARG D 99 18.72 -24.05 -2.69
C ARG D 99 17.64 -23.52 -1.74
N TYR D 100 16.73 -22.65 -2.27
CA TYR D 100 15.64 -22.04 -1.54
C TYR D 100 14.67 -23.07 -1.00
N ARG D 101 14.09 -23.90 -1.88
CA ARG D 101 13.14 -24.93 -1.51
C ARG D 101 13.75 -26.02 -0.63
N SER D 102 15.08 -26.26 -0.73
CA SER D 102 15.79 -27.23 0.10
C SER D 102 15.96 -26.71 1.52
N VAL D 103 16.32 -25.41 1.66
CA VAL D 103 16.50 -24.72 2.94
C VAL D 103 15.19 -24.70 3.72
N ILE D 104 14.08 -24.36 3.03
CA ILE D 104 12.73 -24.30 3.58
C ILE D 104 12.28 -25.65 4.13
N LYS D 105 12.55 -26.73 3.37
CA LYS D 105 12.22 -28.09 3.76
C LYS D 105 12.96 -28.39 5.06
N ALA D 106 14.30 -28.18 5.06
CA ALA D 106 15.20 -28.45 6.19
C ALA D 106 14.83 -27.68 7.46
N CYS D 107 14.39 -26.43 7.30
CA CYS D 107 14.04 -25.55 8.41
C CYS D 107 12.59 -25.65 8.84
N GLN D 108 11.87 -26.72 8.42
CA GLN D 108 10.47 -26.98 8.77
C GLN D 108 9.54 -25.80 8.47
N LEU D 109 9.71 -25.17 7.29
CA LEU D 109 8.90 -24.02 6.91
C LEU D 109 7.87 -24.30 5.83
N GLU D 110 8.06 -25.37 5.03
CA GLU D 110 7.17 -25.71 3.91
C GLU D 110 5.70 -25.77 4.29
N GLU D 111 5.35 -26.53 5.35
CA GLU D 111 4.00 -26.69 5.86
C GLU D 111 3.35 -25.36 6.24
N ASP D 112 4.09 -24.49 6.98
CA ASP D 112 3.62 -23.18 7.41
C ASP D 112 3.38 -22.29 6.22
N ILE D 113 4.36 -22.18 5.30
CA ILE D 113 4.28 -21.38 4.09
C ILE D 113 3.10 -21.83 3.22
N SER D 114 2.96 -23.15 3.03
CA SER D 114 1.89 -23.68 2.22
C SER D 114 0.48 -23.49 2.86
N LYS D 115 0.40 -23.24 4.19
CA LYS D 115 -0.86 -22.96 4.89
C LYS D 115 -1.45 -21.63 4.37
N PHE D 116 -0.60 -20.72 3.87
CA PHE D 116 -1.02 -19.44 3.28
C PHE D 116 -1.42 -19.56 1.82
N ALA D 117 -2.41 -18.78 1.41
CA ALA D 117 -2.87 -18.76 0.03
C ALA D 117 -1.81 -18.13 -0.88
N GLU D 118 -1.07 -17.10 -0.37
CA GLU D 118 -0.03 -16.39 -1.14
C GLU D 118 1.32 -17.10 -1.02
N LYS D 119 1.40 -18.11 -0.15
CA LYS D 119 2.63 -18.86 0.13
C LYS D 119 3.70 -17.89 0.66
N ASP D 120 4.94 -17.95 0.10
CA ASP D 120 6.06 -17.12 0.50
C ASP D 120 5.89 -15.66 0.12
N ASN D 121 4.86 -15.34 -0.70
CA ASN D 121 4.57 -13.98 -1.10
C ASN D 121 3.70 -13.23 -0.08
N ILE D 122 3.44 -13.88 1.07
CA ILE D 122 2.70 -13.26 2.17
C ILE D 122 3.57 -12.14 2.76
N VAL D 123 2.96 -10.98 3.06
CA VAL D 123 3.70 -9.85 3.59
C VAL D 123 3.76 -9.90 5.11
N LEU D 124 4.97 -9.73 5.66
CA LEU D 124 5.21 -9.75 7.09
C LEU D 124 5.43 -8.31 7.65
N GLY D 125 5.45 -8.18 8.97
CA GLY D 125 5.73 -6.92 9.64
C GLY D 125 7.15 -6.93 10.13
N ILE D 129 1.00 -9.59 8.97
CA ILE D 129 0.82 -10.85 9.70
C ILE D 129 1.89 -11.04 10.79
N THR D 130 1.46 -11.41 12.00
CA THR D 130 2.37 -11.68 13.08
C THR D 130 2.46 -13.15 13.21
N LEU D 131 3.67 -13.65 13.14
CA LEU D 131 3.94 -15.07 13.21
C LEU D 131 4.15 -15.50 14.65
N SER D 132 4.24 -16.84 14.84
CA SER D 132 4.54 -17.40 16.13
C SER D 132 6.04 -17.31 16.33
N GLY D 133 6.46 -17.32 17.59
CA GLY D 133 7.87 -17.30 17.94
C GLY D 133 8.67 -18.32 17.16
N GLY D 134 8.08 -19.50 16.98
CA GLY D 134 8.66 -20.62 16.25
C GLY D 134 8.80 -20.33 14.79
N GLN D 135 7.74 -19.73 14.18
CA GLN D 135 7.74 -19.36 12.77
C GLN D 135 8.82 -18.31 12.53
N ARG D 136 8.92 -17.30 13.43
CA ARG D 136 9.94 -16.25 13.39
C ARG D 136 11.35 -16.82 13.46
N ALA D 137 11.57 -17.74 14.40
CA ALA D 137 12.86 -18.39 14.62
C ALA D 137 13.28 -19.21 13.40
N ARG D 138 12.31 -19.91 12.76
CA ARG D 138 12.56 -20.73 11.59
C ARG D 138 12.94 -19.90 10.39
N ILE D 139 12.26 -18.75 10.18
CA ILE D 139 12.55 -17.80 9.10
C ILE D 139 13.96 -17.20 9.28
N SER D 140 14.34 -16.85 10.53
CA SER D 140 15.65 -16.31 10.86
C SER D 140 16.74 -17.32 10.59
N LEU D 141 16.52 -18.60 11.00
CA LEU D 141 17.50 -19.67 10.74
C LEU D 141 17.62 -19.95 9.24
N ALA D 142 16.47 -19.98 8.52
CA ALA D 142 16.41 -20.21 7.07
C ALA D 142 17.24 -19.18 6.33
N ARG D 143 17.13 -17.90 6.74
CA ARG D 143 17.86 -16.77 6.15
C ARG D 143 19.37 -16.98 6.28
N ALA D 144 19.80 -17.39 7.49
CA ALA D 144 21.19 -17.66 7.83
C ALA D 144 21.75 -18.84 7.06
N VAL D 145 20.97 -19.94 6.96
CA VAL D 145 21.45 -21.11 6.25
C VAL D 145 21.37 -20.87 4.75
N TYR D 146 20.45 -19.99 4.25
CA TYR D 146 20.39 -19.70 2.83
C TYR D 146 21.66 -18.99 2.33
N LYS D 147 22.27 -18.13 3.20
CA LYS D 147 23.52 -17.41 2.88
C LYS D 147 24.63 -18.45 2.71
N ASP D 148 25.36 -18.45 1.59
CA ASP D 148 26.42 -19.45 1.42
C ASP D 148 27.74 -18.92 1.98
N ALA D 149 28.16 -19.46 3.14
CA ALA D 149 29.37 -19.07 3.85
C ALA D 149 30.21 -20.31 4.17
N ASP D 150 31.47 -20.09 4.60
CA ASP D 150 32.39 -21.17 4.97
C ASP D 150 32.15 -21.59 6.43
N LEU D 151 31.74 -20.63 7.27
CA LEU D 151 31.47 -20.80 8.69
C LEU D 151 30.09 -20.32 9.07
N TYR D 152 29.38 -21.16 9.84
CA TYR D 152 28.03 -20.84 10.32
C TYR D 152 28.00 -20.73 11.83
N LEU D 153 27.72 -19.51 12.30
CA LEU D 153 27.60 -19.22 13.73
C LEU D 153 26.13 -19.22 14.10
N LEU D 154 25.66 -20.28 14.77
CA LEU D 154 24.25 -20.42 15.15
C LEU D 154 24.09 -20.26 16.65
N ASP D 155 23.75 -19.05 17.06
CA ASP D 155 23.57 -18.71 18.47
C ASP D 155 22.15 -19.04 18.91
N SER D 156 22.01 -20.06 19.77
CA SER D 156 20.74 -20.56 20.33
C SER D 156 19.51 -20.41 19.37
N PRO D 157 19.55 -21.02 18.16
CA PRO D 157 18.41 -20.86 17.25
C PRO D 157 17.13 -21.59 17.69
N PHE D 158 17.27 -22.69 18.43
CA PHE D 158 16.14 -23.52 18.87
C PHE D 158 15.45 -23.07 20.18
N GLY D 159 15.87 -21.91 20.70
CA GLY D 159 15.37 -21.32 21.93
C GLY D 159 13.86 -21.23 22.08
N TYR D 160 13.15 -20.80 21.01
CA TYR D 160 11.69 -20.65 21.06
C TYR D 160 10.95 -21.71 20.21
N LEU D 161 11.63 -22.84 19.97
CA LEU D 161 11.06 -23.95 19.20
C LEU D 161 10.67 -25.10 20.10
N ASP D 162 9.62 -25.85 19.70
CA ASP D 162 9.18 -27.06 20.40
C ASP D 162 10.22 -28.15 20.13
N VAL D 163 10.33 -29.12 21.05
CA VAL D 163 11.32 -30.19 21.01
C VAL D 163 11.19 -31.08 19.76
N LEU D 164 9.97 -31.21 19.22
CA LEU D 164 9.75 -32.03 18.02
C LEU D 164 10.30 -31.37 16.76
N THR D 165 10.02 -30.05 16.57
CA THR D 165 10.50 -29.26 15.44
C THR D 165 12.02 -29.14 15.53
N GLU D 166 12.53 -28.80 16.73
CA GLU D 166 13.96 -28.67 16.99
C GLU D 166 14.71 -29.94 16.59
N LYS D 167 14.16 -31.14 16.94
CA LYS D 167 14.75 -32.43 16.58
C LYS D 167 14.86 -32.56 15.05
N GLU D 168 13.76 -32.25 14.31
CA GLU D 168 13.70 -32.31 12.86
C GLU D 168 14.71 -31.34 12.22
N ILE D 169 14.73 -30.06 12.68
CA ILE D 169 15.65 -29.03 12.20
C ILE D 169 17.10 -29.40 12.46
N PHE D 170 17.43 -29.83 13.69
CA PHE D 170 18.80 -30.20 14.03
C PHE D 170 19.32 -31.31 13.15
N GLU D 171 18.53 -32.37 12.98
CA GLU D 171 18.86 -33.54 12.18
C GLU D 171 18.96 -33.25 10.70
N SER D 172 17.94 -32.60 10.09
CA SER D 172 17.91 -32.35 8.65
C SER D 172 18.61 -31.08 8.16
N CYS D 173 18.75 -30.05 9.02
CA CYS D 173 19.41 -28.81 8.63
C CYS D 173 20.86 -28.74 9.11
N VAL D 174 21.06 -28.64 10.43
CA VAL D 174 22.39 -28.53 11.07
C VAL D 174 23.28 -29.74 10.72
N CYS D 175 22.73 -30.96 10.77
CA CYS D 175 23.47 -32.18 10.52
C CYS D 175 23.47 -32.67 9.07
N LYS D 176 22.33 -32.60 8.37
CA LYS D 176 22.26 -33.11 7.00
C LYS D 176 22.59 -32.05 5.95
N LEU D 177 21.84 -30.92 5.93
CA LEU D 177 21.98 -29.83 4.94
C LEU D 177 23.35 -29.17 4.93
N MET D 178 23.91 -28.92 6.13
CA MET D 178 25.20 -28.23 6.27
C MET D 178 26.31 -29.19 6.61
N ALA D 179 26.07 -30.50 6.45
CA ALA D 179 27.00 -31.58 6.80
C ALA D 179 28.50 -31.34 6.57
N ASN D 180 28.91 -30.80 5.40
CA ASN D 180 30.34 -30.62 5.15
C ASN D 180 30.83 -29.19 5.42
N LYS D 181 30.04 -28.38 6.10
CA LYS D 181 30.43 -27.01 6.43
C LYS D 181 30.75 -26.84 7.89
N THR D 182 31.75 -25.99 8.22
CA THR D 182 32.12 -25.67 9.60
C THR D 182 30.97 -24.91 10.29
N ARG D 183 30.58 -25.41 11.47
CA ARG D 183 29.46 -24.86 12.24
C ARG D 183 29.79 -24.72 13.72
N ILE D 184 29.41 -23.58 14.31
CA ILE D 184 29.54 -23.30 15.74
C ILE D 184 28.11 -23.12 16.25
N LEU D 185 27.63 -24.09 17.03
CA LEU D 185 26.27 -24.08 17.55
C LEU D 185 26.22 -23.82 19.05
N VAL D 186 25.60 -22.71 19.45
CA VAL D 186 25.42 -22.36 20.86
C VAL D 186 24.22 -23.15 21.32
N THR D 187 24.47 -24.20 22.11
CA THR D 187 23.45 -25.11 22.64
C THR D 187 23.91 -25.72 23.95
N SER D 188 22.95 -25.95 24.87
CA SER D 188 23.23 -26.60 26.15
C SER D 188 22.47 -27.95 26.27
N LYS D 189 22.01 -28.48 25.13
CA LYS D 189 21.30 -29.75 25.05
C LYS D 189 22.23 -30.91 24.79
N MET D 190 22.11 -31.96 25.62
CA MET D 190 22.90 -33.20 25.51
C MET D 190 22.65 -33.88 24.17
N GLU D 191 21.39 -33.82 23.70
CA GLU D 191 20.87 -34.36 22.44
C GLU D 191 21.66 -33.78 21.26
N HIS D 192 22.05 -32.50 21.38
CA HIS D 192 22.84 -31.81 20.35
C HIS D 192 24.31 -32.05 20.54
N LEU D 193 24.77 -32.06 21.81
CA LEU D 193 26.16 -32.25 22.20
C LEU D 193 26.72 -33.61 21.78
N LYS D 194 25.86 -34.66 21.75
CA LYS D 194 26.28 -36.00 21.33
C LYS D 194 26.75 -36.04 19.87
N LYS D 195 26.15 -35.18 19.02
CA LYS D 195 26.47 -35.07 17.60
C LYS D 195 27.61 -34.07 17.30
N ALA D 196 28.16 -33.41 18.33
CA ALA D 196 29.24 -32.43 18.15
C ALA D 196 30.60 -33.11 17.97
N ASP D 197 31.48 -32.46 17.19
CA ASP D 197 32.85 -32.94 16.95
C ASP D 197 33.71 -32.55 18.15
N LYS D 198 33.56 -31.30 18.61
CA LYS D 198 34.19 -30.76 19.82
C LYS D 198 33.17 -29.93 20.61
N ILE D 199 33.38 -29.82 21.93
CA ILE D 199 32.48 -29.12 22.85
C ILE D 199 33.25 -28.11 23.71
N LEU D 200 32.77 -26.87 23.77
CA LEU D 200 33.34 -25.84 24.63
C LEU D 200 32.28 -25.44 25.66
N ILE D 201 32.61 -25.60 26.94
CA ILE D 201 31.70 -25.25 28.03
C ILE D 201 32.25 -24.02 28.73
N LEU D 202 31.45 -22.96 28.73
CA LEU D 202 31.83 -21.70 29.36
C LEU D 202 31.05 -21.46 30.65
N HIS D 203 31.73 -20.85 31.63
CA HIS D 203 31.12 -20.47 32.89
C HIS D 203 31.83 -19.24 33.42
N GLU D 204 31.08 -18.13 33.48
CA GLU D 204 31.54 -16.81 33.92
C GLU D 204 32.81 -16.37 33.19
N GLY D 205 32.74 -16.42 31.86
CA GLY D 205 33.83 -16.05 30.96
C GLY D 205 34.95 -17.05 30.82
N SER D 206 34.99 -18.06 31.67
CA SER D 206 36.05 -19.06 31.66
C SER D 206 35.66 -20.36 30.99
N SER D 207 36.66 -21.05 30.38
CA SER D 207 36.50 -22.33 29.74
C SER D 207 36.57 -23.43 30.80
N TYR D 208 35.42 -24.04 31.13
CA TYR D 208 35.36 -25.11 32.14
C TYR D 208 35.65 -26.46 31.52
N PHE D 209 35.32 -26.64 30.22
CA PHE D 209 35.57 -27.87 29.47
C PHE D 209 35.80 -27.59 28.00
N TYR D 210 36.74 -28.34 27.41
CA TYR D 210 37.04 -28.33 25.98
C TYR D 210 37.55 -29.70 25.56
N GLY D 211 36.79 -30.36 24.69
CA GLY D 211 37.11 -31.69 24.19
C GLY D 211 35.97 -32.36 23.47
N THR D 212 36.05 -33.69 23.29
CA THR D 212 35.04 -34.50 22.62
C THR D 212 33.90 -34.89 23.55
N PHE D 213 32.83 -35.50 22.97
CA PHE D 213 31.66 -35.94 23.74
C PHE D 213 32.02 -37.06 24.72
N SER D 214 32.87 -38.00 24.28
CA SER D 214 33.36 -39.13 25.08
C SER D 214 34.12 -38.62 26.30
N GLU D 215 34.94 -37.56 26.11
CA GLU D 215 35.70 -36.90 27.19
C GLU D 215 34.77 -36.23 28.19
N LEU D 216 33.65 -35.64 27.70
CA LEU D 216 32.62 -34.99 28.51
C LEU D 216 31.84 -36.06 29.28
N GLN D 217 31.56 -37.21 28.63
CA GLN D 217 30.86 -38.35 29.19
C GLN D 217 31.64 -38.94 30.38
N ASN D 218 32.99 -38.95 30.25
CA ASN D 218 33.93 -39.43 31.27
C ASN D 218 34.18 -38.40 32.41
N LEU D 219 33.17 -37.56 32.74
CA LEU D 219 33.28 -36.59 33.83
C LEU D 219 32.07 -36.60 34.77
N GLN E 1 17.58 -39.82 39.53
CA GLN E 1 16.18 -40.07 39.22
C GLN E 1 15.42 -38.78 39.01
N VAL E 2 14.71 -38.69 37.88
CA VAL E 2 13.91 -37.54 37.49
C VAL E 2 12.63 -38.05 36.83
N GLN E 3 11.48 -37.51 37.23
CA GLN E 3 10.19 -37.96 36.70
C GLN E 3 9.22 -36.79 36.46
N LEU E 4 8.43 -36.91 35.37
CA LEU E 4 7.39 -35.95 35.03
C LEU E 4 6.04 -36.62 35.24
N GLN E 5 5.18 -36.00 36.07
CA GLN E 5 3.87 -36.58 36.36
C GLN E 5 2.70 -35.66 36.00
N GLU E 6 1.94 -36.06 34.97
CA GLU E 6 0.77 -35.29 34.53
C GLU E 6 -0.47 -35.70 35.31
N SER E 7 -1.43 -34.78 35.42
CA SER E 7 -2.71 -34.93 36.11
C SER E 7 -3.67 -33.88 35.56
N GLY E 8 -4.97 -34.03 35.86
CA GLY E 8 -6.01 -33.09 35.45
C GLY E 8 -6.88 -33.49 34.27
N GLY E 9 -6.52 -34.59 33.61
CA GLY E 9 -7.25 -35.11 32.46
C GLY E 9 -8.60 -35.70 32.81
N GLY E 10 -9.33 -36.10 31.77
CA GLY E 10 -10.65 -36.70 31.97
C GLY E 10 -11.64 -36.44 30.87
N LEU E 11 -12.89 -36.85 31.12
CA LEU E 11 -13.98 -36.68 30.17
C LEU E 11 -14.76 -35.42 30.53
N VAL E 12 -14.85 -34.48 29.58
CA VAL E 12 -15.57 -33.22 29.76
C VAL E 12 -16.56 -32.99 28.62
N GLN E 13 -17.50 -32.06 28.81
CA GLN E 13 -18.46 -31.67 27.78
C GLN E 13 -17.78 -30.59 26.93
N ALA E 14 -18.28 -30.33 25.72
CA ALA E 14 -17.73 -29.27 24.90
C ALA E 14 -18.06 -27.90 25.53
N GLY E 15 -17.10 -27.00 25.51
CA GLY E 15 -17.22 -25.67 26.09
C GLY E 15 -16.66 -25.60 27.49
N SER E 16 -16.40 -26.77 28.11
CA SER E 16 -15.86 -26.90 29.45
C SER E 16 -14.42 -26.41 29.55
N SER E 17 -14.01 -26.15 30.79
CA SER E 17 -12.66 -25.75 31.13
C SER E 17 -11.98 -26.98 31.76
N LEU E 18 -10.64 -27.00 31.80
CA LEU E 18 -9.84 -28.08 32.36
C LEU E 18 -8.44 -27.57 32.63
N ARG E 19 -7.83 -27.97 33.74
CA ARG E 19 -6.47 -27.54 34.05
C ARG E 19 -5.58 -28.78 34.21
N LEU E 20 -4.67 -28.97 33.26
CA LEU E 20 -3.70 -30.03 33.32
C LEU E 20 -2.50 -29.50 34.09
N ALA E 21 -1.86 -30.37 34.86
CA ALA E 21 -0.68 -30.00 35.63
C ALA E 21 0.36 -31.10 35.46
N CYS E 22 1.63 -30.71 35.44
CA CYS E 22 2.75 -31.63 35.28
C CYS E 22 3.91 -31.18 36.12
N ALA E 23 4.28 -31.99 37.13
CA ALA E 23 5.36 -31.64 38.04
C ALA E 23 6.59 -32.50 37.86
N ALA E 24 7.75 -31.85 37.94
CA ALA E 24 9.05 -32.49 37.83
C ALA E 24 9.51 -32.82 39.24
N THR E 25 9.79 -34.12 39.45
CA THR E 25 10.21 -34.66 40.74
C THR E 25 11.53 -35.39 40.60
N GLY E 26 12.33 -35.33 41.66
CA GLY E 26 13.64 -35.96 41.70
C GLY E 26 14.76 -34.97 41.89
N SER E 27 15.96 -35.39 41.54
CA SER E 27 17.16 -34.57 41.67
C SER E 27 17.22 -33.58 40.50
N ILE E 28 16.61 -32.41 40.70
CA ILE E 28 16.55 -31.36 39.70
C ILE E 28 17.48 -30.22 40.09
N ARG E 29 18.53 -29.97 39.29
CA ARG E 29 19.42 -28.83 39.52
C ARG E 29 18.63 -27.61 39.01
N SER E 30 18.05 -27.72 37.78
CA SER E 30 17.22 -26.71 37.11
C SER E 30 16.52 -27.29 35.90
N ILE E 31 15.53 -26.54 35.40
CA ILE E 31 14.74 -26.84 34.20
C ILE E 31 14.60 -25.55 33.46
N ASN E 32 14.55 -25.58 32.13
CA ASN E 32 14.34 -24.30 31.50
C ASN E 32 13.14 -24.28 30.57
N ASN E 33 13.05 -25.19 29.58
CA ASN E 33 11.94 -25.19 28.64
C ASN E 33 11.02 -26.29 28.97
N MET E 34 9.72 -26.00 28.99
CA MET E 34 8.73 -27.01 29.30
C MET E 34 7.58 -26.84 28.36
N GLY E 35 6.93 -27.95 27.99
CA GLY E 35 5.82 -27.80 27.05
C GLY E 35 4.78 -28.89 27.09
N TRP E 36 3.61 -28.54 26.54
CA TRP E 36 2.47 -29.44 26.42
C TRP E 36 2.32 -29.82 24.96
N TYR E 37 2.21 -31.12 24.71
CA TYR E 37 2.08 -31.69 23.39
C TYR E 37 0.85 -32.59 23.40
N ARG E 38 0.29 -32.89 22.23
CA ARG E 38 -0.88 -33.76 22.17
C ARG E 38 -0.84 -34.70 20.98
N GLN E 39 -1.45 -35.88 21.13
CA GLN E 39 -1.55 -36.88 20.08
C GLN E 39 -2.95 -37.48 20.04
N ALA E 40 -3.69 -37.14 19.00
CA ALA E 40 -5.05 -37.64 18.78
C ALA E 40 -4.93 -38.99 18.02
N PRO E 41 -5.94 -39.90 18.08
CA PRO E 41 -5.80 -41.18 17.37
C PRO E 41 -5.60 -41.02 15.85
N GLY E 42 -4.63 -41.77 15.32
CA GLY E 42 -4.29 -41.74 13.91
C GLY E 42 -3.34 -40.62 13.53
N LYS E 43 -3.47 -39.46 14.20
CA LYS E 43 -2.64 -38.27 13.98
C LYS E 43 -1.29 -38.39 14.73
N GLN E 44 -0.29 -37.58 14.32
CA GLN E 44 1.04 -37.55 14.92
C GLN E 44 1.08 -36.60 16.12
N ARG E 45 2.08 -36.78 17.03
CA ARG E 45 2.24 -35.91 18.21
C ARG E 45 2.70 -34.55 17.75
N GLY E 46 2.05 -33.54 18.28
CA GLY E 46 2.35 -32.15 17.96
C GLY E 46 2.25 -31.26 19.16
N MET E 47 2.86 -30.10 19.07
CA MET E 47 2.86 -29.14 20.14
C MET E 47 1.48 -28.52 20.37
N VAL E 48 1.19 -28.20 21.64
CA VAL E 48 0.01 -27.43 22.01
C VAL E 48 0.57 -26.04 22.40
N ALA E 49 1.47 -26.01 23.39
CA ALA E 49 2.11 -24.82 23.93
C ALA E 49 3.48 -25.13 24.51
N ILE E 50 4.36 -24.12 24.58
CA ILE E 50 5.71 -24.18 25.16
C ILE E 50 5.97 -22.94 26.04
N ILE E 51 6.84 -23.07 27.06
CA ILE E 51 7.17 -21.98 27.99
C ILE E 51 8.65 -21.99 28.35
N THR E 52 9.32 -20.83 28.24
CA THR E 52 10.74 -20.69 28.57
C THR E 52 10.86 -20.51 30.10
N ARG E 53 12.07 -20.72 30.68
CA ARG E 53 12.30 -20.61 32.13
C ARG E 53 11.86 -19.26 32.65
N VAL E 54 12.10 -18.22 31.85
CA VAL E 54 11.77 -16.83 32.15
C VAL E 54 10.23 -16.55 31.96
N GLY E 55 9.50 -17.46 31.31
CA GLY E 55 8.06 -17.31 31.12
C GLY E 55 7.53 -16.93 29.76
N ASN E 56 8.40 -16.84 28.72
CA ASN E 56 7.94 -16.51 27.36
C ASN E 56 7.23 -17.73 26.78
N THR E 57 6.00 -17.52 26.26
CA THR E 57 5.15 -18.60 25.77
C THR E 57 4.87 -18.58 24.26
N ASP E 58 4.76 -19.77 23.65
CA ASP E 58 4.34 -19.94 22.26
C ASP E 58 3.21 -20.96 22.21
N TYR E 59 2.30 -20.81 21.25
CA TYR E 59 1.12 -21.65 21.13
C TYR E 59 0.89 -22.15 19.71
N ALA E 60 0.16 -23.26 19.59
CA ALA E 60 -0.28 -23.82 18.32
C ALA E 60 -1.43 -22.91 17.88
N ASP E 61 -1.57 -22.69 16.57
CA ASP E 61 -2.61 -21.80 16.02
C ASP E 61 -3.99 -22.21 16.49
N SER E 62 -4.26 -23.52 16.51
CA SER E 62 -5.51 -24.15 16.94
C SER E 62 -5.90 -23.86 18.41
N VAL E 63 -4.91 -23.61 19.30
CA VAL E 63 -5.16 -23.40 20.74
C VAL E 63 -4.90 -21.95 21.22
N LYS E 64 -4.13 -21.13 20.46
CA LYS E 64 -3.77 -19.73 20.79
C LYS E 64 -5.02 -18.91 21.17
N GLY E 65 -4.99 -18.31 22.36
CA GLY E 65 -6.12 -17.53 22.86
C GLY E 65 -7.08 -18.31 23.74
N ARG E 66 -7.27 -19.62 23.44
CA ARG E 66 -8.16 -20.50 24.21
C ARG E 66 -7.40 -21.16 25.36
N PHE E 67 -6.18 -21.66 25.09
CA PHE E 67 -5.36 -22.34 26.09
C PHE E 67 -4.32 -21.38 26.65
N THR E 68 -3.90 -21.62 27.90
CA THR E 68 -2.88 -20.81 28.57
C THR E 68 -1.89 -21.71 29.28
N ILE E 69 -0.61 -21.56 28.94
CA ILE E 69 0.47 -22.29 29.58
C ILE E 69 1.10 -21.37 30.64
N SER E 70 1.38 -21.95 31.83
CA SER E 70 2.00 -21.24 32.95
C SER E 70 2.95 -22.17 33.70
N ARG E 71 3.89 -21.59 34.47
CA ARG E 71 4.82 -22.40 35.24
C ARG E 71 5.16 -21.80 36.61
N ASP E 72 5.37 -22.68 37.60
CA ASP E 72 5.79 -22.32 38.95
C ASP E 72 7.19 -22.90 39.05
N ASN E 73 8.22 -22.04 38.91
CA ASN E 73 9.62 -22.47 38.96
C ASN E 73 10.03 -22.98 40.33
N ALA E 74 9.37 -22.48 41.40
CA ALA E 74 9.61 -22.92 42.77
C ALA E 74 9.11 -24.36 42.95
N LYS E 75 7.92 -24.68 42.37
CA LYS E 75 7.28 -25.99 42.46
C LYS E 75 7.70 -26.95 41.33
N ASN E 76 8.50 -26.46 40.34
CA ASN E 76 8.93 -27.23 39.16
C ASN E 76 7.72 -27.84 38.43
N THR E 77 6.67 -27.03 38.26
CA THR E 77 5.41 -27.45 37.66
C THR E 77 5.02 -26.58 36.49
N VAL E 78 4.48 -27.23 35.43
CA VAL E 78 3.94 -26.59 34.23
C VAL E 78 2.43 -26.86 34.22
N TYR E 79 1.64 -25.90 33.75
CA TYR E 79 0.19 -26.06 33.73
C TYR E 79 -0.38 -25.70 32.40
N LEU E 80 -1.48 -26.35 32.06
CA LEU E 80 -2.18 -26.04 30.84
C LEU E 80 -3.63 -25.83 31.17
N GLN E 81 -4.10 -24.58 31.13
CA GLN E 81 -5.51 -24.29 31.38
C GLN E 81 -6.17 -24.27 30.03
N MET E 82 -7.09 -25.20 29.82
CA MET E 82 -7.80 -25.38 28.57
C MET E 82 -9.21 -24.86 28.68
N ASN E 83 -9.52 -23.81 27.93
CA ASN E 83 -10.85 -23.20 27.96
C ASN E 83 -11.58 -23.50 26.66
N SER E 84 -12.91 -23.29 26.64
CA SER E 84 -13.80 -23.50 25.50
C SER E 84 -13.43 -24.76 24.69
N LEU E 85 -13.41 -25.91 25.38
CA LEU E 85 -13.01 -27.18 24.78
C LEU E 85 -13.92 -27.60 23.64
N LYS E 86 -13.31 -28.12 22.60
CA LYS E 86 -13.92 -28.58 21.36
C LYS E 86 -13.63 -30.09 21.21
N PRO E 87 -14.46 -30.90 20.50
CA PRO E 87 -14.15 -32.34 20.35
C PRO E 87 -12.87 -32.61 19.54
N GLU E 88 -12.30 -31.54 18.97
CA GLU E 88 -11.07 -31.54 18.20
C GLU E 88 -9.88 -31.62 19.16
N ASP E 89 -10.08 -31.19 20.43
CA ASP E 89 -9.05 -31.23 21.47
C ASP E 89 -8.90 -32.59 22.13
N THR E 90 -9.78 -33.57 21.81
CA THR E 90 -9.66 -34.92 22.39
C THR E 90 -8.37 -35.53 21.87
N ALA E 91 -7.49 -35.89 22.81
CA ALA E 91 -6.16 -36.45 22.54
C ALA E 91 -5.50 -36.83 23.85
N THR E 92 -4.29 -37.39 23.75
CA THR E 92 -3.45 -37.72 24.88
C THR E 92 -2.46 -36.57 24.99
N TYR E 93 -2.46 -35.91 26.14
CA TYR E 93 -1.62 -34.76 26.40
C TYR E 93 -0.35 -35.15 27.11
N TYR E 94 0.80 -34.83 26.50
CA TYR E 94 2.12 -35.14 27.02
C TYR E 94 2.82 -33.89 27.47
N CYS E 95 3.60 -34.04 28.53
CA CYS E 95 4.37 -32.99 29.14
C CYS E 95 5.83 -33.23 28.84
N HIS E 96 6.55 -32.16 28.47
CA HIS E 96 7.97 -32.22 28.17
C HIS E 96 8.73 -31.21 29.00
N ALA E 97 9.99 -31.50 29.35
CA ALA E 97 10.85 -30.62 30.11
C ALA E 97 12.31 -30.88 29.81
N GLU E 98 13.10 -29.79 29.71
CA GLU E 98 14.56 -29.84 29.49
C GLU E 98 15.15 -29.73 30.89
N ILE E 99 15.52 -30.87 31.50
CA ILE E 99 16.00 -30.88 32.88
C ILE E 99 17.49 -31.14 33.03
N THR E 100 18.12 -30.40 33.95
CA THR E 100 19.50 -30.55 34.36
C THR E 100 19.41 -31.31 35.69
N GLU E 101 19.99 -32.52 35.75
CA GLU E 101 19.99 -33.36 36.95
C GLU E 101 21.04 -32.81 37.91
N GLN E 102 20.81 -32.95 39.23
CA GLN E 102 21.75 -32.47 40.27
C GLN E 102 23.16 -33.06 40.11
N SER E 103 23.24 -34.28 39.55
CA SER E 103 24.47 -35.02 39.28
C SER E 103 25.39 -34.39 38.20
N ARG E 104 24.81 -33.69 37.20
CA ARG E 104 25.53 -33.03 36.10
C ARG E 104 26.50 -31.97 36.64
N PRO E 105 27.80 -31.97 36.24
CA PRO E 105 28.72 -30.94 36.73
C PRO E 105 28.48 -29.56 36.12
N PHE E 106 27.92 -29.51 34.89
CA PHE E 106 27.64 -28.29 34.15
C PHE E 106 26.14 -28.10 33.93
N TYR E 107 25.72 -26.89 33.49
CA TYR E 107 24.31 -26.57 33.22
C TYR E 107 23.88 -27.03 31.81
N LEU E 108 23.81 -28.36 31.65
CA LEU E 108 23.45 -29.09 30.43
C LEU E 108 22.12 -29.80 30.67
N THR E 109 21.22 -29.75 29.69
CA THR E 109 19.87 -30.34 29.81
C THR E 109 19.68 -31.66 29.07
N ASP E 110 18.64 -32.42 29.49
CA ASP E 110 18.18 -33.67 28.92
C ASP E 110 16.67 -33.60 28.79
N ASP E 111 16.12 -34.17 27.70
CA ASP E 111 14.69 -34.15 27.41
C ASP E 111 13.94 -35.20 28.17
N TYR E 112 12.97 -34.78 28.97
CA TYR E 112 12.13 -35.68 29.75
C TYR E 112 10.69 -35.56 29.31
N TRP E 113 9.98 -36.69 29.28
CA TRP E 113 8.58 -36.77 28.86
C TRP E 113 7.70 -37.41 29.92
N GLY E 114 6.44 -36.99 29.94
CA GLY E 114 5.43 -37.56 30.81
C GLY E 114 4.81 -38.78 30.17
N GLN E 115 4.03 -39.55 30.95
CA GLN E 115 3.34 -40.77 30.50
C GLN E 115 2.10 -40.44 29.66
N GLY E 116 1.54 -39.26 29.87
CA GLY E 116 0.37 -38.76 29.16
C GLY E 116 -0.89 -38.76 29.99
N THR E 117 -1.80 -37.83 29.70
CA THR E 117 -3.13 -37.72 30.33
C THR E 117 -4.13 -37.73 29.21
N GLN E 118 -5.18 -38.54 29.32
CA GLN E 118 -6.21 -38.57 28.30
C GLN E 118 -7.28 -37.51 28.59
N VAL E 119 -7.56 -36.68 27.56
CA VAL E 119 -8.58 -35.65 27.61
C VAL E 119 -9.60 -36.01 26.53
N THR E 120 -10.88 -36.22 26.92
CA THR E 120 -11.96 -36.56 26.00
C THR E 120 -13.08 -35.52 26.11
N VAL E 121 -13.40 -34.89 24.99
CA VAL E 121 -14.41 -33.84 24.86
C VAL E 121 -15.60 -34.40 24.04
N SER E 122 -16.83 -34.32 24.62
CA SER E 122 -18.13 -34.71 24.05
C SER E 122 -19.21 -34.75 25.13
N GLN F 1 -3.99 -24.12 -2.99
CA GLN F 1 -5.39 -24.06 -3.39
C GLN F 1 -5.48 -23.36 -4.73
N VAL F 2 -5.38 -24.19 -5.74
CA VAL F 2 -5.43 -23.81 -7.13
C VAL F 2 -6.48 -24.69 -7.81
N GLN F 3 -7.27 -24.10 -8.71
CA GLN F 3 -8.25 -24.87 -9.41
C GLN F 3 -7.70 -25.14 -10.78
N LEU F 4 -7.50 -26.45 -11.09
CA LEU F 4 -6.92 -26.94 -12.34
C LEU F 4 -7.92 -27.41 -13.39
N GLN F 5 -7.73 -26.97 -14.66
CA GLN F 5 -8.58 -27.40 -15.76
C GLN F 5 -7.78 -27.78 -17.01
N GLU F 6 -7.83 -29.07 -17.39
CA GLU F 6 -7.14 -29.61 -18.55
C GLU F 6 -7.99 -29.48 -19.80
N SER F 7 -7.31 -29.50 -20.96
CA SER F 7 -7.89 -29.47 -22.29
C SER F 7 -6.89 -30.07 -23.27
N GLY F 8 -7.34 -30.39 -24.48
CA GLY F 8 -6.48 -30.92 -25.54
C GLY F 8 -6.58 -32.40 -25.85
N GLY F 9 -7.38 -33.12 -25.06
CA GLY F 9 -7.57 -34.56 -25.25
C GLY F 9 -8.38 -34.91 -26.48
N GLY F 10 -8.41 -36.20 -26.80
CA GLY F 10 -9.16 -36.69 -27.96
C GLY F 10 -8.62 -37.94 -28.60
N LEU F 11 -9.07 -38.22 -29.84
CA LEU F 11 -8.68 -39.39 -30.61
C LEU F 11 -7.58 -39.03 -31.61
N VAL F 12 -6.57 -39.92 -31.75
CA VAL F 12 -5.44 -39.76 -32.68
C VAL F 12 -4.96 -41.14 -33.16
N GLN F 13 -4.43 -41.21 -34.40
CA GLN F 13 -3.85 -42.44 -34.96
C GLN F 13 -2.43 -42.56 -34.41
N ALA F 14 -1.94 -43.79 -34.21
CA ALA F 14 -0.59 -44.08 -33.70
C ALA F 14 0.49 -43.41 -34.52
N GLY F 15 1.52 -42.90 -33.84
CA GLY F 15 2.62 -42.15 -34.43
C GLY F 15 2.31 -40.67 -34.47
N GLY F 16 1.06 -40.34 -34.15
CA GLY F 16 0.55 -38.97 -34.12
C GLY F 16 1.04 -38.15 -32.96
N SER F 17 0.47 -36.93 -32.84
CA SER F 17 0.83 -35.96 -31.82
C SER F 17 -0.37 -35.26 -31.25
N LEU F 18 -0.26 -34.85 -29.98
CA LEU F 18 -1.32 -34.16 -29.25
C LEU F 18 -0.70 -33.27 -28.19
N ARG F 19 -1.27 -32.08 -27.98
CA ARG F 19 -0.79 -31.14 -26.97
C ARG F 19 -1.87 -30.85 -25.94
N LEU F 20 -1.56 -31.17 -24.67
CA LEU F 20 -2.50 -30.93 -23.58
C LEU F 20 -2.14 -29.66 -22.84
N SER F 21 -3.16 -28.92 -22.39
CA SER F 21 -2.97 -27.70 -21.63
C SER F 21 -3.65 -27.83 -20.29
N CYS F 22 -3.19 -27.06 -19.31
CA CYS F 22 -3.80 -27.06 -17.98
C CYS F 22 -3.64 -25.69 -17.36
N THR F 23 -4.75 -24.98 -17.19
CA THR F 23 -4.71 -23.65 -16.60
C THR F 23 -5.08 -23.76 -15.12
N ALA F 24 -4.35 -23.05 -14.27
CA ALA F 24 -4.65 -23.11 -12.84
C ALA F 24 -5.12 -21.75 -12.39
N SER F 25 -6.22 -21.70 -11.64
CA SER F 25 -6.66 -20.40 -11.16
C SER F 25 -6.50 -20.35 -9.65
N GLY F 26 -5.73 -19.39 -9.19
CA GLY F 26 -5.44 -19.23 -7.78
C GLY F 26 -4.11 -18.54 -7.59
N ARG F 27 -3.77 -18.28 -6.33
CA ARG F 27 -2.55 -17.54 -5.98
C ARG F 27 -1.31 -18.41 -5.87
N ALA F 28 -0.14 -17.80 -6.15
CA ALA F 28 1.20 -18.37 -6.06
C ALA F 28 1.39 -19.63 -6.87
N PHE F 29 1.05 -19.56 -8.17
CA PHE F 29 1.20 -20.70 -9.10
C PHE F 29 2.62 -21.23 -9.12
N SER F 30 3.60 -20.31 -9.13
CA SER F 30 5.04 -20.58 -9.14
C SER F 30 5.52 -21.42 -7.92
N TRP F 31 4.74 -21.48 -6.83
CA TRP F 31 5.10 -22.27 -5.64
C TRP F 31 4.91 -23.78 -5.92
N TYR F 32 3.93 -24.10 -6.76
CA TYR F 32 3.53 -25.46 -7.05
C TYR F 32 4.38 -26.17 -8.04
N VAL F 33 4.60 -27.46 -7.79
CA VAL F 33 5.31 -28.34 -8.71
C VAL F 33 4.15 -28.95 -9.47
N MET F 34 4.12 -28.70 -10.80
CA MET F 34 3.04 -29.20 -11.65
C MET F 34 3.40 -30.55 -12.22
N GLY F 35 2.40 -31.39 -12.40
CA GLY F 35 2.63 -32.72 -12.95
C GLY F 35 1.47 -33.25 -13.76
N TRP F 36 1.81 -34.08 -14.77
CA TRP F 36 0.86 -34.77 -15.64
C TRP F 36 0.86 -36.22 -15.23
N PHE F 37 -0.34 -36.75 -15.02
CA PHE F 37 -0.57 -38.10 -14.55
C PHE F 37 -1.59 -38.79 -15.42
N ARG F 38 -1.41 -40.09 -15.69
CA ARG F 38 -2.36 -40.82 -16.51
C ARG F 38 -2.97 -42.00 -15.79
N GLN F 39 -4.30 -42.18 -15.98
CA GLN F 39 -5.03 -43.30 -15.41
C GLN F 39 -5.56 -44.18 -16.54
N ALA F 40 -4.84 -45.29 -16.77
CA ALA F 40 -5.16 -46.29 -17.77
C ALA F 40 -6.34 -47.13 -17.28
N PRO F 41 -7.21 -47.65 -18.19
CA PRO F 41 -8.36 -48.46 -17.73
C PRO F 41 -7.89 -49.64 -16.93
N GLY F 42 -8.39 -49.74 -15.71
CA GLY F 42 -8.02 -50.80 -14.78
C GLY F 42 -6.84 -50.46 -13.88
N LYS F 43 -5.95 -49.56 -14.35
CA LYS F 43 -4.77 -49.14 -13.60
C LYS F 43 -5.01 -47.90 -12.68
N GLU F 44 -4.04 -47.67 -11.77
CA GLU F 44 -4.01 -46.54 -10.85
C GLU F 44 -3.44 -45.32 -11.61
N ARG F 45 -3.45 -44.13 -10.99
CA ARG F 45 -2.88 -42.94 -11.62
C ARG F 45 -1.37 -43.04 -11.58
N GLU F 46 -0.74 -43.03 -12.74
CA GLU F 46 0.71 -43.13 -12.85
C GLU F 46 1.28 -41.78 -13.26
N PHE F 47 2.48 -41.46 -12.75
CA PHE F 47 3.23 -40.26 -13.08
C PHE F 47 3.65 -40.29 -14.56
N VAL F 48 3.56 -39.13 -15.23
CA VAL F 48 3.95 -38.98 -16.64
C VAL F 48 5.14 -38.03 -16.74
N ALA F 49 4.96 -36.78 -16.25
CA ALA F 49 5.98 -35.72 -16.29
C ALA F 49 5.71 -34.69 -15.21
N THR F 50 6.79 -34.02 -14.70
CA THR F 50 6.69 -32.97 -13.67
C THR F 50 7.59 -31.79 -13.95
N VAL F 51 7.20 -30.58 -13.51
CA VAL F 51 7.95 -29.32 -13.60
C VAL F 51 8.03 -28.66 -12.25
N SER F 52 9.21 -28.13 -11.91
CA SER F 52 9.35 -27.37 -10.69
C SER F 52 8.69 -26.01 -10.93
N GLY F 53 8.45 -25.28 -9.85
CA GLY F 53 7.77 -23.99 -9.84
C GLY F 53 8.22 -22.99 -10.86
N ASN F 54 9.53 -22.86 -11.06
CA ASN F 54 10.09 -21.92 -12.03
C ASN F 54 10.41 -22.60 -13.36
N GLY F 55 10.38 -23.91 -13.37
CA GLY F 55 10.64 -24.68 -14.57
C GLY F 55 12.05 -25.19 -14.74
N SER F 56 12.89 -25.02 -13.71
CA SER F 56 14.26 -25.50 -13.76
C SER F 56 14.43 -27.01 -13.73
N ARG F 57 13.46 -27.71 -13.15
CA ARG F 57 13.50 -29.16 -13.04
C ARG F 57 12.33 -29.80 -13.75
N ARG F 58 12.63 -30.70 -14.69
CA ARG F 58 11.64 -31.46 -15.47
C ARG F 58 12.01 -32.93 -15.40
N ASP F 59 11.03 -33.78 -15.03
CA ASP F 59 11.24 -35.22 -14.93
C ASP F 59 10.13 -35.95 -15.65
N TYR F 60 10.48 -37.05 -16.30
CA TYR F 60 9.55 -37.85 -17.11
C TYR F 60 9.59 -39.32 -16.74
N ALA F 61 8.46 -40.02 -16.96
CA ALA F 61 8.32 -41.46 -16.81
C ALA F 61 9.17 -42.09 -17.90
N ASP F 62 9.85 -43.21 -17.60
CA ASP F 62 10.73 -43.90 -18.56
C ASP F 62 10.06 -44.21 -19.90
N SER F 63 8.79 -44.63 -19.83
CA SER F 63 7.94 -44.96 -20.98
C SER F 63 7.73 -43.80 -21.95
N VAL F 64 7.61 -42.57 -21.44
CA VAL F 64 7.33 -41.37 -22.25
C VAL F 64 8.59 -40.59 -22.63
N LYS F 65 9.74 -40.84 -21.94
CA LYS F 65 11.03 -40.17 -22.17
C LYS F 65 11.39 -40.13 -23.66
N GLY F 66 11.78 -38.95 -24.13
CA GLY F 66 12.14 -38.72 -25.51
C GLY F 66 10.98 -38.47 -26.48
N ARG F 67 9.73 -38.66 -26.02
CA ARG F 67 8.54 -38.45 -26.85
C ARG F 67 7.65 -37.35 -26.29
N PHE F 68 7.58 -37.23 -24.95
CA PHE F 68 6.76 -36.23 -24.27
C PHE F 68 7.62 -35.12 -23.71
N THR F 69 7.06 -33.88 -23.69
CA THR F 69 7.74 -32.69 -23.18
C THR F 69 6.81 -31.86 -22.32
N ILE F 70 7.25 -31.60 -21.09
CA ILE F 70 6.50 -30.77 -20.14
C ILE F 70 7.03 -29.33 -20.15
N SER F 71 6.13 -28.33 -20.24
CA SER F 71 6.50 -26.92 -20.25
C SER F 71 5.58 -26.10 -19.36
N ARG F 72 6.04 -24.92 -18.97
CA ARG F 72 5.30 -24.05 -18.08
C ARG F 72 5.31 -22.59 -18.51
N ASP F 73 4.21 -21.86 -18.21
CA ASP F 73 4.08 -20.42 -18.44
C ASP F 73 3.43 -19.82 -17.21
N ASN F 74 4.26 -19.36 -16.30
CA ASN F 74 3.83 -18.78 -15.04
C ASN F 74 3.05 -17.51 -15.21
N ALA F 75 3.29 -16.77 -16.31
CA ALA F 75 2.58 -15.53 -16.61
C ALA F 75 1.14 -15.83 -17.01
N LYS F 76 0.93 -16.99 -17.67
CA LYS F 76 -0.36 -17.44 -18.16
C LYS F 76 -1.00 -18.46 -17.24
N ASN F 77 -0.31 -18.81 -16.10
CA ASN F 77 -0.74 -19.82 -15.10
C ASN F 77 -1.08 -21.14 -15.77
N THR F 78 -0.31 -21.52 -16.79
CA THR F 78 -0.58 -22.78 -17.48
C THR F 78 0.65 -23.69 -17.52
N VAL F 79 0.37 -24.99 -17.63
CA VAL F 79 1.35 -26.06 -17.79
C VAL F 79 0.90 -26.86 -19.03
N TYR F 80 1.86 -27.26 -19.88
CA TYR F 80 1.55 -28.00 -21.09
C TYR F 80 2.25 -29.35 -21.17
N LEU F 81 1.68 -30.26 -21.94
CA LEU F 81 2.24 -31.58 -22.22
C LEU F 81 2.15 -31.87 -23.73
N GLN F 82 3.31 -31.83 -24.38
CA GLN F 82 3.42 -32.13 -25.80
C GLN F 82 3.71 -33.61 -25.91
N MET F 83 2.75 -34.36 -26.46
CA MET F 83 2.85 -35.80 -26.61
C MET F 83 3.09 -36.14 -28.08
N ASN F 84 4.35 -36.41 -28.45
CA ASN F 84 4.70 -36.78 -29.83
C ASN F 84 4.82 -38.29 -29.94
N SER F 85 4.82 -38.81 -31.19
CA SER F 85 4.98 -40.23 -31.53
C SER F 85 4.20 -41.15 -30.58
N LEU F 86 2.87 -40.94 -30.52
CA LEU F 86 2.00 -41.69 -29.62
C LEU F 86 1.86 -43.16 -30.01
N LYS F 87 1.80 -44.01 -28.99
CA LYS F 87 1.60 -45.46 -29.09
C LYS F 87 0.22 -45.78 -28.50
N PRO F 88 -0.45 -46.91 -28.86
CA PRO F 88 -1.76 -47.21 -28.25
C PRO F 88 -1.73 -47.38 -26.71
N GLU F 89 -0.53 -47.61 -26.13
CA GLU F 89 -0.28 -47.74 -24.69
C GLU F 89 -0.62 -46.45 -23.91
N ASP F 90 -0.46 -45.30 -24.56
CA ASP F 90 -0.70 -43.99 -23.96
C ASP F 90 -2.18 -43.63 -23.81
N THR F 91 -3.10 -44.53 -24.22
CA THR F 91 -4.55 -44.31 -24.06
C THR F 91 -4.85 -44.34 -22.56
N ALA F 92 -5.30 -43.19 -22.02
CA ALA F 92 -5.60 -43.02 -20.60
C ALA F 92 -6.21 -41.65 -20.36
N VAL F 93 -6.75 -41.43 -19.15
CA VAL F 93 -7.28 -40.12 -18.78
C VAL F 93 -6.11 -39.34 -18.21
N TYR F 94 -5.72 -38.24 -18.88
CA TYR F 94 -4.61 -37.42 -18.45
C TYR F 94 -5.07 -36.34 -17.51
N TYR F 95 -4.49 -36.36 -16.32
CA TYR F 95 -4.75 -35.45 -15.23
C TYR F 95 -3.58 -34.51 -15.03
N CYS F 96 -3.89 -33.29 -14.63
CA CYS F 96 -2.92 -32.27 -14.32
C CYS F 96 -3.07 -32.02 -12.83
N ALA F 97 -1.94 -32.05 -12.09
CA ALA F 97 -1.93 -31.90 -10.64
C ALA F 97 -0.85 -30.97 -10.12
N ALA F 98 -1.14 -30.33 -8.97
CA ALA F 98 -0.23 -29.39 -8.32
C ALA F 98 0.20 -29.89 -6.94
N SER F 99 1.48 -29.76 -6.61
CA SER F 99 2.06 -30.16 -5.35
C SER F 99 2.66 -28.97 -4.65
N SER F 100 2.29 -28.78 -3.37
CA SER F 100 2.79 -27.69 -2.55
C SER F 100 4.13 -28.03 -1.87
N THR F 101 4.65 -29.19 -2.19
CA THR F 101 5.89 -29.63 -1.62
C THR F 101 6.93 -29.85 -2.69
N TYR F 102 8.17 -29.51 -2.38
CA TYR F 102 9.24 -29.60 -3.34
C TYR F 102 9.82 -30.94 -3.63
N TYR F 103 9.78 -31.20 -4.92
CA TYR F 103 10.26 -32.33 -5.65
C TYR F 103 10.01 -33.78 -5.48
N TYR F 104 8.76 -34.15 -5.69
CA TYR F 104 8.34 -35.52 -5.66
C TYR F 104 7.60 -35.85 -6.95
N THR F 105 7.78 -37.06 -7.47
CA THR F 105 7.12 -37.50 -8.70
C THR F 105 5.93 -38.42 -8.39
N ASP F 106 5.75 -38.76 -7.11
CA ASP F 106 4.71 -39.63 -6.62
C ASP F 106 3.37 -38.86 -6.54
N PRO F 107 2.29 -39.38 -7.19
CA PRO F 107 0.98 -38.68 -7.12
C PRO F 107 0.40 -38.47 -5.73
N GLU F 108 0.91 -39.22 -4.72
CA GLU F 108 0.47 -39.10 -3.32
C GLU F 108 0.85 -37.74 -2.72
N LYS F 109 1.88 -37.08 -3.28
CA LYS F 109 2.38 -35.78 -2.84
C LYS F 109 1.63 -34.59 -3.50
N TYR F 110 0.71 -34.88 -4.44
CA TYR F 110 -0.06 -33.88 -5.18
C TYR F 110 -1.45 -33.75 -4.61
N ASP F 111 -1.77 -32.57 -4.07
CA ASP F 111 -3.05 -32.28 -3.39
C ASP F 111 -4.16 -31.81 -4.31
N TYR F 112 -3.85 -30.92 -5.28
CA TYR F 112 -4.84 -30.35 -6.19
C TYR F 112 -4.81 -31.03 -7.53
N TRP F 113 -5.99 -31.44 -8.02
CA TRP F 113 -6.16 -32.19 -9.26
C TRP F 113 -7.22 -31.59 -10.16
N GLY F 114 -7.07 -31.82 -11.46
CA GLY F 114 -8.04 -31.37 -12.47
C GLY F 114 -9.06 -32.45 -12.77
N GLN F 115 -10.02 -32.15 -13.69
CA GLN F 115 -11.07 -33.08 -14.10
C GLN F 115 -10.55 -34.28 -14.92
N GLY F 116 -9.52 -34.04 -15.71
CA GLY F 116 -8.91 -35.03 -16.60
C GLY F 116 -9.43 -34.93 -18.03
N THR F 117 -8.64 -35.42 -19.00
CA THR F 117 -9.02 -35.48 -20.42
C THR F 117 -8.69 -36.84 -20.99
N GLN F 118 -9.64 -37.44 -21.70
CA GLN F 118 -9.43 -38.75 -22.30
C GLN F 118 -8.59 -38.59 -23.57
N VAL F 119 -7.55 -39.43 -23.68
CA VAL F 119 -6.68 -39.46 -24.85
C VAL F 119 -6.77 -40.89 -25.38
N THR F 120 -7.15 -41.03 -26.66
CA THR F 120 -7.32 -42.31 -27.34
C THR F 120 -6.43 -42.39 -28.55
N VAL F 121 -5.56 -43.39 -28.56
CA VAL F 121 -4.60 -43.66 -29.63
C VAL F 121 -5.03 -44.96 -30.30
N SER F 122 -5.52 -44.83 -31.54
CA SER F 122 -6.00 -45.92 -32.39
C SER F 122 -4.89 -46.48 -33.30
N SER F 123 -5.21 -47.51 -34.12
CA SER F 123 -4.30 -48.15 -35.07
C SER F 123 -5.04 -48.49 -36.38
N GLU G 6 41.88 -18.79 -12.68
CA GLU G 6 40.65 -18.32 -12.06
C GLU G 6 39.66 -19.46 -11.76
N VAL G 7 39.20 -20.19 -12.80
CA VAL G 7 38.29 -21.33 -12.64
C VAL G 7 38.95 -22.58 -13.23
N VAL G 8 39.09 -23.64 -12.42
CA VAL G 8 39.72 -24.89 -12.87
C VAL G 8 38.89 -26.11 -12.43
N MET G 9 38.71 -27.09 -13.33
CA MET G 9 38.02 -28.37 -13.09
C MET G 9 38.89 -29.48 -13.68
N GLU G 10 39.23 -30.49 -12.86
CA GLU G 10 40.08 -31.62 -13.23
C GLU G 10 39.40 -32.95 -12.96
N ASN G 11 39.17 -33.76 -14.03
CA ASN G 11 38.55 -35.10 -13.99
C ASN G 11 37.30 -35.13 -13.08
N VAL G 12 36.45 -34.09 -13.19
CA VAL G 12 35.27 -33.92 -12.34
C VAL G 12 34.08 -34.72 -12.85
N THR G 13 33.47 -35.49 -11.95
CA THR G 13 32.27 -36.28 -12.20
C THR G 13 31.36 -36.09 -10.99
N ALA G 14 30.03 -35.98 -11.22
CA ALA G 14 29.06 -35.83 -10.15
C ALA G 14 27.73 -36.49 -10.50
N PHE G 15 26.95 -36.82 -9.46
CA PHE G 15 25.64 -37.47 -9.58
C PHE G 15 24.62 -36.67 -8.77
N TRP G 16 23.39 -36.55 -9.29
CA TRP G 16 22.31 -35.89 -8.58
C TRP G 16 21.68 -36.89 -7.60
N GLU G 17 21.60 -38.16 -8.01
CA GLU G 17 21.05 -39.26 -7.21
C GLU G 17 22.09 -40.39 -7.09
N GLU G 18 22.34 -40.86 -5.84
CA GLU G 18 23.26 -41.96 -5.52
C GLU G 18 22.86 -43.24 -6.28
N GLY G 19 23.82 -43.82 -6.99
CA GLY G 19 23.60 -45.02 -7.80
C GLY G 19 22.86 -44.79 -9.10
N GLY G 20 22.79 -43.54 -9.53
CA GLY G 20 22.16 -43.16 -10.78
C GLY G 20 23.18 -42.95 -11.87
N THR G 21 22.78 -42.28 -12.96
CA THR G 21 23.68 -41.96 -14.08
C THR G 21 24.39 -40.63 -13.72
N PRO G 22 25.72 -40.50 -13.94
CA PRO G 22 26.36 -39.22 -13.59
C PRO G 22 25.90 -38.09 -14.51
N VAL G 23 25.53 -36.95 -13.89
CA VAL G 23 25.06 -35.76 -14.61
C VAL G 23 26.21 -35.13 -15.40
N LEU G 24 27.44 -35.26 -14.90
CA LEU G 24 28.66 -34.77 -15.53
C LEU G 24 29.72 -35.85 -15.39
N LYS G 25 30.35 -36.21 -16.51
CA LYS G 25 31.36 -37.26 -16.63
C LYS G 25 32.70 -36.76 -17.16
N ASP G 26 33.74 -36.84 -16.32
CA ASP G 26 35.15 -36.46 -16.53
C ASP G 26 35.28 -35.09 -17.22
N ILE G 27 34.94 -34.02 -16.46
CA ILE G 27 34.98 -32.66 -16.96
C ILE G 27 36.31 -32.02 -16.63
N ASN G 28 36.95 -31.43 -17.66
CA ASN G 28 38.25 -30.77 -17.57
C ASN G 28 38.21 -29.44 -18.27
N PHE G 29 38.71 -28.38 -17.60
CA PHE G 29 38.85 -27.02 -18.14
C PHE G 29 39.57 -26.08 -17.19
N LYS G 30 40.22 -25.05 -17.77
CA LYS G 30 40.93 -24.00 -17.05
C LYS G 30 40.61 -22.67 -17.72
N ILE G 31 39.89 -21.79 -17.00
CA ILE G 31 39.52 -20.46 -17.47
C ILE G 31 40.36 -19.42 -16.73
N GLU G 32 41.22 -18.72 -17.48
CA GLU G 32 42.12 -17.69 -16.94
C GLU G 32 41.33 -16.43 -16.59
N ARG G 33 41.92 -15.54 -15.78
CA ARG G 33 41.32 -14.27 -15.37
C ARG G 33 40.88 -13.41 -16.57
N GLY G 34 39.66 -12.88 -16.49
CA GLY G 34 39.06 -12.02 -17.50
C GLY G 34 38.64 -12.69 -18.80
N GLN G 35 38.70 -14.04 -18.88
CA GLN G 35 38.35 -14.78 -20.09
C GLN G 35 36.85 -15.12 -20.19
N LEU G 36 36.36 -15.40 -21.42
CA LEU G 36 34.98 -15.81 -21.68
C LEU G 36 34.91 -17.26 -22.13
N LEU G 37 34.31 -18.11 -21.30
CA LEU G 37 34.10 -19.52 -21.61
C LEU G 37 32.67 -19.70 -22.06
N ALA G 38 32.48 -20.29 -23.25
CA ALA G 38 31.15 -20.57 -23.77
C ALA G 38 30.83 -22.03 -23.50
N VAL G 39 29.68 -22.28 -22.87
CA VAL G 39 29.24 -23.63 -22.56
C VAL G 39 28.03 -23.96 -23.44
N ALA G 40 28.26 -24.78 -24.47
CA ALA G 40 27.24 -25.21 -25.42
C ALA G 40 26.82 -26.65 -25.16
N GLY G 41 25.73 -27.05 -25.79
CA GLY G 41 25.20 -28.40 -25.67
C GLY G 41 23.72 -28.53 -25.92
N SER G 42 23.27 -29.79 -26.07
CA SER G 42 21.87 -30.15 -26.28
C SER G 42 21.10 -29.94 -24.98
N THR G 43 19.76 -29.95 -25.03
CA THR G 43 18.95 -29.81 -23.82
C THR G 43 19.16 -31.04 -22.93
N GLY G 44 19.47 -30.78 -21.65
CA GLY G 44 19.74 -31.80 -20.64
C GLY G 44 21.17 -32.31 -20.60
N ALA G 45 22.09 -31.66 -21.36
CA ALA G 45 23.52 -32.01 -21.43
C ALA G 45 24.28 -31.93 -20.09
N GLY G 46 23.82 -31.07 -19.16
CA GLY G 46 24.41 -30.89 -17.85
C GLY G 46 25.06 -29.54 -17.63
N LYS G 47 24.79 -28.56 -18.53
CA LYS G 47 25.31 -27.19 -18.51
C LYS G 47 24.99 -26.45 -17.20
N THR G 48 23.70 -26.36 -16.82
CA THR G 48 23.27 -25.70 -15.59
C THR G 48 23.90 -26.41 -14.40
N SER G 49 23.88 -27.77 -14.42
CA SER G 49 24.46 -28.65 -13.40
C SER G 49 25.95 -28.35 -13.19
N LEU G 50 26.68 -28.01 -14.28
CA LEU G 50 28.10 -27.64 -14.20
C LEU G 50 28.24 -26.32 -13.42
N LEU G 51 27.33 -25.36 -13.68
CA LEU G 51 27.34 -24.06 -12.99
C LEU G 51 26.95 -24.25 -11.53
N MET G 52 26.00 -25.18 -11.25
CA MET G 52 25.52 -25.54 -9.90
C MET G 52 26.69 -26.09 -9.08
N MET G 53 27.64 -26.75 -9.74
CA MET G 53 28.84 -27.34 -9.15
C MET G 53 29.80 -26.26 -8.73
N ILE G 54 29.97 -25.23 -9.57
CA ILE G 54 30.83 -24.06 -9.31
C ILE G 54 30.27 -23.30 -8.09
N MET G 55 28.93 -23.29 -7.96
CA MET G 55 28.22 -22.64 -6.85
C MET G 55 28.27 -23.45 -5.54
N GLY G 56 28.59 -24.74 -5.64
CA GLY G 56 28.69 -25.63 -4.50
C GLY G 56 27.41 -26.37 -4.21
N GLU G 57 26.38 -26.14 -5.03
CA GLU G 57 25.09 -26.82 -4.91
C GLU G 57 25.19 -28.27 -5.37
N LEU G 58 26.23 -28.62 -6.13
CA LEU G 58 26.48 -29.99 -6.59
C LEU G 58 27.90 -30.35 -6.19
N GLU G 59 28.02 -31.43 -5.38
CA GLU G 59 29.30 -31.93 -4.88
C GLU G 59 29.86 -33.00 -5.83
N PRO G 60 31.13 -32.87 -6.26
CA PRO G 60 31.69 -33.90 -7.16
C PRO G 60 31.97 -35.20 -6.43
N SER G 61 31.68 -36.34 -7.09
CA SER G 61 31.96 -37.67 -6.55
C SER G 61 33.46 -37.97 -6.73
N GLU G 62 34.04 -37.46 -7.84
CA GLU G 62 35.45 -37.57 -8.21
C GLU G 62 35.91 -36.27 -8.87
N GLY G 63 37.19 -35.95 -8.71
CA GLY G 63 37.78 -34.75 -9.30
C GLY G 63 37.92 -33.58 -8.36
N LYS G 64 38.47 -32.46 -8.88
CA LYS G 64 38.71 -31.24 -8.11
C LYS G 64 38.31 -29.94 -8.84
N ILE G 65 37.73 -28.98 -8.09
CA ILE G 65 37.32 -27.65 -8.58
C ILE G 65 38.02 -26.56 -7.78
N LYS G 66 38.61 -25.56 -8.48
CA LYS G 66 39.28 -24.43 -7.84
C LYS G 66 38.77 -23.08 -8.39
N HIS G 67 38.46 -22.11 -7.46
CA HIS G 67 38.00 -20.74 -7.80
C HIS G 67 37.99 -19.74 -6.63
N SER G 68 37.93 -18.41 -6.96
CA SER G 68 37.80 -17.32 -5.97
C SER G 68 36.30 -17.12 -5.68
N GLY G 69 35.96 -17.05 -4.39
CA GLY G 69 34.58 -16.94 -3.89
C GLY G 69 33.62 -15.93 -4.48
N ARG G 70 34.12 -14.81 -5.04
CA ARG G 70 33.26 -13.75 -5.61
C ARG G 70 32.57 -14.15 -6.92
N ILE G 71 31.35 -14.71 -6.80
CA ILE G 71 30.53 -15.17 -7.93
C ILE G 71 29.20 -14.44 -8.00
N SER G 72 28.80 -14.06 -9.22
CA SER G 72 27.50 -13.47 -9.54
C SER G 72 26.84 -14.40 -10.56
N PHE G 73 25.70 -14.96 -10.18
CA PHE G 73 25.01 -15.93 -11.02
C PHE G 73 23.72 -15.43 -11.61
N CYS G 74 23.59 -15.58 -12.93
CA CYS G 74 22.41 -15.24 -13.69
C CYS G 74 21.73 -16.53 -14.11
N SER G 75 20.53 -16.76 -13.54
CA SER G 75 19.70 -17.95 -13.79
C SER G 75 19.13 -17.95 -15.21
N GLN G 76 18.80 -19.15 -15.70
CA GLN G 76 18.10 -19.35 -16.98
C GLN G 76 16.70 -18.78 -16.84
N PHE G 77 16.15 -18.90 -15.63
CA PHE G 77 14.81 -18.51 -15.22
C PHE G 77 14.82 -17.23 -14.40
N SER G 78 14.32 -16.16 -15.02
CA SER G 78 14.20 -14.82 -14.46
C SER G 78 13.36 -14.83 -13.21
N TRP G 79 13.77 -14.06 -12.22
CA TRP G 79 13.07 -13.91 -10.96
C TRP G 79 13.04 -12.47 -10.57
N ILE G 80 11.89 -12.04 -10.07
CA ILE G 80 11.65 -10.64 -9.73
C ILE G 80 11.08 -10.51 -8.36
N MET G 81 11.71 -9.69 -7.51
CA MET G 81 11.27 -9.47 -6.14
C MET G 81 10.26 -8.34 -6.07
N PRO G 82 9.34 -8.35 -5.07
CA PRO G 82 8.38 -7.26 -4.98
C PRO G 82 9.12 -5.99 -4.63
N GLY G 83 8.83 -4.93 -5.37
CA GLY G 83 9.50 -3.64 -5.17
C GLY G 83 9.70 -2.95 -6.48
N THR G 84 10.42 -1.83 -6.49
CA THR G 84 10.63 -1.06 -7.71
C THR G 84 11.67 -1.74 -8.62
N ILE G 85 11.84 -1.20 -9.85
CA ILE G 85 12.83 -1.69 -10.80
C ILE G 85 14.23 -1.49 -10.19
N LYS G 86 14.49 -0.28 -9.65
CA LYS G 86 15.76 0.08 -9.01
C LYS G 86 16.07 -0.91 -7.88
N GLU G 87 15.08 -1.18 -7.00
CA GLU G 87 15.16 -2.11 -5.87
C GLU G 87 15.57 -3.49 -6.37
N ASN G 88 15.02 -3.93 -7.53
CA ASN G 88 15.33 -5.22 -8.13
C ASN G 88 16.74 -5.30 -8.70
N ILE G 89 17.23 -4.24 -9.34
CA ILE G 89 18.55 -4.27 -9.95
C ILE G 89 19.68 -4.12 -8.90
N ILE G 90 19.61 -3.10 -8.06
CA ILE G 90 20.60 -2.91 -7.02
C ILE G 90 20.62 -3.96 -5.94
N PHE G 91 19.46 -4.42 -5.50
CA PHE G 91 19.35 -5.44 -4.48
C PHE G 91 20.15 -5.12 -3.23
N GLY G 92 20.94 -6.07 -2.78
CA GLY G 92 21.77 -5.86 -1.63
C GLY G 92 22.83 -4.81 -1.81
N VAL G 93 23.37 -4.73 -3.00
CA VAL G 93 24.50 -3.85 -3.35
C VAL G 93 24.15 -2.35 -3.15
N SER G 94 25.16 -1.55 -2.77
CA SER G 94 25.16 -0.09 -2.60
C SER G 94 24.92 0.57 -3.98
N TYR G 95 24.28 1.75 -3.96
CA TYR G 95 23.97 2.44 -5.19
C TYR G 95 25.05 3.38 -5.69
N ASP G 96 25.45 3.22 -6.97
CA ASP G 96 26.35 4.13 -7.70
C ASP G 96 25.65 4.46 -9.01
N GLU G 97 25.33 5.75 -9.22
CA GLU G 97 24.61 6.24 -10.40
C GLU G 97 25.24 5.81 -11.71
N TYR G 98 26.55 6.05 -11.86
CA TYR G 98 27.31 5.73 -13.06
C TYR G 98 27.18 4.24 -13.40
N ARG G 99 27.49 3.37 -12.43
CA ARG G 99 27.41 1.92 -12.56
C ARG G 99 26.00 1.49 -12.92
N TYR G 100 24.98 2.05 -12.22
CA TYR G 100 23.57 1.75 -12.40
C TYR G 100 23.07 2.10 -13.78
N ARG G 101 23.21 3.38 -14.16
CA ARG G 101 22.78 3.87 -15.47
C ARG G 101 23.55 3.25 -16.63
N SER G 102 24.82 2.81 -16.40
CA SER G 102 25.64 2.14 -17.41
C SER G 102 25.15 0.73 -17.66
N VAL G 103 24.80 0.00 -16.56
CA VAL G 103 24.27 -1.36 -16.58
C VAL G 103 22.92 -1.39 -17.33
N ILE G 104 21.99 -0.48 -16.97
CA ILE G 104 20.67 -0.30 -17.60
C ILE G 104 20.84 -0.12 -19.13
N LYS G 105 21.74 0.80 -19.54
CA LYS G 105 22.03 1.11 -20.95
C LYS G 105 22.46 -0.18 -21.66
N ALA G 106 23.48 -0.86 -21.12
CA ALA G 106 24.06 -2.10 -21.65
C ALA G 106 23.05 -3.23 -21.75
N CYS G 107 22.14 -3.34 -20.77
CA CYS G 107 21.13 -4.39 -20.73
C CYS G 107 19.83 -4.04 -21.44
N GLN G 108 19.84 -2.99 -22.30
CA GLN G 108 18.70 -2.54 -23.10
C GLN G 108 17.45 -2.27 -22.27
N LEU G 109 17.62 -1.60 -21.10
CA LEU G 109 16.50 -1.31 -20.24
C LEU G 109 16.07 0.16 -20.21
N GLU G 110 16.95 1.09 -20.61
CA GLU G 110 16.70 2.54 -20.57
C GLU G 110 15.40 2.95 -21.22
N GLU G 111 15.17 2.53 -22.48
CA GLU G 111 13.97 2.85 -23.25
C GLU G 111 12.70 2.38 -22.57
N ASP G 112 12.67 1.11 -22.08
CA ASP G 112 11.53 0.52 -21.35
C ASP G 112 11.23 1.31 -20.08
N ILE G 113 12.27 1.52 -19.25
CA ILE G 113 12.17 2.27 -17.99
C ILE G 113 11.71 3.71 -18.24
N SER G 114 12.29 4.41 -19.23
CA SER G 114 11.88 5.79 -19.51
C SER G 114 10.46 5.89 -20.10
N LYS G 115 9.88 4.75 -20.58
CA LYS G 115 8.51 4.76 -21.08
C LYS G 115 7.51 5.00 -19.92
N PHE G 116 7.88 4.57 -18.68
CA PHE G 116 7.06 4.77 -17.47
C PHE G 116 7.25 6.17 -16.92
N ALA G 117 6.17 6.81 -16.42
CA ALA G 117 6.24 8.16 -15.85
C ALA G 117 7.04 8.17 -14.55
N GLU G 118 6.93 7.07 -13.75
CA GLU G 118 7.66 6.90 -12.51
C GLU G 118 9.08 6.34 -12.72
N LYS G 119 9.42 6.00 -13.99
CA LYS G 119 10.70 5.46 -14.40
C LYS G 119 11.07 4.22 -13.58
N ASP G 120 12.27 4.17 -12.97
CA ASP G 120 12.76 3.03 -12.19
C ASP G 120 12.02 2.84 -10.86
N ASN G 121 11.16 3.82 -10.50
CA ASN G 121 10.40 3.81 -9.26
C ASN G 121 9.01 3.16 -9.41
N ILE G 122 8.72 2.56 -10.57
CA ILE G 122 7.43 1.87 -10.69
C ILE G 122 7.56 0.57 -9.91
N VAL G 123 6.49 0.22 -9.20
CA VAL G 123 6.47 -1.00 -8.41
C VAL G 123 6.30 -2.22 -9.30
N LEU G 124 7.13 -3.22 -9.04
CA LEU G 124 7.12 -4.45 -9.79
C LEU G 124 6.47 -5.62 -9.09
N GLY G 125 6.67 -6.80 -9.67
CA GLY G 125 6.15 -8.04 -9.14
C GLY G 125 4.65 -8.07 -9.04
N GLY G 127 1.08 -7.22 -7.33
CA GLY G 127 0.62 -6.00 -6.69
C GLY G 127 1.28 -4.82 -7.37
N GLY G 128 1.49 -4.95 -8.67
CA GLY G 128 2.11 -3.95 -9.48
C GLY G 128 2.23 -4.44 -10.91
N ILE G 129 2.85 -3.64 -11.74
CA ILE G 129 3.01 -3.94 -13.15
C ILE G 129 3.53 -5.31 -13.52
N THR G 130 3.06 -5.86 -14.63
CA THR G 130 3.56 -7.12 -15.10
C THR G 130 4.30 -6.79 -16.35
N LEU G 131 5.52 -7.25 -16.39
CA LEU G 131 6.49 -7.05 -17.46
C LEU G 131 6.44 -8.22 -18.41
N SER G 132 7.07 -8.06 -19.59
CA SER G 132 7.18 -9.10 -20.60
C SER G 132 8.35 -10.01 -20.23
N GLY G 133 8.40 -11.19 -20.83
CA GLY G 133 9.46 -12.18 -20.61
C GLY G 133 10.84 -11.60 -20.84
N GLY G 134 10.96 -10.78 -21.88
CA GLY G 134 12.18 -10.08 -22.25
C GLY G 134 12.54 -9.02 -21.23
N GLN G 135 11.54 -8.23 -20.77
CA GLN G 135 11.75 -7.19 -19.75
C GLN G 135 12.23 -7.85 -18.45
N ARG G 136 11.68 -8.99 -18.11
CA ARG G 136 12.05 -9.70 -16.91
C ARG G 136 13.44 -10.29 -17.00
N ALA G 137 13.76 -10.85 -18.13
CA ALA G 137 15.09 -11.42 -18.40
C ALA G 137 16.16 -10.32 -18.34
N ARG G 138 15.86 -9.12 -18.88
CA ARG G 138 16.77 -7.99 -18.88
C ARG G 138 17.02 -7.45 -17.48
N ILE G 139 15.96 -7.38 -16.64
CA ILE G 139 16.05 -6.95 -15.24
C ILE G 139 16.90 -7.94 -14.43
N SER G 140 16.69 -9.26 -14.67
CA SER G 140 17.47 -10.31 -14.01
C SER G 140 18.94 -10.25 -14.40
N LEU G 141 19.24 -10.04 -15.69
CA LEU G 141 20.61 -9.93 -16.16
C LEU G 141 21.26 -8.66 -15.60
N ALA G 142 20.52 -7.53 -15.59
CA ALA G 142 20.98 -6.24 -15.06
C ALA G 142 21.42 -6.38 -13.62
N ARG G 143 20.59 -7.05 -12.81
CA ARG G 143 20.85 -7.33 -11.40
C ARG G 143 22.16 -8.09 -11.23
N ALA G 144 22.38 -9.13 -12.03
CA ALA G 144 23.56 -9.98 -12.02
C ALA G 144 24.81 -9.22 -12.43
N VAL G 145 24.72 -8.40 -13.49
CA VAL G 145 25.88 -7.64 -13.95
C VAL G 145 26.14 -6.46 -13.02
N TYR G 146 25.10 -5.91 -12.32
CA TYR G 146 25.31 -4.81 -11.37
C TYR G 146 26.13 -5.27 -10.18
N LYS G 147 25.97 -6.54 -9.74
CA LYS G 147 26.70 -7.14 -8.61
C LYS G 147 28.17 -7.21 -9.02
N ASP G 148 29.07 -6.69 -8.19
CA ASP G 148 30.49 -6.73 -8.50
C ASP G 148 31.08 -8.03 -7.96
N ALA G 149 31.41 -8.94 -8.88
CA ALA G 149 32.00 -10.24 -8.57
C ALA G 149 33.21 -10.48 -9.44
N ASP G 150 34.01 -11.49 -9.11
CA ASP G 150 35.21 -11.84 -9.87
C ASP G 150 34.86 -12.76 -11.04
N LEU G 151 33.81 -13.58 -10.85
CA LEU G 151 33.31 -14.54 -11.82
C LEU G 151 31.81 -14.37 -12.08
N TYR G 152 31.44 -14.33 -13.37
CA TYR G 152 30.05 -14.20 -13.77
C TYR G 152 29.56 -15.44 -14.49
N LEU G 153 28.61 -16.14 -13.86
CA LEU G 153 28.01 -17.34 -14.42
C LEU G 153 26.68 -16.94 -15.04
N LEU G 154 26.63 -16.87 -16.40
CA LEU G 154 25.43 -16.47 -17.12
C LEU G 154 24.83 -17.65 -17.84
N ASP G 155 23.85 -18.27 -17.17
CA ASP G 155 23.18 -19.46 -17.70
C ASP G 155 22.05 -19.03 -18.61
N SER G 156 22.21 -19.29 -19.93
CA SER G 156 21.26 -18.98 -21.01
C SER G 156 20.41 -17.71 -20.73
N PRO G 157 21.03 -16.52 -20.57
CA PRO G 157 20.23 -15.32 -20.26
C PRO G 157 19.39 -14.81 -21.43
N PHE G 158 19.83 -15.09 -22.67
CA PHE G 158 19.16 -14.64 -23.90
C PHE G 158 18.05 -15.56 -24.41
N GLY G 159 17.74 -16.60 -23.64
CA GLY G 159 16.71 -17.59 -23.95
C GLY G 159 15.34 -17.06 -24.32
N TYR G 160 14.84 -16.03 -23.59
CA TYR G 160 13.53 -15.43 -23.82
C TYR G 160 13.62 -14.03 -24.44
N LEU G 161 14.76 -13.74 -25.08
CA LEU G 161 15.00 -12.45 -25.73
C LEU G 161 14.97 -12.59 -27.24
N ASP G 162 14.55 -11.53 -27.94
CA ASP G 162 14.55 -11.48 -29.40
C ASP G 162 16.00 -11.33 -29.87
N VAL G 163 16.30 -11.79 -31.09
CA VAL G 163 17.64 -11.80 -31.66
C VAL G 163 18.26 -10.38 -31.77
N LEU G 164 17.43 -9.35 -31.94
CA LEU G 164 17.93 -7.98 -32.05
C LEU G 164 18.44 -7.45 -30.72
N THR G 165 17.65 -7.65 -29.63
CA THR G 165 18.00 -7.23 -28.27
C THR G 165 19.20 -8.03 -27.80
N GLU G 166 19.15 -9.36 -28.00
CA GLU G 166 20.23 -10.27 -27.63
C GLU G 166 21.57 -9.81 -28.24
N LYS G 167 21.57 -9.41 -29.55
CA LYS G 167 22.75 -8.92 -30.25
C LYS G 167 23.31 -7.70 -29.54
N GLU G 168 22.43 -6.71 -29.23
CA GLU G 168 22.81 -5.47 -28.53
C GLU G 168 23.39 -5.77 -27.14
N ILE G 169 22.70 -6.61 -26.34
CA ILE G 169 23.13 -7.00 -24.99
C ILE G 169 24.46 -7.76 -25.02
N PHE G 170 24.60 -8.75 -25.91
CA PHE G 170 25.85 -9.52 -25.97
C PHE G 170 27.05 -8.62 -26.27
N GLU G 171 26.91 -7.76 -27.29
CA GLU G 171 27.96 -6.85 -27.73
C GLU G 171 28.31 -5.78 -26.69
N SER G 172 27.30 -5.05 -26.15
CA SER G 172 27.53 -3.96 -25.23
C SER G 172 27.65 -4.33 -23.74
N CYS G 173 27.06 -5.47 -23.31
CA CYS G 173 27.11 -5.88 -21.91
C CYS G 173 28.16 -6.96 -21.68
N VAL G 174 27.95 -8.18 -22.20
CA VAL G 174 28.85 -9.34 -22.05
C VAL G 174 30.26 -9.02 -22.57
N CYS G 175 30.37 -8.37 -23.75
CA CYS G 175 31.64 -8.07 -24.39
C CYS G 175 32.25 -6.73 -24.02
N LYS G 176 31.45 -5.65 -23.95
CA LYS G 176 31.99 -4.34 -23.65
C LYS G 176 32.02 -4.00 -22.16
N LEU G 177 30.86 -4.02 -21.48
CA LEU G 177 30.76 -3.66 -20.07
C LEU G 177 31.51 -4.59 -19.14
N MET G 178 31.42 -5.89 -19.39
CA MET G 178 32.06 -6.91 -18.56
C MET G 178 33.41 -7.37 -19.08
N ALA G 179 33.94 -6.70 -20.12
CA ALA G 179 35.18 -7.00 -20.86
C ALA G 179 36.35 -7.57 -20.05
N ASN G 180 36.60 -7.06 -18.84
CA ASN G 180 37.76 -7.48 -18.04
C ASN G 180 37.49 -8.51 -16.95
N LYS G 181 36.22 -8.95 -16.82
CA LYS G 181 35.78 -9.91 -15.82
C LYS G 181 35.74 -11.34 -16.38
N THR G 182 35.97 -12.37 -15.52
CA THR G 182 35.92 -13.80 -15.92
C THR G 182 34.43 -14.15 -16.06
N ARG G 183 34.03 -14.62 -17.26
CA ARG G 183 32.64 -14.92 -17.58
C ARG G 183 32.47 -16.32 -18.15
N ILE G 184 31.45 -17.04 -17.68
CA ILE G 184 31.06 -18.36 -18.18
C ILE G 184 29.65 -18.17 -18.72
N LEU G 185 29.52 -18.21 -20.05
CA LEU G 185 28.25 -18.00 -20.72
C LEU G 185 27.70 -19.28 -21.34
N VAL G 186 26.54 -19.73 -20.84
CA VAL G 186 25.86 -20.91 -21.36
C VAL G 186 25.10 -20.43 -22.62
N THR G 187 25.62 -20.80 -23.81
CA THR G 187 25.08 -20.43 -25.11
C THR G 187 25.44 -21.46 -26.18
N SER G 188 24.56 -21.68 -27.16
CA SER G 188 24.79 -22.60 -28.28
C SER G 188 24.80 -21.88 -29.63
N LYS G 189 24.97 -20.54 -29.59
CA LYS G 189 24.99 -19.67 -30.76
C LYS G 189 26.40 -19.45 -31.27
N MET G 190 26.60 -19.68 -32.59
CA MET G 190 27.88 -19.50 -33.28
C MET G 190 28.36 -18.05 -33.16
N GLU G 191 27.41 -17.12 -33.24
CA GLU G 191 27.57 -15.66 -33.14
C GLU G 191 28.24 -15.30 -31.81
N HIS G 192 27.90 -16.05 -30.75
CA HIS G 192 28.46 -15.85 -29.41
C HIS G 192 29.77 -16.60 -29.25
N LEU G 193 29.82 -17.81 -29.81
CA LEU G 193 30.98 -18.71 -29.76
C LEU G 193 32.22 -18.13 -30.42
N LYS G 194 32.05 -17.32 -31.49
CA LYS G 194 33.17 -16.68 -32.19
C LYS G 194 33.94 -15.71 -31.27
N LYS G 195 33.23 -15.07 -30.33
CA LYS G 195 33.81 -14.12 -29.39
C LYS G 195 34.36 -14.76 -28.10
N ALA G 196 34.22 -16.11 -27.96
CA ALA G 196 34.69 -16.83 -26.78
C ALA G 196 36.19 -17.07 -26.79
N ASP G 197 36.81 -17.09 -25.60
CA ASP G 197 38.23 -17.37 -25.41
C ASP G 197 38.44 -18.88 -25.51
N LYS G 198 37.59 -19.66 -24.81
CA LYS G 198 37.53 -21.12 -24.85
C LYS G 198 36.06 -21.56 -24.93
N ILE G 199 35.82 -22.77 -25.48
CA ILE G 199 34.49 -23.33 -25.70
C ILE G 199 34.41 -24.75 -25.15
N LEU G 200 33.37 -25.03 -24.35
CA LEU G 200 33.11 -26.36 -23.81
C LEU G 200 31.77 -26.84 -24.36
N ILE G 201 31.78 -27.96 -25.09
CA ILE G 201 30.55 -28.53 -25.65
C ILE G 201 30.22 -29.80 -24.90
N LEU G 202 29.05 -29.82 -24.26
CA LEU G 202 28.58 -30.95 -23.48
C LEU G 202 27.48 -31.71 -24.20
N HIS G 203 27.49 -33.04 -24.03
CA HIS G 203 26.47 -33.91 -24.58
C HIS G 203 26.31 -35.11 -23.68
N GLU G 204 25.13 -35.20 -23.02
CA GLU G 204 24.74 -36.25 -22.07
C GLU G 204 25.80 -36.42 -20.96
N GLY G 205 26.13 -35.31 -20.31
CA GLY G 205 27.11 -35.26 -19.22
C GLY G 205 28.56 -35.30 -19.63
N SER G 206 28.85 -35.64 -20.90
CA SER G 206 30.22 -35.76 -21.39
C SER G 206 30.70 -34.55 -22.19
N SER G 207 32.01 -34.29 -22.14
CA SER G 207 32.67 -33.21 -22.87
C SER G 207 32.99 -33.69 -24.30
N TYR G 208 32.23 -33.21 -25.27
CA TYR G 208 32.42 -33.58 -26.68
C TYR G 208 33.49 -32.72 -27.37
N PHE G 209 33.67 -31.47 -26.90
CA PHE G 209 34.68 -30.53 -27.39
C PHE G 209 35.12 -29.57 -26.31
N TYR G 210 36.42 -29.28 -26.29
CA TYR G 210 37.04 -28.29 -25.42
C TYR G 210 38.25 -27.70 -26.12
N GLY G 211 38.19 -26.40 -26.40
CA GLY G 211 39.25 -25.68 -27.08
C GLY G 211 38.83 -24.32 -27.55
N THR G 212 39.61 -23.73 -28.47
CA THR G 212 39.36 -22.40 -29.02
C THR G 212 38.38 -22.44 -30.19
N PHE G 213 37.95 -21.25 -30.67
CA PHE G 213 37.03 -21.11 -31.79
C PHE G 213 37.65 -21.62 -33.07
N SER G 214 38.95 -21.32 -33.29
CA SER G 214 39.73 -21.77 -34.46
C SER G 214 39.77 -23.31 -34.53
N GLU G 215 39.93 -23.97 -33.37
CA GLU G 215 39.95 -25.43 -33.23
C GLU G 215 38.57 -26.01 -33.57
N LEU G 216 37.49 -25.31 -33.15
CA LEU G 216 36.10 -25.68 -33.44
C LEU G 216 35.80 -25.47 -34.93
N GLN G 217 36.37 -24.39 -35.51
CA GLN G 217 36.24 -24.02 -36.92
C GLN G 217 36.85 -25.07 -37.82
N ASN G 218 37.97 -25.68 -37.37
CA ASN G 218 38.65 -26.77 -38.06
C ASN G 218 37.90 -28.11 -37.88
N LEU G 219 36.58 -28.01 -38.21
CA LEU G 219 35.44 -28.93 -38.14
C LEU G 219 35.76 -30.24 -37.45
N GLN H 1 21.67 -23.33 -49.12
CA GLN H 1 21.43 -24.64 -48.50
C GLN H 1 20.23 -24.64 -47.54
N VAL H 2 20.16 -23.64 -46.61
CA VAL H 2 19.08 -23.44 -45.63
C VAL H 2 18.41 -22.11 -45.97
N GLN H 3 17.07 -22.07 -46.04
CA GLN H 3 16.40 -20.80 -46.36
C GLN H 3 15.05 -20.63 -45.69
N LEU H 4 14.72 -19.36 -45.37
CA LEU H 4 13.47 -18.94 -44.74
C LEU H 4 12.60 -18.23 -45.77
N GLN H 5 11.37 -18.72 -45.96
CA GLN H 5 10.45 -18.15 -46.94
C GLN H 5 9.14 -17.67 -46.33
N GLU H 6 8.95 -16.34 -46.30
CA GLU H 6 7.73 -15.74 -45.77
C GLU H 6 6.68 -15.64 -46.87
N SER H 7 5.41 -15.65 -46.46
CA SER H 7 4.24 -15.54 -47.30
C SER H 7 3.07 -15.05 -46.44
N GLY H 8 2.00 -14.63 -47.07
CA GLY H 8 0.79 -14.20 -46.37
C GLY H 8 0.55 -12.70 -46.30
N GLY H 9 1.54 -11.91 -46.72
CA GLY H 9 1.46 -10.45 -46.70
C GLY H 9 0.50 -9.88 -47.73
N GLY H 10 0.33 -8.57 -47.69
CA GLY H 10 -0.53 -7.89 -48.65
C GLY H 10 -1.21 -6.65 -48.12
N LEU H 11 -2.10 -6.11 -48.95
CA LEU H 11 -2.87 -4.92 -48.62
C LEU H 11 -4.23 -5.34 -48.08
N VAL H 12 -4.53 -4.94 -46.83
CA VAL H 12 -5.79 -5.27 -46.16
C VAL H 12 -6.46 -4.00 -45.65
N GLN H 13 -7.76 -4.11 -45.31
CA GLN H 13 -8.51 -3.01 -44.73
C GLN H 13 -8.27 -3.07 -43.22
N ALA H 14 -8.55 -1.98 -42.48
CA ALA H 14 -8.37 -1.98 -41.04
C ALA H 14 -9.45 -2.89 -40.43
N GLY H 15 -9.06 -3.67 -39.43
CA GLY H 15 -9.93 -4.61 -38.74
C GLY H 15 -9.84 -6.01 -39.31
N SER H 16 -9.20 -6.15 -40.48
CA SER H 16 -9.02 -7.41 -41.18
C SER H 16 -8.08 -8.34 -40.43
N SER H 17 -8.15 -9.62 -40.80
CA SER H 17 -7.30 -10.66 -40.27
C SER H 17 -6.27 -11.00 -41.36
N LEU H 18 -5.16 -11.63 -40.99
CA LEU H 18 -4.10 -12.01 -41.91
C LEU H 18 -3.24 -13.07 -41.25
N ARG H 19 -2.79 -14.07 -42.01
CA ARG H 19 -1.93 -15.11 -41.46
C ARG H 19 -0.63 -15.15 -42.23
N LEU H 20 0.46 -14.74 -41.57
CA LEU H 20 1.79 -14.80 -42.18
C LEU H 20 2.34 -16.17 -41.84
N ALA H 21 3.11 -16.73 -42.76
CA ALA H 21 3.74 -18.03 -42.58
C ALA H 21 5.16 -17.95 -43.07
N CYS H 22 6.06 -18.65 -42.38
CA CYS H 22 7.47 -18.66 -42.72
C CYS H 22 8.02 -20.06 -42.49
N ALA H 23 8.45 -20.72 -43.57
CA ALA H 23 8.95 -22.07 -43.50
C ALA H 23 10.44 -22.17 -43.75
N ALA H 24 11.09 -23.00 -42.94
CA ALA H 24 12.52 -23.28 -43.05
C ALA H 24 12.69 -24.49 -43.95
N THR H 25 13.46 -24.31 -45.01
CA THR H 25 13.73 -25.35 -46.00
C THR H 25 15.22 -25.60 -46.13
N GLY H 26 15.56 -26.85 -46.43
CA GLY H 26 16.92 -27.30 -46.63
C GLY H 26 17.37 -28.34 -45.62
N SER H 27 18.68 -28.46 -45.44
CA SER H 27 19.28 -29.41 -44.50
C SER H 27 19.20 -28.88 -43.08
N ILE H 28 18.13 -29.24 -42.37
CA ILE H 28 17.91 -28.79 -41.00
C ILE H 28 18.01 -29.95 -40.04
N ARG H 29 18.93 -29.83 -39.09
CA ARG H 29 19.10 -30.82 -38.04
C ARG H 29 18.05 -30.47 -36.98
N SER H 30 17.95 -29.17 -36.62
CA SER H 30 16.97 -28.63 -35.66
C SER H 30 16.91 -27.10 -35.72
N ILE H 31 15.81 -26.52 -35.19
CA ILE H 31 15.57 -25.07 -35.05
C ILE H 31 15.28 -24.78 -33.58
N ASN H 32 15.91 -23.76 -33.00
CA ASN H 32 15.71 -23.44 -31.58
C ASN H 32 14.71 -22.35 -31.33
N ASN H 33 14.96 -21.15 -31.81
CA ASN H 33 14.03 -20.05 -31.60
C ASN H 33 13.61 -19.47 -32.92
N MET H 34 12.32 -19.12 -33.02
CA MET H 34 11.74 -18.54 -34.21
C MET H 34 11.01 -17.26 -33.82
N GLY H 35 11.02 -16.28 -34.71
CA GLY H 35 10.37 -15.03 -34.40
C GLY H 35 9.98 -14.20 -35.59
N TRP H 36 8.99 -13.32 -35.36
CA TRP H 36 8.48 -12.34 -36.30
C TRP H 36 8.88 -10.95 -35.83
N TYR H 37 9.48 -10.20 -36.75
CA TYR H 37 9.98 -8.85 -36.51
C TYR H 37 9.34 -7.94 -37.54
N ARG H 38 9.28 -6.64 -37.29
CA ARG H 38 8.71 -5.70 -38.24
C ARG H 38 9.48 -4.39 -38.29
N GLN H 39 9.47 -3.75 -39.46
CA GLN H 39 10.09 -2.44 -39.65
C GLN H 39 9.16 -1.51 -40.44
N ALA H 40 8.62 -0.52 -39.73
CA ALA H 40 7.71 0.48 -40.26
C ALA H 40 8.56 1.63 -40.83
N PRO H 41 8.02 2.48 -41.75
CA PRO H 41 8.81 3.60 -42.30
C PRO H 41 9.39 4.54 -41.26
N GLY H 42 10.70 4.81 -41.36
CA GLY H 42 11.43 5.69 -40.46
C GLY H 42 11.79 5.11 -39.10
N LYS H 43 11.02 4.12 -38.65
CA LYS H 43 11.22 3.41 -37.40
C LYS H 43 12.24 2.27 -37.60
N GLN H 44 12.80 1.80 -36.48
CA GLN H 44 13.79 0.73 -36.50
C GLN H 44 13.14 -0.65 -36.47
N ARG H 45 13.88 -1.72 -36.88
CA ARG H 45 13.34 -3.08 -36.85
C ARG H 45 13.19 -3.51 -35.41
N GLY H 46 12.04 -4.05 -35.09
CA GLY H 46 11.71 -4.51 -33.75
C GLY H 46 10.94 -5.80 -33.76
N MET H 47 10.97 -6.51 -32.65
CA MET H 47 10.24 -7.75 -32.50
C MET H 47 8.73 -7.52 -32.47
N VAL H 48 8.00 -8.51 -32.96
CA VAL H 48 6.53 -8.58 -32.94
C VAL H 48 6.20 -9.67 -31.93
N ALA H 49 6.72 -10.89 -32.21
CA ALA H 49 6.51 -12.08 -31.41
C ALA H 49 7.65 -13.07 -31.60
N ILE H 50 7.99 -13.80 -30.55
CA ILE H 50 9.04 -14.85 -30.58
C ILE H 50 8.47 -16.14 -29.99
N ILE H 51 9.01 -17.29 -30.40
CA ILE H 51 8.54 -18.62 -29.95
C ILE H 51 9.72 -19.59 -29.76
N THR H 52 9.79 -20.22 -28.57
CA THR H 52 10.85 -21.18 -28.25
C THR H 52 10.47 -22.53 -28.86
N ARG H 53 11.45 -23.46 -29.02
CA ARG H 53 11.23 -24.79 -29.61
C ARG H 53 10.07 -25.52 -28.92
N VAL H 54 10.03 -25.38 -27.58
CA VAL H 54 9.05 -25.96 -26.66
C VAL H 54 7.67 -25.23 -26.73
N GLY H 55 7.63 -24.04 -27.35
CA GLY H 55 6.37 -23.32 -27.53
C GLY H 55 6.11 -22.10 -26.66
N ASN H 56 7.08 -21.69 -25.82
CA ASN H 56 6.91 -20.49 -24.98
C ASN H 56 6.98 -19.26 -25.87
N THR H 57 5.96 -18.38 -25.78
CA THR H 57 5.83 -17.20 -26.62
C THR H 57 5.95 -15.87 -25.87
N ASP H 58 6.56 -14.87 -26.51
CA ASP H 58 6.62 -13.50 -26.02
C ASP H 58 6.15 -12.57 -27.10
N TYR H 59 5.52 -11.45 -26.70
CA TYR H 59 4.93 -10.49 -27.63
C TYR H 59 5.31 -9.05 -27.34
N ALA H 60 5.24 -8.21 -28.38
CA ALA H 60 5.44 -6.78 -28.24
C ALA H 60 4.15 -6.25 -27.60
N ASP H 61 4.25 -5.25 -26.72
CA ASP H 61 3.08 -4.70 -26.02
C ASP H 61 1.97 -4.28 -26.99
N SER H 62 2.36 -3.67 -28.11
CA SER H 62 1.48 -3.19 -29.19
C SER H 62 0.66 -4.30 -29.90
N VAL H 63 1.15 -5.56 -29.89
CA VAL H 63 0.50 -6.67 -30.58
C VAL H 63 -0.08 -7.75 -29.63
N LYS H 64 0.38 -7.80 -28.34
CA LYS H 64 -0.05 -8.77 -27.32
C LYS H 64 -1.58 -8.86 -27.24
N GLY H 65 -2.11 -10.07 -27.42
CA GLY H 65 -3.55 -10.32 -27.41
C GLY H 65 -4.23 -10.25 -28.76
N ARG H 66 -3.70 -9.43 -29.69
CA ARG H 66 -4.24 -9.28 -31.05
C ARG H 66 -3.58 -10.26 -31.99
N PHE H 67 -2.25 -10.41 -31.88
CA PHE H 67 -1.45 -11.31 -32.71
C PHE H 67 -1.13 -12.59 -31.95
N THR H 68 -0.99 -13.71 -32.68
CA THR H 68 -0.66 -15.00 -32.08
C THR H 68 0.40 -15.68 -32.90
N ILE H 69 1.49 -16.04 -32.25
CA ILE H 69 2.59 -16.77 -32.88
C ILE H 69 2.43 -18.26 -32.54
N SER H 70 2.63 -19.11 -33.54
CA SER H 70 2.55 -20.57 -33.41
C SER H 70 3.60 -21.23 -34.27
N ARG H 71 3.94 -22.49 -33.97
CA ARG H 71 4.91 -23.22 -34.79
C ARG H 71 4.57 -24.70 -34.95
N ASP H 72 4.88 -25.24 -36.14
CA ASP H 72 4.73 -26.65 -36.47
C ASP H 72 6.16 -27.16 -36.60
N ASN H 73 6.65 -27.84 -35.55
CA ASN H 73 8.01 -28.36 -35.53
C ASN H 73 8.25 -29.46 -36.58
N ALA H 74 7.18 -30.18 -36.97
CA ALA H 74 7.23 -31.21 -38.00
C ALA H 74 7.45 -30.56 -39.37
N LYS H 75 6.75 -29.45 -39.63
CA LYS H 75 6.82 -28.70 -40.89
C LYS H 75 7.90 -27.61 -40.91
N ASN H 76 8.60 -27.39 -39.76
CA ASN H 76 9.62 -26.33 -39.59
C ASN H 76 9.06 -24.96 -40.05
N THR H 77 7.84 -24.66 -39.58
CA THR H 77 7.13 -23.44 -39.95
C THR H 77 6.68 -22.66 -38.73
N VAL H 78 6.81 -21.33 -38.81
CA VAL H 78 6.36 -20.38 -37.81
C VAL H 78 5.19 -19.58 -38.44
N TYR H 79 4.17 -19.26 -37.64
CA TYR H 79 3.00 -18.54 -38.15
C TYR H 79 2.66 -17.33 -37.30
N LEU H 80 2.20 -16.26 -37.96
CA LEU H 80 1.76 -15.08 -37.25
C LEU H 80 0.33 -14.79 -37.65
N GLN H 81 -0.60 -15.04 -36.73
CA GLN H 81 -2.02 -14.78 -36.92
C GLN H 81 -2.26 -13.35 -36.44
N MET H 82 -2.49 -12.45 -37.39
CA MET H 82 -2.68 -11.03 -37.16
C MET H 82 -4.14 -10.68 -37.24
N ASN H 83 -4.75 -10.34 -36.09
CA ASN H 83 -6.16 -10.01 -36.02
C ASN H 83 -6.32 -8.52 -35.76
N SER H 84 -7.56 -7.98 -35.96
CA SER H 84 -7.96 -6.59 -35.74
C SER H 84 -6.87 -5.62 -36.16
N LEU H 85 -6.45 -5.70 -37.43
CA LEU H 85 -5.37 -4.89 -37.97
C LEU H 85 -5.67 -3.40 -37.91
N LYS H 86 -4.65 -2.64 -37.55
CA LYS H 86 -4.65 -1.20 -37.38
C LYS H 86 -3.65 -0.60 -38.39
N PRO H 87 -3.81 0.66 -38.86
CA PRO H 87 -2.82 1.23 -39.80
C PRO H 87 -1.42 1.39 -39.20
N GLU H 88 -1.32 1.18 -37.89
CA GLU H 88 -0.09 1.23 -37.11
C GLU H 88 0.73 -0.05 -37.35
N ASP H 89 0.07 -1.14 -37.79
CA ASP H 89 0.73 -2.42 -38.09
C ASP H 89 1.34 -2.47 -39.49
N THR H 90 1.12 -1.42 -40.32
CA THR H 90 1.73 -1.39 -41.67
C THR H 90 3.24 -1.34 -41.48
N ALA H 91 3.95 -2.33 -42.06
CA ALA H 91 5.40 -2.49 -41.95
C ALA H 91 5.82 -3.68 -42.81
N THR H 92 7.14 -3.91 -42.86
CA THR H 92 7.72 -5.06 -43.52
C THR H 92 7.99 -6.07 -42.41
N TYR H 93 7.39 -7.25 -42.54
CA TYR H 93 7.50 -8.31 -41.56
C TYR H 93 8.59 -9.31 -41.94
N TYR H 94 9.56 -9.47 -41.05
CA TYR H 94 10.69 -10.37 -41.23
C TYR H 94 10.59 -11.56 -40.30
N CYS H 95 11.05 -12.70 -40.78
CA CYS H 95 11.05 -13.96 -40.07
C CYS H 95 12.49 -14.30 -39.69
N HIS H 96 12.71 -14.75 -38.46
CA HIS H 96 14.03 -15.12 -37.99
C HIS H 96 13.98 -16.54 -37.43
N ALA H 97 15.11 -17.27 -37.51
CA ALA H 97 15.24 -18.62 -36.97
C ALA H 97 16.67 -18.96 -36.61
N GLU H 98 16.87 -19.66 -35.47
CA GLU H 98 18.19 -20.12 -35.00
C GLU H 98 18.27 -21.56 -35.49
N ILE H 99 18.93 -21.79 -36.62
CA ILE H 99 18.96 -23.12 -37.23
C ILE H 99 20.31 -23.83 -37.11
N THR H 100 20.25 -25.14 -36.82
CA THR H 100 21.39 -26.06 -36.79
C THR H 100 21.29 -26.81 -38.12
N GLU H 101 22.31 -26.69 -38.96
CA GLU H 101 22.38 -27.35 -40.27
C GLU H 101 22.75 -28.81 -40.03
N GLN H 102 22.26 -29.73 -40.89
CA GLN H 102 22.55 -31.17 -40.77
C GLN H 102 24.05 -31.48 -40.79
N SER H 103 24.83 -30.62 -41.49
CA SER H 103 26.28 -30.69 -41.64
C SER H 103 27.07 -30.46 -40.34
N ARG H 104 26.54 -29.65 -39.40
CA ARG H 104 27.15 -29.33 -38.10
C ARG H 104 27.35 -30.59 -37.25
N PRO H 105 28.57 -30.86 -36.70
CA PRO H 105 28.75 -32.07 -35.88
C PRO H 105 28.13 -31.95 -34.48
N PHE H 106 27.96 -30.72 -33.99
CA PHE H 106 27.39 -30.42 -32.66
C PHE H 106 26.08 -29.62 -32.80
N TYR H 107 25.31 -29.52 -31.69
CA TYR H 107 24.05 -28.78 -31.66
C TYR H 107 24.27 -27.28 -31.43
N LEU H 108 24.84 -26.63 -32.45
CA LEU H 108 25.19 -25.22 -32.52
C LEU H 108 24.30 -24.56 -33.57
N THR H 109 23.76 -23.36 -33.25
CA THR H 109 22.85 -22.64 -34.16
C THR H 109 23.49 -21.47 -34.89
N ASP H 110 22.83 -21.05 -35.99
CA ASP H 110 23.16 -19.91 -36.84
C ASP H 110 21.88 -19.12 -37.10
N ASP H 111 21.98 -17.78 -37.12
CA ASP H 111 20.82 -16.90 -37.34
C ASP H 111 20.46 -16.75 -38.80
N TYR H 112 19.23 -17.08 -39.14
CA TYR H 112 18.73 -16.98 -40.49
C TYR H 112 17.58 -15.99 -40.53
N TRP H 113 17.51 -15.20 -41.60
CA TRP H 113 16.46 -14.20 -41.79
C TRP H 113 15.70 -14.40 -43.11
N GLY H 114 14.45 -13.97 -43.13
CA GLY H 114 13.66 -14.00 -44.34
C GLY H 114 13.86 -12.70 -45.11
N GLN H 115 13.34 -12.65 -46.35
CA GLN H 115 13.44 -11.48 -47.22
C GLN H 115 12.45 -10.38 -46.84
N GLY H 116 11.38 -10.77 -46.16
CA GLY H 116 10.36 -9.85 -45.70
C GLY H 116 9.08 -9.94 -46.50
N THR H 117 7.94 -9.64 -45.83
CA THR H 117 6.62 -9.58 -46.45
C THR H 117 6.07 -8.23 -46.10
N GLN H 118 5.54 -7.51 -47.09
CA GLN H 118 4.95 -6.22 -46.84
C GLN H 118 3.50 -6.38 -46.43
N VAL H 119 3.12 -5.78 -45.31
CA VAL H 119 1.75 -5.77 -44.82
C VAL H 119 1.33 -4.29 -44.78
N THR H 120 0.27 -3.94 -45.54
CA THR H 120 -0.25 -2.58 -45.59
C THR H 120 -1.72 -2.57 -45.19
N VAL H 121 -2.03 -1.78 -44.15
CA VAL H 121 -3.35 -1.64 -43.56
C VAL H 121 -3.89 -0.26 -43.93
N SER H 122 -4.96 -0.24 -44.74
CA SER H 122 -5.65 0.96 -45.23
C SER H 122 -6.77 1.37 -44.27
N SER H 123 -7.06 2.69 -44.24
CA SER H 123 -8.10 3.29 -43.40
C SER H 123 -9.14 3.98 -44.27
N GLN I 1 6.58 14.12 -19.83
CA GLN I 1 6.92 13.66 -18.50
C GLN I 1 7.27 14.79 -17.53
N VAL I 2 8.01 15.81 -17.98
CA VAL I 2 8.38 16.93 -17.11
C VAL I 2 8.16 18.30 -17.79
N GLN I 3 7.53 19.24 -17.07
CA GLN I 3 7.28 20.60 -17.57
C GLN I 3 8.27 21.53 -16.91
N LEU I 4 9.07 22.23 -17.73
CA LEU I 4 10.16 23.07 -17.26
C LEU I 4 9.88 24.52 -17.39
N GLN I 5 10.29 25.32 -16.39
CA GLN I 5 10.12 26.77 -16.42
C GLN I 5 11.33 27.50 -15.87
N GLU I 6 12.00 28.27 -16.74
CA GLU I 6 13.20 29.05 -16.39
C GLU I 6 12.82 30.44 -15.91
N SER I 7 13.74 31.05 -15.15
CA SER I 7 13.65 32.40 -14.62
C SER I 7 15.06 32.90 -14.31
N GLY I 8 15.20 34.21 -14.10
CA GLY I 8 16.47 34.82 -13.74
C GLY I 8 17.18 35.63 -14.81
N GLY I 9 16.62 35.64 -16.02
CA GLY I 9 17.19 36.38 -17.15
C GLY I 9 17.07 37.88 -17.04
N GLY I 10 17.76 38.60 -17.92
CA GLY I 10 17.74 40.07 -17.95
C GLY I 10 18.98 40.73 -18.49
N LEU I 11 19.11 42.06 -18.26
CA LEU I 11 20.23 42.89 -18.72
C LEU I 11 21.26 43.10 -17.63
N VAL I 12 22.56 42.97 -17.98
CA VAL I 12 23.70 43.14 -17.06
C VAL I 12 24.92 43.72 -17.82
N GLN I 13 25.76 44.52 -17.13
CA GLN I 13 27.02 45.06 -17.67
C GLN I 13 28.07 43.94 -17.62
N ALA I 14 29.00 43.95 -18.59
CA ALA I 14 30.09 42.97 -18.68
C ALA I 14 30.92 42.88 -17.39
N GLY I 15 31.33 41.66 -17.04
CA GLY I 15 32.06 41.36 -15.81
C GLY I 15 31.10 41.04 -14.68
N GLY I 16 29.81 41.28 -14.93
CA GLY I 16 28.72 41.06 -14.00
C GLY I 16 28.38 39.60 -13.75
N SER I 17 27.28 39.37 -13.01
CA SER I 17 26.81 38.05 -12.63
C SER I 17 25.29 37.94 -12.72
N LEU I 18 24.81 36.72 -12.98
CA LEU I 18 23.38 36.40 -13.10
C LEU I 18 23.15 34.94 -12.71
N ARG I 19 22.04 34.65 -12.02
CA ARG I 19 21.71 33.29 -11.61
C ARG I 19 20.36 32.88 -12.18
N LEU I 20 20.37 31.81 -13.00
CA LEU I 20 19.17 31.29 -13.62
C LEU I 20 18.65 30.09 -12.85
N SER I 21 17.32 29.97 -12.78
CA SER I 21 16.65 28.86 -12.11
C SER I 21 15.75 28.15 -13.08
N CYS I 22 15.47 26.88 -12.82
CA CYS I 22 14.57 26.09 -13.66
C CYS I 22 13.87 25.05 -12.82
N THR I 23 12.56 25.20 -12.64
CA THR I 23 11.76 24.25 -11.85
C THR I 23 11.05 23.28 -12.78
N ALA I 24 11.09 22.01 -12.42
CA ALA I 24 10.47 20.92 -13.18
C ALA I 24 9.23 20.41 -12.47
N SER I 25 8.15 20.26 -13.23
CA SER I 25 6.87 19.77 -12.75
C SER I 25 6.61 18.43 -13.43
N GLY I 26 6.65 17.37 -12.64
CA GLY I 26 6.44 16.01 -13.11
C GLY I 26 7.06 14.99 -12.20
N ARG I 27 6.85 13.70 -12.55
CA ARG I 27 7.36 12.57 -11.80
C ARG I 27 8.79 12.20 -12.23
N ALA I 28 9.53 11.59 -11.27
CA ALA I 28 10.90 11.06 -11.39
C ALA I 28 11.94 12.08 -11.91
N PHE I 29 12.00 13.26 -11.27
CA PHE I 29 12.95 14.32 -11.64
C PHE I 29 14.41 13.81 -11.67
N SER I 30 14.77 13.01 -10.65
CA SER I 30 16.08 12.41 -10.46
C SER I 30 16.53 11.51 -11.62
N TRP I 31 15.60 11.03 -12.45
CA TRP I 31 15.92 10.18 -13.59
C TRP I 31 16.57 11.01 -14.72
N TYR I 32 16.17 12.28 -14.82
CA TYR I 32 16.56 13.18 -15.89
C TYR I 32 17.91 13.79 -15.72
N VAL I 33 18.62 13.92 -16.85
CA VAL I 33 19.91 14.62 -16.94
C VAL I 33 19.47 16.03 -17.34
N MET I 34 19.73 17.01 -16.48
CA MET I 34 19.33 18.38 -16.73
C MET I 34 20.44 19.12 -17.44
N GLY I 35 20.06 20.05 -18.31
CA GLY I 35 21.03 20.86 -19.04
C GLY I 35 20.58 22.26 -19.35
N TRP I 36 21.55 23.18 -19.41
CA TRP I 36 21.37 24.57 -19.81
C TRP I 36 21.93 24.74 -21.20
N PHE I 37 21.12 25.35 -22.08
CA PHE I 37 21.45 25.54 -23.49
C PHE I 37 21.21 26.97 -23.88
N ARG I 38 22.05 27.54 -24.76
CA ARG I 38 21.85 28.92 -25.21
C ARG I 38 21.72 29.02 -26.72
N GLN I 39 20.81 29.88 -27.17
CA GLN I 39 20.60 30.11 -28.60
C GLN I 39 20.71 31.59 -28.89
N ALA I 40 21.87 31.99 -29.45
CA ALA I 40 22.14 33.36 -29.85
C ALA I 40 21.31 33.71 -31.11
N PRO I 41 20.95 35.01 -31.34
CA PRO I 41 20.21 35.34 -32.57
C PRO I 41 21.06 34.98 -33.82
N GLY I 42 20.48 34.19 -34.72
CA GLY I 42 21.17 33.71 -35.92
C GLY I 42 21.92 32.40 -35.74
N LYS I 43 22.17 31.99 -34.49
CA LYS I 43 22.88 30.74 -34.19
C LYS I 43 21.91 29.61 -33.77
N GLU I 44 22.42 28.36 -33.70
CA GLU I 44 21.66 27.19 -33.25
C GLU I 44 21.75 27.10 -31.71
N ARG I 45 20.99 26.17 -31.10
CA ARG I 45 21.05 25.95 -29.66
C ARG I 45 22.35 25.23 -29.33
N GLU I 46 23.18 25.89 -28.51
CA GLU I 46 24.46 25.35 -28.09
C GLU I 46 24.38 24.89 -26.63
N PHE I 47 25.12 23.83 -26.30
CA PHE I 47 25.18 23.29 -24.95
C PHE I 47 25.99 24.23 -24.06
N VAL I 48 25.54 24.44 -22.81
CA VAL I 48 26.23 25.31 -21.86
C VAL I 48 26.78 24.49 -20.70
N ALA I 49 25.89 23.78 -19.97
CA ALA I 49 26.24 22.96 -18.82
C ALA I 49 25.20 21.85 -18.60
N THR I 50 25.62 20.69 -18.05
CA THR I 50 24.73 19.53 -17.76
C THR I 50 24.97 18.94 -16.34
N VAL I 51 23.91 18.36 -15.71
CA VAL I 51 23.93 17.69 -14.40
C VAL I 51 23.26 16.31 -14.53
N SER I 52 23.89 15.27 -13.99
CA SER I 52 23.24 13.96 -13.98
C SER I 52 22.11 14.00 -12.91
N GLY I 53 21.16 13.08 -12.98
CA GLY I 53 20.04 13.01 -12.05
C GLY I 53 20.43 13.11 -10.59
N ASN I 54 21.54 12.45 -10.25
CA ASN I 54 22.17 12.39 -8.94
C ASN I 54 22.82 13.71 -8.55
N GLY I 55 23.42 14.37 -9.55
CA GLY I 55 24.20 15.58 -9.40
C GLY I 55 25.69 15.26 -9.41
N SER I 56 26.02 13.95 -9.49
CA SER I 56 27.39 13.41 -9.50
C SER I 56 28.24 13.81 -10.69
N ARG I 57 27.61 14.05 -11.83
CA ARG I 57 28.33 14.44 -13.04
C ARG I 57 27.90 15.81 -13.52
N ARG I 58 28.86 16.71 -13.67
CA ARG I 58 28.63 18.07 -14.18
C ARG I 58 29.62 18.32 -15.33
N ASP I 59 29.11 18.80 -16.45
CA ASP I 59 29.93 19.10 -17.62
C ASP I 59 29.58 20.47 -18.15
N TYR I 60 30.61 21.21 -18.62
CA TYR I 60 30.45 22.58 -19.09
C TYR I 60 31.08 22.76 -20.46
N ALA I 61 30.55 23.72 -21.24
CA ALA I 61 31.08 24.11 -22.53
C ALA I 61 32.41 24.80 -22.24
N ASP I 62 33.42 24.59 -23.12
CA ASP I 62 34.76 25.16 -22.96
C ASP I 62 34.75 26.67 -22.73
N SER I 63 33.86 27.38 -23.46
CA SER I 63 33.68 28.83 -23.38
C SER I 63 33.26 29.33 -22.00
N VAL I 64 32.40 28.57 -21.29
CA VAL I 64 31.86 28.96 -19.99
C VAL I 64 32.64 28.38 -18.80
N LYS I 65 33.50 27.36 -19.03
CA LYS I 65 34.31 26.68 -18.01
C LYS I 65 35.04 27.68 -17.11
N GLY I 66 34.92 27.47 -15.79
CA GLY I 66 35.54 28.32 -14.78
C GLY I 66 34.75 29.55 -14.41
N ARG I 67 33.69 29.89 -15.16
CA ARG I 67 32.86 31.07 -14.92
C ARG I 67 31.42 30.68 -14.56
N PHE I 68 30.90 29.61 -15.17
CA PHE I 68 29.54 29.13 -14.94
C PHE I 68 29.55 27.89 -14.06
N THR I 69 28.51 27.74 -13.22
CA THR I 69 28.36 26.60 -12.31
C THR I 69 26.93 26.07 -12.33
N ILE I 70 26.78 24.77 -12.60
CA ILE I 70 25.49 24.09 -12.64
C ILE I 70 25.25 23.33 -11.32
N SER I 71 24.06 23.50 -10.75
CA SER I 71 23.67 22.85 -9.49
C SER I 71 22.25 22.32 -9.55
N ARG I 72 21.93 21.39 -8.64
CA ARG I 72 20.64 20.73 -8.60
C ARG I 72 20.09 20.58 -7.19
N ASP I 73 18.75 20.61 -7.04
CA ASP I 73 18.05 20.34 -5.80
C ASP I 73 16.86 19.46 -6.12
N ASN I 74 17.06 18.14 -5.98
CA ASN I 74 16.03 17.15 -6.30
C ASN I 74 14.83 17.24 -5.40
N ALA I 75 15.00 17.75 -4.18
CA ALA I 75 13.90 17.91 -3.23
C ALA I 75 12.99 19.08 -3.67
N LYS I 76 13.58 20.08 -4.32
CA LYS I 76 12.87 21.26 -4.80
C LYS I 76 12.57 21.17 -6.30
N ASN I 77 12.95 20.04 -6.96
CA ASN I 77 12.79 19.78 -8.41
C ASN I 77 13.34 20.93 -9.24
N THR I 78 14.50 21.49 -8.81
CA THR I 78 15.13 22.64 -9.45
C THR I 78 16.55 22.39 -9.89
N VAL I 79 16.94 23.08 -10.97
CA VAL I 79 18.29 23.12 -11.51
C VAL I 79 18.66 24.61 -11.65
N TYR I 80 19.90 24.96 -11.27
CA TYR I 80 20.37 26.35 -11.33
C TYR I 80 21.62 26.52 -12.18
N LEU I 81 21.82 27.74 -12.70
CA LEU I 81 22.99 28.12 -13.47
C LEU I 81 23.50 29.47 -12.97
N GLN I 82 24.64 29.44 -12.27
CA GLN I 82 25.30 30.63 -11.78
C GLN I 82 26.28 31.08 -12.86
N MET I 83 26.00 32.23 -13.47
CA MET I 83 26.82 32.79 -14.54
C MET I 83 27.63 33.99 -14.02
N ASN I 84 28.91 33.76 -13.67
CA ASN I 84 29.79 34.83 -13.18
C ASN I 84 30.65 35.36 -14.32
N SER I 85 31.28 36.54 -14.10
CA SER I 85 32.19 37.22 -15.04
C SER I 85 31.70 37.13 -16.50
N LEU I 86 30.49 37.65 -16.74
CA LEU I 86 29.84 37.60 -18.05
C LEU I 86 30.52 38.48 -19.10
N LYS I 87 30.64 37.95 -20.33
CA LYS I 87 31.21 38.60 -21.51
C LYS I 87 30.05 38.90 -22.48
N PRO I 88 30.15 39.89 -23.41
CA PRO I 88 29.03 40.14 -24.35
C PRO I 88 28.64 38.95 -25.25
N GLU I 89 29.55 37.95 -25.37
CA GLU I 89 29.36 36.72 -26.13
C GLU I 89 28.21 35.85 -25.57
N ASP I 90 28.00 35.92 -24.25
CA ASP I 90 26.97 35.15 -23.55
C ASP I 90 25.54 35.63 -23.77
N THR I 91 25.34 36.70 -24.56
CA THR I 91 24.01 37.21 -24.90
C THR I 91 23.31 36.16 -25.77
N ALA I 92 22.23 35.56 -25.22
CA ALA I 92 21.44 34.52 -25.88
C ALA I 92 20.22 34.18 -25.03
N VAL I 93 19.30 33.39 -25.60
CA VAL I 93 18.13 32.90 -24.87
C VAL I 93 18.57 31.60 -24.20
N TYR I 94 18.56 31.60 -22.86
CA TYR I 94 18.96 30.43 -22.09
C TYR I 94 17.79 29.52 -21.81
N TYR I 95 17.92 28.29 -22.28
CA TYR I 95 16.93 27.22 -22.16
C TYR I 95 17.39 26.19 -21.16
N CYS I 96 16.43 25.61 -20.48
CA CYS I 96 16.65 24.54 -19.54
C CYS I 96 15.94 23.32 -20.12
N ALA I 97 16.67 22.19 -20.21
CA ALA I 97 16.16 20.96 -20.82
C ALA I 97 16.46 19.71 -20.01
N ALA I 98 15.58 18.70 -20.15
CA ALA I 98 15.68 17.40 -19.47
C ALA I 98 15.87 16.28 -20.48
N SER I 99 16.77 15.33 -20.18
CA SER I 99 17.03 14.15 -21.01
C SER I 99 16.77 12.88 -20.21
N SER I 100 15.99 11.96 -20.79
CA SER I 100 15.67 10.67 -20.15
C SER I 100 16.74 9.60 -20.43
N THR I 101 17.83 10.03 -21.03
CA THR I 101 18.90 9.18 -21.43
C THR I 101 20.20 9.57 -20.79
N TYR I 102 20.93 8.60 -20.27
CA TYR I 102 22.18 8.87 -19.57
C TYR I 102 23.36 9.26 -20.39
N TYR I 103 23.88 10.38 -19.93
CA TYR I 103 25.03 11.11 -20.39
C TYR I 103 25.34 11.62 -21.74
N TYR I 104 24.47 12.48 -22.22
CA TYR I 104 24.66 13.15 -23.47
C TYR I 104 24.57 14.65 -23.29
N THR I 105 25.45 15.38 -23.95
CA THR I 105 25.43 16.84 -23.94
C THR I 105 24.92 17.42 -25.27
N ASP I 106 24.48 16.57 -26.17
CA ASP I 106 23.98 17.02 -27.45
C ASP I 106 22.51 17.38 -27.27
N PRO I 107 22.13 18.65 -27.51
CA PRO I 107 20.72 19.02 -27.32
C PRO I 107 19.71 18.12 -28.03
N GLU I 108 20.15 17.32 -29.02
CA GLU I 108 19.30 16.37 -29.74
C GLU I 108 18.78 15.23 -28.84
N LYS I 109 19.50 14.95 -27.73
CA LYS I 109 19.16 13.92 -26.76
C LYS I 109 18.19 14.41 -25.66
N TYR I 110 17.88 15.71 -25.67
CA TYR I 110 16.99 16.35 -24.69
C TYR I 110 15.61 16.53 -25.27
N ASP I 111 14.62 15.85 -24.69
CA ASP I 111 13.24 15.84 -25.15
C ASP I 111 12.37 16.95 -24.60
N TYR I 112 12.51 17.26 -23.32
CA TYR I 112 11.69 18.28 -22.67
C TYR I 112 12.44 19.59 -22.54
N TRP I 113 11.79 20.68 -22.98
CA TRP I 113 12.38 22.03 -23.01
C TRP I 113 11.51 23.06 -22.33
N GLY I 114 12.15 24.10 -21.80
CA GLY I 114 11.46 25.23 -21.19
C GLY I 114 11.21 26.33 -22.22
N GLN I 115 10.56 27.43 -21.78
CA GLN I 115 10.26 28.58 -22.67
C GLN I 115 11.51 29.41 -23.03
N GLY I 116 12.48 29.46 -22.13
CA GLY I 116 13.71 30.21 -22.30
C GLY I 116 13.67 31.58 -21.65
N THR I 117 14.84 32.15 -21.33
CA THR I 117 14.98 33.49 -20.76
C THR I 117 16.09 34.25 -21.48
N GLN I 118 15.79 35.50 -21.89
CA GLN I 118 16.76 36.33 -22.58
C GLN I 118 17.76 36.90 -21.57
N VAL I 119 19.06 36.76 -21.90
CA VAL I 119 20.15 37.31 -21.12
C VAL I 119 20.92 38.25 -22.04
N THR I 120 21.07 39.51 -21.61
CA THR I 120 21.77 40.56 -22.34
C THR I 120 22.99 41.01 -21.52
N VAL I 121 24.15 41.10 -22.17
CA VAL I 121 25.39 41.50 -21.52
C VAL I 121 26.10 42.62 -22.30
N THR J 5 -49.67 1.46 -0.50
CA THR J 5 -49.58 1.83 -1.91
C THR J 5 -48.14 2.22 -2.34
N GLU J 6 -47.10 1.62 -1.69
CA GLU J 6 -45.67 1.90 -1.91
C GLU J 6 -45.24 1.84 -3.38
N VAL J 7 -45.52 0.73 -4.10
CA VAL J 7 -45.14 0.60 -5.51
C VAL J 7 -46.36 0.30 -6.37
N VAL J 8 -46.59 1.14 -7.40
CA VAL J 8 -47.72 0.99 -8.33
C VAL J 8 -47.27 1.09 -9.78
N MET J 9 -47.73 0.13 -10.61
CA MET J 9 -47.42 0.05 -12.05
C MET J 9 -48.75 -0.03 -12.80
N GLU J 10 -48.95 0.86 -13.77
CA GLU J 10 -50.20 0.91 -14.54
C GLU J 10 -49.98 0.91 -16.04
N ASN J 11 -50.45 -0.17 -16.72
CA ASN J 11 -50.38 -0.37 -18.18
C ASN J 11 -48.99 0.02 -18.74
N VAL J 12 -47.93 -0.38 -18.01
CA VAL J 12 -46.55 -0.03 -18.33
C VAL J 12 -45.97 -0.93 -19.42
N THR J 13 -45.40 -0.28 -20.45
CA THR J 13 -44.69 -0.92 -21.57
C THR J 13 -43.44 -0.13 -21.83
N ALA J 14 -42.32 -0.82 -22.12
CA ALA J 14 -41.06 -0.17 -22.42
C ALA J 14 -40.26 -0.97 -23.42
N PHE J 15 -39.36 -0.28 -24.12
CA PHE J 15 -38.48 -0.82 -25.14
C PHE J 15 -37.05 -0.40 -24.83
N TRP J 16 -36.09 -1.31 -25.07
CA TRP J 16 -34.68 -1.00 -24.89
C TRP J 16 -34.16 -0.26 -26.16
N GLU J 17 -34.67 -0.67 -27.33
CA GLU J 17 -34.35 -0.09 -28.64
C GLU J 17 -35.64 0.34 -29.36
N GLU J 18 -35.66 1.60 -29.84
CA GLU J 18 -36.80 2.20 -30.56
C GLU J 18 -37.17 1.37 -31.79
N GLY J 19 -38.46 1.06 -31.90
CA GLY J 19 -38.99 0.27 -33.00
C GLY J 19 -38.86 -1.23 -32.84
N GLY J 20 -38.12 -1.68 -31.82
CA GLY J 20 -37.88 -3.10 -31.54
C GLY J 20 -39.02 -3.81 -30.84
N THR J 21 -38.73 -4.96 -30.20
CA THR J 21 -39.73 -5.73 -29.45
C THR J 21 -39.80 -5.14 -28.04
N PRO J 22 -41.01 -4.89 -27.44
CA PRO J 22 -41.04 -4.34 -26.08
C PRO J 22 -40.54 -5.36 -25.07
N VAL J 23 -39.63 -4.92 -24.19
CA VAL J 23 -39.03 -5.77 -23.17
C VAL J 23 -40.08 -6.12 -22.10
N LEU J 24 -41.04 -5.20 -21.88
CA LEU J 24 -42.15 -5.36 -20.95
C LEU J 24 -43.41 -4.83 -21.63
N LYS J 25 -44.47 -5.67 -21.63
CA LYS J 25 -45.75 -5.40 -22.28
C LYS J 25 -46.93 -5.42 -21.30
N ASP J 26 -47.58 -4.24 -21.14
CA ASP J 26 -48.74 -3.95 -20.30
C ASP J 26 -48.63 -4.56 -18.90
N ILE J 27 -47.71 -4.00 -18.10
CA ILE J 27 -47.45 -4.47 -16.74
C ILE J 27 -48.27 -3.70 -15.74
N ASN J 28 -48.98 -4.46 -14.88
CA ASN J 28 -49.85 -3.95 -13.83
C ASN J 28 -49.61 -4.70 -12.53
N PHE J 29 -49.45 -3.93 -11.44
CA PHE J 29 -49.28 -4.40 -10.07
C PHE J 29 -49.29 -3.26 -9.06
N LYS J 30 -49.71 -3.57 -7.83
CA LYS J 30 -49.74 -2.65 -6.70
C LYS J 30 -49.20 -3.40 -5.48
N ILE J 31 -48.04 -2.96 -4.98
CA ILE J 31 -47.41 -3.55 -3.81
C ILE J 31 -47.59 -2.59 -2.65
N GLU J 32 -48.37 -3.02 -1.63
CA GLU J 32 -48.65 -2.23 -0.43
C GLU J 32 -47.40 -2.12 0.44
N ARG J 33 -47.37 -1.13 1.36
CA ARG J 33 -46.25 -0.90 2.26
C ARG J 33 -45.87 -2.18 3.05
N GLY J 34 -44.57 -2.48 3.10
CA GLY J 34 -44.01 -3.62 3.81
C GLY J 34 -44.29 -5.00 3.24
N GLN J 35 -44.85 -5.10 2.03
CA GLN J 35 -45.17 -6.38 1.38
C GLN J 35 -43.98 -6.98 0.59
N LEU J 36 -44.04 -8.29 0.32
CA LEU J 36 -43.04 -9.01 -0.45
C LEU J 36 -43.61 -9.47 -1.79
N LEU J 37 -43.10 -8.89 -2.89
CA LEU J 37 -43.51 -9.28 -4.24
C LEU J 37 -42.46 -10.18 -4.82
N ALA J 38 -42.86 -11.36 -5.27
CA ALA J 38 -41.94 -12.31 -5.90
C ALA J 38 -42.08 -12.17 -7.41
N VAL J 39 -40.96 -11.98 -8.10
CA VAL J 39 -40.96 -11.86 -9.55
C VAL J 39 -40.29 -13.09 -10.14
N ALA J 40 -41.11 -13.97 -10.71
CA ALA J 40 -40.68 -15.22 -11.32
C ALA J 40 -40.78 -15.14 -12.83
N GLY J 41 -40.17 -16.11 -13.51
CA GLY J 41 -40.18 -16.18 -14.96
C GLY J 41 -39.02 -16.94 -15.55
N SER J 42 -39.11 -17.19 -16.86
CA SER J 42 -38.08 -17.88 -17.65
C SER J 42 -36.91 -16.92 -17.88
N THR J 43 -35.76 -17.43 -18.34
CA THR J 43 -34.61 -16.59 -18.63
C THR J 43 -34.93 -15.68 -19.83
N GLY J 44 -34.72 -14.38 -19.67
CA GLY J 44 -35.01 -13.39 -20.69
C GLY J 44 -36.42 -12.81 -20.66
N ALA J 45 -37.22 -13.19 -19.63
CA ALA J 45 -38.61 -12.76 -19.43
C ALA J 45 -38.80 -11.23 -19.26
N GLY J 46 -37.79 -10.54 -18.73
CA GLY J 46 -37.82 -9.10 -18.50
C GLY J 46 -37.83 -8.68 -17.04
N LYS J 47 -37.50 -9.62 -16.13
CA LYS J 47 -37.48 -9.43 -14.68
C LYS J 47 -36.51 -8.33 -14.25
N THR J 48 -35.22 -8.42 -14.66
CA THR J 48 -34.22 -7.41 -14.32
C THR J 48 -34.65 -6.08 -14.90
N SER J 49 -35.12 -6.09 -16.16
CA SER J 49 -35.61 -4.93 -16.89
C SER J 49 -36.74 -4.22 -16.14
N LEU J 50 -37.61 -4.99 -15.45
CA LEU J 50 -38.70 -4.44 -14.64
C LEU J 50 -38.12 -3.68 -13.45
N LEU J 51 -37.06 -4.23 -12.82
CA LEU J 51 -36.38 -3.59 -11.70
C LEU J 51 -35.64 -2.36 -12.18
N MET J 52 -35.04 -2.42 -13.40
CA MET J 52 -34.31 -1.31 -14.04
C MET J 52 -35.22 -0.12 -14.24
N MET J 53 -36.51 -0.41 -14.49
CA MET J 53 -37.55 0.56 -14.73
C MET J 53 -37.90 1.28 -13.44
N ILE J 54 -38.00 0.52 -12.32
CA ILE J 54 -38.29 1.05 -10.99
C ILE J 54 -37.15 1.98 -10.58
N MET J 55 -35.92 1.65 -10.98
CA MET J 55 -34.71 2.43 -10.72
C MET J 55 -34.56 3.67 -11.56
N GLY J 56 -35.29 3.73 -12.66
CA GLY J 56 -35.27 4.87 -13.55
C GLY J 56 -34.31 4.72 -14.69
N GLU J 57 -33.61 3.58 -14.75
CA GLU J 57 -32.70 3.26 -15.85
C GLU J 57 -33.51 2.86 -17.09
N LEU J 58 -34.74 2.50 -16.93
CA LEU J 58 -35.56 2.21 -18.10
C LEU J 58 -36.79 3.12 -18.06
N GLU J 59 -36.99 3.88 -19.13
CA GLU J 59 -38.10 4.80 -19.23
C GLU J 59 -39.27 4.10 -19.95
N PRO J 60 -40.50 4.16 -19.38
CA PRO J 60 -41.63 3.52 -20.06
C PRO J 60 -42.08 4.34 -21.27
N SER J 61 -42.43 3.65 -22.37
CA SER J 61 -42.94 4.29 -23.58
C SER J 61 -44.41 4.68 -23.32
N GLU J 62 -45.13 3.83 -22.56
CA GLU J 62 -46.53 3.99 -22.17
C GLU J 62 -46.72 3.49 -20.74
N GLY J 63 -47.67 4.08 -20.03
CA GLY J 63 -48.00 3.72 -18.66
C GLY J 63 -47.40 4.64 -17.62
N LYS J 64 -47.70 4.35 -16.33
CA LYS J 64 -47.21 5.14 -15.20
C LYS J 64 -46.68 4.29 -14.04
N ILE J 65 -45.57 4.75 -13.41
CA ILE J 65 -44.93 4.10 -12.25
C ILE J 65 -44.92 5.07 -11.06
N LYS J 66 -45.38 4.60 -9.90
CA LYS J 66 -45.42 5.41 -8.68
C LYS J 66 -44.73 4.71 -7.52
N HIS J 67 -43.81 5.45 -6.84
CA HIS J 67 -43.07 5.01 -5.65
C HIS J 67 -42.30 6.16 -4.99
N SER J 68 -41.88 5.95 -3.72
CA SER J 68 -41.04 6.88 -2.97
C SER J 68 -39.58 6.59 -3.36
N GLY J 69 -38.82 7.64 -3.63
CA GLY J 69 -37.42 7.58 -4.10
C GLY J 69 -36.41 6.70 -3.39
N ARG J 70 -36.62 6.39 -2.09
CA ARG J 70 -35.67 5.59 -1.30
C ARG J 70 -35.64 4.11 -1.73
N ILE J 71 -34.72 3.78 -2.66
CA ILE J 71 -34.53 2.43 -3.19
C ILE J 71 -33.13 1.90 -2.95
N SER J 72 -33.03 0.62 -2.56
CA SER J 72 -31.76 -0.10 -2.37
C SER J 72 -31.80 -1.31 -3.27
N PHE J 73 -30.86 -1.37 -4.20
CA PHE J 73 -30.84 -2.44 -5.20
C PHE J 73 -29.70 -3.42 -5.04
N CYS J 74 -30.07 -4.70 -5.04
CA CYS J 74 -29.14 -5.81 -5.00
C CYS J 74 -29.12 -6.49 -6.35
N SER J 75 -27.96 -6.39 -7.02
CA SER J 75 -27.70 -6.95 -8.35
C SER J 75 -27.64 -8.47 -8.31
N GLN J 76 -27.90 -9.08 -9.45
CA GLN J 76 -27.78 -10.53 -9.65
C GLN J 76 -26.29 -10.88 -9.53
N PHE J 77 -25.44 -9.95 -10.04
CA PHE J 77 -24.01 -10.03 -10.17
C PHE J 77 -23.29 -9.20 -9.13
N SER J 78 -22.65 -9.91 -8.19
CA SER J 78 -21.90 -9.37 -7.07
C SER J 78 -20.78 -8.48 -7.56
N TRP J 79 -20.55 -7.38 -6.83
CA TRP J 79 -19.49 -6.44 -7.08
C TRP J 79 -18.86 -6.04 -5.77
N ILE J 80 -17.54 -6.12 -5.72
CA ILE J 80 -16.85 -5.75 -4.52
C ILE J 80 -15.80 -4.69 -4.91
N MET J 81 -15.81 -3.58 -4.19
CA MET J 81 -14.89 -2.47 -4.40
C MET J 81 -13.58 -2.69 -3.62
N PRO J 82 -12.46 -2.05 -4.03
CA PRO J 82 -11.22 -2.19 -3.26
C PRO J 82 -11.40 -1.53 -1.89
N GLY J 83 -10.98 -2.26 -0.85
CA GLY J 83 -11.07 -1.81 0.53
C GLY J 83 -11.39 -2.96 1.45
N THR J 84 -11.65 -2.66 2.72
CA THR J 84 -11.95 -3.69 3.71
C THR J 84 -13.37 -4.24 3.54
N ILE J 85 -13.73 -5.31 4.29
CA ILE J 85 -15.08 -5.86 4.28
C ILE J 85 -16.06 -4.79 4.80
N LYS J 86 -15.71 -4.15 5.93
CA LYS J 86 -16.52 -3.11 6.56
C LYS J 86 -16.75 -1.95 5.58
N GLU J 87 -15.69 -1.52 4.86
CA GLU J 87 -15.72 -0.47 3.84
C GLU J 87 -16.72 -0.83 2.76
N ASN J 88 -16.76 -2.13 2.36
CA ASN J 88 -17.65 -2.65 1.33
C ASN J 88 -19.09 -2.70 1.78
N ILE J 89 -19.33 -3.07 3.05
CA ILE J 89 -20.67 -3.20 3.58
C ILE J 89 -21.29 -1.85 3.91
N ILE J 90 -20.60 -1.04 4.73
CA ILE J 90 -21.17 0.24 5.15
C ILE J 90 -21.18 1.25 4.03
N PHE J 91 -20.19 1.21 3.13
CA PHE J 91 -20.13 2.07 1.96
C PHE J 91 -20.34 3.55 2.27
N GLY J 92 -21.27 4.19 1.56
CA GLY J 92 -21.56 5.61 1.74
C GLY J 92 -22.24 5.92 3.06
N VAL J 93 -23.04 4.97 3.55
CA VAL J 93 -23.83 5.06 4.77
C VAL J 93 -22.96 5.21 6.01
N SER J 94 -23.54 5.82 7.06
CA SER J 94 -22.88 6.00 8.34
C SER J 94 -22.86 4.66 9.10
N TYR J 95 -21.95 4.53 10.06
CA TYR J 95 -21.84 3.30 10.80
C TYR J 95 -22.65 3.25 12.10
N ASP J 96 -23.45 2.19 12.25
CA ASP J 96 -24.18 1.82 13.46
C ASP J 96 -23.85 0.34 13.74
N GLU J 97 -23.19 0.03 14.89
CA GLU J 97 -22.79 -1.34 15.25
C GLU J 97 -23.93 -2.34 15.30
N TYR J 98 -25.07 -1.97 15.88
CA TYR J 98 -26.22 -2.86 15.97
C TYR J 98 -26.67 -3.28 14.58
N ARG J 99 -26.88 -2.29 13.71
CA ARG J 99 -27.30 -2.50 12.35
C ARG J 99 -26.24 -3.29 11.61
N TYR J 100 -24.94 -2.91 11.75
CA TYR J 100 -23.86 -3.62 11.07
C TYR J 100 -23.81 -5.10 11.42
N ARG J 101 -23.65 -5.39 12.73
CA ARG J 101 -23.54 -6.75 13.27
C ARG J 101 -24.80 -7.60 13.09
N SER J 102 -26.00 -6.98 13.09
CA SER J 102 -27.28 -7.67 12.87
C SER J 102 -27.37 -8.13 11.41
N VAL J 103 -26.90 -7.27 10.46
CA VAL J 103 -26.92 -7.49 9.02
C VAL J 103 -25.94 -8.61 8.65
N ILE J 104 -24.77 -8.63 9.31
CA ILE J 104 -23.71 -9.65 9.11
C ILE J 104 -24.30 -11.00 9.49
N LYS J 105 -24.94 -11.07 10.67
CA LYS J 105 -25.56 -12.25 11.24
C LYS J 105 -26.58 -12.77 10.25
N ALA J 106 -27.57 -11.92 9.86
CA ALA J 106 -28.67 -12.24 8.93
C ALA J 106 -28.19 -12.72 7.57
N CYS J 107 -27.09 -12.13 7.06
CA CYS J 107 -26.51 -12.46 5.75
C CYS J 107 -25.48 -13.57 5.77
N GLN J 108 -25.39 -14.32 6.88
CA GLN J 108 -24.49 -15.47 7.05
C GLN J 108 -23.02 -15.12 6.81
N LEU J 109 -22.57 -13.97 7.33
CA LEU J 109 -21.19 -13.53 7.12
C LEU J 109 -20.30 -13.61 8.34
N GLU J 110 -20.88 -13.66 9.55
CA GLU J 110 -20.14 -13.65 10.81
C GLU J 110 -19.04 -14.71 10.88
N GLU J 111 -19.37 -15.98 10.59
CA GLU J 111 -18.41 -17.08 10.61
C GLU J 111 -17.25 -16.88 9.63
N ASP J 112 -17.53 -16.44 8.39
CA ASP J 112 -16.52 -16.17 7.36
C ASP J 112 -15.59 -15.05 7.80
N ILE J 113 -16.17 -13.91 8.25
CA ILE J 113 -15.43 -12.75 8.73
C ILE J 113 -14.55 -13.13 9.94
N SER J 114 -15.11 -13.86 10.92
CA SER J 114 -14.32 -14.26 12.09
C SER J 114 -13.22 -15.27 11.76
N LYS J 115 -13.29 -15.94 10.60
CA LYS J 115 -12.23 -16.87 10.17
C LYS J 115 -10.91 -16.11 9.88
N PHE J 116 -10.99 -14.82 9.48
CA PHE J 116 -9.85 -13.94 9.22
C PHE J 116 -9.34 -13.34 10.51
N ALA J 117 -8.00 -13.21 10.65
CA ALA J 117 -7.36 -12.66 11.84
C ALA J 117 -7.70 -11.17 12.00
N GLU J 118 -7.76 -10.46 10.85
CA GLU J 118 -8.06 -9.04 10.77
C GLU J 118 -9.59 -8.78 10.78
N LYS J 119 -10.40 -9.86 10.76
CA LYS J 119 -11.87 -9.82 10.73
C LYS J 119 -12.39 -8.94 9.58
N ASP J 120 -13.29 -7.96 9.86
CA ASP J 120 -13.84 -7.08 8.83
C ASP J 120 -12.83 -6.09 8.25
N ASN J 121 -11.64 -6.00 8.87
CA ASN J 121 -10.58 -5.10 8.45
C ASN J 121 -9.65 -5.71 7.40
N ILE J 122 -10.03 -6.89 6.85
CA ILE J 122 -9.30 -7.59 5.81
C ILE J 122 -9.49 -6.84 4.50
N VAL J 123 -8.39 -6.56 3.82
CA VAL J 123 -8.43 -5.81 2.58
C VAL J 123 -8.76 -6.70 1.39
N LEU J 124 -9.80 -6.32 0.65
CA LEU J 124 -10.25 -7.01 -0.54
C LEU J 124 -9.75 -6.23 -1.77
N GLY J 125 -9.54 -6.92 -2.89
CA GLY J 125 -9.13 -6.24 -4.12
C GLY J 125 -10.37 -5.81 -4.86
N GLU J 126 -10.28 -5.58 -6.17
CA GLU J 126 -11.49 -5.30 -6.92
C GLU J 126 -12.02 -6.67 -7.42
N GLY J 127 -13.33 -6.90 -7.29
CA GLY J 127 -13.94 -8.15 -7.73
C GLY J 127 -13.87 -9.30 -6.75
N GLY J 128 -13.09 -9.12 -5.67
CA GLY J 128 -12.95 -10.04 -4.54
C GLY J 128 -12.57 -11.44 -4.93
N ILE J 129 -11.57 -11.52 -5.83
CA ILE J 129 -11.00 -12.75 -6.37
C ILE J 129 -10.50 -13.68 -5.25
N THR J 130 -10.10 -13.12 -4.07
CA THR J 130 -9.66 -13.83 -2.88
C THR J 130 -10.87 -14.63 -2.33
N LEU J 131 -12.08 -14.02 -2.29
CA LEU J 131 -13.30 -14.63 -1.75
C LEU J 131 -13.97 -15.59 -2.72
N SER J 132 -14.85 -16.45 -2.19
CA SER J 132 -15.63 -17.38 -2.99
C SER J 132 -16.85 -16.65 -3.53
N GLY J 133 -17.50 -17.24 -4.55
CA GLY J 133 -18.71 -16.69 -5.17
C GLY J 133 -19.80 -16.39 -4.16
N GLY J 134 -19.96 -17.31 -3.21
CA GLY J 134 -20.91 -17.20 -2.11
C GLY J 134 -20.56 -16.09 -1.16
N GLN J 135 -19.25 -15.97 -0.80
CA GLN J 135 -18.76 -14.90 0.08
C GLN J 135 -19.00 -13.55 -0.56
N ARG J 136 -18.70 -13.44 -1.87
CA ARG J 136 -18.90 -12.22 -2.67
C ARG J 136 -20.38 -11.82 -2.72
N ALA J 137 -21.27 -12.82 -2.95
CA ALA J 137 -22.71 -12.63 -3.03
C ALA J 137 -23.27 -12.14 -1.70
N ARG J 138 -22.75 -12.71 -0.58
CA ARG J 138 -23.17 -12.37 0.77
C ARG J 138 -22.79 -10.94 1.15
N ILE J 139 -21.56 -10.52 0.77
CA ILE J 139 -21.07 -9.16 1.01
C ILE J 139 -21.90 -8.15 0.22
N SER J 140 -22.26 -8.50 -1.04
CA SER J 140 -23.09 -7.66 -1.89
C SER J 140 -24.50 -7.51 -1.31
N LEU J 141 -25.10 -8.60 -0.84
CA LEU J 141 -26.43 -8.57 -0.24
C LEU J 141 -26.40 -7.77 1.07
N ALA J 142 -25.35 -7.98 1.90
CA ALA J 142 -25.15 -7.28 3.18
C ALA J 142 -25.14 -5.79 2.97
N ARG J 143 -24.40 -5.34 1.93
CA ARG J 143 -24.27 -3.93 1.57
C ARG J 143 -25.63 -3.34 1.22
N ALA J 144 -26.43 -4.07 0.43
CA ALA J 144 -27.75 -3.67 -0.01
C ALA J 144 -28.72 -3.58 1.15
N VAL J 145 -28.71 -4.58 2.06
CA VAL J 145 -29.63 -4.58 3.19
C VAL J 145 -29.15 -3.56 4.27
N TYR J 146 -27.85 -3.24 4.31
CA TYR J 146 -27.34 -2.24 5.24
C TYR J 146 -27.78 -0.82 4.83
N LYS J 147 -28.05 -0.59 3.55
CA LYS J 147 -28.53 0.72 3.10
C LYS J 147 -29.96 0.85 3.60
N ASP J 148 -30.30 1.96 4.29
CA ASP J 148 -31.68 2.11 4.78
C ASP J 148 -32.51 2.80 3.70
N ALA J 149 -33.39 2.02 3.06
CA ALA J 149 -34.27 2.48 2.00
C ALA J 149 -35.71 2.07 2.30
N ASP J 150 -36.67 2.63 1.54
CA ASP J 150 -38.09 2.32 1.69
C ASP J 150 -38.46 1.09 0.90
N LEU J 151 -37.74 0.87 -0.22
CA LEU J 151 -37.95 -0.25 -1.14
C LEU J 151 -36.67 -1.01 -1.40
N TYR J 152 -36.74 -2.34 -1.31
CA TYR J 152 -35.59 -3.21 -1.58
C TYR J 152 -35.80 -4.07 -2.81
N LEU J 153 -35.00 -3.83 -3.85
CA LEU J 153 -35.06 -4.60 -5.10
C LEU J 153 -33.95 -5.64 -5.06
N LEU J 154 -34.32 -6.91 -4.83
CA LEU J 154 -33.34 -7.98 -4.75
C LEU J 154 -33.45 -8.89 -5.98
N ASP J 155 -32.58 -8.63 -6.95
CA ASP J 155 -32.57 -9.38 -8.20
C ASP J 155 -31.72 -10.62 -8.03
N SER J 156 -32.37 -11.80 -8.03
CA SER J 156 -31.77 -13.14 -7.87
C SER J 156 -30.49 -13.14 -6.98
N PRO J 157 -30.54 -12.69 -5.71
CA PRO J 157 -29.31 -12.64 -4.89
C PRO J 157 -28.72 -14.01 -4.50
N PHE J 158 -29.60 -15.04 -4.44
CA PHE J 158 -29.23 -16.39 -4.04
C PHE J 158 -28.66 -17.26 -5.17
N GLY J 159 -28.48 -16.68 -6.36
CA GLY J 159 -27.98 -17.32 -7.56
C GLY J 159 -26.73 -18.16 -7.41
N TYR J 160 -25.70 -17.62 -6.69
CA TYR J 160 -24.43 -18.33 -6.48
C TYR J 160 -24.25 -18.84 -5.05
N LEU J 161 -25.38 -19.02 -4.35
CA LEU J 161 -25.38 -19.51 -2.97
C LEU J 161 -25.86 -20.94 -2.89
N ASP J 162 -25.36 -21.70 -1.90
CA ASP J 162 -25.80 -23.06 -1.63
C ASP J 162 -27.21 -22.99 -1.01
N VAL J 163 -28.01 -24.05 -1.18
CA VAL J 163 -29.39 -24.10 -0.74
C VAL J 163 -29.54 -23.92 0.79
N LEU J 164 -28.54 -24.35 1.56
CA LEU J 164 -28.60 -24.25 3.01
C LEU J 164 -28.43 -22.81 3.47
N THR J 165 -27.43 -22.07 2.91
CA THR J 165 -27.17 -20.66 3.21
C THR J 165 -28.34 -19.83 2.75
N GLU J 166 -28.80 -20.07 1.50
CA GLU J 166 -29.94 -19.38 0.91
C GLU J 166 -31.18 -19.48 1.81
N LYS J 167 -31.47 -20.68 2.36
CA LYS J 167 -32.58 -20.91 3.28
C LYS J 167 -32.44 -20.03 4.53
N GLU J 168 -31.24 -20.01 5.14
CA GLU J 168 -30.95 -19.20 6.33
C GLU J 168 -31.11 -17.70 6.04
N ILE J 169 -30.51 -17.22 4.93
CA ILE J 169 -30.58 -15.82 4.51
C ILE J 169 -32.02 -15.41 4.20
N PHE J 170 -32.77 -16.21 3.42
CA PHE J 170 -34.14 -15.88 3.08
C PHE J 170 -35.02 -15.72 4.33
N GLU J 171 -34.93 -16.68 5.26
CA GLU J 171 -35.69 -16.71 6.49
C GLU J 171 -35.32 -15.59 7.46
N SER J 172 -34.02 -15.42 7.77
CA SER J 172 -33.56 -14.44 8.75
C SER J 172 -33.31 -13.01 8.22
N CYS J 173 -33.02 -12.84 6.92
CA CYS J 173 -32.76 -11.52 6.35
C CYS J 173 -33.99 -10.97 5.61
N VAL J 174 -34.36 -11.58 4.46
CA VAL J 174 -35.50 -11.17 3.63
C VAL J 174 -36.81 -11.15 4.43
N CYS J 175 -37.07 -12.20 5.22
CA CYS J 175 -38.31 -12.36 5.98
C CYS J 175 -38.29 -11.79 7.39
N LYS J 176 -37.20 -11.96 8.14
CA LYS J 176 -37.18 -11.47 9.51
C LYS J 176 -36.65 -10.04 9.63
N LEU J 177 -35.41 -9.78 9.14
CA LEU J 177 -34.77 -8.48 9.24
C LEU J 177 -35.49 -7.37 8.42
N MET J 178 -35.96 -7.70 7.22
CA MET J 178 -36.65 -6.76 6.33
C MET J 178 -38.15 -6.98 6.33
N ALA J 179 -38.71 -7.50 7.44
CA ALA J 179 -40.14 -7.81 7.55
C ALA J 179 -41.07 -6.63 7.30
N ASN J 180 -40.72 -5.45 7.82
CA ASN J 180 -41.58 -4.28 7.69
C ASN J 180 -41.26 -3.40 6.49
N LYS J 181 -40.31 -3.81 5.65
CA LYS J 181 -39.96 -3.02 4.49
C LYS J 181 -40.44 -3.65 3.19
N THR J 182 -40.98 -2.81 2.27
CA THR J 182 -41.47 -3.25 0.97
C THR J 182 -40.28 -3.74 0.22
N ARG J 183 -40.41 -4.93 -0.34
CA ARG J 183 -39.30 -5.53 -1.07
C ARG J 183 -39.77 -6.37 -2.24
N ILE J 184 -39.02 -6.26 -3.32
CA ILE J 184 -39.25 -7.02 -4.53
C ILE J 184 -38.14 -8.04 -4.71
N LEU J 185 -38.52 -9.31 -4.78
CA LEU J 185 -37.55 -10.38 -4.94
C LEU J 185 -37.70 -11.14 -6.24
N VAL J 186 -36.64 -11.10 -7.05
CA VAL J 186 -36.63 -11.87 -8.29
C VAL J 186 -36.18 -13.29 -7.90
N THR J 187 -37.15 -14.22 -7.94
CA THR J 187 -36.97 -15.62 -7.55
C THR J 187 -37.96 -16.50 -8.29
N SER J 188 -37.52 -17.71 -8.66
CA SER J 188 -38.36 -18.70 -9.31
C SER J 188 -38.48 -19.98 -8.42
N LYS J 189 -38.19 -19.86 -7.11
CA LYS J 189 -38.28 -20.94 -6.14
C LYS J 189 -39.63 -20.94 -5.42
N MET J 190 -40.30 -22.10 -5.40
CA MET J 190 -41.59 -22.32 -4.75
C MET J 190 -41.49 -22.03 -3.25
N GLU J 191 -40.35 -22.41 -2.66
CA GLU J 191 -39.96 -22.25 -1.26
C GLU J 191 -40.02 -20.77 -0.87
N HIS J 192 -39.65 -19.89 -1.80
CA HIS J 192 -39.66 -18.45 -1.61
C HIS J 192 -41.03 -17.88 -1.93
N LEU J 193 -41.66 -18.38 -2.99
CA LEU J 193 -42.99 -17.97 -3.47
C LEU J 193 -44.10 -18.18 -2.43
N LYS J 194 -44.00 -19.24 -1.60
CA LYS J 194 -44.99 -19.53 -0.56
C LYS J 194 -45.06 -18.41 0.48
N LYS J 195 -43.91 -17.74 0.75
CA LYS J 195 -43.81 -16.66 1.72
C LYS J 195 -44.11 -15.26 1.12
N ALA J 196 -44.41 -15.19 -0.20
CA ALA J 196 -44.70 -13.92 -0.87
C ALA J 196 -46.11 -13.45 -0.61
N ASP J 197 -46.30 -12.11 -0.56
CA ASP J 197 -47.60 -11.47 -0.38
C ASP J 197 -48.33 -11.51 -1.72
N LYS J 198 -47.63 -11.14 -2.80
CA LYS J 198 -48.11 -11.19 -4.18
C LYS J 198 -47.01 -11.75 -5.08
N ILE J 199 -47.39 -12.36 -6.21
CA ILE J 199 -46.47 -13.01 -7.14
C ILE J 199 -46.73 -12.52 -8.56
N LEU J 200 -45.67 -12.11 -9.25
CA LEU J 200 -45.74 -11.70 -10.65
C LEU J 200 -44.91 -12.67 -11.48
N ILE J 201 -45.56 -13.34 -12.43
CA ILE J 201 -44.88 -14.28 -13.31
C ILE J 201 -44.80 -13.66 -14.68
N LEU J 202 -43.56 -13.47 -15.15
CA LEU J 202 -43.32 -12.88 -16.46
C LEU J 202 -42.86 -13.92 -17.45
N HIS J 203 -43.30 -13.75 -18.69
CA HIS J 203 -42.89 -14.62 -19.78
C HIS J 203 -42.90 -13.81 -21.06
N GLU J 204 -41.70 -13.63 -21.64
CA GLU J 204 -41.45 -12.88 -22.86
C GLU J 204 -42.07 -11.46 -22.81
N GLY J 205 -41.74 -10.73 -21.74
CA GLY J 205 -42.20 -9.37 -21.50
C GLY J 205 -43.62 -9.23 -20.99
N SER J 206 -44.41 -10.31 -21.04
CA SER J 206 -45.81 -10.28 -20.64
C SER J 206 -46.04 -10.88 -19.26
N SER J 207 -47.09 -10.38 -18.58
CA SER J 207 -47.52 -10.86 -17.27
C SER J 207 -48.43 -12.10 -17.46
N TYR J 208 -47.90 -13.29 -17.15
CA TYR J 208 -48.67 -14.53 -17.28
C TYR J 208 -49.51 -14.81 -16.03
N PHE J 209 -49.04 -14.36 -14.86
CA PHE J 209 -49.76 -14.49 -13.60
C PHE J 209 -49.46 -13.34 -12.67
N TYR J 210 -50.49 -12.88 -11.95
CA TYR J 210 -50.41 -11.86 -10.93
C TYR J 210 -51.47 -12.12 -9.89
N GLY J 211 -51.04 -12.41 -8.67
CA GLY J 211 -51.93 -12.71 -7.56
C GLY J 211 -51.21 -13.32 -6.37
N THR J 212 -51.98 -13.94 -5.46
CA THR J 212 -51.47 -14.56 -4.24
C THR J 212 -50.97 -15.99 -4.50
N PHE J 213 -50.31 -16.60 -3.48
CA PHE J 213 -49.79 -17.97 -3.55
C PHE J 213 -50.92 -18.99 -3.67
N SER J 214 -52.03 -18.77 -2.94
CA SER J 214 -53.24 -19.61 -2.97
C SER J 214 -53.84 -19.64 -4.37
N GLU J 215 -53.87 -18.47 -5.06
CA GLU J 215 -54.36 -18.32 -6.43
C GLU J 215 -53.46 -19.08 -7.41
N LEU J 216 -52.13 -19.05 -7.16
CA LEU J 216 -51.12 -19.75 -7.96
C LEU J 216 -51.25 -21.26 -7.72
N GLN J 217 -51.52 -21.67 -6.46
CA GLN J 217 -51.71 -23.06 -6.03
C GLN J 217 -52.93 -23.67 -6.73
N ASN J 218 -53.99 -22.86 -6.94
CA ASN J 218 -55.21 -23.26 -7.61
C ASN J 218 -55.07 -23.26 -9.16
N LEU J 219 -53.86 -23.55 -9.69
CA LEU J 219 -53.61 -23.61 -11.14
C LEU J 219 -52.80 -24.85 -11.56
N GLN K 1 -41.94 -40.10 -9.73
CA GLN K 1 -41.90 -38.66 -9.85
C GLN K 1 -40.50 -38.27 -10.28
N VAL K 2 -39.73 -37.76 -9.32
CA VAL K 2 -38.36 -37.36 -9.50
C VAL K 2 -37.58 -37.94 -8.35
N GLN K 3 -36.43 -38.51 -8.62
CA GLN K 3 -35.63 -39.04 -7.55
C GLN K 3 -34.19 -38.69 -7.78
N LEU K 4 -33.42 -38.59 -6.71
CA LEU K 4 -32.01 -38.31 -6.79
C LEU K 4 -31.30 -39.51 -6.24
N GLN K 5 -30.39 -40.10 -7.01
CA GLN K 5 -29.72 -41.29 -6.53
C GLN K 5 -28.21 -41.18 -6.43
N GLU K 6 -27.69 -41.01 -5.23
CA GLU K 6 -26.24 -40.91 -5.05
C GLU K 6 -25.62 -42.30 -5.09
N SER K 7 -24.33 -42.34 -5.45
CA SER K 7 -23.50 -43.53 -5.53
C SER K 7 -22.04 -43.08 -5.46
N GLY K 8 -21.13 -44.03 -5.22
CA GLY K 8 -19.70 -43.76 -5.22
C GLY K 8 -19.01 -43.68 -3.87
N GLY K 9 -19.78 -43.72 -2.79
CA GLY K 9 -19.20 -43.64 -1.45
C GLY K 9 -18.48 -44.91 -0.99
N GLY K 10 -17.91 -44.84 0.19
CA GLY K 10 -17.22 -45.99 0.75
C GLY K 10 -16.10 -45.64 1.71
N LEU K 11 -15.39 -46.69 2.14
CA LEU K 11 -14.27 -46.56 3.05
C LEU K 11 -12.98 -46.57 2.23
N VAL K 12 -12.19 -45.50 2.36
CA VAL K 12 -10.95 -45.33 1.63
C VAL K 12 -9.82 -44.96 2.58
N GLN K 13 -8.57 -45.07 2.11
CA GLN K 13 -7.40 -44.67 2.87
C GLN K 13 -7.19 -43.18 2.63
N ALA K 14 -6.41 -42.51 3.47
CA ALA K 14 -6.13 -41.09 3.29
C ALA K 14 -5.22 -40.94 2.06
N GLY K 15 -5.50 -39.91 1.25
CA GLY K 15 -4.78 -39.62 0.02
C GLY K 15 -5.45 -40.22 -1.20
N SER K 16 -6.41 -41.15 -0.98
CA SER K 16 -7.17 -41.81 -2.04
C SER K 16 -8.09 -40.85 -2.79
N SER K 17 -8.54 -41.30 -3.96
CA SER K 17 -9.48 -40.60 -4.81
C SER K 17 -10.83 -41.29 -4.68
N LEU K 18 -11.92 -40.62 -5.07
CA LEU K 18 -13.29 -41.15 -5.01
C LEU K 18 -14.17 -40.29 -5.92
N ARG K 19 -15.11 -40.88 -6.64
CA ARG K 19 -16.00 -40.09 -7.48
C ARG K 19 -17.44 -40.37 -7.09
N LEU K 20 -18.10 -39.35 -6.51
CA LEU K 20 -19.50 -39.47 -6.15
C LEU K 20 -20.29 -39.04 -7.35
N ALA K 21 -21.42 -39.70 -7.59
CA ALA K 21 -22.31 -39.39 -8.70
C ALA K 21 -23.72 -39.35 -8.19
N CYS K 22 -24.52 -38.42 -8.71
CA CYS K 22 -25.90 -38.25 -8.31
C CYS K 22 -26.75 -37.91 -9.52
N ALA K 23 -27.67 -38.82 -9.90
CA ALA K 23 -28.53 -38.64 -11.07
C ALA K 23 -29.98 -38.35 -10.72
N ALA K 24 -30.56 -37.40 -11.46
CA ALA K 24 -31.94 -36.99 -11.31
C ALA K 24 -32.77 -37.82 -12.30
N THR K 25 -33.76 -38.54 -11.77
CA THR K 25 -34.64 -39.41 -12.56
C THR K 25 -36.11 -39.04 -12.33
N GLY K 26 -36.92 -39.22 -13.37
CA GLY K 26 -38.35 -38.94 -13.34
C GLY K 26 -38.76 -37.90 -14.33
N SER K 27 -39.91 -37.25 -14.07
CA SER K 27 -40.46 -36.22 -14.95
C SER K 27 -39.79 -34.89 -14.66
N ILE K 28 -38.68 -34.61 -15.36
CA ILE K 28 -37.92 -33.38 -15.15
C ILE K 28 -37.91 -32.54 -16.41
N ARG K 29 -38.49 -31.32 -16.32
CA ARG K 29 -38.51 -30.38 -17.45
C ARG K 29 -37.10 -29.80 -17.58
N SER K 30 -36.54 -29.29 -16.47
CA SER K 30 -35.20 -28.70 -16.39
C SER K 30 -34.69 -28.81 -14.96
N ILE K 31 -33.36 -28.71 -14.79
CA ILE K 31 -32.71 -28.73 -13.48
C ILE K 31 -31.82 -27.49 -13.38
N ASN K 32 -31.87 -26.82 -12.22
CA ASN K 32 -31.06 -25.62 -11.96
C ASN K 32 -30.21 -25.81 -10.72
N ASN K 33 -28.97 -25.34 -10.76
CA ASN K 33 -28.11 -25.34 -9.56
C ASN K 33 -28.05 -26.62 -8.73
N MET K 34 -27.42 -27.67 -9.23
CA MET K 34 -27.22 -28.88 -8.43
C MET K 34 -25.98 -28.63 -7.52
N GLY K 35 -25.91 -29.35 -6.41
CA GLY K 35 -24.79 -29.22 -5.50
C GLY K 35 -24.59 -30.41 -4.61
N TRP K 36 -23.45 -30.44 -3.93
CA TRP K 36 -23.06 -31.43 -2.95
C TRP K 36 -22.90 -30.80 -1.57
N TYR K 37 -23.34 -31.51 -0.56
CA TYR K 37 -23.32 -31.07 0.82
C TYR K 37 -22.82 -32.21 1.69
N ARG K 38 -22.30 -31.92 2.88
CA ARG K 38 -21.84 -32.97 3.76
C ARG K 38 -22.18 -32.69 5.21
N GLN K 39 -22.39 -33.77 5.99
CA GLN K 39 -22.69 -33.69 7.41
C GLN K 39 -21.89 -34.72 8.16
N ALA K 40 -20.96 -34.25 9.00
CA ALA K 40 -20.15 -35.11 9.87
C ALA K 40 -20.98 -35.44 11.13
N PRO K 41 -20.76 -36.59 11.83
CA PRO K 41 -21.59 -36.92 13.00
C PRO K 41 -21.63 -35.84 14.07
N GLY K 42 -22.85 -35.52 14.53
CA GLY K 42 -23.10 -34.52 15.54
C GLY K 42 -23.14 -33.09 15.02
N LYS K 43 -22.30 -32.79 14.01
CA LYS K 43 -22.16 -31.47 13.37
C LYS K 43 -23.30 -31.22 12.38
N GLN K 44 -23.53 -29.95 11.98
CA GLN K 44 -24.57 -29.58 11.03
C GLN K 44 -24.14 -29.75 9.54
N ARG K 45 -25.15 -29.89 8.66
CA ARG K 45 -24.93 -30.05 7.22
C ARG K 45 -24.44 -28.73 6.65
N GLY K 46 -23.43 -28.84 5.80
CA GLY K 46 -22.83 -27.71 5.12
C GLY K 46 -22.47 -28.02 3.68
N MET K 47 -22.23 -26.97 2.88
CA MET K 47 -21.87 -27.12 1.49
C MET K 47 -20.47 -27.74 1.29
N VAL K 48 -20.29 -28.38 0.14
CA VAL K 48 -19.01 -28.89 -0.30
C VAL K 48 -18.72 -28.10 -1.59
N ALA K 49 -19.58 -28.28 -2.60
CA ALA K 49 -19.48 -27.65 -3.91
C ALA K 49 -20.85 -27.49 -4.53
N ILE K 50 -21.03 -26.41 -5.29
CA ILE K 50 -22.30 -26.11 -5.99
C ILE K 50 -21.98 -25.83 -7.48
N ILE K 51 -22.94 -26.10 -8.37
CA ILE K 51 -22.77 -25.91 -9.81
C ILE K 51 -24.05 -25.36 -10.44
N THR K 52 -23.93 -24.27 -11.20
CA THR K 52 -25.05 -23.66 -11.91
C THR K 52 -25.28 -24.46 -13.20
N ARG K 53 -26.44 -24.32 -13.81
CA ARG K 53 -26.79 -25.05 -15.05
C ARG K 53 -25.76 -24.78 -16.14
N VAL K 54 -25.35 -23.50 -16.20
CA VAL K 54 -24.37 -23.01 -17.14
C VAL K 54 -22.98 -23.59 -16.81
N GLY K 55 -22.74 -24.11 -15.60
CA GLY K 55 -21.46 -24.70 -15.22
C GLY K 55 -20.56 -23.90 -14.30
N ASN K 56 -21.04 -22.74 -13.76
CA ASN K 56 -20.26 -21.95 -12.81
C ASN K 56 -20.25 -22.68 -11.47
N THR K 57 -19.04 -22.90 -10.91
CA THR K 57 -18.85 -23.65 -9.68
C THR K 57 -18.33 -22.84 -8.50
N ASP K 58 -18.80 -23.17 -7.28
CA ASP K 58 -18.32 -22.60 -6.03
C ASP K 58 -17.94 -23.74 -5.10
N TYR K 59 -16.93 -23.52 -4.26
CA TYR K 59 -16.44 -24.54 -3.36
C TYR K 59 -16.26 -24.06 -1.93
N ALA K 60 -16.29 -25.01 -0.98
CA ALA K 60 -16.01 -24.76 0.41
C ALA K 60 -14.49 -24.58 0.48
N ASP K 61 -14.00 -23.70 1.36
CA ASP K 61 -12.57 -23.42 1.48
C ASP K 61 -11.76 -24.69 1.72
N SER K 62 -12.28 -25.57 2.58
CA SER K 62 -11.69 -26.87 2.93
C SER K 62 -11.50 -27.85 1.77
N VAL K 63 -12.31 -27.75 0.70
CA VAL K 63 -12.28 -28.67 -0.45
C VAL K 63 -11.77 -28.04 -1.76
N LYS K 64 -11.78 -26.68 -1.87
CA LYS K 64 -11.35 -25.91 -3.06
C LYS K 64 -9.99 -26.39 -3.56
N GLY K 65 -9.94 -26.77 -4.84
CA GLY K 65 -8.73 -27.27 -5.47
C GLY K 65 -8.53 -28.77 -5.40
N ARG K 66 -9.02 -29.42 -4.33
CA ARG K 66 -8.91 -30.87 -4.13
C ARG K 66 -10.11 -31.57 -4.75
N PHE K 67 -11.32 -31.01 -4.55
CA PHE K 67 -12.55 -31.56 -5.07
C PHE K 67 -12.97 -30.83 -6.33
N THR K 68 -13.63 -31.54 -7.25
CA THR K 68 -14.12 -30.93 -8.49
C THR K 68 -15.55 -31.37 -8.72
N ILE K 69 -16.43 -30.38 -8.87
CA ILE K 69 -17.83 -30.62 -9.18
C ILE K 69 -18.02 -30.43 -10.69
N SER K 70 -18.78 -31.34 -11.31
CA SER K 70 -19.08 -31.33 -12.74
C SER K 70 -20.48 -31.81 -12.99
N ARG K 71 -21.07 -31.48 -14.14
CA ARG K 71 -22.42 -31.94 -14.46
C ARG K 71 -22.61 -32.29 -15.93
N ASP K 72 -23.43 -33.32 -16.19
CA ASP K 72 -23.82 -33.74 -17.53
C ASP K 72 -25.31 -33.39 -17.61
N ASN K 73 -25.62 -32.29 -18.30
CA ASN K 73 -27.01 -31.81 -18.43
C ASN K 73 -27.88 -32.76 -19.24
N ALA K 74 -27.25 -33.52 -20.16
CA ALA K 74 -27.93 -34.53 -20.98
C ALA K 74 -28.37 -35.70 -20.09
N LYS K 75 -27.49 -36.13 -19.18
CA LYS K 75 -27.72 -37.25 -18.25
C LYS K 75 -28.37 -36.81 -16.92
N ASN K 76 -28.52 -35.50 -16.69
CA ASN K 76 -29.07 -34.88 -15.48
C ASN K 76 -28.34 -35.41 -14.24
N THR K 77 -27.02 -35.45 -14.33
CA THR K 77 -26.15 -35.99 -13.31
C THR K 77 -25.11 -34.97 -12.87
N VAL K 78 -24.86 -34.92 -11.55
CA VAL K 78 -23.85 -34.10 -10.91
C VAL K 78 -22.76 -35.05 -10.37
N TYR K 79 -21.51 -34.65 -10.45
CA TYR K 79 -20.40 -35.50 -10.00
C TYR K 79 -19.48 -34.76 -9.04
N LEU K 80 -18.99 -35.47 -8.02
CA LEU K 80 -18.02 -34.89 -7.10
C LEU K 80 -16.77 -35.76 -7.14
N GLN K 81 -15.72 -35.22 -7.77
CA GLN K 81 -14.44 -35.90 -7.86
C GLN K 81 -13.70 -35.45 -6.61
N MET K 82 -13.45 -36.39 -5.71
CA MET K 82 -12.79 -36.16 -4.43
C MET K 82 -11.40 -36.71 -4.47
N ASN K 83 -10.40 -35.82 -4.52
CA ASN K 83 -8.99 -36.21 -4.58
C ASN K 83 -8.31 -35.92 -3.25
N SER K 84 -7.09 -36.50 -3.02
CA SER K 84 -6.28 -36.27 -1.82
C SER K 84 -7.17 -36.24 -0.56
N LEU K 85 -7.88 -37.35 -0.30
CA LEU K 85 -8.79 -37.43 0.83
C LEU K 85 -8.06 -37.37 2.17
N LYS K 86 -8.66 -36.65 3.10
CA LYS K 86 -8.19 -36.41 4.47
C LYS K 86 -9.23 -37.00 5.44
N PRO K 87 -8.86 -37.41 6.69
CA PRO K 87 -9.87 -37.96 7.61
C PRO K 87 -10.92 -36.92 8.05
N GLU K 88 -10.69 -35.65 7.69
CA GLU K 88 -11.57 -34.52 7.94
C GLU K 88 -12.77 -34.57 6.97
N ASP K 89 -12.60 -35.25 5.80
CA ASP K 89 -13.65 -35.39 4.79
C ASP K 89 -14.65 -36.48 5.12
N THR K 90 -14.44 -37.21 6.21
CA THR K 90 -15.39 -38.25 6.63
C THR K 90 -16.72 -37.60 7.02
N ALA K 91 -17.80 -37.97 6.32
CA ALA K 91 -19.14 -37.44 6.54
C ALA K 91 -20.10 -38.17 5.62
N THR K 92 -21.39 -37.80 5.74
CA THR K 92 -22.45 -38.28 4.88
C THR K 92 -22.64 -37.19 3.81
N TYR K 93 -22.48 -37.56 2.54
CA TYR K 93 -22.56 -36.65 1.43
C TYR K 93 -23.93 -36.68 0.81
N TYR K 94 -24.56 -35.51 0.76
CA TYR K 94 -25.89 -35.33 0.21
C TYR K 94 -25.84 -34.54 -1.08
N CYS K 95 -26.71 -34.90 -2.00
CA CYS K 95 -26.85 -34.29 -3.29
C CYS K 95 -28.13 -33.47 -3.29
N HIS K 96 -28.06 -32.25 -3.85
CA HIS K 96 -29.21 -31.37 -3.95
C HIS K 96 -29.42 -30.93 -5.38
N ALA K 97 -30.68 -30.66 -5.76
CA ALA K 97 -31.04 -30.18 -7.09
C ALA K 97 -32.32 -29.36 -7.05
N GLU K 98 -32.35 -28.25 -7.82
CA GLU K 98 -33.51 -27.38 -7.94
C GLU K 98 -34.18 -27.87 -9.22
N ILE K 99 -35.23 -28.69 -9.08
CA ILE K 99 -35.87 -29.30 -10.22
C ILE K 99 -37.25 -28.74 -10.52
N THR K 100 -37.52 -28.54 -11.83
CA THR K 100 -38.82 -28.15 -12.37
C THR K 100 -39.43 -29.45 -12.91
N GLU K 101 -40.56 -29.86 -12.33
CA GLU K 101 -41.26 -31.10 -12.74
C GLU K 101 -41.99 -30.81 -14.05
N GLN K 102 -42.18 -31.77 -14.93
CA GLN K 102 -42.84 -31.45 -16.19
C GLN K 102 -44.24 -30.92 -15.95
N SER K 103 -44.88 -31.49 -14.96
CA SER K 103 -46.25 -31.12 -14.60
C SER K 103 -46.47 -29.62 -14.34
N ARG K 104 -45.45 -28.90 -13.86
CA ARG K 104 -45.53 -27.47 -13.54
C ARG K 104 -45.82 -26.62 -14.76
N PRO K 105 -46.80 -25.68 -14.69
CA PRO K 105 -47.11 -24.86 -15.85
C PRO K 105 -46.06 -23.78 -16.15
N PHE K 106 -45.37 -23.30 -15.10
CA PHE K 106 -44.34 -22.27 -15.20
C PHE K 106 -42.95 -22.82 -14.87
N TYR K 107 -41.86 -22.06 -15.19
CA TYR K 107 -40.47 -22.45 -14.93
C TYR K 107 -40.06 -22.14 -13.49
N LEU K 108 -40.69 -22.86 -12.54
CA LEU K 108 -40.52 -22.76 -11.10
C LEU K 108 -39.86 -24.04 -10.59
N THR K 109 -38.91 -23.90 -9.65
CA THR K 109 -38.16 -25.03 -9.10
C THR K 109 -38.59 -25.43 -7.69
N ASP K 110 -38.25 -26.68 -7.34
CA ASP K 110 -38.47 -27.29 -6.04
C ASP K 110 -37.17 -27.97 -5.63
N ASP K 111 -36.85 -27.90 -4.33
CA ASP K 111 -35.61 -28.47 -3.80
C ASP K 111 -35.72 -29.95 -3.55
N TYR K 112 -34.85 -30.71 -4.19
CA TYR K 112 -34.80 -32.16 -4.03
C TYR K 112 -33.48 -32.58 -3.42
N TRP K 113 -33.52 -33.56 -2.53
CA TRP K 113 -32.35 -34.06 -1.82
C TRP K 113 -32.14 -35.56 -2.02
N GLY K 114 -30.90 -35.97 -1.97
CA GLY K 114 -30.56 -37.38 -2.04
C GLY K 114 -30.62 -38.02 -0.66
N GLN K 115 -30.55 -39.36 -0.60
CA GLN K 115 -30.61 -40.15 0.63
C GLN K 115 -29.29 -40.03 1.45
N GLY K 116 -28.19 -39.73 0.77
CA GLY K 116 -26.89 -39.59 1.40
C GLY K 116 -25.96 -40.74 1.09
N THR K 117 -24.66 -40.45 1.08
CA THR K 117 -23.60 -41.41 0.79
C THR K 117 -22.59 -41.33 1.92
N GLN K 118 -22.23 -42.47 2.51
CA GLN K 118 -21.23 -42.40 3.57
C GLN K 118 -19.84 -42.54 2.97
N VAL K 119 -18.98 -41.55 3.27
CA VAL K 119 -17.59 -41.55 2.86
C VAL K 119 -16.78 -41.54 4.16
N THR K 120 -15.92 -42.56 4.32
CA THR K 120 -15.06 -42.70 5.49
C THR K 120 -13.62 -42.81 5.05
N VAL K 121 -12.80 -41.90 5.57
CA VAL K 121 -11.37 -41.79 5.28
C VAL K 121 -10.58 -42.23 6.53
N SER K 122 -9.82 -43.32 6.40
CA SER K 122 -9.01 -43.88 7.47
C SER K 122 -7.59 -43.36 7.40
N SER K 123 -6.97 -43.14 8.57
CA SER K 123 -5.59 -42.66 8.68
C SER K 123 -4.67 -43.77 8.19
N ALA K 124 -5.02 -45.04 8.53
CA ALA K 124 -4.32 -46.24 8.11
C ALA K 124 -5.15 -47.03 7.09
N GLN L 1 -6.34 -16.05 18.26
CA GLN L 1 -6.65 -14.80 17.55
C GLN L 1 -6.55 -13.58 18.49
N VAL L 2 -6.86 -13.73 19.79
CA VAL L 2 -6.66 -12.68 20.77
C VAL L 2 -6.21 -13.32 22.12
N GLN L 3 -5.10 -12.82 22.69
CA GLN L 3 -4.58 -13.31 23.95
C GLN L 3 -4.93 -12.32 25.05
N LEU L 4 -5.62 -12.80 26.09
CA LEU L 4 -6.09 -11.95 27.18
C LEU L 4 -5.37 -12.15 28.49
N GLN L 5 -5.08 -11.04 29.18
CA GLN L 5 -4.44 -11.10 30.48
C GLN L 5 -5.09 -10.16 31.46
N GLU L 6 -5.68 -10.72 32.53
CA GLU L 6 -6.35 -9.99 33.61
C GLU L 6 -5.38 -9.59 34.71
N SER L 7 -5.75 -8.56 35.46
CA SER L 7 -5.01 -8.04 36.60
C SER L 7 -5.99 -7.27 37.49
N GLY L 8 -5.57 -6.97 38.73
CA GLY L 8 -6.38 -6.20 39.67
C GLY L 8 -7.03 -6.97 40.81
N GLY L 9 -6.89 -8.29 40.81
CA GLY L 9 -7.46 -9.16 41.85
C GLY L 9 -6.78 -9.04 43.21
N GLY L 10 -7.38 -9.66 44.22
CA GLY L 10 -6.84 -9.66 45.57
C GLY L 10 -7.85 -9.78 46.69
N LEU L 11 -7.43 -9.46 47.92
CA LEU L 11 -8.27 -9.50 49.12
C LEU L 11 -8.82 -8.12 49.45
N VAL L 12 -10.11 -8.05 49.83
CA VAL L 12 -10.82 -6.81 50.20
C VAL L 12 -11.88 -7.12 51.28
N GLN L 13 -12.13 -6.14 52.17
CA GLN L 13 -13.18 -6.27 53.18
C GLN L 13 -14.50 -5.91 52.52
N ALA L 14 -15.60 -6.54 52.95
CA ALA L 14 -16.94 -6.29 52.43
C ALA L 14 -17.33 -4.81 52.46
N GLY L 15 -18.03 -4.37 51.41
CA GLY L 15 -18.43 -2.97 51.22
C GLY L 15 -17.36 -2.20 50.46
N GLY L 16 -16.21 -2.85 50.27
CA GLY L 16 -15.06 -2.31 49.57
C GLY L 16 -15.20 -2.20 48.06
N SER L 17 -14.09 -1.85 47.39
CA SER L 17 -14.03 -1.67 45.94
C SER L 17 -12.77 -2.27 45.34
N LEU L 18 -12.85 -2.71 44.09
CA LEU L 18 -11.74 -3.28 43.34
C LEU L 18 -11.94 -3.03 41.85
N ARG L 19 -10.84 -2.75 41.12
CA ARG L 19 -10.91 -2.51 39.68
C ARG L 19 -10.04 -3.51 38.93
N LEU L 20 -10.68 -4.32 38.07
CA LEU L 20 -9.98 -5.32 37.26
C LEU L 20 -9.72 -4.81 35.87
N SER L 21 -8.57 -5.18 35.30
CA SER L 21 -8.19 -4.80 33.95
C SER L 21 -7.94 -6.05 33.13
N CYS L 22 -8.05 -5.92 31.80
CA CYS L 22 -7.79 -7.03 30.89
C CYS L 22 -7.30 -6.52 29.57
N THR L 23 -6.03 -6.80 29.24
CA THR L 23 -5.44 -6.34 27.99
C THR L 23 -5.45 -7.48 26.99
N ALA L 24 -5.84 -7.16 25.76
CA ALA L 24 -5.92 -8.11 24.66
C ALA L 24 -4.80 -7.87 23.65
N SER L 25 -4.12 -8.95 23.28
CA SER L 25 -3.03 -8.94 22.34
C SER L 25 -3.47 -9.71 21.09
N GLY L 26 -3.63 -8.99 20.00
CA GLY L 26 -4.10 -9.55 18.74
C GLY L 26 -4.79 -8.52 17.88
N ARG L 27 -5.16 -8.95 16.66
CA ARG L 27 -5.79 -8.08 15.67
C ARG L 27 -7.31 -8.00 15.85
N ALA L 28 -7.89 -6.88 15.40
CA ALA L 28 -9.31 -6.55 15.40
C ALA L 28 -10.00 -6.69 16.74
N PHE L 29 -9.45 -6.04 17.79
CA PHE L 29 -10.02 -6.04 19.14
C PHE L 29 -11.48 -5.59 19.14
N SER L 30 -11.78 -4.52 18.39
CA SER L 30 -13.10 -3.92 18.21
C SER L 30 -14.19 -4.91 17.69
N TRP L 31 -13.78 -6.01 17.05
CA TRP L 31 -14.71 -7.02 16.53
C TRP L 31 -15.31 -7.84 17.67
N TYR L 32 -14.52 -8.04 18.74
CA TYR L 32 -14.87 -8.88 19.86
C TYR L 32 -15.79 -8.25 20.86
N VAL L 33 -16.73 -9.05 21.37
CA VAL L 33 -17.61 -8.66 22.45
C VAL L 33 -16.84 -9.18 23.68
N MET L 34 -16.44 -8.24 24.55
CA MET L 34 -15.66 -8.59 25.73
C MET L 34 -16.59 -8.85 26.89
N GLY L 35 -16.20 -9.79 27.75
CA GLY L 35 -16.99 -10.14 28.91
C GLY L 35 -16.19 -10.55 30.13
N TRP L 36 -16.74 -10.26 31.31
CA TRP L 36 -16.19 -10.65 32.61
C TRP L 36 -17.05 -11.78 33.14
N PHE L 37 -16.39 -12.85 33.56
CA PHE L 37 -17.03 -14.06 34.05
C PHE L 37 -16.40 -14.48 35.36
N ARG L 38 -17.19 -15.05 36.28
CA ARG L 38 -16.65 -15.49 37.57
C ARG L 38 -16.91 -16.97 37.84
N GLN L 39 -15.90 -17.65 38.38
CA GLN L 39 -16.01 -19.05 38.74
C GLN L 39 -15.80 -19.19 40.23
N ALA L 40 -16.90 -19.41 40.96
CA ALA L 40 -16.90 -19.61 42.42
C ALA L 40 -16.36 -21.01 42.74
N PRO L 41 -15.67 -21.24 43.89
CA PRO L 41 -15.16 -22.59 44.18
C PRO L 41 -16.29 -23.61 44.19
N GLY L 42 -16.14 -24.62 43.34
CA GLY L 42 -17.13 -25.67 43.17
C GLY L 42 -18.19 -25.39 42.12
N LYS L 43 -18.48 -24.10 41.85
CA LYS L 43 -19.49 -23.67 40.87
C LYS L 43 -18.94 -23.52 39.45
N GLU L 44 -19.86 -23.38 38.45
CA GLU L 44 -19.54 -23.20 37.03
C GLU L 44 -19.21 -21.71 36.78
N ARG L 45 -18.70 -21.40 35.57
CA ARG L 45 -18.39 -20.02 35.20
C ARG L 45 -19.68 -19.31 34.94
N GLU L 46 -19.92 -18.23 35.68
CA GLU L 46 -21.13 -17.41 35.56
C GLU L 46 -20.78 -16.10 34.89
N PHE L 47 -21.71 -15.59 34.10
CA PHE L 47 -21.57 -14.30 33.42
C PHE L 47 -21.68 -13.16 34.43
N VAL L 48 -20.84 -12.13 34.26
CA VAL L 48 -20.83 -10.97 35.18
C VAL L 48 -21.26 -9.69 34.43
N ALA L 49 -20.53 -9.33 33.36
CA ALA L 49 -20.78 -8.14 32.55
C ALA L 49 -20.19 -8.31 31.14
N THR L 50 -20.80 -7.66 30.13
CA THR L 50 -20.35 -7.70 28.74
C THR L 50 -20.39 -6.33 28.08
N VAL L 51 -19.52 -6.14 27.11
CA VAL L 51 -19.39 -4.91 26.35
C VAL L 51 -19.18 -5.24 24.84
N SER L 52 -20.00 -4.60 23.98
CA SER L 52 -19.92 -4.74 22.54
C SER L 52 -18.60 -4.11 22.05
N GLY L 53 -18.12 -4.54 20.89
CA GLY L 53 -16.86 -4.05 20.31
C GLY L 53 -16.69 -2.53 20.28
N ASN L 54 -17.77 -1.83 20.02
CA ASN L 54 -17.91 -0.39 19.96
C ASN L 54 -17.94 0.22 21.35
N GLY L 55 -18.54 -0.51 22.30
CA GLY L 55 -18.75 -0.07 23.67
C GLY L 55 -20.18 0.42 23.85
N SER L 56 -20.98 0.42 22.75
CA SER L 56 -22.38 0.86 22.69
C SER L 56 -23.34 0.03 23.52
N ARG L 57 -23.03 -1.27 23.71
CA ARG L 57 -23.89 -2.16 24.48
C ARG L 57 -23.16 -2.72 25.69
N ARG L 58 -23.76 -2.53 26.89
CA ARG L 58 -23.23 -3.05 28.16
C ARG L 58 -24.34 -3.79 28.89
N ASP L 59 -24.06 -5.03 29.30
CA ASP L 59 -25.03 -5.87 30.01
C ASP L 59 -24.42 -6.46 31.25
N TYR L 60 -25.19 -6.55 32.34
CA TYR L 60 -24.72 -7.05 33.63
C TYR L 60 -25.61 -8.14 34.19
N ALA L 61 -25.03 -9.03 35.01
CA ALA L 61 -25.75 -10.06 35.75
C ALA L 61 -26.61 -9.33 36.78
N ASP L 62 -27.82 -9.83 37.05
CA ASP L 62 -28.76 -9.23 38.00
C ASP L 62 -28.16 -8.98 39.37
N SER L 63 -27.33 -9.94 39.85
CA SER L 63 -26.62 -9.89 41.13
C SER L 63 -25.65 -8.71 41.27
N VAL L 64 -24.96 -8.33 40.17
CA VAL L 64 -23.95 -7.26 40.17
C VAL L 64 -24.49 -5.91 39.73
N LYS L 65 -25.69 -5.88 39.09
CA LYS L 65 -26.35 -4.64 38.59
C LYS L 65 -26.36 -3.54 39.64
N GLY L 66 -25.96 -2.34 39.23
CA GLY L 66 -25.89 -1.18 40.11
C GLY L 66 -24.63 -1.05 40.95
N ARG L 67 -23.80 -2.12 41.00
CA ARG L 67 -22.56 -2.12 41.78
C ARG L 67 -21.32 -2.26 40.89
N PHE L 68 -21.44 -3.02 39.80
CA PHE L 68 -20.34 -3.25 38.87
C PHE L 68 -20.53 -2.43 37.60
N THR L 69 -19.40 -2.00 36.99
CA THR L 69 -19.42 -1.22 35.75
C THR L 69 -18.34 -1.72 34.79
N ILE L 70 -18.76 -2.08 33.58
CA ILE L 70 -17.86 -2.55 32.53
C ILE L 70 -17.52 -1.39 31.57
N SER L 71 -16.23 -1.23 31.24
CA SER L 71 -15.75 -0.16 30.33
C SER L 71 -14.72 -0.72 29.36
N ARG L 72 -14.50 0.00 28.26
CA ARG L 72 -13.60 -0.41 27.19
C ARG L 72 -12.74 0.73 26.68
N ASP L 73 -11.51 0.42 26.23
CA ASP L 73 -10.60 1.35 25.58
C ASP L 73 -9.96 0.64 24.41
N ASN L 74 -10.56 0.78 23.24
CA ASN L 74 -10.09 0.12 22.02
C ASN L 74 -8.73 0.59 21.57
N ALA L 75 -8.35 1.83 21.92
CA ALA L 75 -7.04 2.40 21.61
C ALA L 75 -5.94 1.72 22.44
N LYS L 76 -6.29 1.31 23.68
CA LYS L 76 -5.39 0.66 24.60
C LYS L 76 -5.60 -0.86 24.64
N ASN L 77 -6.53 -1.40 23.79
CA ASN L 77 -6.90 -2.83 23.71
C ASN L 77 -7.22 -3.41 25.09
N THR L 78 -7.85 -2.59 25.96
CA THR L 78 -8.21 -3.02 27.31
C THR L 78 -9.70 -2.89 27.60
N VAL L 79 -10.16 -3.79 28.49
CA VAL L 79 -11.52 -3.86 29.05
C VAL L 79 -11.35 -3.83 30.59
N TYR L 80 -12.20 -3.05 31.27
CA TYR L 80 -12.15 -2.91 32.72
C TYR L 80 -13.44 -3.32 33.41
N LEU L 81 -13.33 -3.72 34.69
CA LEU L 81 -14.46 -4.03 35.55
C LEU L 81 -14.28 -3.34 36.90
N GLN L 82 -15.10 -2.31 37.14
CA GLN L 82 -15.10 -1.59 38.41
C GLN L 82 -16.13 -2.27 39.30
N MET L 83 -15.66 -2.91 40.38
CA MET L 83 -16.50 -3.65 41.31
C MET L 83 -16.63 -2.85 42.61
N ASN L 84 -17.74 -2.12 42.78
CA ASN L 84 -17.99 -1.35 44.00
C ASN L 84 -18.90 -2.14 44.94
N SER L 85 -18.96 -1.71 46.23
CA SER L 85 -19.82 -2.29 47.28
C SER L 85 -19.82 -3.83 47.24
N LEU L 86 -18.64 -4.43 47.35
CA LEU L 86 -18.46 -5.88 47.27
C LEU L 86 -19.04 -6.65 48.46
N LYS L 87 -19.69 -7.78 48.16
CA LYS L 87 -20.32 -8.72 49.11
C LYS L 87 -19.46 -9.99 49.14
N PRO L 88 -19.47 -10.82 50.22
CA PRO L 88 -18.67 -12.05 50.20
C PRO L 88 -19.04 -13.05 49.10
N GLU L 89 -20.24 -12.91 48.49
CA GLU L 89 -20.74 -13.73 47.37
C GLU L 89 -19.83 -13.59 46.13
N ASP L 90 -19.24 -12.38 45.93
CA ASP L 90 -18.42 -12.06 44.78
C ASP L 90 -17.04 -12.73 44.80
N THR L 91 -16.71 -13.50 45.84
CA THR L 91 -15.43 -14.24 45.93
C THR L 91 -15.44 -15.32 44.86
N ALA L 92 -14.57 -15.17 43.85
CA ALA L 92 -14.45 -16.08 42.72
C ALA L 92 -13.25 -15.70 41.88
N VAL L 93 -12.89 -16.56 40.92
CA VAL L 93 -11.81 -16.27 40.00
C VAL L 93 -12.46 -15.53 38.83
N TYR L 94 -12.08 -14.26 38.63
CA TYR L 94 -12.62 -13.43 37.57
C TYR L 94 -11.84 -13.60 36.29
N TYR L 95 -12.54 -14.02 35.26
CA TYR L 95 -12.01 -14.26 33.93
C TYR L 95 -12.50 -13.19 32.97
N CYS L 96 -11.66 -12.88 32.01
CA CYS L 96 -11.95 -11.94 30.95
C CYS L 96 -11.95 -12.78 29.67
N ALA L 97 -13.02 -12.65 28.87
CA ALA L 97 -13.22 -13.43 27.66
C ALA L 97 -13.69 -12.62 26.46
N ALA L 98 -13.32 -13.08 25.25
CA ALA L 98 -13.66 -12.44 23.98
C ALA L 98 -14.54 -13.35 23.14
N SER L 99 -15.59 -12.78 22.51
CA SER L 99 -16.51 -13.49 21.64
C SER L 99 -16.51 -12.87 20.28
N SER L 100 -16.35 -13.72 19.26
CA SER L 100 -16.31 -13.29 17.87
C SER L 100 -17.74 -13.23 17.26
N THR L 101 -18.75 -13.48 18.06
CA THR L 101 -20.13 -13.44 17.60
C THR L 101 -20.94 -12.40 18.33
N TYR L 102 -21.86 -11.74 17.66
CA TYR L 102 -22.62 -10.64 18.25
C TYR L 102 -23.69 -10.90 19.28
N TYR L 103 -23.51 -10.20 20.38
CA TYR L 103 -24.32 -10.16 21.58
C TYR L 103 -24.84 -11.30 22.41
N TYR L 104 -23.93 -12.07 22.96
CA TYR L 104 -24.31 -13.15 23.80
C TYR L 104 -23.66 -13.02 25.16
N THR L 105 -24.44 -13.25 26.22
CA THR L 105 -23.96 -13.22 27.59
C THR L 105 -23.67 -14.61 28.13
N ASP L 106 -23.83 -15.61 27.31
CA ASP L 106 -23.56 -17.00 27.66
C ASP L 106 -22.07 -17.28 27.43
N PRO L 107 -21.34 -17.76 28.47
CA PRO L 107 -19.91 -18.08 28.30
C PRO L 107 -19.58 -19.10 27.21
N GLU L 108 -20.57 -19.89 26.77
CA GLU L 108 -20.40 -20.90 25.70
C GLU L 108 -20.08 -20.24 24.33
N LYS L 109 -20.48 -18.96 24.16
CA LYS L 109 -20.25 -18.18 22.94
C LYS L 109 -18.88 -17.47 22.91
N TYR L 110 -18.11 -17.56 24.03
CA TYR L 110 -16.80 -16.92 24.18
C TYR L 110 -15.70 -17.94 23.97
N ASP L 111 -14.89 -17.73 22.92
CA ASP L 111 -13.81 -18.64 22.50
C ASP L 111 -12.48 -18.38 23.17
N TYR L 112 -12.09 -17.10 23.33
CA TYR L 112 -10.79 -16.75 23.93
C TYR L 112 -10.95 -16.32 25.36
N TRP L 113 -10.13 -16.90 26.24
CA TRP L 113 -10.16 -16.70 27.68
C TRP L 113 -8.80 -16.36 28.26
N GLY L 114 -8.81 -15.60 29.37
CA GLY L 114 -7.62 -15.24 30.11
C GLY L 114 -7.30 -16.24 31.20
N GLN L 115 -6.20 -16.02 31.94
CA GLN L 115 -5.76 -16.91 33.03
C GLN L 115 -6.66 -16.82 34.27
N GLY L 116 -7.24 -15.64 34.52
CA GLY L 116 -8.11 -15.38 35.66
C GLY L 116 -7.38 -14.73 36.82
N THR L 117 -8.13 -14.03 37.70
CA THR L 117 -7.61 -13.39 38.92
C THR L 117 -8.51 -13.69 40.09
N GLN L 118 -7.91 -14.13 41.21
CA GLN L 118 -8.68 -14.44 42.41
C GLN L 118 -9.07 -13.15 43.12
N VAL L 119 -10.36 -13.04 43.47
CA VAL L 119 -10.91 -11.91 44.21
C VAL L 119 -11.53 -12.51 45.46
N THR L 120 -11.07 -12.05 46.64
CA THR L 120 -11.54 -12.52 47.95
C THR L 120 -12.11 -11.36 48.73
N VAL L 121 -13.39 -11.47 49.09
CA VAL L 121 -14.16 -10.50 49.85
C VAL L 121 -14.39 -11.11 51.22
N SER L 122 -13.64 -10.61 52.22
CA SER L 122 -13.72 -11.08 53.59
C SER L 122 -14.94 -10.47 54.26
N SER L 123 -15.65 -11.31 55.03
CA SER L 123 -16.83 -10.84 55.77
C SER L 123 -16.24 -9.96 56.87
N ALA L 124 -15.19 -10.47 57.56
CA ALA L 124 -14.39 -9.86 58.64
C ALA L 124 -14.32 -8.34 58.55
N THR M 5 -43.80 21.93 11.34
CA THR M 5 -43.39 20.76 12.11
C THR M 5 -42.38 19.88 11.36
N GLU M 6 -41.27 19.53 12.03
CA GLU M 6 -40.21 18.70 11.48
C GLU M 6 -40.20 17.31 12.10
N VAL M 7 -40.12 17.18 13.46
CA VAL M 7 -40.10 15.86 14.11
C VAL M 7 -41.13 15.75 15.23
N VAL M 8 -42.02 14.74 15.14
CA VAL M 8 -43.07 14.51 16.13
C VAL M 8 -43.18 13.04 16.58
N MET M 9 -43.34 12.85 17.90
CA MET M 9 -43.52 11.53 18.52
C MET M 9 -44.72 11.62 19.44
N GLU M 10 -45.72 10.74 19.22
CA GLU M 10 -46.95 10.71 20.01
C GLU M 10 -47.20 9.33 20.58
N ASN M 11 -47.20 9.23 21.93
CA ASN M 11 -47.47 8.02 22.73
C ASN M 11 -46.61 6.85 22.30
N VAL M 12 -45.33 7.15 22.04
CA VAL M 12 -44.39 6.16 21.53
C VAL M 12 -43.76 5.33 22.64
N THR M 13 -43.84 4.01 22.48
CA THR M 13 -43.23 3.03 23.36
C THR M 13 -42.57 1.95 22.48
N ALA M 14 -41.39 1.47 22.89
CA ALA M 14 -40.67 0.44 22.15
C ALA M 14 -39.89 -0.47 23.08
N PHE M 15 -39.59 -1.69 22.60
CA PHE M 15 -38.85 -2.73 23.32
C PHE M 15 -37.72 -3.23 22.46
N TRP M 16 -36.56 -3.51 23.07
CA TRP M 16 -35.42 -4.06 22.33
C TRP M 16 -35.62 -5.58 22.20
N GLU M 17 -36.17 -6.21 23.26
CA GLU M 17 -36.46 -7.63 23.36
C GLU M 17 -37.94 -7.85 23.70
N GLU M 18 -38.63 -8.69 22.89
CA GLU M 18 -40.04 -9.03 23.05
C GLU M 18 -40.29 -9.65 24.43
N GLY M 19 -41.29 -9.12 25.13
CA GLY M 19 -41.63 -9.57 26.47
C GLY M 19 -40.74 -9.03 27.58
N GLY M 20 -39.88 -8.09 27.24
CA GLY M 20 -38.98 -7.44 28.19
C GLY M 20 -39.56 -6.16 28.75
N THR M 21 -38.72 -5.31 29.36
CA THR M 21 -39.12 -4.01 29.88
C THR M 21 -38.98 -3.00 28.72
N PRO M 22 -39.95 -2.07 28.49
CA PRO M 22 -39.80 -1.14 27.37
C PRO M 22 -38.65 -0.18 27.58
N VAL M 23 -37.82 0.01 26.54
CA VAL M 23 -36.66 0.89 26.57
C VAL M 23 -37.10 2.37 26.61
N LEU M 24 -38.28 2.65 26.02
CA LEU M 24 -38.91 3.96 25.98
C LEU M 24 -40.39 3.77 26.26
N LYS M 25 -40.91 4.53 27.24
CA LYS M 25 -42.29 4.46 27.71
C LYS M 25 -43.03 5.79 27.57
N ASP M 26 -44.08 5.79 26.70
CA ASP M 26 -45.00 6.88 26.36
C ASP M 26 -44.27 8.20 26.11
N ILE M 27 -43.55 8.26 24.98
CA ILE M 27 -42.75 9.44 24.62
C ILE M 27 -43.56 10.35 23.72
N ASN M 28 -43.61 11.63 24.11
CA ASN M 28 -44.33 12.70 23.43
C ASN M 28 -43.44 13.91 23.30
N PHE M 29 -43.39 14.47 22.08
CA PHE M 29 -42.67 15.70 21.73
C PHE M 29 -42.95 16.13 20.30
N LYS M 30 -42.87 17.45 20.06
CA LYS M 30 -43.03 18.06 18.76
C LYS M 30 -41.95 19.12 18.61
N ILE M 31 -41.01 18.88 17.67
CA ILE M 31 -39.91 19.79 17.38
C ILE M 31 -40.19 20.48 16.07
N GLU M 32 -40.38 21.80 16.12
CA GLU M 32 -40.68 22.62 14.95
C GLU M 32 -39.42 22.79 14.10
N ARG M 33 -39.59 23.21 12.82
CA ARG M 33 -38.50 23.43 11.87
C ARG M 33 -37.45 24.40 12.44
N GLY M 34 -36.18 24.02 12.30
CA GLY M 34 -35.03 24.81 12.74
C GLY M 34 -34.81 24.94 14.23
N GLN M 35 -35.54 24.13 15.05
CA GLN M 35 -35.42 24.18 16.51
C GLN M 35 -34.32 23.26 17.06
N LEU M 36 -33.84 23.54 18.30
CA LEU M 36 -32.84 22.73 18.98
C LEU M 36 -33.47 22.02 20.19
N LEU M 37 -33.56 20.68 20.11
CA LEU M 37 -34.09 19.88 21.20
C LEU M 37 -32.92 19.28 21.95
N ALA M 38 -32.87 19.48 23.25
CA ALA M 38 -31.83 18.91 24.08
C ALA M 38 -32.39 17.67 24.75
N VAL M 39 -31.67 16.53 24.62
CA VAL M 39 -32.08 15.28 25.23
C VAL M 39 -31.11 14.95 26.36
N ALA M 40 -31.56 15.13 27.59
CA ALA M 40 -30.78 14.87 28.80
C ALA M 40 -31.26 13.61 29.51
N GLY M 41 -30.47 13.15 30.45
CA GLY M 41 -30.80 11.97 31.23
C GLY M 41 -29.61 11.24 31.83
N SER M 42 -29.91 10.32 32.74
CA SER M 42 -28.93 9.47 33.42
C SER M 42 -28.41 8.42 32.41
N THR M 43 -27.31 7.73 32.75
CA THR M 43 -26.77 6.67 31.91
C THR M 43 -27.78 5.50 31.86
N GLY M 44 -28.11 5.07 30.65
CA GLY M 44 -29.07 3.99 30.40
C GLY M 44 -30.52 4.44 30.29
N ALA M 45 -30.78 5.77 30.33
CA ALA M 45 -32.11 6.37 30.26
C ALA M 45 -32.92 6.04 28.98
N GLY M 46 -32.23 5.82 27.85
CA GLY M 46 -32.89 5.51 26.58
C GLY M 46 -32.76 6.58 25.51
N LYS M 47 -31.85 7.56 25.72
CA LYS M 47 -31.52 8.68 24.81
C LYS M 47 -31.09 8.21 23.44
N THR M 48 -30.05 7.34 23.36
CA THR M 48 -29.55 6.79 22.10
C THR M 48 -30.66 6.02 21.40
N SER M 49 -31.37 5.20 22.19
CA SER M 49 -32.51 4.39 21.76
C SER M 49 -33.60 5.24 21.10
N LEU M 50 -33.84 6.46 21.64
CA LEU M 50 -34.81 7.40 21.08
C LEU M 50 -34.36 7.86 19.69
N LEU M 51 -33.06 8.14 19.53
CA LEU M 51 -32.49 8.56 18.25
C LEU M 51 -32.52 7.44 17.27
N MET M 52 -32.29 6.21 17.77
CA MET M 52 -32.35 5.01 16.95
C MET M 52 -33.72 4.81 16.35
N MET M 53 -34.74 5.15 17.13
CA MET M 53 -36.13 5.06 16.73
C MET M 53 -36.43 6.02 15.58
N ILE M 54 -35.88 7.26 15.65
CA ILE M 54 -36.00 8.27 14.60
C ILE M 54 -35.35 7.75 13.32
N MET M 55 -34.25 6.97 13.45
CA MET M 55 -33.52 6.33 12.35
C MET M 55 -34.28 5.18 11.73
N GLY M 56 -35.12 4.53 12.52
CA GLY M 56 -35.87 3.36 12.09
C GLY M 56 -35.19 2.07 12.52
N GLU M 57 -34.07 2.20 13.25
CA GLU M 57 -33.35 1.04 13.78
C GLU M 57 -34.12 0.43 14.97
N LEU M 58 -35.05 1.19 15.56
CA LEU M 58 -35.91 0.72 16.64
C LEU M 58 -37.35 0.97 16.23
N GLU M 59 -38.16 -0.12 16.14
CA GLU M 59 -39.55 -0.03 15.74
C GLU M 59 -40.45 0.14 16.95
N PRO M 60 -41.37 1.15 16.96
CA PRO M 60 -42.25 1.32 18.12
C PRO M 60 -43.31 0.22 18.18
N SER M 61 -43.59 -0.26 19.39
CA SER M 61 -44.63 -1.26 19.62
C SER M 61 -45.99 -0.55 19.60
N GLU M 62 -46.01 0.69 20.11
CA GLU M 62 -47.18 1.58 20.19
C GLU M 62 -46.75 3.02 19.91
N GLY M 63 -47.66 3.79 19.33
CA GLY M 63 -47.41 5.20 19.01
C GLY M 63 -47.05 5.47 17.57
N LYS M 64 -46.83 6.78 17.25
CA LYS M 64 -46.48 7.25 15.91
C LYS M 64 -45.33 8.27 15.88
N ILE M 65 -44.46 8.14 14.85
CA ILE M 65 -43.30 9.04 14.61
C ILE M 65 -43.41 9.66 13.21
N LYS M 66 -43.29 10.98 13.11
CA LYS M 66 -43.35 11.70 11.83
C LYS M 66 -42.16 12.64 11.65
N HIS M 67 -41.52 12.60 10.44
CA HIS M 67 -40.40 13.46 10.01
C HIS M 67 -40.07 13.33 8.52
N SER M 68 -39.28 14.30 7.99
CA SER M 68 -38.78 14.29 6.62
C SER M 68 -37.50 13.45 6.61
N GLY M 69 -37.39 12.58 5.61
CA GLY M 69 -36.30 11.62 5.43
C GLY M 69 -34.85 12.08 5.55
N ARG M 70 -34.55 13.38 5.26
CA ARG M 70 -33.18 13.92 5.29
C ARG M 70 -32.60 14.03 6.72
N ILE M 71 -31.94 12.96 7.18
CA ILE M 71 -31.33 12.86 8.50
C ILE M 71 -29.83 12.61 8.44
N SER M 72 -29.07 13.32 9.28
CA SER M 72 -27.62 13.15 9.44
C SER M 72 -27.36 12.83 10.90
N PHE M 73 -26.79 11.66 11.16
CA PHE M 73 -26.58 11.17 12.51
C PHE M 73 -25.15 11.11 12.94
N CYS M 74 -24.87 11.71 14.11
CA CYS M 74 -23.58 11.71 14.77
C CYS M 74 -23.65 10.79 16.00
N SER M 75 -22.89 9.68 15.94
CA SER M 75 -22.83 8.65 16.98
C SER M 75 -22.11 9.14 18.25
N GLN M 76 -22.43 8.49 19.38
CA GLN M 76 -21.83 8.68 20.69
C GLN M 76 -20.40 8.16 20.59
N PHE M 77 -20.23 7.11 19.78
CA PHE M 77 -18.99 6.39 19.56
C PHE M 77 -18.42 6.71 18.21
N SER M 78 -17.30 7.50 18.22
CA SER M 78 -16.60 7.95 17.02
C SER M 78 -16.11 6.75 16.22
N TRP M 79 -16.23 6.86 14.91
CA TRP M 79 -15.80 5.83 13.99
C TRP M 79 -15.06 6.47 12.85
N ILE M 80 -13.96 5.84 12.48
CA ILE M 80 -13.06 6.30 11.44
C ILE M 80 -12.87 5.21 10.42
N MET M 81 -13.04 5.56 9.14
CA MET M 81 -12.82 4.61 8.07
C MET M 81 -11.41 4.68 7.55
N PRO M 82 -10.83 3.58 7.02
CA PRO M 82 -9.48 3.67 6.48
C PRO M 82 -9.49 4.60 5.27
N GLY M 83 -8.56 5.55 5.28
CA GLY M 83 -8.43 6.55 4.23
C GLY M 83 -7.93 7.86 4.80
N THR M 84 -7.94 8.92 4.01
CA THR M 84 -7.47 10.21 4.47
C THR M 84 -8.50 10.92 5.37
N ILE M 85 -8.12 12.07 5.99
CA ILE M 85 -9.04 12.87 6.79
C ILE M 85 -10.17 13.38 5.88
N LYS M 86 -9.80 13.92 4.67
CA LYS M 86 -10.75 14.43 3.68
C LYS M 86 -11.76 13.34 3.31
N GLU M 87 -11.25 12.12 3.01
CA GLU M 87 -12.05 10.93 2.68
C GLU M 87 -13.09 10.63 3.78
N ASN M 88 -12.66 10.77 5.05
CA ASN M 88 -13.49 10.53 6.21
C ASN M 88 -14.57 11.59 6.37
N ILE M 89 -14.25 12.87 6.07
CA ILE M 89 -15.21 13.97 6.23
C ILE M 89 -16.26 14.02 5.10
N ILE M 90 -15.81 13.84 3.86
CA ILE M 90 -16.71 13.82 2.70
C ILE M 90 -17.04 12.33 2.40
N PHE M 91 -17.82 11.73 3.29
CA PHE M 91 -18.15 10.33 3.17
C PHE M 91 -19.17 10.09 2.02
N GLY M 92 -18.65 10.02 0.80
CA GLY M 92 -19.47 9.86 -0.40
C GLY M 92 -20.33 11.07 -0.72
N VAL M 93 -20.02 12.24 -0.13
CA VAL M 93 -20.75 13.49 -0.38
C VAL M 93 -19.89 14.32 -1.35
N SER M 94 -20.53 14.97 -2.33
CA SER M 94 -19.87 15.85 -3.30
C SER M 94 -18.98 16.87 -2.58
N TYR M 95 -17.80 17.17 -3.12
CA TYR M 95 -16.88 18.11 -2.49
C TYR M 95 -17.11 19.57 -2.90
N ASP M 96 -17.26 20.45 -1.89
CA ASP M 96 -17.35 21.91 -2.02
C ASP M 96 -16.34 22.48 -1.03
N GLU M 97 -15.31 23.19 -1.55
CA GLU M 97 -14.23 23.77 -0.75
C GLU M 97 -14.72 24.66 0.37
N TYR M 98 -15.63 25.59 0.04
CA TYR M 98 -16.18 26.52 1.01
C TYR M 98 -16.83 25.80 2.18
N ARG M 99 -17.77 24.89 1.89
CA ARG M 99 -18.45 24.10 2.93
C ARG M 99 -17.43 23.32 3.74
N TYR M 100 -16.52 22.60 3.04
CA TYR M 100 -15.49 21.77 3.65
C TYR M 100 -14.64 22.54 4.66
N ARG M 101 -13.99 23.60 4.19
CA ARG M 101 -13.14 24.43 5.03
C ARG M 101 -13.90 25.18 6.13
N SER M 102 -15.22 25.45 5.92
CA SER M 102 -16.07 26.11 6.92
C SER M 102 -16.43 25.14 8.05
N VAL M 103 -16.74 23.87 7.70
CA VAL M 103 -17.05 22.79 8.63
C VAL M 103 -15.83 22.50 9.53
N ILE M 104 -14.62 22.39 8.92
CA ILE M 104 -13.33 22.14 9.57
C ILE M 104 -13.10 23.20 10.64
N LYS M 105 -13.28 24.49 10.26
CA LYS M 105 -13.11 25.65 11.13
C LYS M 105 -14.05 25.52 12.33
N ALA M 106 -15.36 25.35 12.07
CA ALA M 106 -16.41 25.21 13.09
C ALA M 106 -16.17 24.04 14.07
N CYS M 107 -15.64 22.91 13.55
CA CYS M 107 -15.39 21.71 14.35
C CYS M 107 -14.03 21.66 14.98
N GLN M 108 -13.30 22.80 15.02
CA GLN M 108 -11.97 22.93 15.64
C GLN M 108 -10.96 21.91 15.12
N LEU M 109 -10.95 21.71 13.79
CA LEU M 109 -10.03 20.74 13.18
C LEU M 109 -8.87 21.36 12.39
N GLU M 110 -9.01 22.65 11.97
CA GLU M 110 -8.01 23.33 11.16
C GLU M 110 -6.60 23.25 11.72
N GLU M 111 -6.42 23.62 13.02
CA GLU M 111 -5.13 23.60 13.71
C GLU M 111 -4.50 22.20 13.72
N ASP M 112 -5.29 21.16 14.02
CA ASP M 112 -4.83 19.77 14.06
C ASP M 112 -4.39 19.32 12.69
N ILE M 113 -5.24 19.54 11.66
CA ILE M 113 -4.98 19.20 10.27
C ILE M 113 -3.74 19.91 9.76
N SER M 114 -3.61 21.23 10.03
CA SER M 114 -2.44 21.98 9.57
C SER M 114 -1.13 21.59 10.29
N LYS M 115 -1.21 20.89 11.45
CA LYS M 115 -0.02 20.38 12.16
C LYS M 115 0.68 19.33 11.27
N PHE M 116 -0.10 18.52 10.53
CA PHE M 116 0.41 17.49 9.60
C PHE M 116 0.95 18.11 8.33
N ALA M 117 2.07 17.57 7.82
CA ALA M 117 2.70 18.04 6.59
C ALA M 117 1.80 17.78 5.39
N GLU M 118 1.13 16.60 5.40
CA GLU M 118 0.21 16.16 4.35
C GLU M 118 -1.19 16.75 4.51
N LYS M 119 -1.42 17.50 5.60
CA LYS M 119 -2.70 18.14 5.95
C LYS M 119 -3.85 17.11 5.93
N ASP M 120 -4.97 17.40 5.24
CA ASP M 120 -6.13 16.49 5.18
C ASP M 120 -5.87 15.23 4.35
N ASN M 121 -4.69 15.12 3.71
CA ASN M 121 -4.31 13.97 2.90
C ASN M 121 -3.57 12.91 3.70
N ILE M 122 -3.50 13.08 5.01
CA ILE M 122 -2.86 12.10 5.87
C ILE M 122 -3.74 10.86 5.96
N VAL M 123 -3.10 9.68 5.90
CA VAL M 123 -3.87 8.44 5.92
C VAL M 123 -4.13 7.96 7.33
N LEU M 124 -5.38 7.66 7.62
CA LEU M 124 -5.85 7.14 8.91
C LEU M 124 -6.11 5.63 8.78
N GLY M 125 -6.09 4.94 9.90
CA GLY M 125 -6.41 3.52 9.95
C GLY M 125 -7.83 3.39 10.47
N GLU M 126 -8.35 2.14 10.57
CA GLU M 126 -9.70 1.98 11.12
C GLU M 126 -9.70 2.21 12.64
N GLY M 127 -10.67 2.99 13.11
CA GLY M 127 -10.81 3.36 14.52
C GLY M 127 -10.01 4.59 14.93
N GLY M 128 -9.20 5.12 14.01
CA GLY M 128 -8.36 6.31 14.20
C GLY M 128 -7.40 6.25 15.38
N ILE M 129 -6.79 5.06 15.60
CA ILE M 129 -5.82 4.74 16.67
C ILE M 129 -4.67 5.74 16.74
N THR M 130 -4.26 6.29 15.57
CA THR M 130 -3.23 7.30 15.38
C THR M 130 -3.67 8.64 15.99
N LEU M 131 -4.99 8.95 15.98
CA LEU M 131 -5.51 10.21 16.52
C LEU M 131 -5.95 10.08 17.96
N SER M 132 -6.15 11.23 18.65
CA SER M 132 -6.63 11.27 20.02
C SER M 132 -8.15 11.15 20.00
N GLY M 133 -8.74 10.85 21.15
CA GLY M 133 -10.17 10.71 21.31
C GLY M 133 -10.93 11.93 20.83
N GLY M 134 -10.37 13.11 21.14
CA GLY M 134 -10.89 14.42 20.76
C GLY M 134 -10.82 14.62 19.27
N GLN M 135 -9.67 14.27 18.66
CA GLN M 135 -9.45 14.38 17.22
C GLN M 135 -10.45 13.48 16.49
N ARG M 136 -10.63 12.23 16.97
CA ARG M 136 -11.58 11.25 16.43
C ARG M 136 -13.02 11.77 16.50
N ALA M 137 -13.42 12.32 17.65
CA ALA M 137 -14.75 12.88 17.91
C ALA M 137 -15.03 14.06 16.98
N ARG M 138 -14.01 14.91 16.75
CA ARG M 138 -14.12 16.09 15.90
C ARG M 138 -14.30 15.71 14.44
N ILE M 139 -13.56 14.69 13.97
CA ILE M 139 -13.66 14.17 12.59
C ILE M 139 -15.05 13.56 12.36
N SER M 140 -15.57 12.80 13.35
CA SER M 140 -16.89 12.18 13.30
C SER M 140 -17.99 13.25 13.24
N LEU M 141 -17.89 14.32 14.07
CA LEU M 141 -18.85 15.40 14.05
C LEU M 141 -18.77 16.18 12.74
N ALA M 142 -17.54 16.45 12.24
CA ALA M 142 -17.31 17.16 10.98
C ALA M 142 -18.01 16.45 9.83
N ARG M 143 -17.90 15.10 9.77
CA ARG M 143 -18.49 14.24 8.76
C ARG M 143 -20.01 14.42 8.75
N ALA M 144 -20.60 14.40 9.96
CA ALA M 144 -22.03 14.53 10.18
C ALA M 144 -22.54 15.91 9.80
N VAL M 145 -21.81 16.97 10.18
CA VAL M 145 -22.26 18.32 9.87
C VAL M 145 -21.99 18.64 8.40
N TYR M 146 -21.00 17.98 7.75
CA TYR M 146 -20.73 18.19 6.32
C TYR M 146 -21.90 17.69 5.46
N LYS M 147 -22.58 16.60 5.91
CA LYS M 147 -23.72 16.02 5.20
C LYS M 147 -24.86 17.02 5.29
N ASP M 148 -25.46 17.39 4.15
CA ASP M 148 -26.57 18.35 4.17
C ASP M 148 -27.89 17.59 4.36
N ALA M 149 -28.47 17.73 5.55
CA ALA M 149 -29.72 17.08 5.94
C ALA M 149 -30.68 18.10 6.54
N ASP M 150 -31.95 17.72 6.70
CA ASP M 150 -32.99 18.56 7.29
C ASP M 150 -32.97 18.46 8.80
N LEU M 151 -32.58 17.28 9.31
CA LEU M 151 -32.50 16.98 10.74
C LEU M 151 -31.13 16.43 11.12
N TYR M 152 -30.56 16.98 12.21
CA TYR M 152 -29.27 16.54 12.71
C TYR M 152 -29.40 15.92 14.09
N LEU M 153 -29.09 14.62 14.17
CA LEU M 153 -29.15 13.88 15.43
C LEU M 153 -27.74 13.77 15.96
N LEU M 154 -27.42 14.56 16.99
CA LEU M 154 -26.08 14.58 17.58
C LEU M 154 -26.10 13.94 18.95
N ASP M 155 -25.75 12.64 18.99
CA ASP M 155 -25.74 11.86 20.22
C ASP M 155 -24.41 12.03 20.93
N SER M 156 -24.43 12.72 22.09
CA SER M 156 -23.29 13.03 22.96
C SER M 156 -21.95 13.21 22.18
N PRO M 157 -21.86 14.20 21.25
CA PRO M 157 -20.61 14.36 20.50
C PRO M 157 -19.46 14.93 21.33
N PHE M 158 -19.76 15.72 22.37
CA PHE M 158 -18.77 16.38 23.21
C PHE M 158 -18.25 15.55 24.38
N GLY M 159 -18.68 14.28 24.46
CA GLY M 159 -18.31 13.34 25.51
C GLY M 159 -16.83 13.16 25.77
N TYR M 160 -16.00 13.10 24.70
CA TYR M 160 -14.55 12.91 24.84
C TYR M 160 -13.77 14.17 24.48
N LEU M 161 -14.44 15.33 24.57
CA LEU M 161 -13.84 16.64 24.29
C LEU M 161 -13.62 17.43 25.56
N ASP M 162 -12.57 18.27 25.58
CA ASP M 162 -12.29 19.17 26.69
C ASP M 162 -13.33 20.29 26.66
N VAL M 163 -13.61 20.88 27.83
CA VAL M 163 -14.62 21.93 27.99
C VAL M 163 -14.35 23.18 27.12
N LEU M 164 -13.06 23.48 26.83
CA LEU M 164 -12.70 24.65 26.02
C LEU M 164 -13.06 24.45 24.54
N THR M 165 -12.72 23.27 23.97
CA THR M 165 -13.03 22.90 22.58
C THR M 165 -14.53 22.77 22.44
N GLU M 166 -15.18 22.06 23.38
CA GLU M 166 -16.62 21.85 23.39
C GLU M 166 -17.37 23.19 23.34
N LYS M 167 -16.92 24.21 24.12
CA LYS M 167 -17.50 25.56 24.15
C LYS M 167 -17.43 26.18 22.75
N GLU M 168 -16.24 26.13 22.10
CA GLU M 168 -16.00 26.65 20.75
C GLU M 168 -16.90 25.94 19.73
N ILE M 169 -16.90 24.58 19.74
CA ILE M 169 -17.70 23.77 18.82
C ILE M 169 -19.21 24.03 19.01
N PHE M 170 -19.71 24.02 20.24
CA PHE M 170 -21.13 24.26 20.49
C PHE M 170 -21.58 25.62 19.95
N GLU M 171 -20.82 26.66 20.25
CA GLU M 171 -21.11 28.03 19.83
C GLU M 171 -21.00 28.24 18.31
N SER M 172 -19.87 27.83 17.69
CA SER M 172 -19.64 28.06 16.26
C SER M 172 -20.20 27.01 15.31
N CYS M 173 -20.39 25.76 15.76
CA CYS M 173 -20.92 24.70 14.90
C CYS M 173 -22.41 24.46 15.12
N VAL M 174 -22.78 23.92 16.31
CA VAL M 174 -24.17 23.63 16.68
C VAL M 174 -25.06 24.86 16.60
N CYS M 175 -24.61 26.01 17.11
CA CYS M 175 -25.38 27.24 17.16
C CYS M 175 -25.21 28.16 15.95
N LYS M 176 -24.00 28.33 15.42
CA LYS M 176 -23.80 29.24 14.30
C LYS M 176 -23.91 28.55 12.93
N LEU M 177 -23.09 27.53 12.66
CA LEU M 177 -23.05 26.84 11.37
C LEU M 177 -24.35 26.12 11.01
N MET M 178 -25.01 25.52 12.00
CA MET M 178 -26.25 24.76 11.81
C MET M 178 -27.49 25.53 12.30
N ALA M 179 -27.34 26.86 12.52
CA ALA M 179 -28.32 27.81 13.05
C ALA M 179 -29.77 27.61 12.64
N ASN M 180 -30.09 27.41 11.34
CA ASN M 180 -31.49 27.30 10.94
C ASN M 180 -31.96 25.85 10.61
N LYS M 181 -31.19 24.83 11.04
CA LYS M 181 -31.55 23.42 10.85
C LYS M 181 -32.14 22.85 12.14
N THR M 182 -33.04 21.87 11.98
CA THR M 182 -33.65 21.17 13.13
C THR M 182 -32.57 20.25 13.70
N ARG M 183 -32.27 20.42 14.99
CA ARG M 183 -31.22 19.66 15.66
C ARG M 183 -31.68 19.03 16.97
N ILE M 184 -31.30 17.76 17.16
CA ILE M 184 -31.57 17.02 18.39
C ILE M 184 -30.20 16.70 18.99
N LEU M 185 -29.88 17.37 20.10
CA LEU M 185 -28.60 17.22 20.76
C LEU M 185 -28.71 16.50 22.08
N VAL M 186 -28.05 15.32 22.18
CA VAL M 186 -28.04 14.54 23.41
C VAL M 186 -26.93 15.16 24.27
N THR M 187 -27.35 15.90 25.32
CA THR M 187 -26.49 16.60 26.26
C THR M 187 -27.15 16.75 27.62
N SER M 188 -26.36 16.72 28.70
CA SER M 188 -26.85 16.92 30.07
C SER M 188 -26.22 18.17 30.72
N LYS M 189 -25.64 19.07 29.90
CA LYS M 189 -25.00 20.31 30.34
C LYS M 189 -25.96 21.48 30.33
N MET M 190 -26.02 22.20 31.47
CA MET M 190 -26.87 23.40 31.66
C MET M 190 -26.52 24.49 30.65
N GLU M 191 -25.20 24.62 30.36
CA GLU M 191 -24.57 25.55 29.42
C GLU M 191 -25.17 25.36 28.01
N HIS M 192 -25.48 24.10 27.66
CA HIS M 192 -26.08 23.74 26.38
C HIS M 192 -27.59 23.87 26.44
N LEU M 193 -28.19 23.46 27.57
CA LEU M 193 -29.63 23.47 27.83
C LEU M 193 -30.23 24.87 27.80
N LYS M 194 -29.46 25.91 28.21
CA LYS M 194 -29.93 27.30 28.19
C LYS M 194 -30.22 27.78 26.77
N LYS M 195 -29.45 27.27 25.78
CA LYS M 195 -29.59 27.62 24.36
C LYS M 195 -30.64 26.73 23.62
N ALA M 196 -31.25 25.75 24.30
CA ALA M 196 -32.23 24.86 23.68
C ALA M 196 -33.61 25.50 23.55
N ASP M 197 -34.35 25.13 22.49
CA ASP M 197 -35.71 25.59 22.24
C ASP M 197 -36.66 24.80 23.13
N LYS M 198 -36.48 23.46 23.16
CA LYS M 198 -37.20 22.53 24.02
C LYS M 198 -36.21 21.52 24.63
N ILE M 199 -36.55 20.98 25.81
CA ILE M 199 -35.71 20.05 26.56
C ILE M 199 -36.51 18.79 26.93
N LEU M 200 -35.94 17.61 26.65
CA LEU M 200 -36.53 16.35 27.02
C LEU M 200 -35.58 15.64 28.00
N ILE M 201 -36.06 15.36 29.21
CA ILE M 201 -35.27 14.67 30.22
C ILE M 201 -35.82 13.27 30.38
N LEU M 202 -34.97 12.28 30.13
CA LEU M 202 -35.35 10.88 30.24
C LEU M 202 -34.75 10.22 31.47
N HIS M 203 -35.50 9.31 32.08
CA HIS M 203 -35.05 8.53 33.22
C HIS M 203 -35.73 7.18 33.18
N GLU M 204 -34.93 6.12 32.97
CA GLU M 204 -35.37 4.73 32.87
C GLU M 204 -36.50 4.53 31.84
N GLY M 205 -36.28 5.03 30.62
CA GLY M 205 -37.24 4.96 29.54
C GLY M 205 -38.39 5.95 29.58
N SER M 206 -38.57 6.62 30.71
CA SER M 206 -39.68 7.55 30.90
C SER M 206 -39.27 9.00 30.77
N SER M 207 -40.23 9.84 30.32
CA SER M 207 -40.05 11.29 30.17
C SER M 207 -40.31 11.96 31.53
N TYR M 208 -39.26 12.41 32.21
CA TYR M 208 -39.37 13.08 33.51
C TYR M 208 -39.66 14.58 33.37
N PHE M 209 -39.18 15.18 32.27
CA PHE M 209 -39.41 16.59 31.95
C PHE M 209 -39.45 16.82 30.45
N TYR M 210 -40.38 17.67 30.02
CA TYR M 210 -40.53 18.13 28.65
C TYR M 210 -41.08 19.53 28.64
N GLY M 211 -40.28 20.45 28.14
CA GLY M 211 -40.64 21.85 28.07
C GLY M 211 -39.49 22.77 27.77
N THR M 212 -39.67 24.07 28.04
CA THR M 212 -38.66 25.09 27.79
C THR M 212 -37.66 25.21 28.94
N PHE M 213 -36.60 26.02 28.74
CA PHE M 213 -35.56 26.25 29.73
C PHE M 213 -36.11 26.98 30.94
N SER M 214 -37.00 27.98 30.72
CA SER M 214 -37.67 28.76 31.76
C SER M 214 -38.50 27.85 32.67
N GLU M 215 -39.21 26.87 32.08
CA GLU M 215 -40.01 25.87 32.79
C GLU M 215 -39.11 24.97 33.65
N LEU M 216 -37.93 24.61 33.12
CA LEU M 216 -36.92 23.79 33.81
C LEU M 216 -36.30 24.60 34.96
N GLN M 217 -36.04 25.91 34.71
CA GLN M 217 -35.48 26.86 35.67
C GLN M 217 -36.41 27.02 36.88
N ASN M 218 -37.74 27.01 36.62
CA ASN M 218 -38.79 27.12 37.64
C ASN M 218 -39.06 25.79 38.38
N LEU M 219 -38.01 24.95 38.58
CA LEU M 219 -38.11 23.68 39.31
C LEU M 219 -36.91 23.46 40.25
N GLN N 1 -21.51 25.93 48.26
CA GLN N 1 -21.89 24.55 48.55
C GLN N 1 -20.96 23.59 47.84
N VAL N 2 -20.46 23.98 46.67
CA VAL N 2 -19.57 23.16 45.87
C VAL N 2 -18.27 23.90 45.65
N GLN N 3 -17.15 23.25 45.93
CA GLN N 3 -15.85 23.86 45.72
C GLN N 3 -14.86 22.85 45.15
N LEU N 4 -13.93 23.32 44.33
CA LEU N 4 -12.90 22.49 43.73
C LEU N 4 -11.59 22.98 44.32
N GLN N 5 -10.79 22.11 44.89
CA GLN N 5 -9.54 22.54 45.50
C GLN N 5 -8.33 21.78 44.99
N GLU N 6 -7.46 22.49 44.25
CA GLU N 6 -6.23 21.91 43.73
C GLU N 6 -5.12 22.01 44.74
N SER N 7 -4.17 21.08 44.67
CA SER N 7 -2.99 20.99 45.53
C SER N 7 -1.92 20.19 44.78
N GLY N 8 -0.68 20.21 45.30
CA GLY N 8 0.42 19.43 44.74
C GLY N 8 1.43 20.19 43.91
N GLY N 9 1.15 21.47 43.63
CA GLY N 9 2.03 22.31 42.83
C GLY N 9 3.31 22.72 43.54
N GLY N 10 4.14 23.47 42.83
CA GLY N 10 5.40 23.96 43.39
C GLY N 10 6.53 24.08 42.41
N LEU N 11 7.73 24.39 42.94
CA LEU N 11 8.94 24.53 42.14
C LEU N 11 9.74 23.24 42.16
N VAL N 12 9.95 22.64 40.99
CA VAL N 12 10.68 21.38 40.85
C VAL N 12 11.82 21.51 39.85
N GLN N 13 12.76 20.56 39.87
CA GLN N 13 13.86 20.51 38.91
C GLN N 13 13.33 19.77 37.68
N ALA N 14 14.01 19.89 36.54
CA ALA N 14 13.61 19.18 35.34
C ALA N 14 13.90 17.69 35.54
N GLY N 15 12.97 16.85 35.10
CA GLY N 15 13.04 15.40 35.22
C GLY N 15 12.32 14.88 36.43
N SER N 16 11.95 15.79 37.35
CA SER N 16 11.22 15.48 38.58
C SER N 16 9.80 14.99 38.32
N SER N 17 9.23 14.35 39.32
CA SER N 17 7.86 13.88 39.34
C SER N 17 7.05 14.83 40.21
N LEU N 18 5.72 14.83 40.05
CA LEU N 18 4.81 15.69 40.80
C LEU N 18 3.39 15.13 40.68
N ARG N 19 2.62 15.17 41.77
CA ARG N 19 1.25 14.68 41.72
C ARG N 19 0.31 15.78 42.13
N LEU N 20 -0.48 16.27 41.17
CA LEU N 20 -1.49 17.28 41.44
C LEU N 20 -2.75 16.55 41.82
N ALA N 21 -3.52 17.12 42.73
CA ALA N 21 -4.77 16.54 43.17
C ALA N 21 -5.82 17.63 43.25
N CYS N 22 -7.06 17.29 42.92
CA CYS N 22 -8.15 18.24 42.93
C CYS N 22 -9.42 17.55 43.40
N ALA N 23 -9.92 17.97 44.58
CA ALA N 23 -11.11 17.36 45.18
C ALA N 23 -12.33 18.25 45.15
N ALA N 24 -13.47 17.64 44.84
CA ALA N 24 -14.76 18.30 44.81
C ALA N 24 -15.40 18.13 46.18
N THR N 25 -15.73 19.27 46.81
CA THR N 25 -16.33 19.32 48.15
C THR N 25 -17.64 20.10 48.12
N GLY N 26 -18.58 19.71 48.97
CA GLY N 26 -19.87 20.35 49.06
C GLY N 26 -21.04 19.45 48.74
N SER N 27 -22.18 20.04 48.33
CA SER N 27 -23.39 19.28 48.00
C SER N 27 -23.28 18.72 46.58
N ILE N 28 -22.70 17.51 46.46
CA ILE N 28 -22.49 16.86 45.17
C ILE N 28 -23.45 15.70 45.04
N ARG N 29 -24.29 15.74 44.02
CA ARG N 29 -25.18 14.62 43.71
C ARG N 29 -24.38 13.61 42.87
N SER N 30 -23.60 14.12 41.88
CA SER N 30 -22.70 13.35 41.00
C SER N 30 -21.76 14.27 40.19
N ILE N 31 -20.67 13.69 39.63
CA ILE N 31 -19.69 14.37 38.77
C ILE N 31 -19.54 13.56 37.49
N ASN N 32 -19.64 14.21 36.31
CA ASN N 32 -19.51 13.47 35.04
C ASN N 32 -18.10 13.48 34.45
N ASN N 33 -17.58 14.64 34.08
CA ASN N 33 -16.27 14.74 33.47
C ASN N 33 -15.38 15.62 34.28
N MET N 34 -14.11 15.23 34.34
CA MET N 34 -13.10 15.94 35.10
C MET N 34 -11.90 16.07 34.22
N GLY N 35 -11.18 17.18 34.37
CA GLY N 35 -10.00 17.44 33.56
C GLY N 35 -9.02 18.41 34.14
N TRP N 36 -7.79 18.31 33.65
CA TRP N 36 -6.66 19.17 33.99
C TRP N 36 -6.30 20.01 32.77
N TYR N 37 -6.21 21.32 32.99
CA TYR N 37 -5.91 22.30 31.97
C TYR N 37 -4.73 23.12 32.45
N ARG N 38 -4.01 23.78 31.55
CA ARG N 38 -2.87 24.60 31.95
C ARG N 38 -2.77 25.88 31.15
N GLN N 39 -2.22 26.92 31.77
CA GLN N 39 -2.02 28.22 31.14
C GLN N 39 -0.64 28.76 31.50
N ALA N 40 0.25 28.80 30.51
CA ALA N 40 1.60 29.35 30.67
C ALA N 40 1.53 30.88 30.48
N PRO N 41 2.47 31.69 31.04
CA PRO N 41 2.37 33.15 30.87
C PRO N 41 2.34 33.61 29.40
N GLY N 42 1.40 34.52 29.10
CA GLY N 42 1.19 35.06 27.77
C GLY N 42 0.40 34.17 26.84
N LYS N 43 0.52 32.84 27.01
CA LYS N 43 -0.19 31.83 26.22
C LYS N 43 -1.62 31.62 26.75
N GLN N 44 -2.48 30.99 25.92
CA GLN N 44 -3.87 30.73 26.32
C GLN N 44 -4.03 29.40 27.05
N ARG N 45 -5.14 29.26 27.81
CA ARG N 45 -5.45 28.04 28.55
C ARG N 45 -5.78 26.92 27.58
N GLY N 46 -5.20 25.75 27.84
CA GLY N 46 -5.40 24.56 27.03
C GLY N 46 -5.50 23.32 27.88
N MET N 47 -6.07 22.24 27.32
CA MET N 47 -6.21 20.95 27.99
C MET N 47 -4.86 20.26 28.18
N VAL N 48 -4.75 19.48 29.26
CA VAL N 48 -3.61 18.64 29.56
C VAL N 48 -4.12 17.20 29.41
N ALA N 49 -5.16 16.85 30.21
CA ALA N 49 -5.77 15.54 30.26
C ALA N 49 -7.22 15.63 30.76
N ILE N 50 -8.09 14.75 30.24
CA ILE N 50 -9.50 14.68 30.63
C ILE N 50 -9.85 13.23 30.99
N ILE N 51 -10.86 13.04 31.87
CA ILE N 51 -11.29 11.72 32.33
C ILE N 51 -12.83 11.64 32.47
N THR N 52 -13.43 10.59 31.90
CA THR N 52 -14.87 10.35 31.99
C THR N 52 -15.18 9.68 33.33
N ARG N 53 -16.46 9.71 33.78
CA ARG N 53 -16.89 9.12 35.07
C ARG N 53 -16.46 7.66 35.17
N VAL N 54 -16.58 6.95 34.04
CA VAL N 54 -16.23 5.54 33.88
C VAL N 54 -14.69 5.31 33.82
N GLY N 55 -13.92 6.37 33.61
CA GLY N 55 -12.46 6.26 33.60
C GLY N 55 -11.73 6.36 32.25
N ASN N 56 -12.44 6.64 31.15
CA ASN N 56 -11.81 6.78 29.84
C ASN N 56 -11.06 8.11 29.81
N THR N 57 -9.78 8.07 29.41
CA THR N 57 -8.88 9.24 29.42
C THR N 57 -8.39 9.71 28.05
N ASP N 58 -8.22 11.03 27.89
CA ASP N 58 -7.62 11.65 26.70
C ASP N 58 -6.52 12.59 27.15
N TYR N 59 -5.48 12.74 26.31
CA TYR N 59 -4.30 13.54 26.64
C TYR N 59 -3.87 14.48 25.54
N ALA N 60 -3.17 15.56 25.93
CA ALA N 60 -2.58 16.50 24.98
C ALA N 60 -1.35 15.77 24.43
N ASP N 61 -1.03 15.97 23.13
CA ASP N 61 0.10 15.30 22.49
C ASP N 61 1.40 15.51 23.26
N SER N 62 1.61 16.75 23.75
CA SER N 62 2.76 17.19 24.55
C SER N 62 2.96 16.44 25.87
N VAL N 63 1.87 15.93 26.48
CA VAL N 63 1.91 15.24 27.79
C VAL N 63 1.64 13.73 27.74
N LYS N 64 0.96 13.22 26.67
CA LYS N 64 0.65 11.81 26.53
C LYS N 64 1.86 10.91 26.80
N GLY N 65 1.66 9.90 27.64
CA GLY N 65 2.69 8.95 28.04
C GLY N 65 3.51 9.39 29.24
N ARG N 66 3.72 10.72 29.41
CA ARG N 66 4.48 11.29 30.53
C ARG N 66 3.56 11.56 31.71
N PHE N 67 2.38 12.13 31.44
CA PHE N 67 1.38 12.47 32.46
C PHE N 67 0.29 11.40 32.50
N THR N 68 -0.29 11.17 33.68
CA THR N 68 -1.37 10.21 33.85
C THR N 68 -2.48 10.82 34.68
N ILE N 69 -3.70 10.81 34.13
CA ILE N 69 -4.89 11.30 34.82
C ILE N 69 -5.63 10.10 35.41
N SER N 70 -6.09 10.23 36.67
CA SER N 70 -6.82 9.19 37.39
C SER N 70 -7.89 9.82 38.27
N ARG N 71 -8.91 9.03 38.67
CA ARG N 71 -9.95 9.57 39.54
C ARG N 71 -10.45 8.56 40.55
N ASP N 72 -10.80 9.06 41.76
CA ASP N 72 -11.39 8.28 42.83
C ASP N 72 -12.81 8.82 42.95
N ASN N 73 -13.78 8.08 42.40
CA ASN N 73 -15.18 8.49 42.41
C ASN N 73 -15.78 8.52 43.82
N ALA N 74 -15.24 7.69 44.74
CA ALA N 74 -15.65 7.65 46.14
C ALA N 74 -15.21 8.95 46.83
N LYS N 75 -13.99 9.42 46.55
CA LYS N 75 -13.40 10.62 47.13
C LYS N 75 -13.69 11.90 46.32
N ASN N 76 -14.35 11.77 45.15
CA ASN N 76 -14.66 12.89 44.22
C ASN N 76 -13.39 13.70 43.91
N THR N 77 -12.30 12.97 43.62
CA THR N 77 -10.98 13.54 43.38
C THR N 77 -10.41 13.10 42.05
N VAL N 78 -9.77 14.05 41.34
CA VAL N 78 -9.05 13.83 40.09
C VAL N 78 -7.55 14.06 40.38
N TYR N 79 -6.68 13.26 39.76
CA TYR N 79 -5.24 13.37 40.00
C TYR N 79 -4.47 13.47 38.71
N LEU N 80 -3.39 14.27 38.74
CA LEU N 80 -2.51 14.36 37.59
C LEU N 80 -1.12 13.99 38.03
N GLN N 81 -0.68 12.81 37.58
CA GLN N 81 0.67 12.32 37.84
C GLN N 81 1.56 12.84 36.72
N MET N 82 2.44 13.77 37.06
CA MET N 82 3.34 14.45 36.13
C MET N 82 4.75 13.91 36.27
N ASN N 83 5.21 13.15 35.29
CA ASN N 83 6.55 12.54 35.29
C ASN N 83 7.45 13.24 34.28
N SER N 84 8.80 13.01 34.36
CA SER N 84 9.83 13.57 33.49
C SER N 84 9.52 15.03 33.10
N LEU N 85 9.38 15.90 34.11
CA LEU N 85 9.01 17.30 33.90
C LEU N 85 10.07 18.06 33.10
N LYS N 86 9.59 18.88 32.18
CA LYS N 86 10.35 19.70 31.25
C LYS N 86 10.05 21.19 31.56
N PRO N 87 10.99 22.12 31.25
CA PRO N 87 10.71 23.55 31.52
C PRO N 87 9.46 24.14 30.84
N GLU N 88 8.99 23.51 29.73
CA GLU N 88 7.82 23.86 28.92
C GLU N 88 6.52 23.64 29.71
N ASP N 89 6.56 22.66 30.65
CA ASP N 89 5.44 22.29 31.52
C ASP N 89 5.13 23.37 32.54
N THR N 90 6.02 24.39 32.67
CA THR N 90 5.80 25.53 33.57
C THR N 90 4.50 26.18 33.17
N ALA N 91 3.54 26.28 34.12
CA ALA N 91 2.22 26.89 33.90
C ALA N 91 1.38 26.83 35.17
N THR N 92 0.19 27.42 35.11
CA THR N 92 -0.81 27.36 36.16
C THR N 92 -1.77 26.26 35.74
N TYR N 93 -1.91 25.24 36.59
CA TYR N 93 -2.75 24.10 36.33
C TYR N 93 -4.12 24.25 36.94
N TYR N 94 -5.16 24.19 36.10
CA TYR N 94 -6.55 24.32 36.51
C TYR N 94 -7.27 23.01 36.41
N CYS N 95 -8.20 22.82 37.34
CA CYS N 95 -9.01 21.64 37.45
C CYS N 95 -10.42 22.00 37.05
N HIS N 96 -11.06 21.14 36.24
CA HIS N 96 -12.43 21.34 35.79
C HIS N 96 -13.26 20.12 36.12
N ALA N 97 -14.56 20.33 36.39
CA ALA N 97 -15.50 19.25 36.68
C ALA N 97 -16.93 19.63 36.30
N GLU N 98 -17.67 18.66 35.74
CA GLU N 98 -19.09 18.81 35.36
C GLU N 98 -19.86 18.25 36.55
N ILE N 99 -20.33 19.13 37.44
CA ILE N 99 -20.97 18.69 38.68
C ILE N 99 -22.47 18.93 38.70
N THR N 100 -23.20 17.94 39.24
CA THR N 100 -24.63 17.99 39.50
C THR N 100 -24.74 18.26 41.01
N GLU N 101 -25.33 19.40 41.38
CA GLU N 101 -25.49 19.78 42.79
C GLU N 101 -26.65 18.98 43.37
N GLN N 102 -26.61 18.67 44.68
CA GLN N 102 -27.69 17.92 45.35
C GLN N 102 -29.06 18.60 45.22
N SER N 103 -29.06 19.95 45.10
CA SER N 103 -30.25 20.78 44.91
C SER N 103 -30.94 20.54 43.57
N ARG N 104 -30.10 20.26 42.50
CA ARG N 104 -30.55 20.00 41.12
C ARG N 104 -31.60 18.89 41.05
N PRO N 105 -32.70 19.16 40.32
CA PRO N 105 -33.83 18.20 40.32
C PRO N 105 -33.52 16.94 39.53
N PHE N 106 -32.79 17.10 38.41
CA PHE N 106 -32.46 16.02 37.48
C PHE N 106 -30.96 15.88 37.37
N TYR N 107 -30.46 14.88 36.62
CA TYR N 107 -29.02 14.65 36.41
C TYR N 107 -28.45 15.56 35.30
N LEU N 108 -28.43 16.87 35.61
CA LEU N 108 -27.96 17.99 34.80
C LEU N 108 -26.71 18.56 35.45
N THR N 109 -25.69 18.83 34.65
CA THR N 109 -24.40 19.30 35.13
C THR N 109 -24.14 20.79 34.91
N ASP N 110 -23.18 21.33 35.68
CA ASP N 110 -22.67 22.70 35.64
C ASP N 110 -21.16 22.63 35.68
N ASP N 111 -20.49 23.52 34.93
CA ASP N 111 -19.03 23.55 34.85
C ASP N 111 -18.41 24.29 36.01
N TYR N 112 -17.54 23.60 36.74
CA TYR N 112 -16.84 24.16 37.88
C TYR N 112 -15.34 24.16 37.61
N TRP N 113 -14.67 25.22 38.06
CA TRP N 113 -13.24 25.40 37.88
C TRP N 113 -12.52 25.62 39.20
N GLY N 114 -11.27 25.19 39.25
CA GLY N 114 -10.43 25.40 40.41
C GLY N 114 -9.76 26.75 40.32
N GLN N 115 -9.12 27.20 41.42
CA GLN N 115 -8.39 28.47 41.51
C GLN N 115 -7.05 28.43 40.77
N GLY N 116 -6.50 27.23 40.63
CA GLY N 116 -5.23 26.98 39.96
C GLY N 116 -4.09 26.72 40.91
N THR N 117 -3.09 25.96 40.45
CA THR N 117 -1.86 25.65 41.20
C THR N 117 -0.72 25.99 40.30
N GLN N 118 0.30 26.64 40.82
CA GLN N 118 1.45 26.98 40.00
C GLN N 118 2.48 25.86 40.04
N VAL N 119 2.92 25.41 38.85
CA VAL N 119 3.97 24.41 38.69
C VAL N 119 5.09 25.10 37.94
N THR N 120 6.30 25.15 38.53
CA THR N 120 7.47 25.78 37.92
C THR N 120 8.60 24.75 37.83
N VAL N 121 9.08 24.51 36.59
CA VAL N 121 10.13 23.54 36.28
C VAL N 121 11.38 24.32 35.90
N SER N 122 12.45 24.16 36.71
CA SER N 122 13.75 24.82 36.53
C SER N 122 14.73 23.93 35.78
N SER N 123 15.73 24.53 35.10
CA SER N 123 16.77 23.83 34.35
C SER N 123 18.06 23.78 35.15
N GLN O 1 4.88 22.38 5.92
CA GLN O 1 5.74 23.47 5.46
C GLN O 1 5.83 23.53 3.92
N VAL O 2 5.89 24.78 3.37
CA VAL O 2 6.06 25.06 1.94
C VAL O 2 7.13 26.13 1.72
N GLN O 3 8.03 25.92 0.74
CA GLN O 3 9.06 26.89 0.38
C GLN O 3 8.66 27.58 -0.90
N LEU O 4 8.57 28.91 -0.86
CA LEU O 4 8.10 29.69 -2.00
C LEU O 4 9.19 30.50 -2.67
N GLN O 5 9.19 30.49 -4.01
CA GLN O 5 10.14 31.26 -4.78
C GLN O 5 9.48 32.00 -5.92
N GLU O 6 9.53 33.34 -5.85
CA GLU O 6 8.95 34.24 -6.85
C GLU O 6 9.93 34.54 -7.96
N SER O 7 9.41 34.92 -9.13
CA SER O 7 10.15 35.31 -10.31
C SER O 7 9.25 36.19 -11.17
N GLY O 8 9.84 36.89 -12.14
CA GLY O 8 9.09 37.74 -13.06
C GLY O 8 9.18 39.23 -12.85
N GLY O 9 9.86 39.67 -11.79
CA GLY O 9 10.05 41.08 -11.48
C GLY O 9 10.98 41.79 -12.43
N GLY O 10 11.05 43.12 -12.30
CA GLY O 10 11.91 43.97 -13.14
C GLY O 10 11.40 45.37 -13.40
N LEU O 11 12.03 46.05 -14.39
CA LEU O 11 11.69 47.42 -14.80
C LEU O 11 10.76 47.44 -16.00
N VAL O 12 9.72 48.30 -15.97
CA VAL O 12 8.72 48.44 -17.05
C VAL O 12 8.25 49.92 -17.12
N GLN O 13 7.85 50.39 -18.32
CA GLN O 13 7.31 51.72 -18.52
C GLN O 13 5.82 51.68 -18.13
N ALA O 14 5.28 52.79 -17.60
CA ALA O 14 3.88 52.91 -17.18
C ALA O 14 2.92 52.56 -18.32
N GLY O 15 1.83 51.88 -17.95
CA GLY O 15 0.81 51.39 -18.89
C GLY O 15 1.15 49.99 -19.36
N GLY O 16 2.36 49.54 -19.01
CA GLY O 16 2.92 48.24 -19.35
C GLY O 16 2.31 47.07 -18.60
N SER O 17 2.91 45.88 -18.80
CA SER O 17 2.45 44.64 -18.19
C SER O 17 3.62 43.79 -17.69
N LEU O 18 3.37 42.99 -16.64
CA LEU O 18 4.34 42.08 -16.05
C LEU O 18 3.61 40.90 -15.44
N ARG O 19 4.18 39.69 -15.56
CA ARG O 19 3.59 38.48 -15.00
C ARG O 19 4.54 37.84 -14.00
N LEU O 20 4.11 37.76 -12.74
CA LEU O 20 4.91 37.16 -11.67
C LEU O 20 4.49 35.73 -11.45
N SER O 21 5.47 34.87 -11.15
CA SER O 21 5.24 33.47 -10.87
C SER O 21 5.75 33.15 -9.47
N CYS O 22 5.21 32.10 -8.86
CA CYS O 22 5.65 31.65 -7.55
C CYS O 22 5.44 30.18 -7.41
N THR O 23 6.54 29.43 -7.33
CA THR O 23 6.49 27.99 -7.20
C THR O 23 6.67 27.61 -5.75
N ALA O 24 5.85 26.66 -5.30
CA ALA O 24 5.89 26.16 -3.94
C ALA O 24 6.47 24.76 -3.90
N SER O 25 7.42 24.55 -2.99
CA SER O 25 8.09 23.27 -2.77
C SER O 25 7.67 22.76 -1.40
N GLY O 26 6.87 21.69 -1.40
CA GLY O 26 6.35 21.07 -0.20
C GLY O 26 5.08 20.28 -0.45
N ARG O 27 4.58 19.61 0.59
CA ARG O 27 3.37 18.79 0.50
C ARG O 27 2.08 19.62 0.75
N ALA O 28 0.96 19.11 0.18
CA ALA O 28 -0.41 19.63 0.26
C ALA O 28 -0.55 21.10 -0.14
N PHE O 29 -0.06 21.44 -1.34
CA PHE O 29 -0.15 22.80 -1.87
C PHE O 29 -1.59 23.32 -1.89
N SER O 30 -2.54 22.46 -2.30
CA SER O 30 -3.98 22.73 -2.42
C SER O 30 -4.64 23.13 -1.10
N TRP O 31 -3.99 22.83 0.05
CA TRP O 31 -4.52 23.20 1.36
C TRP O 31 -4.33 24.70 1.62
N TYR O 32 -3.27 25.27 1.07
CA TYR O 32 -2.88 26.66 1.29
C TYR O 32 -3.64 27.65 0.48
N VAL O 33 -3.93 28.81 1.10
CA VAL O 33 -4.54 29.95 0.46
C VAL O 33 -3.32 30.77 0.08
N MET O 34 -3.11 30.96 -1.23
CA MET O 34 -1.96 31.69 -1.74
C MET O 34 -2.29 33.15 -1.88
N GLY O 35 -1.30 34.00 -1.64
CA GLY O 35 -1.48 35.44 -1.75
C GLY O 35 -0.25 36.19 -2.22
N TRP O 36 -0.50 37.30 -2.93
CA TRP O 36 0.51 38.23 -3.41
C TRP O 36 0.43 39.47 -2.54
N PHE O 37 1.59 39.90 -2.04
CA PHE O 37 1.72 41.02 -1.12
C PHE O 37 2.80 41.94 -1.61
N ARG O 38 2.62 43.25 -1.45
CA ARG O 38 3.66 44.16 -1.91
C ARG O 38 4.17 45.05 -0.79
N GLN O 39 5.50 45.16 -0.72
CA GLN O 39 6.12 46.00 0.28
C GLN O 39 6.79 47.16 -0.42
N ALA O 40 6.15 48.33 -0.30
CA ALA O 40 6.71 49.58 -0.82
C ALA O 40 7.85 49.94 0.17
N PRO O 41 9.02 50.44 -0.30
CA PRO O 41 10.10 50.80 0.65
C PRO O 41 9.59 51.86 1.65
N GLY O 42 9.77 51.61 2.95
CA GLY O 42 9.27 52.50 4.00
C GLY O 42 7.75 52.50 4.13
N LYS O 43 7.16 51.33 3.89
CA LYS O 43 5.73 51.05 3.95
C LYS O 43 5.52 49.61 4.43
N GLU O 44 4.38 49.38 5.10
CA GLU O 44 3.99 48.08 5.64
C GLU O 44 3.61 47.16 4.48
N ARG O 45 3.75 45.82 4.68
CA ARG O 45 3.36 44.82 3.68
C ARG O 45 1.85 44.94 3.44
N GLU O 46 1.50 45.17 2.20
CA GLU O 46 0.10 45.34 1.82
C GLU O 46 -0.36 44.16 0.99
N PHE O 47 -1.62 43.76 1.21
CA PHE O 47 -2.25 42.68 0.47
C PHE O 47 -2.53 43.15 -0.94
N VAL O 48 -2.31 42.27 -1.94
CA VAL O 48 -2.54 42.59 -3.35
C VAL O 48 -3.68 41.73 -3.89
N ALA O 49 -3.52 40.39 -3.83
CA ALA O 49 -4.50 39.43 -4.33
C ALA O 49 -4.34 38.08 -3.61
N THR O 50 -5.45 37.33 -3.46
CA THR O 50 -5.45 35.99 -2.83
C THR O 50 -6.28 34.99 -3.62
N VAL O 51 -5.89 33.71 -3.53
CA VAL O 51 -6.60 32.62 -4.18
C VAL O 51 -6.71 31.45 -3.22
N SER O 52 -7.93 30.89 -3.09
CA SER O 52 -8.18 29.73 -2.27
C SER O 52 -7.44 28.50 -2.87
N GLY O 53 -7.19 27.48 -2.05
CA GLY O 53 -6.50 26.24 -2.45
C GLY O 53 -7.03 25.62 -3.71
N ASN O 54 -8.37 25.61 -3.84
CA ASN O 54 -9.19 25.13 -4.96
C ASN O 54 -9.04 26.04 -6.16
N GLY O 55 -8.94 27.35 -5.90
CA GLY O 55 -8.92 28.39 -6.92
C GLY O 55 -10.28 29.05 -7.03
N SER O 56 -11.29 28.51 -6.32
CA SER O 56 -12.69 28.98 -6.33
C SER O 56 -12.90 30.41 -5.82
N ARG O 57 -12.03 30.88 -4.93
CA ARG O 57 -12.14 32.20 -4.36
C ARG O 57 -10.92 33.04 -4.68
N ARG O 58 -11.14 34.22 -5.28
CA ARG O 58 -10.10 35.18 -5.64
C ARG O 58 -10.51 36.56 -5.14
N ASP O 59 -9.62 37.23 -4.40
CA ASP O 59 -9.88 38.56 -3.85
C ASP O 59 -8.71 39.47 -4.17
N TYR O 60 -9.02 40.75 -4.47
CA TYR O 60 -8.00 41.74 -4.85
C TYR O 60 -8.13 43.01 -4.03
N ALA O 61 -6.99 43.72 -3.86
CA ALA O 61 -6.92 45.03 -3.21
C ALA O 61 -7.64 46.01 -4.16
N ASP O 62 -8.38 46.98 -3.59
CA ASP O 62 -9.15 47.96 -4.36
C ASP O 62 -8.32 48.69 -5.41
N SER O 63 -7.07 49.03 -5.06
CA SER O 63 -6.10 49.71 -5.93
C SER O 63 -5.75 48.94 -7.20
N VAL O 64 -5.65 47.59 -7.11
CA VAL O 64 -5.26 46.73 -8.24
C VAL O 64 -6.46 46.14 -9.00
N LYS O 65 -7.67 46.18 -8.40
CA LYS O 65 -8.92 45.65 -9.00
C LYS O 65 -9.10 46.10 -10.45
N GLY O 66 -9.39 45.13 -11.32
CA GLY O 66 -9.60 45.35 -12.74
C GLY O 66 -8.33 45.39 -13.59
N ARG O 67 -7.15 45.41 -12.94
CA ARG O 67 -5.86 45.47 -13.64
C ARG O 67 -5.01 44.23 -13.37
N PHE O 68 -5.10 43.69 -12.14
CA PHE O 68 -4.34 42.52 -11.73
C PHE O 68 -5.23 41.29 -11.69
N THR O 69 -4.66 40.11 -12.01
CA THR O 69 -5.36 38.83 -12.01
C THR O 69 -4.52 37.74 -11.36
N ILE O 70 -5.10 37.08 -10.33
CA ILE O 70 -4.43 35.99 -9.62
C ILE O 70 -4.92 34.63 -10.16
N SER O 71 -3.97 33.71 -10.45
CA SER O 71 -4.27 32.38 -10.99
C SER O 71 -3.44 31.31 -10.31
N ARG O 72 -3.90 30.06 -10.39
CA ARG O 72 -3.26 28.93 -9.72
C ARG O 72 -3.17 27.70 -10.59
N ASP O 73 -2.10 26.90 -10.41
CA ASP O 73 -1.90 25.61 -11.08
C ASP O 73 -1.40 24.63 -10.04
N ASN O 74 -2.34 23.89 -9.44
CA ASN O 74 -2.03 22.93 -8.39
C ASN O 74 -1.19 21.76 -8.87
N ALA O 75 -1.28 21.43 -10.17
CA ALA O 75 -0.50 20.36 -10.77
C ALA O 75 0.98 20.77 -10.89
N LYS O 76 1.22 22.07 -11.10
CA LYS O 76 2.56 22.64 -11.24
C LYS O 76 3.03 23.32 -9.96
N ASN O 77 2.21 23.25 -8.86
CA ASN O 77 2.48 23.89 -7.56
C ASN O 77 2.85 25.38 -7.69
N THR O 78 2.19 26.10 -8.62
CA THR O 78 2.50 27.51 -8.80
C THR O 78 1.28 28.41 -8.73
N VAL O 79 1.53 29.66 -8.37
CA VAL O 79 0.54 30.73 -8.30
C VAL O 79 1.12 31.89 -9.15
N TYR O 80 0.26 32.55 -9.94
CA TYR O 80 0.67 33.64 -10.82
C TYR O 80 -0.06 34.94 -10.54
N LEU O 81 0.59 36.06 -10.89
CA LEU O 81 0.02 37.40 -10.79
C LEU O 81 0.27 38.15 -12.08
N GLN O 82 -0.80 38.35 -12.87
CA GLN O 82 -0.75 39.09 -14.12
C GLN O 82 -1.06 40.54 -13.77
N MET O 83 -0.06 41.42 -13.91
CA MET O 83 -0.17 42.83 -13.60
C MET O 83 -0.24 43.62 -14.90
N ASN O 84 -1.45 44.02 -15.32
CA ASN O 84 -1.65 44.82 -16.53
C ASN O 84 -1.80 46.29 -16.17
N SER O 85 -1.67 47.19 -17.17
CA SER O 85 -1.82 48.65 -17.04
C SER O 85 -1.17 49.19 -15.76
N LEU O 86 0.14 48.95 -15.60
CA LEU O 86 0.90 49.34 -14.42
C LEU O 86 1.09 50.84 -14.28
N LYS O 87 0.94 51.35 -13.05
CA LYS O 87 1.11 52.75 -12.65
C LYS O 87 2.41 52.85 -11.83
N PRO O 88 3.09 54.02 -11.73
CA PRO O 88 4.31 54.10 -10.90
C PRO O 88 4.10 53.76 -9.41
N GLU O 89 2.83 53.81 -8.93
CA GLU O 89 2.42 53.48 -7.56
C GLU O 89 2.71 52.01 -7.20
N ASP O 90 2.65 51.12 -8.20
CA ASP O 90 2.86 49.67 -8.04
C ASP O 90 4.31 49.27 -7.80
N THR O 91 5.25 50.24 -7.80
CA THR O 91 6.66 49.97 -7.53
C THR O 91 6.79 49.51 -6.07
N ALA O 92 7.18 48.23 -5.89
CA ALA O 92 7.33 47.58 -4.59
C ALA O 92 7.94 46.22 -4.75
N VAL O 93 8.33 45.59 -3.62
CA VAL O 93 8.85 44.23 -3.64
C VAL O 93 7.63 43.32 -3.50
N TYR O 94 7.36 42.51 -4.53
CA TYR O 94 6.23 41.61 -4.53
C TYR O 94 6.59 40.27 -3.93
N TYR O 95 5.87 39.91 -2.88
CA TYR O 95 6.02 38.69 -2.11
C TYR O 95 4.87 37.75 -2.38
N CYS O 96 5.20 36.49 -2.29
CA CYS O 96 4.29 35.38 -2.46
C CYS O 96 4.21 34.73 -1.08
N ALA O 97 2.98 34.48 -0.60
CA ALA O 97 2.78 33.87 0.71
C ALA O 97 1.68 32.82 0.75
N ALA O 98 1.82 31.85 1.67
CA ALA O 98 0.87 30.77 1.87
C ALA O 98 0.28 30.80 3.27
N SER O 99 -1.04 30.56 3.36
CA SER O 99 -1.78 30.51 4.63
C SER O 99 -2.45 29.15 4.81
N SER O 100 -2.26 28.54 5.98
CA SER O 100 -2.85 27.23 6.30
C SER O 100 -4.25 27.37 6.92
N THR O 101 -4.74 28.60 7.04
CA THR O 101 -6.04 28.87 7.60
C THR O 101 -6.96 29.49 6.56
N TYR O 102 -8.20 29.04 6.50
CA TYR O 102 -9.11 29.47 5.47
C TYR O 102 -9.71 30.86 5.46
N TYR O 103 -9.51 31.48 4.31
CA TYR O 103 -9.94 32.81 3.88
C TYR O 103 -9.76 34.13 4.57
N TYR O 104 -8.51 34.49 4.76
CA TYR O 104 -8.16 35.76 5.33
C TYR O 104 -7.23 36.47 4.36
N THR O 105 -7.37 37.78 4.23
CA THR O 105 -6.50 38.55 3.35
C THR O 105 -5.42 39.28 4.14
N ASP O 106 -5.36 39.11 5.44
CA ASP O 106 -4.38 39.82 6.20
C ASP O 106 -3.06 39.10 6.18
N PRO O 107 -2.00 39.81 5.88
CA PRO O 107 -0.70 39.11 5.85
C PRO O 107 -0.28 38.42 7.17
N GLU O 108 -0.91 38.81 8.30
CA GLU O 108 -0.62 38.23 9.62
C GLU O 108 -1.02 36.75 9.70
N LYS O 109 -1.97 36.33 8.83
CA LYS O 109 -2.48 34.97 8.75
C LYS O 109 -1.63 34.00 7.90
N TYR O 110 -0.64 34.55 7.16
CA TYR O 110 0.26 33.83 6.26
C TYR O 110 1.59 33.56 6.93
N ASP O 111 1.91 32.30 7.05
CA ASP O 111 3.06 31.78 7.81
C ASP O 111 4.25 31.67 6.91
N TYR O 112 4.06 31.18 5.67
CA TYR O 112 5.17 30.95 4.74
C TYR O 112 5.32 32.05 3.73
N TRP O 113 6.55 32.52 3.54
CA TRP O 113 6.84 33.62 2.63
C TRP O 113 8.02 33.33 1.70
N GLY O 114 8.01 33.98 0.54
CA GLY O 114 9.09 33.90 -0.44
C GLY O 114 10.09 35.03 -0.25
N GLN O 115 11.17 35.05 -1.08
CA GLN O 115 12.22 36.05 -1.01
C GLN O 115 11.79 37.44 -1.49
N GLY O 116 10.85 37.47 -2.44
CA GLY O 116 10.34 38.69 -3.04
C GLY O 116 11.03 39.05 -4.35
N THR O 117 10.35 39.85 -5.19
CA THR O 117 10.89 40.35 -6.47
C THR O 117 10.59 41.83 -6.61
N GLN O 118 11.61 42.62 -6.95
CA GLN O 118 11.44 44.05 -7.13
C GLN O 118 10.77 44.32 -8.47
N VAL O 119 9.73 45.16 -8.45
CA VAL O 119 8.99 45.59 -9.62
C VAL O 119 9.08 47.11 -9.65
N THR O 120 9.62 47.65 -10.76
CA THR O 120 9.81 49.08 -10.95
C THR O 120 9.07 49.58 -12.20
N VAL O 121 8.17 50.53 -12.00
CA VAL O 121 7.35 51.16 -13.03
C VAL O 121 7.83 52.60 -13.20
N SER O 122 8.47 52.87 -14.34
CA SER O 122 9.05 54.17 -14.73
C SER O 122 8.06 55.03 -15.51
N SER O 123 8.47 56.28 -15.85
CA SER O 123 7.73 57.31 -16.62
C SER O 123 6.39 57.66 -15.98
N THR P 5 48.76 -4.15 6.39
CA THR P 5 48.63 -3.06 5.41
C THR P 5 47.40 -3.29 4.53
N GLU P 6 46.61 -2.22 4.30
CA GLU P 6 45.34 -2.32 3.61
C GLU P 6 45.31 -1.71 2.19
N VAL P 7 45.78 -0.46 1.98
CA VAL P 7 45.69 0.14 0.64
C VAL P 7 47.03 0.68 0.11
N VAL P 8 47.38 0.35 -1.15
CA VAL P 8 48.61 0.76 -1.81
C VAL P 8 48.36 1.11 -3.27
N MET P 9 48.85 2.28 -3.69
CA MET P 9 48.74 2.76 -5.05
C MET P 9 50.13 3.14 -5.54
N GLU P 10 50.54 2.64 -6.72
CA GLU P 10 51.87 2.89 -7.26
C GLU P 10 51.84 3.36 -8.70
N ASN P 11 52.31 4.60 -8.95
CA ASN P 11 52.41 5.25 -10.26
C ASN P 11 51.12 5.09 -11.09
N VAL P 12 49.97 5.26 -10.42
CA VAL P 12 48.65 5.05 -11.02
C VAL P 12 48.17 6.27 -11.79
N THR P 13 47.76 6.03 -13.04
CA THR P 13 47.19 7.04 -13.94
C THR P 13 45.98 6.41 -14.62
N ALA P 14 44.92 7.19 -14.82
CA ALA P 14 43.70 6.71 -15.49
C ALA P 14 43.01 7.82 -16.26
N PHE P 15 42.21 7.42 -17.27
CA PHE P 15 41.48 8.31 -18.15
C PHE P 15 40.03 7.89 -18.20
N TRP P 16 39.10 8.86 -18.21
CA TRP P 16 37.68 8.59 -18.33
C TRP P 16 37.33 8.44 -19.82
N GLU P 17 38.01 9.22 -20.69
CA GLU P 17 37.86 9.21 -22.15
C GLU P 17 39.21 8.90 -22.81
N GLU P 18 39.23 7.87 -23.70
CA GLU P 18 40.42 7.40 -24.42
C GLU P 18 41.02 8.53 -25.26
N GLY P 19 42.32 8.76 -25.10
CA GLY P 19 43.06 9.81 -25.79
C GLY P 19 42.83 11.22 -25.29
N GLY P 20 42.16 11.34 -24.14
CA GLY P 20 41.87 12.62 -23.52
C GLY P 20 42.88 13.00 -22.45
N THR P 21 42.48 13.89 -21.53
CA THR P 21 43.32 14.33 -20.40
C THR P 21 43.15 13.30 -19.26
N PRO P 22 44.26 12.83 -18.62
CA PRO P 22 44.09 11.86 -17.52
C PRO P 22 43.43 12.50 -16.30
N VAL P 23 42.41 11.82 -15.75
CA VAL P 23 41.69 12.30 -14.58
C VAL P 23 42.59 12.24 -13.32
N LEU P 24 43.51 11.27 -13.30
CA LEU P 24 44.49 11.07 -12.23
C LEU P 24 45.84 10.78 -12.88
N LYS P 25 46.88 11.53 -12.47
CA LYS P 25 48.23 11.48 -13.00
C LYS P 25 49.27 11.14 -11.92
N ASP P 26 49.93 9.95 -12.09
CA ASP P 26 50.98 9.36 -11.26
C ASP P 26 50.68 9.47 -9.76
N ILE P 27 49.69 8.68 -9.31
CA ILE P 27 49.25 8.67 -7.93
C ILE P 27 49.98 7.59 -7.15
N ASN P 28 50.57 7.99 -6.00
CA ASN P 28 51.32 7.12 -5.10
C ASN P 28 50.90 7.34 -3.67
N PHE P 29 50.65 6.24 -2.93
CA PHE P 29 50.29 6.23 -1.51
C PHE P 29 50.22 4.82 -0.94
N LYS P 30 50.47 4.70 0.38
CA LYS P 30 50.39 3.46 1.14
C LYS P 30 49.71 3.74 2.47
N ILE P 31 48.52 3.18 2.65
CA ILE P 31 47.72 3.32 3.86
C ILE P 31 47.74 2.00 4.63
N GLU P 32 48.35 2.02 5.83
CA GLU P 32 48.47 0.86 6.71
C GLU P 32 47.13 0.55 7.35
N ARG P 33 46.97 -0.69 7.88
CA ARG P 33 45.74 -1.16 8.53
C ARG P 33 45.28 -0.22 9.65
N GLY P 34 44.00 0.12 9.64
CA GLY P 34 43.38 0.99 10.64
C GLY P 34 43.72 2.48 10.59
N GLN P 35 44.41 2.94 9.54
CA GLN P 35 44.80 4.34 9.40
C GLN P 35 43.73 5.19 8.70
N LEU P 36 43.79 6.53 8.89
CA LEU P 36 42.88 7.49 8.28
C LEU P 36 43.62 8.35 7.25
N LEU P 37 43.26 8.18 5.97
CA LEU P 37 43.82 8.99 4.90
C LEU P 37 42.82 10.07 4.53
N ALA P 38 43.27 11.33 4.52
CA ALA P 38 42.43 12.43 4.14
C ALA P 38 42.75 12.80 2.71
N VAL P 39 41.72 12.89 1.86
CA VAL P 39 41.90 13.26 0.46
C VAL P 39 41.29 14.64 0.24
N ALA P 40 42.16 15.63 0.10
CA ALA P 40 41.78 17.03 -0.11
C ALA P 40 42.04 17.47 -1.53
N GLY P 41 41.50 18.62 -1.89
CA GLY P 41 41.67 19.19 -3.22
C GLY P 41 40.57 20.14 -3.65
N SER P 42 40.81 20.84 -4.76
CA SER P 42 39.85 21.78 -5.36
C SER P 42 38.72 20.98 -6.03
N THR P 43 37.62 21.64 -6.39
CA THR P 43 36.51 20.97 -7.06
C THR P 43 36.97 20.52 -8.46
N GLY P 44 36.77 19.24 -8.77
CA GLY P 44 37.19 18.64 -10.04
C GLY P 44 38.61 18.08 -10.05
N ALA P 45 39.28 18.07 -8.89
CA ALA P 45 40.65 17.56 -8.71
C ALA P 45 40.86 16.08 -9.07
N GLY P 46 39.81 15.27 -8.91
CA GLY P 46 39.83 13.83 -9.21
C GLY P 46 39.70 12.94 -7.98
N LYS P 47 39.26 13.51 -6.85
CA LYS P 47 39.08 12.83 -5.55
C LYS P 47 38.10 11.66 -5.65
N THR P 48 36.88 11.92 -6.15
CA THR P 48 35.83 10.89 -6.32
C THR P 48 36.32 9.82 -7.26
N SER P 49 36.95 10.25 -8.38
CA SER P 49 37.55 9.40 -9.40
C SER P 49 38.60 8.47 -8.80
N LEU P 50 39.36 8.93 -7.79
CA LEU P 50 40.35 8.10 -7.10
C LEU P 50 39.63 6.99 -6.33
N LEU P 51 38.51 7.33 -5.67
CA LEU P 51 37.72 6.35 -4.92
C LEU P 51 37.04 5.38 -5.87
N MET P 52 36.60 5.88 -7.04
CA MET P 52 35.95 5.10 -8.10
C MET P 52 36.91 4.04 -8.62
N MET P 53 38.21 4.35 -8.59
CA MET P 53 39.29 3.48 -9.03
C MET P 53 39.49 2.35 -8.03
N ILE P 54 39.45 2.66 -6.72
CA ILE P 54 39.58 1.69 -5.63
C ILE P 54 38.44 0.68 -5.72
N MET P 55 37.23 1.15 -6.08
CA MET P 55 36.06 0.30 -6.25
C MET P 55 36.16 -0.61 -7.47
N GLY P 56 36.81 -0.12 -8.52
CA GLY P 56 36.98 -0.83 -9.77
C GLY P 56 36.13 -0.25 -10.89
N GLU P 57 35.45 0.85 -10.60
CA GLU P 57 34.64 1.55 -11.59
C GLU P 57 35.52 2.31 -12.60
N LEU P 58 36.78 2.57 -12.22
CA LEU P 58 37.75 3.23 -13.08
C LEU P 58 38.98 2.34 -13.15
N GLU P 59 39.34 1.93 -14.38
CA GLU P 59 40.48 1.05 -14.63
C GLU P 59 41.73 1.89 -14.89
N PRO P 60 42.86 1.63 -14.19
CA PRO P 60 44.07 2.42 -14.45
C PRO P 60 44.70 2.05 -15.80
N SER P 61 45.17 3.06 -16.54
CA SER P 61 45.86 2.87 -17.82
C SER P 61 47.31 2.41 -17.53
N GLU P 62 47.89 2.93 -16.44
CA GLU P 62 49.23 2.63 -15.95
C GLU P 62 49.22 2.58 -14.42
N GLY P 63 50.10 1.76 -13.86
CA GLY P 63 50.23 1.60 -12.41
C GLY P 63 49.52 0.40 -11.81
N LYS P 64 49.65 0.24 -10.48
CA LYS P 64 49.05 -0.87 -9.73
C LYS P 64 48.33 -0.43 -8.43
N ILE P 65 47.17 -1.06 -8.14
CA ILE P 65 46.36 -0.83 -6.93
C ILE P 65 46.19 -2.15 -6.18
N LYS P 66 46.49 -2.14 -4.85
CA LYS P 66 46.38 -3.32 -4.00
C LYS P 66 45.54 -3.05 -2.76
N HIS P 67 44.56 -3.96 -2.48
CA HIS P 67 43.66 -3.93 -1.31
C HIS P 67 42.85 -5.21 -1.13
N SER P 68 42.28 -5.39 0.08
CA SER P 68 41.37 -6.50 0.40
C SER P 68 39.96 -6.07 -0.03
N GLY P 69 39.25 -6.99 -0.68
CA GLY P 69 37.92 -6.79 -1.26
C GLY P 69 36.81 -6.16 -0.42
N ARG P 70 36.87 -6.29 0.92
CA ARG P 70 35.84 -5.77 1.83
C ARG P 70 35.83 -4.22 1.93
N ILE P 71 35.04 -3.59 1.06
CA ILE P 71 34.91 -2.13 0.97
C ILE P 71 33.47 -1.69 1.23
N SER P 72 33.33 -0.59 2.00
CA SER P 72 32.06 0.08 2.25
C SER P 72 32.21 1.51 1.77
N PHE P 73 31.40 1.90 0.79
CA PHE P 73 31.51 3.22 0.19
C PHE P 73 30.34 4.12 0.48
N CYS P 74 30.65 5.30 1.01
CA CYS P 74 29.65 6.33 1.23
C CYS P 74 29.87 7.39 0.16
N SER P 75 28.85 7.64 -0.65
CA SER P 75 28.90 8.63 -1.72
C SER P 75 28.71 10.06 -1.20
N GLN P 76 29.12 11.05 -2.01
CA GLN P 76 28.92 12.48 -1.73
C GLN P 76 27.42 12.74 -1.68
N PHE P 77 26.68 12.12 -2.65
CA PHE P 77 25.25 12.25 -2.88
C PHE P 77 24.45 11.11 -2.28
N SER P 78 23.59 11.49 -1.31
CA SER P 78 22.72 10.60 -0.55
C SER P 78 21.72 9.93 -1.47
N TRP P 79 21.44 8.66 -1.17
CA TRP P 79 20.45 7.88 -1.86
C TRP P 79 19.68 7.11 -0.85
N ILE P 80 18.35 7.10 -1.03
CA ILE P 80 17.42 6.47 -0.12
C ILE P 80 16.49 5.56 -0.89
N MET P 81 16.40 4.31 -0.45
CA MET P 81 15.54 3.32 -1.08
C MET P 81 14.16 3.35 -0.49
N PRO P 82 13.11 2.94 -1.26
CA PRO P 82 11.76 2.91 -0.68
C PRO P 82 11.73 1.84 0.42
N GLY P 83 11.21 2.23 1.56
CA GLY P 83 11.13 1.35 2.73
C GLY P 83 11.34 2.13 4.00
N THR P 84 11.46 1.42 5.12
CA THR P 84 11.63 2.06 6.43
C THR P 84 13.05 2.58 6.63
N ILE P 85 13.28 3.35 7.71
CA ILE P 85 14.61 3.85 8.04
C ILE P 85 15.52 2.62 8.31
N LYS P 86 15.03 1.65 9.13
CA LYS P 86 15.76 0.42 9.48
C LYS P 86 16.18 -0.32 8.21
N GLU P 87 15.22 -0.47 7.26
CA GLU P 87 15.41 -1.13 5.95
C GLU P 87 16.55 -0.46 5.18
N ASN P 88 16.61 0.88 5.27
CA ASN P 88 17.63 1.67 4.60
C ASN P 88 18.99 1.54 5.22
N ILE P 89 19.07 1.59 6.57
CA ILE P 89 20.32 1.52 7.35
C ILE P 89 20.96 0.15 7.23
N ILE P 90 20.12 -0.87 7.36
CA ILE P 90 20.55 -2.25 7.23
C ILE P 90 20.20 -2.62 5.81
N PHE P 91 21.15 -2.51 4.94
CA PHE P 91 20.87 -2.83 3.57
C PHE P 91 21.39 -4.23 3.24
N GLY P 92 20.59 -5.25 3.58
CA GLY P 92 20.94 -6.65 3.37
C GLY P 92 22.07 -7.14 4.25
N VAL P 93 22.25 -6.50 5.41
CA VAL P 93 23.29 -6.86 6.37
C VAL P 93 22.56 -7.45 7.55
N SER P 94 23.03 -8.58 8.09
CA SER P 94 22.34 -9.17 9.24
C SER P 94 22.18 -8.15 10.36
N TYR P 95 21.04 -8.22 11.05
CA TYR P 95 20.73 -7.26 12.10
C TYR P 95 21.29 -7.63 13.46
N ASP P 96 22.02 -6.69 14.07
CA ASP P 96 22.54 -6.75 15.43
C ASP P 96 22.14 -5.44 16.12
N GLU P 97 21.29 -5.54 17.17
CA GLU P 97 20.75 -4.40 17.91
C GLU P 97 21.83 -3.45 18.40
N TYR P 98 22.84 -3.99 19.09
CA TYR P 98 23.95 -3.17 19.61
C TYR P 98 24.59 -2.38 18.49
N ARG P 99 25.17 -3.06 17.47
CA ARG P 99 25.80 -2.43 16.31
C ARG P 99 24.89 -1.35 15.75
N TYR P 100 23.61 -1.71 15.46
CA TYR P 100 22.61 -0.83 14.88
C TYR P 100 22.36 0.43 15.70
N ARG P 101 21.98 0.29 16.99
CA ARG P 101 21.72 1.41 17.91
C ARG P 101 22.96 2.29 18.20
N SER P 102 24.16 1.68 18.19
CA SER P 102 25.43 2.39 18.41
C SER P 102 25.71 3.31 17.22
N VAL P 103 25.51 2.77 16.00
CA VAL P 103 25.75 3.45 14.72
C VAL P 103 24.83 4.69 14.61
N ILE P 104 23.55 4.54 15.04
CA ILE P 104 22.50 5.58 15.05
C ILE P 104 22.91 6.74 15.96
N LYS P 105 23.43 6.39 17.15
CA LYS P 105 23.92 7.34 18.13
C LYS P 105 25.06 8.13 17.51
N ALA P 106 26.09 7.42 16.98
CA ALA P 106 27.29 7.98 16.33
C ALA P 106 26.98 8.90 15.14
N CYS P 107 25.97 8.53 14.33
CA CYS P 107 25.59 9.29 13.15
C CYS P 107 24.53 10.36 13.41
N GLN P 108 24.28 10.70 14.68
CA GLN P 108 23.35 11.76 15.09
C GLN P 108 21.92 11.53 14.55
N LEU P 109 21.43 10.28 14.60
CA LEU P 109 20.11 9.95 14.08
C LEU P 109 19.05 9.64 15.13
N GLU P 110 19.47 9.27 16.37
CA GLU P 110 18.57 8.88 17.46
C GLU P 110 17.46 9.89 17.71
N GLU P 111 17.80 11.17 17.91
CA GLU P 111 16.84 12.25 18.16
C GLU P 111 15.79 12.40 17.04
N ASP P 112 16.24 12.38 15.77
CA ASP P 112 15.38 12.48 14.59
C ASP P 112 14.41 11.30 14.54
N ILE P 113 14.94 10.06 14.65
CA ILE P 113 14.17 8.82 14.63
C ILE P 113 13.15 8.81 15.78
N SER P 114 13.57 9.15 17.01
CA SER P 114 12.65 9.16 18.15
C SER P 114 11.57 10.26 18.05
N LYS P 115 11.76 11.27 17.17
CA LYS P 115 10.75 12.30 16.97
C LYS P 115 9.51 11.73 16.30
N PHE P 116 9.67 10.64 15.51
CA PHE P 116 8.57 9.95 14.82
C PHE P 116 7.89 8.98 15.75
N ALA P 117 6.54 8.90 15.71
CA ALA P 117 5.76 7.97 16.58
C ALA P 117 6.05 6.51 16.23
N GLU P 118 6.25 6.23 14.92
CA GLU P 118 6.56 4.93 14.35
C GLU P 118 8.05 4.55 14.47
N LYS P 119 8.91 5.54 14.86
CA LYS P 119 10.37 5.42 15.06
C LYS P 119 11.10 5.03 13.76
N ASP P 120 11.92 3.94 13.79
CA ASP P 120 12.63 3.42 12.61
C ASP P 120 11.69 2.67 11.62
N ASN P 121 10.39 2.49 12.01
CA ASN P 121 9.39 1.84 11.17
C ASN P 121 8.81 2.79 10.18
N ILE P 122 9.16 4.09 10.28
CA ILE P 122 8.62 5.10 9.39
C ILE P 122 9.01 4.78 7.94
N VAL P 123 8.02 4.86 7.05
CA VAL P 123 8.24 4.54 5.65
C VAL P 123 8.75 5.77 4.89
N LEU P 124 9.82 5.57 4.11
CA LEU P 124 10.42 6.60 3.26
C LEU P 124 10.13 6.30 1.80
N GLY P 125 9.88 7.36 1.05
CA GLY P 125 9.71 7.26 -0.40
C GLY P 125 11.10 7.29 -1.01
N GLU P 126 11.23 6.98 -2.32
CA GLU P 126 12.54 7.04 -2.97
C GLU P 126 13.04 8.47 -2.97
N GLY P 127 14.30 8.63 -2.58
CA GLY P 127 15.00 9.90 -2.51
C GLY P 127 14.78 10.70 -1.24
N GLY P 128 13.96 10.18 -0.32
CA GLY P 128 13.61 10.81 0.95
C GLY P 128 13.18 12.25 0.83
N ILE P 129 12.18 12.53 -0.03
CA ILE P 129 11.61 13.87 -0.29
C ILE P 129 11.09 14.55 1.01
N THR P 130 10.47 13.75 1.93
CA THR P 130 9.97 14.15 3.25
C THR P 130 11.11 14.56 4.20
N LEU P 131 12.24 13.83 4.15
CA LEU P 131 13.41 14.12 4.97
C LEU P 131 14.18 15.35 4.51
N SER P 132 14.88 15.99 5.47
CA SER P 132 15.76 17.12 5.19
C SER P 132 17.08 16.53 4.63
N GLY P 133 17.89 17.39 3.98
CA GLY P 133 19.17 17.04 3.38
C GLY P 133 20.16 16.40 4.34
N GLY P 134 20.15 16.94 5.56
CA GLY P 134 20.96 16.48 6.69
C GLY P 134 20.52 15.11 7.15
N GLN P 135 19.19 14.90 7.29
CA GLN P 135 18.60 13.60 7.64
C GLN P 135 18.97 12.53 6.60
N ARG P 136 18.88 12.87 5.29
CA ARG P 136 19.21 12.00 4.15
C ARG P 136 20.69 11.58 4.19
N ALA P 137 21.58 12.58 4.41
CA ALA P 137 23.02 12.38 4.48
C ALA P 137 23.41 11.48 5.64
N ARG P 138 22.74 11.67 6.79
CA ARG P 138 22.99 10.89 8.01
C ARG P 138 22.58 9.43 7.84
N ILE P 139 21.41 9.19 7.18
CA ILE P 139 20.92 7.84 6.89
C ILE P 139 21.89 7.12 5.92
N SER P 140 22.38 7.84 4.89
CA SER P 140 23.33 7.31 3.93
C SER P 140 24.65 6.94 4.60
N LEU P 141 25.16 7.82 5.49
CA LEU P 141 26.39 7.54 6.22
C LEU P 141 26.21 6.36 7.17
N ALA P 142 25.06 6.33 7.89
CA ALA P 142 24.70 5.27 8.84
C ALA P 142 24.73 3.90 8.16
N ARG P 143 24.15 3.83 6.94
CA ARG P 143 24.09 2.63 6.12
C ARG P 143 25.49 2.13 5.82
N ALA P 144 26.38 3.06 5.43
CA ALA P 144 27.77 2.78 5.06
C ALA P 144 28.56 2.32 6.25
N VAL P 145 28.41 2.99 7.42
CA VAL P 145 29.17 2.59 8.60
C VAL P 145 28.58 1.31 9.21
N TYR P 146 27.28 1.01 9.00
CA TYR P 146 26.67 -0.22 9.51
C TYR P 146 27.25 -1.44 8.78
N LYS P 147 27.59 -1.29 7.48
CA LYS P 147 28.16 -2.37 6.68
C LYS P 147 29.51 -2.70 7.25
N ASP P 148 29.77 -3.98 7.56
CA ASP P 148 31.06 -4.37 8.11
C ASP P 148 32.03 -4.66 6.99
N ALA P 149 33.01 -3.75 6.82
CA ALA P 149 34.03 -3.85 5.79
C ALA P 149 35.40 -3.63 6.38
N ASP P 150 36.45 -3.93 5.61
CA ASP P 150 37.85 -3.75 6.01
C ASP P 150 38.30 -2.32 5.72
N LEU P 151 37.74 -1.73 4.64
CA LEU P 151 38.05 -0.38 4.18
C LEU P 151 36.79 0.47 4.03
N TYR P 152 36.84 1.70 4.54
CA TYR P 152 35.73 2.63 4.44
C TYR P 152 36.08 3.85 3.59
N LEU P 153 35.43 3.98 2.43
CA LEU P 153 35.63 5.10 1.53
C LEU P 153 34.51 6.10 1.76
N LEU P 154 34.84 7.21 2.43
CA LEU P 154 33.84 8.23 2.74
C LEU P 154 34.07 9.48 1.90
N ASP P 155 33.36 9.58 0.77
CA ASP P 155 33.50 10.69 -0.14
C ASP P 155 32.59 11.81 0.29
N SER P 156 33.19 12.94 0.74
CA SER P 156 32.52 14.15 1.23
C SER P 156 31.14 13.90 1.90
N PRO P 157 31.06 13.08 2.98
CA PRO P 157 29.75 12.81 3.59
C PRO P 157 29.11 13.99 4.33
N PHE P 158 29.95 14.91 4.83
CA PHE P 158 29.52 16.07 5.61
C PHE P 158 29.11 17.30 4.76
N GLY P 159 29.09 17.13 3.43
CA GLY P 159 28.73 18.16 2.45
C GLY P 159 27.44 18.94 2.70
N TYR P 160 26.34 18.22 3.06
CA TYR P 160 25.04 18.85 3.33
C TYR P 160 24.67 18.87 4.82
N LEU P 161 25.70 18.79 5.69
CA LEU P 161 25.53 18.81 7.13
C LEU P 161 25.99 20.13 7.71
N ASP P 162 25.37 20.56 8.82
CA ASP P 162 25.78 21.76 9.54
C ASP P 162 27.08 21.44 10.28
N VAL P 163 27.89 22.47 10.56
CA VAL P 163 29.20 22.33 11.19
C VAL P 163 29.12 21.69 12.58
N LEU P 164 28.01 21.89 13.31
CA LEU P 164 27.86 21.31 14.65
C LEU P 164 27.65 19.81 14.60
N THR P 165 26.75 19.33 13.70
CA THR P 165 26.46 17.90 13.50
C THR P 165 27.69 17.22 12.95
N GLU P 166 28.32 17.82 11.93
CA GLU P 166 29.53 17.33 11.30
C GLU P 166 30.64 17.08 12.35
N LYS P 167 30.83 18.03 13.29
CA LYS P 167 31.80 17.92 14.37
C LYS P 167 31.50 16.68 15.23
N GLU P 168 30.23 16.51 15.65
CA GLU P 168 29.78 15.38 16.45
C GLU P 168 29.99 14.05 15.73
N ILE P 169 29.56 13.97 14.45
CA ILE P 169 29.71 12.77 13.61
C ILE P 169 31.18 12.43 13.39
N PHE P 170 32.03 13.42 13.01
CA PHE P 170 33.44 13.17 12.78
C PHE P 170 34.13 12.59 14.01
N GLU P 171 33.90 13.22 15.17
CA GLU P 171 34.48 12.81 16.45
C GLU P 171 33.98 11.45 16.95
N SER P 172 32.65 11.24 16.99
CA SER P 172 32.07 10.00 17.53
C SER P 172 31.93 8.82 16.55
N CYS P 173 31.84 9.10 15.23
CA CYS P 173 31.69 8.04 14.24
C CYS P 173 33.01 7.72 13.55
N VAL P 174 33.53 8.64 12.73
CA VAL P 174 34.79 8.49 11.98
C VAL P 174 35.97 8.18 12.89
N CYS P 175 36.09 8.91 14.02
CA CYS P 175 37.20 8.78 14.95
C CYS P 175 36.99 7.77 16.08
N LYS P 176 35.80 7.72 16.69
CA LYS P 176 35.57 6.82 17.82
C LYS P 176 35.03 5.45 17.40
N LEU P 177 33.84 5.41 16.78
CA LEU P 177 33.20 4.16 16.36
C LEU P 177 34.03 3.42 15.29
N MET P 178 34.53 4.11 14.29
CA MET P 178 35.30 3.38 13.29
C MET P 178 36.78 3.30 13.60
N ALA P 179 37.19 3.83 14.78
CA ALA P 179 38.60 3.78 15.17
C ALA P 179 39.14 2.37 14.98
N ASN P 180 40.39 2.28 14.50
CA ASN P 180 41.10 1.03 14.24
C ASN P 180 40.56 0.29 12.98
N LYS P 181 39.74 0.99 12.16
CA LYS P 181 39.27 0.50 10.85
C LYS P 181 39.88 1.41 9.77
N THR P 182 40.46 0.84 8.68
CA THR P 182 41.07 1.63 7.58
C THR P 182 40.02 2.53 6.94
N ARG P 183 40.31 3.83 6.89
CA ARG P 183 39.36 4.82 6.36
C ARG P 183 40.01 5.81 5.41
N ILE P 184 39.34 6.11 4.30
CA ILE P 184 39.77 7.13 3.34
C ILE P 184 38.64 8.17 3.33
N LEU P 185 38.93 9.35 3.88
CA LEU P 185 37.94 10.41 3.99
C LEU P 185 38.23 11.58 3.04
N VAL P 186 37.32 11.83 2.09
CA VAL P 186 37.44 12.95 1.16
C VAL P 186 36.93 14.18 1.93
N THR P 187 37.88 15.04 2.32
CA THR P 187 37.62 16.26 3.09
C THR P 187 38.70 17.29 2.82
N SER P 188 38.30 18.58 2.82
CA SER P 188 39.24 19.69 2.64
C SER P 188 39.27 20.59 3.89
N LYS P 189 38.79 20.05 5.03
CA LYS P 189 38.74 20.74 6.31
C LYS P 189 40.00 20.46 7.14
N MET P 190 40.65 21.55 7.62
CA MET P 190 41.85 21.49 8.47
C MET P 190 41.54 20.75 9.77
N GLU P 191 40.32 20.95 10.29
CA GLU P 191 39.76 20.35 11.50
C GLU P 191 39.78 18.83 11.40
N HIS P 192 39.54 18.31 10.19
CA HIS P 192 39.54 16.88 9.89
C HIS P 192 40.95 16.40 9.60
N LEU P 193 41.72 17.21 8.84
CA LEU P 193 43.09 16.94 8.42
C LEU P 193 44.06 16.76 9.59
N LYS P 194 43.85 17.49 10.70
CA LYS P 194 44.70 17.38 11.89
C LYS P 194 44.64 15.97 12.51
N LYS P 195 43.46 15.30 12.41
CA LYS P 195 43.25 13.95 12.93
C LYS P 195 43.65 12.82 11.94
N ALA P 196 44.12 13.19 10.73
CA ALA P 196 44.52 12.21 9.71
C ALA P 196 45.90 11.63 9.97
N ASP P 197 46.10 10.36 9.59
CA ASP P 197 47.38 9.66 9.69
C ASP P 197 48.28 10.13 8.54
N LYS P 198 47.73 10.15 7.32
CA LYS P 198 48.37 10.65 6.10
C LYS P 198 47.37 11.51 5.32
N ILE P 199 47.87 12.46 4.51
CA ILE P 199 47.06 13.41 3.74
C ILE P 199 47.50 13.42 2.28
N LEU P 200 46.53 13.29 1.36
CA LEU P 200 46.78 13.38 -0.08
C LEU P 200 46.03 14.58 -0.63
N ILE P 201 46.76 15.53 -1.21
CA ILE P 201 46.18 16.73 -1.79
C ILE P 201 46.26 16.64 -3.29
N LEU P 202 45.09 16.66 -3.95
CA LEU P 202 45.01 16.58 -5.39
C LEU P 202 44.65 17.91 -6.02
N HIS P 203 45.22 18.19 -7.19
CA HIS P 203 44.92 19.38 -7.96
C HIS P 203 45.09 19.06 -9.42
N GLU P 204 43.96 19.10 -10.17
CA GLU P 204 43.86 18.81 -11.60
C GLU P 204 44.49 17.43 -11.94
N GLY P 205 44.07 16.40 -11.22
CA GLY P 205 44.53 15.03 -11.40
C GLY P 205 45.90 14.71 -10.82
N SER P 206 46.65 15.72 -10.42
CA SER P 206 47.99 15.54 -9.88
C SER P 206 48.06 15.62 -8.37
N SER P 207 49.03 14.90 -7.79
CA SER P 207 49.31 14.88 -6.36
C SER P 207 50.21 16.07 -6.01
N TYR P 208 49.64 17.10 -5.36
CA TYR P 208 50.37 18.29 -4.96
C TYR P 208 51.07 18.10 -3.61
N PHE P 209 50.48 17.27 -2.74
CA PHE P 209 51.05 16.94 -1.43
C PHE P 209 50.67 15.54 -0.99
N TYR P 210 51.61 14.85 -0.36
CA TYR P 210 51.43 13.54 0.24
C TYR P 210 52.38 13.41 1.42
N GLY P 211 51.79 13.28 2.60
CA GLY P 211 52.54 13.16 3.85
C GLY P 211 51.69 13.33 5.08
N THR P 212 52.35 13.58 6.22
CA THR P 212 51.69 13.74 7.51
C THR P 212 51.17 15.18 7.71
N PHE P 213 50.39 15.39 8.80
CA PHE P 213 49.84 16.69 9.15
C PHE P 213 50.94 17.66 9.52
N SER P 214 51.97 17.19 10.26
CA SER P 214 53.14 17.98 10.67
C SER P 214 53.88 18.51 9.44
N GLU P 215 54.03 17.68 8.39
CA GLU P 215 54.67 18.02 7.11
C GLU P 215 53.87 19.09 6.39
N LEU P 216 52.53 18.97 6.44
CA LEU P 216 51.60 19.92 5.83
C LEU P 216 51.63 21.25 6.60
N GLN P 217 51.70 21.16 7.96
CA GLN P 217 51.76 22.29 8.89
C GLN P 217 53.01 23.11 8.65
N ASN P 218 54.15 22.43 8.38
CA ASN P 218 55.45 23.04 8.12
C ASN P 218 55.53 23.60 6.73
N LEU P 219 54.79 22.99 5.80
CA LEU P 219 54.74 23.43 4.42
C LEU P 219 53.73 24.57 4.33
N GLN Q 1 44.24 37.92 7.91
CA GLN Q 1 43.07 38.40 8.64
C GLN Q 1 41.76 38.02 7.96
N VAL Q 2 40.83 37.41 8.70
CA VAL Q 2 39.51 37.01 8.22
C VAL Q 2 38.50 37.22 9.34
N GLN Q 3 37.37 37.89 9.02
CA GLN Q 3 36.35 38.21 10.02
C GLN Q 3 34.92 38.07 9.50
N LEU Q 4 34.02 37.58 10.38
CA LEU Q 4 32.59 37.43 10.08
C LEU Q 4 31.82 38.45 10.93
N GLN Q 5 31.05 39.32 10.27
CA GLN Q 5 30.29 40.36 10.98
C GLN Q 5 28.79 40.28 10.76
N GLU Q 6 28.05 39.90 11.82
CA GLU Q 6 26.59 39.82 11.77
C GLU Q 6 25.95 41.18 12.08
N SER Q 7 24.74 41.37 11.56
CA SER Q 7 23.93 42.57 11.74
C SER Q 7 22.47 42.21 11.46
N GLY Q 8 21.55 43.09 11.82
CA GLY Q 8 20.12 42.92 11.56
C GLY Q 8 19.24 42.49 12.70
N GLY Q 9 19.85 42.17 13.83
CA GLY Q 9 19.14 41.73 15.02
C GLY Q 9 18.40 42.83 15.74
N GLY Q 10 17.69 42.46 16.80
CA GLY Q 10 16.93 43.41 17.59
C GLY Q 10 15.65 42.85 18.20
N LEU Q 11 14.87 43.74 18.80
CA LEU Q 11 13.62 43.40 19.46
C LEU Q 11 12.46 43.68 18.53
N VAL Q 12 11.68 42.63 18.21
CA VAL Q 12 10.54 42.72 17.29
C VAL Q 12 9.28 42.16 17.96
N GLN Q 13 8.11 42.45 17.37
CA GLN Q 13 6.84 41.91 17.83
C GLN Q 13 6.66 40.56 17.14
N ALA Q 14 5.75 39.72 17.65
CA ALA Q 14 5.48 38.43 17.02
C ALA Q 14 4.75 38.68 15.70
N GLY Q 15 5.13 37.92 14.68
CA GLY Q 15 4.59 38.03 13.33
C GLY Q 15 5.43 38.91 12.42
N SER Q 16 6.36 39.68 13.02
CA SER Q 16 7.25 40.59 12.31
C SER Q 16 8.24 39.86 11.41
N SER Q 17 8.83 40.63 10.49
CA SER Q 17 9.88 40.17 9.59
C SER Q 17 11.21 40.75 10.09
N LEU Q 18 12.34 40.15 9.68
CA LEU Q 18 13.68 40.58 10.07
C LEU Q 18 14.69 39.99 9.09
N ARG Q 19 15.72 40.76 8.73
CA ARG Q 19 16.75 40.26 7.82
C ARG Q 19 18.11 40.36 8.48
N LEU Q 20 18.66 39.21 8.82
CA LEU Q 20 20.01 39.15 9.36
C LEU Q 20 20.97 39.05 8.21
N ALA Q 21 22.14 39.66 8.36
CA ALA Q 21 23.17 39.63 7.35
C ALA Q 21 24.51 39.39 8.00
N CYS Q 22 25.38 38.65 7.32
CA CYS Q 22 26.70 38.32 7.83
C CYS Q 22 27.70 38.34 6.68
N ALA Q 23 28.66 39.26 6.73
CA ALA Q 23 29.66 39.41 5.69
C ALA Q 23 31.05 38.96 6.10
N ALA Q 24 31.71 38.24 5.19
CA ALA Q 24 33.07 37.75 5.36
C ALA Q 24 34.01 38.81 4.79
N THR Q 25 34.93 39.31 5.63
CA THR Q 25 35.87 40.37 5.29
C THR Q 25 37.30 39.94 5.59
N GLY Q 26 38.23 40.27 4.67
CA GLY Q 26 39.64 39.97 4.78
C GLY Q 26 40.24 39.26 3.58
N SER Q 27 41.33 38.50 3.82
CA SER Q 27 42.03 37.73 2.79
C SER Q 27 41.37 36.37 2.61
N ILE Q 28 40.47 36.29 1.62
CA ILE Q 28 39.72 35.08 1.35
C ILE Q 28 40.01 34.56 -0.05
N ARG Q 29 40.72 33.42 -0.16
CA ARG Q 29 40.99 32.84 -1.48
C ARG Q 29 39.66 32.33 -2.02
N SER Q 30 38.90 31.61 -1.17
CA SER Q 30 37.62 31.02 -1.56
C SER Q 30 36.71 30.81 -0.34
N ILE Q 31 35.38 30.85 -0.54
CA ILE Q 31 34.44 30.59 0.56
C ILE Q 31 33.53 29.38 0.24
N ASN Q 32 33.72 28.25 0.93
CA ASN Q 32 32.99 27.00 0.69
C ASN Q 32 31.53 26.90 1.15
N ASN Q 33 31.26 27.15 2.45
CA ASN Q 33 29.94 26.94 3.02
C ASN Q 33 29.59 27.96 4.02
N MET Q 34 28.31 28.17 4.25
CA MET Q 34 27.96 29.18 5.23
C MET Q 34 26.72 28.74 5.95
N GLY Q 35 26.48 29.29 7.14
CA GLY Q 35 25.27 28.92 7.84
C GLY Q 35 24.87 29.85 8.95
N TRP Q 36 23.61 29.73 9.34
CA TRP Q 36 23.02 30.45 10.47
C TRP Q 36 22.66 29.45 11.54
N TYR Q 37 23.11 29.71 12.76
CA TYR Q 37 22.89 28.87 13.92
C TYR Q 37 22.28 29.74 15.01
N ARG Q 38 21.60 29.12 15.99
CA ARG Q 38 21.01 29.89 17.08
C ARG Q 38 21.16 29.19 18.41
N GLN Q 39 21.26 29.99 19.47
CA GLN Q 39 21.40 29.47 20.82
C GLN Q 39 20.40 30.18 21.70
N ALA Q 40 19.39 29.43 22.14
CA ALA Q 40 18.35 29.93 23.03
C ALA Q 40 18.94 30.03 24.46
N PRO Q 41 18.37 30.85 25.39
CA PRO Q 41 18.92 30.84 26.77
C PRO Q 41 18.62 29.50 27.47
N GLY Q 42 19.67 28.88 28.01
CA GLY Q 42 19.61 27.57 28.67
C GLY Q 42 19.48 26.38 27.75
N LYS Q 43 19.68 26.61 26.44
CA LYS Q 43 19.60 25.57 25.43
C LYS Q 43 20.87 25.59 24.60
N GLN Q 44 21.19 24.44 24.01
CA GLN Q 44 22.40 24.31 23.21
C GLN Q 44 22.29 24.98 21.83
N ARG Q 45 23.45 25.31 21.22
CA ARG Q 45 23.51 25.92 19.89
C ARG Q 45 23.12 24.88 18.87
N GLY Q 46 22.25 25.28 17.96
CA GLY Q 46 21.76 24.43 16.89
C GLY Q 46 21.63 25.17 15.58
N MET Q 47 21.54 24.43 14.49
CA MET Q 47 21.40 25.02 13.18
C MET Q 47 20.04 25.70 13.00
N VAL Q 48 19.98 26.65 12.08
CA VAL Q 48 18.77 27.30 11.63
C VAL Q 48 18.67 26.96 10.14
N ALA Q 49 19.70 27.35 9.37
CA ALA Q 49 19.78 27.16 7.93
C ALA Q 49 21.23 27.11 7.47
N ILE Q 50 21.52 26.32 6.44
CA ILE Q 50 22.85 26.21 5.83
C ILE Q 50 22.73 26.40 4.31
N ILE Q 51 23.80 26.88 3.67
CA ILE Q 51 23.85 27.17 2.23
C ILE Q 51 25.21 26.80 1.63
N THR Q 52 25.19 26.02 0.54
CA THR Q 52 26.41 25.62 -0.18
C THR Q 52 26.84 26.76 -1.09
N ARG Q 53 28.12 26.76 -1.56
CA ARG Q 53 28.66 27.80 -2.46
C ARG Q 53 27.78 27.99 -3.69
N VAL Q 54 27.28 26.87 -4.23
CA VAL Q 54 26.41 26.76 -5.39
C VAL Q 54 24.94 27.21 -5.08
N GLY Q 55 24.59 27.32 -3.79
CA GLY Q 55 23.26 27.80 -3.39
C GLY Q 55 22.25 26.78 -2.88
N ASN Q 56 22.66 25.49 -2.69
CA ASN Q 56 21.75 24.47 -2.14
C ASN Q 56 21.57 24.74 -0.66
N THR Q 57 20.29 24.80 -0.22
CA THR Q 57 19.93 25.14 1.16
C THR Q 57 19.24 24.04 1.95
N ASP Q 58 19.53 23.98 3.26
CA ASP Q 58 18.88 23.09 4.21
C ASP Q 58 18.39 23.89 5.40
N TYR Q 59 17.28 23.47 6.01
CA TYR Q 59 16.65 24.19 7.10
C TYR Q 59 16.29 23.32 8.29
N ALA Q 60 16.17 23.95 9.47
CA ALA Q 60 15.70 23.28 10.68
C ALA Q 60 14.19 23.13 10.51
N ASP Q 61 13.62 22.04 11.01
CA ASP Q 61 12.18 21.78 10.86
C ASP Q 61 11.32 22.94 11.35
N SER Q 62 11.71 23.52 12.50
CA SER Q 62 11.07 24.66 13.15
C SER Q 62 11.03 25.96 12.32
N VAL Q 63 12.00 26.15 11.39
CA VAL Q 63 12.11 27.37 10.57
C VAL Q 63 11.78 27.17 9.07
N LYS Q 64 11.82 25.91 8.55
CA LYS Q 64 11.56 25.56 7.14
C LYS Q 64 10.26 26.19 6.63
N GLY Q 65 10.37 26.95 5.54
CA GLY Q 65 9.24 27.65 4.94
C GLY Q 65 9.03 29.08 5.44
N ARG Q 66 9.39 29.35 6.72
CA ARG Q 66 9.26 30.68 7.33
C ARG Q 66 10.52 31.49 7.10
N PHE Q 67 11.69 30.86 7.28
CA PHE Q 67 12.98 31.51 7.12
C PHE Q 67 13.58 31.16 5.77
N THR Q 68 14.38 32.08 5.20
CA THR Q 68 15.04 31.89 3.91
C THR Q 68 16.48 32.30 3.99
N ILE Q 69 17.39 31.38 3.66
CA ILE Q 69 18.82 31.64 3.62
C ILE Q 69 19.21 31.92 2.16
N SER Q 70 20.04 32.95 1.95
CA SER Q 70 20.53 33.37 0.63
C SER Q 70 21.96 33.85 0.74
N ARG Q 71 22.70 33.87 -0.39
CA ARG Q 71 24.08 34.35 -0.38
C ARG Q 71 24.46 35.13 -1.63
N ASP Q 72 25.30 36.16 -1.45
CA ASP Q 72 25.86 36.96 -2.53
C ASP Q 72 27.34 36.62 -2.52
N ASN Q 73 27.76 35.76 -3.46
CA ASN Q 73 29.14 35.31 -3.56
C ASN Q 73 30.11 36.44 -3.94
N ALA Q 74 29.59 37.47 -4.64
CA ALA Q 74 30.37 38.65 -5.02
C ALA Q 74 30.68 39.49 -3.77
N LYS Q 75 29.69 39.65 -2.88
CA LYS Q 75 29.81 40.41 -1.64
C LYS Q 75 30.30 39.57 -0.43
N ASN Q 76 30.47 38.22 -0.61
CA ASN Q 76 30.86 37.26 0.43
C ASN Q 76 29.94 37.42 1.66
N THR Q 77 28.62 37.50 1.40
CA THR Q 77 27.61 37.72 2.42
C THR Q 77 26.53 36.65 2.40
N VAL Q 78 26.11 36.22 3.60
CA VAL Q 78 25.01 35.27 3.81
C VAL Q 78 23.87 36.04 4.49
N TYR Q 79 22.62 35.73 4.13
CA TYR Q 79 21.46 36.44 4.67
C TYR Q 79 20.42 35.49 5.23
N LEU Q 80 19.77 35.88 6.31
CA LEU Q 80 18.67 35.10 6.87
C LEU Q 80 17.45 35.98 6.92
N GLN Q 81 16.50 35.72 6.01
CA GLN Q 81 15.24 36.45 6.01
C GLN Q 81 14.32 35.65 6.94
N MET Q 82 13.94 36.26 8.05
CA MET Q 82 13.11 35.67 9.10
C MET Q 82 11.71 36.26 9.06
N ASN Q 83 10.72 35.43 8.73
CA ASN Q 83 9.31 35.84 8.61
C ASN Q 83 8.43 35.13 9.65
N SER Q 84 7.25 35.73 9.90
CA SER Q 84 6.22 35.27 10.85
C SER Q 84 6.87 34.84 12.17
N LEU Q 85 7.58 35.79 12.81
CA LEU Q 85 8.34 35.52 14.02
C LEU Q 85 7.49 35.10 15.22
N LYS Q 86 7.96 34.08 15.92
CA LYS Q 86 7.35 33.47 17.07
C LYS Q 86 8.25 33.72 18.29
N PRO Q 87 7.72 33.76 19.53
CA PRO Q 87 8.60 33.97 20.70
C PRO Q 87 9.58 32.81 20.93
N GLU Q 88 9.39 31.70 20.18
CA GLU Q 88 10.23 30.52 20.18
C GLU Q 88 11.54 30.80 19.43
N ASP Q 89 11.54 31.80 18.53
CA ASP Q 89 12.73 32.21 17.74
C ASP Q 89 13.67 33.14 18.49
N THR Q 90 13.30 33.58 19.71
CA THR Q 90 14.18 34.44 20.51
C THR Q 90 15.42 33.63 20.86
N ALA Q 91 16.60 34.13 20.44
CA ALA Q 91 17.92 33.50 20.64
C ALA Q 91 19.02 34.40 20.12
N THR Q 92 20.27 33.94 20.30
CA THR Q 92 21.45 34.60 19.76
C THR Q 92 21.78 33.86 18.46
N TYR Q 93 21.80 34.59 17.36
CA TYR Q 93 22.04 34.05 16.04
C TYR Q 93 23.50 34.19 15.64
N TYR Q 94 24.14 33.07 15.35
CA TYR Q 94 25.55 32.99 14.95
C TYR Q 94 25.69 32.63 13.50
N CYS Q 95 26.70 33.19 12.88
CA CYS Q 95 27.03 32.99 11.48
C CYS Q 95 28.29 32.15 11.38
N HIS Q 96 28.29 31.17 10.47
CA HIS Q 96 29.45 30.30 10.25
C HIS Q 96 29.86 30.31 8.79
N ALA Q 97 31.16 30.12 8.51
CA ALA Q 97 31.71 30.05 7.15
C ALA Q 97 32.98 29.20 7.09
N GLU Q 98 33.12 28.38 6.03
CA GLU Q 98 34.29 27.54 5.78
C GLU Q 98 35.15 28.36 4.82
N ILE Q 99 36.17 29.07 5.35
CA ILE Q 99 36.97 29.96 4.53
C ILE Q 99 38.40 29.48 4.27
N THR Q 100 38.88 29.67 3.03
CA THR Q 100 40.25 29.39 2.61
C THR Q 100 40.92 30.77 2.60
N GLU Q 101 41.97 30.96 3.41
CA GLU Q 101 42.71 32.23 3.45
C GLU Q 101 43.60 32.32 2.22
N GLN Q 102 43.84 33.54 1.69
CA GLN Q 102 44.69 33.76 0.51
C GLN Q 102 46.11 33.20 0.69
N SER Q 103 46.59 33.17 1.95
CA SER Q 103 47.89 32.65 2.38
C SER Q 103 48.09 31.14 2.19
N ARG Q 104 47.00 30.34 2.28
CA ARG Q 104 47.01 28.88 2.14
C ARG Q 104 47.50 28.46 0.74
N PRO Q 105 48.49 27.53 0.63
CA PRO Q 105 48.95 27.12 -0.70
C PRO Q 105 47.96 26.20 -1.44
N PHE Q 106 47.13 25.46 -0.67
CA PHE Q 106 46.13 24.54 -1.19
C PHE Q 106 44.70 25.00 -0.85
N TYR Q 107 43.68 24.38 -1.49
CA TYR Q 107 42.26 24.70 -1.29
C TYR Q 107 41.69 23.97 -0.08
N LEU Q 108 42.18 24.36 1.10
CA LEU Q 108 41.82 23.83 2.41
C LEU Q 108 41.05 24.90 3.18
N THR Q 109 39.95 24.52 3.86
CA THR Q 109 39.10 25.47 4.61
C THR Q 109 39.30 25.41 6.11
N ASP Q 110 38.90 26.49 6.78
CA ASP Q 110 38.92 26.67 8.23
C ASP Q 110 37.57 27.24 8.64
N ASP Q 111 37.06 26.80 9.79
CA ASP Q 111 35.76 27.22 10.30
C ASP Q 111 35.84 28.55 11.02
N TYR Q 112 35.06 29.52 10.54
CA TYR Q 112 35.00 30.85 11.14
C TYR Q 112 33.61 31.10 11.67
N TRP Q 113 33.53 31.78 12.82
CA TRP Q 113 32.27 32.10 13.48
C TRP Q 113 32.11 33.58 13.73
N GLY Q 114 30.86 34.03 13.75
CA GLY Q 114 30.54 35.40 14.09
C GLY Q 114 30.41 35.56 15.59
N GLN Q 115 30.34 36.82 16.06
CA GLN Q 115 30.19 37.16 17.47
C GLN Q 115 28.77 36.91 17.99
N GLY Q 116 27.80 36.95 17.08
CA GLY Q 116 26.40 36.73 17.39
C GLY Q 116 25.58 38.00 17.36
N THR Q 117 24.29 37.86 17.11
CA THR Q 117 23.32 38.95 17.09
C THR Q 117 22.16 38.47 17.93
N GLN Q 118 21.58 39.35 18.73
CA GLN Q 118 20.46 38.97 19.57
C GLN Q 118 19.15 39.32 18.87
N VAL Q 119 18.26 38.33 18.76
CA VAL Q 119 16.92 38.51 18.19
C VAL Q 119 15.93 38.18 19.30
N THR Q 120 15.07 39.14 19.65
CA THR Q 120 14.07 38.95 20.70
C THR Q 120 12.68 39.24 20.15
N VAL Q 121 11.78 38.25 20.29
CA VAL Q 121 10.40 38.29 19.81
C VAL Q 121 9.46 38.37 21.02
N SER Q 122 8.71 39.48 21.11
CA SER Q 122 7.74 39.78 22.18
C SER Q 122 6.28 39.54 21.69
N SER Q 123 5.25 39.87 22.52
CA SER Q 123 3.83 39.77 22.10
C SER Q 123 3.02 41.03 22.36
N GLN R 1 5.02 8.62 23.64
CA GLN R 1 4.36 7.88 22.58
C GLN R 1 4.03 6.45 22.99
N VAL R 2 4.18 6.10 24.29
CA VAL R 2 3.79 4.81 24.87
C VAL R 2 3.12 5.03 26.23
N GLN R 3 1.96 4.36 26.48
CA GLN R 3 1.26 4.43 27.76
C GLN R 3 1.47 3.12 28.49
N LEU R 4 2.03 3.21 29.71
CA LEU R 4 2.39 2.03 30.49
C LEU R 4 1.52 1.76 31.69
N GLN R 5 1.13 0.50 31.88
CA GLN R 5 0.32 0.12 33.04
C GLN R 5 0.87 -1.11 33.71
N GLU R 6 1.32 -0.95 34.97
CA GLU R 6 1.86 -2.02 35.81
C GLU R 6 0.76 -2.73 36.57
N SER R 7 1.04 -3.98 36.96
CA SER R 7 0.17 -4.83 37.76
C SER R 7 1.04 -5.88 38.45
N GLY R 8 0.47 -6.56 39.45
CA GLY R 8 1.16 -7.63 40.17
C GLY R 8 1.64 -7.32 41.57
N GLY R 9 1.48 -6.07 42.00
CA GLY R 9 1.89 -5.62 43.33
C GLY R 9 1.04 -6.18 44.47
N GLY R 10 1.49 -5.97 45.70
CA GLY R 10 0.77 -6.42 46.90
C GLY R 10 1.63 -6.73 48.11
N LEU R 11 1.06 -7.47 49.07
CA LEU R 11 1.74 -7.86 50.30
C LEU R 11 2.25 -9.30 50.22
N VAL R 12 3.47 -9.54 50.74
CA VAL R 12 4.10 -10.86 50.76
C VAL R 12 5.03 -10.97 51.97
N GLN R 13 5.18 -12.19 52.52
CA GLN R 13 6.08 -12.46 53.64
C GLN R 13 7.48 -12.67 53.05
N ALA R 14 8.52 -12.31 53.83
CA ALA R 14 9.93 -12.43 53.43
C ALA R 14 10.30 -13.84 52.96
N GLY R 15 11.14 -13.90 51.94
CA GLY R 15 11.57 -15.12 51.30
C GLY R 15 10.62 -15.53 50.18
N GLY R 16 9.49 -14.82 50.10
CA GLY R 16 8.44 -15.01 49.12
C GLY R 16 8.79 -14.58 47.71
N SER R 17 7.79 -14.63 46.82
CA SER R 17 7.94 -14.29 45.40
C SER R 17 6.75 -13.50 44.89
N LEU R 18 6.99 -12.64 43.89
CA LEU R 18 5.98 -11.81 43.24
C LEU R 18 6.39 -11.52 41.81
N ARG R 19 5.41 -11.51 40.88
CA ARG R 19 5.70 -11.23 39.47
C ARG R 19 4.92 -10.00 39.00
N LEU R 20 5.67 -8.98 38.56
CA LEU R 20 5.06 -7.75 38.08
C LEU R 20 5.00 -7.75 36.56
N SER R 21 3.93 -7.18 36.01
CA SER R 21 3.74 -7.06 34.57
C SER R 21 3.59 -5.60 34.21
N CYS R 22 3.89 -5.26 32.96
CA CYS R 22 3.70 -3.90 32.47
C CYS R 22 3.41 -3.94 30.99
N THR R 23 2.19 -3.54 30.61
CA THR R 23 1.78 -3.52 29.22
C THR R 23 1.90 -2.11 28.69
N ALA R 24 2.46 -1.99 27.47
CA ALA R 24 2.65 -0.73 26.79
C ALA R 24 1.69 -0.58 25.65
N SER R 25 1.02 0.57 25.59
CA SER R 25 0.05 0.90 24.56
C SER R 25 0.62 2.03 23.73
N GLY R 26 0.95 1.70 22.48
CA GLY R 26 1.55 2.64 21.54
C GLY R 26 2.35 1.94 20.47
N ARG R 27 2.87 2.72 19.53
CA ARG R 27 3.65 2.20 18.41
C ARG R 27 5.13 2.05 18.75
N ALA R 28 5.81 1.15 18.00
CA ALA R 28 7.23 0.82 18.04
C ALA R 28 7.76 0.49 19.45
N PHE R 29 7.11 -0.47 20.13
CA PHE R 29 7.51 -0.93 21.46
C PHE R 29 8.95 -1.42 21.46
N SER R 30 9.36 -2.13 20.37
CA SER R 30 10.71 -2.68 20.15
C SER R 30 11.82 -1.63 20.16
N TRP R 31 11.48 -0.35 19.95
CA TRP R 31 12.45 0.74 19.93
C TRP R 31 12.86 1.13 21.35
N TYR R 32 11.91 1.01 22.28
CA TYR R 32 12.14 1.41 23.66
C TYR R 32 12.97 0.47 24.46
N VAL R 33 13.69 1.00 25.44
CA VAL R 33 14.45 0.25 26.41
C VAL R 33 13.53 0.33 27.63
N MET R 34 13.10 -0.83 28.11
CA MET R 34 12.18 -0.90 29.22
C MET R 34 12.94 -1.06 30.52
N GLY R 35 12.41 -0.46 31.58
CA GLY R 35 13.03 -0.55 32.89
C GLY R 35 12.06 -0.56 34.04
N TRP R 36 12.46 -1.25 35.12
CA TRP R 36 11.72 -1.33 36.38
C TRP R 36 12.47 -0.48 37.39
N PHE R 37 11.72 0.39 38.08
CA PHE R 37 12.24 1.31 39.07
C PHE R 37 11.43 1.26 40.32
N ARG R 38 12.05 1.48 41.47
CA ARG R 38 11.31 1.44 42.72
C ARG R 38 11.56 2.69 43.55
N GLN R 39 10.50 3.24 44.14
CA GLN R 39 10.67 4.40 45.01
C GLN R 39 10.32 4.03 46.45
N ALA R 40 11.34 3.96 47.29
CA ALA R 40 11.20 3.64 48.71
C ALA R 40 10.56 4.83 49.49
N PRO R 41 10.06 4.62 50.74
CA PRO R 41 9.51 5.75 51.51
C PRO R 41 10.57 6.82 51.80
N GLY R 42 10.35 8.02 51.25
CA GLY R 42 11.25 9.15 51.43
C GLY R 42 12.39 9.25 50.44
N LYS R 43 12.82 8.11 49.84
CA LYS R 43 13.92 8.06 48.87
C LYS R 43 13.51 8.42 47.42
N GLU R 44 14.51 8.58 46.53
CA GLU R 44 14.32 8.89 45.10
C GLU R 44 14.00 7.59 44.34
N ARG R 45 13.60 7.70 43.05
CA ARG R 45 13.32 6.53 42.22
C ARG R 45 14.66 5.90 41.86
N GLU R 46 14.86 4.65 42.27
CA GLU R 46 16.10 3.93 42.00
C GLU R 46 15.87 2.89 40.92
N PHE R 47 16.88 2.67 40.08
CA PHE R 47 16.87 1.67 39.02
C PHE R 47 16.85 0.28 39.62
N VAL R 48 16.05 -0.63 39.03
CA VAL R 48 15.97 -2.02 39.50
C VAL R 48 16.52 -2.94 38.42
N ALA R 49 15.96 -2.88 37.20
CA ALA R 49 16.37 -3.73 36.09
C ALA R 49 15.96 -3.09 34.78
N THR R 50 16.71 -3.38 33.68
CA THR R 50 16.42 -2.87 32.33
C THR R 50 16.58 -3.93 31.27
N VAL R 51 15.80 -3.80 30.21
CA VAL R 51 15.82 -4.69 29.07
C VAL R 51 15.80 -3.87 27.76
N SER R 52 16.71 -4.22 26.84
CA SER R 52 16.80 -3.57 25.55
C SER R 52 15.64 -4.04 24.67
N GLY R 53 15.31 -3.22 23.63
CA GLY R 53 14.24 -3.44 22.64
C GLY R 53 14.12 -4.87 22.16
N ASN R 54 15.27 -5.39 21.79
CA ASN R 54 15.54 -6.71 21.29
C ASN R 54 15.40 -7.75 22.39
N GLY R 55 15.81 -7.40 23.60
CA GLY R 55 15.84 -8.32 24.74
C GLY R 55 17.23 -8.89 24.90
N SER R 56 18.16 -8.46 24.07
CA SER R 56 19.55 -8.88 24.06
C SER R 56 20.35 -8.40 25.26
N ARG R 57 19.96 -7.25 25.85
CA ARG R 57 20.68 -6.67 26.97
C ARG R 57 19.78 -6.54 28.18
N ARG R 58 20.21 -7.14 29.31
CA ARG R 58 19.50 -7.08 30.59
C ARG R 58 20.48 -6.66 31.67
N ASP R 59 20.11 -5.62 32.43
CA ASP R 59 20.96 -5.11 33.51
C ASP R 59 20.14 -4.97 34.78
N TYR R 60 20.75 -5.28 35.93
CA TYR R 60 20.06 -5.26 37.22
C TYR R 60 20.87 -4.48 38.24
N ALA R 61 20.17 -3.91 39.25
CA ALA R 61 20.76 -3.22 40.39
C ALA R 61 21.48 -4.30 41.21
N ASP R 62 22.65 -3.98 41.78
CA ASP R 62 23.47 -4.92 42.55
C ASP R 62 22.67 -5.60 43.68
N SER R 63 21.79 -4.83 44.34
CA SER R 63 20.92 -5.29 45.43
C SER R 63 19.95 -6.42 45.02
N VAL R 64 19.42 -6.36 43.79
CA VAL R 64 18.44 -7.33 43.29
C VAL R 64 19.05 -8.47 42.47
N LYS R 65 20.32 -8.31 42.01
CA LYS R 65 21.04 -9.30 41.20
C LYS R 65 20.95 -10.71 41.80
N GLY R 66 20.61 -11.67 40.94
CA GLY R 66 20.46 -13.08 41.32
C GLY R 66 19.12 -13.45 41.92
N ARG R 67 18.27 -12.46 42.22
CA ARG R 67 16.94 -12.69 42.81
C ARG R 67 15.83 -12.21 41.88
N PHE R 68 16.07 -11.11 41.15
CA PHE R 68 15.11 -10.53 40.22
C PHE R 68 15.49 -10.87 38.76
N THR R 69 14.47 -11.04 37.90
CA THR R 69 14.67 -11.35 36.48
C THR R 69 13.71 -10.55 35.62
N ILE R 70 14.27 -9.85 34.63
CA ILE R 70 13.51 -9.02 33.69
C ILE R 70 13.32 -9.78 32.36
N SER R 71 12.09 -9.76 31.87
CA SER R 71 11.72 -10.39 30.61
C SER R 71 10.82 -9.49 29.79
N ARG R 72 10.79 -9.75 28.49
CA ARG R 72 10.04 -8.95 27.54
C ARG R 72 9.29 -9.83 26.56
N ASP R 73 8.16 -9.34 26.07
CA ASP R 73 7.37 -9.95 25.02
C ASP R 73 6.88 -8.88 24.09
N ASN R 74 7.63 -8.69 22.99
CA ASN R 74 7.35 -7.66 22.01
C ASN R 74 6.08 -7.90 21.23
N ALA R 75 5.68 -9.18 21.09
CA ALA R 75 4.45 -9.57 20.43
C ALA R 75 3.24 -9.20 21.30
N LYS R 76 3.39 -9.23 22.61
CA LYS R 76 2.34 -8.92 23.57
C LYS R 76 2.49 -7.51 24.15
N ASN R 77 3.54 -6.74 23.70
CA ASN R 77 3.88 -5.39 24.18
C ASN R 77 4.00 -5.33 25.72
N THR R 78 4.56 -6.39 26.34
CA THR R 78 4.70 -6.43 27.80
C THR R 78 6.12 -6.71 28.28
N VAL R 79 6.45 -6.16 29.46
CA VAL R 79 7.70 -6.35 30.16
C VAL R 79 7.35 -6.90 31.55
N TYR R 80 8.12 -7.90 32.02
CA TYR R 80 7.87 -8.53 33.31
C TYR R 80 9.05 -8.43 34.26
N LEU R 81 8.75 -8.50 35.56
CA LEU R 81 9.75 -8.51 36.63
C LEU R 81 9.39 -9.60 37.64
N GLN R 82 10.19 -10.68 37.63
CA GLN R 82 10.03 -11.80 38.55
C GLN R 82 10.92 -11.48 39.74
N MET R 83 10.29 -11.24 40.89
CA MET R 83 10.97 -10.90 42.13
C MET R 83 10.93 -12.11 43.08
N ASN R 84 12.03 -12.88 43.13
CA ASN R 84 12.13 -14.04 44.02
C ASN R 84 12.88 -13.66 45.29
N SER R 85 12.78 -14.52 46.34
CA SER R 85 13.47 -14.39 47.62
C SER R 85 13.47 -12.93 48.12
N LEU R 86 12.26 -12.37 48.28
CA LEU R 86 12.07 -10.98 48.69
C LEU R 86 12.48 -10.71 50.14
N LYS R 87 13.15 -9.57 50.36
CA LYS R 87 13.61 -9.07 51.65
C LYS R 87 12.73 -7.85 52.02
N PRO R 88 12.58 -7.47 53.31
CA PRO R 88 11.77 -6.28 53.64
C PRO R 88 12.26 -4.97 53.00
N GLU R 89 13.54 -4.93 52.57
CA GLU R 89 14.19 -3.79 51.90
C GLU R 89 13.52 -3.44 50.57
N ASP R 90 12.95 -4.45 49.88
CA ASP R 90 12.31 -4.30 48.57
C ASP R 90 10.95 -3.61 48.62
N THR R 91 10.46 -3.25 49.82
CA THR R 91 9.18 -2.53 49.98
C THR R 91 9.32 -1.14 49.34
N ALA R 92 8.58 -0.90 48.26
CA ALA R 92 8.60 0.35 47.49
C ALA R 92 7.51 0.32 46.41
N VAL R 93 7.27 1.47 45.76
CA VAL R 93 6.32 1.54 44.65
C VAL R 93 7.13 1.23 43.39
N TYR R 94 6.80 0.12 42.72
CA TYR R 94 7.49 -0.31 41.52
C TYR R 94 6.87 0.30 40.27
N TYR R 95 7.68 1.04 39.55
CA TYR R 95 7.35 1.73 38.32
C TYR R 95 7.98 1.05 37.13
N CYS R 96 7.28 1.10 36.02
CA CYS R 96 7.73 0.57 34.75
C CYS R 96 7.87 1.78 33.85
N ALA R 97 9.03 1.91 33.19
CA ALA R 97 9.35 3.05 32.34
C ALA R 97 9.99 2.67 31.00
N ALA R 98 9.78 3.52 29.99
CA ALA R 98 10.31 3.34 28.65
C ALA R 98 11.26 4.47 28.28
N SER R 99 12.38 4.13 27.63
CA SER R 99 13.37 5.10 27.17
C SER R 99 13.54 4.98 25.67
N SER R 100 13.52 6.11 25.00
CA SER R 100 13.68 6.13 23.54
C SER R 100 15.15 6.15 23.12
N THR R 101 16.05 6.04 24.07
CA THR R 101 17.45 6.09 23.76
C THR R 101 18.18 4.88 24.23
N TYR R 102 19.20 4.47 23.48
CA TYR R 102 19.92 3.26 23.79
C TYR R 102 20.89 3.26 24.93
N TYR R 103 20.70 2.23 25.74
CA TYR R 103 21.42 1.86 26.94
C TYR R 103 21.77 2.69 28.14
N TYR R 104 20.76 3.28 28.75
CA TYR R 104 21.00 4.03 29.95
C TYR R 104 20.18 3.43 31.07
N THR R 105 20.78 3.31 32.25
CA THR R 105 20.11 2.79 33.43
C THR R 105 19.68 3.88 34.41
N ASP R 106 19.88 5.14 34.06
CA ASP R 106 19.51 6.24 34.95
C ASP R 106 18.11 6.68 34.61
N PRO R 107 17.22 6.76 35.63
CA PRO R 107 15.80 7.11 35.38
C PRO R 107 15.56 8.44 34.70
N GLU R 108 16.58 9.32 34.66
CA GLU R 108 16.50 10.62 33.99
C GLU R 108 16.37 10.48 32.47
N LYS R 109 16.84 9.32 31.91
CA LYS R 109 16.79 9.02 30.48
C LYS R 109 15.46 8.37 30.03
N TYR R 110 14.56 8.07 31.01
CA TYR R 110 13.26 7.44 30.77
C TYR R 110 12.17 8.48 30.77
N ASP R 111 11.51 8.66 29.61
CA ASP R 111 10.48 9.68 29.40
C ASP R 111 9.07 9.23 29.76
N TYR R 112 8.70 7.98 29.42
CA TYR R 112 7.36 7.47 29.68
C TYR R 112 7.33 6.58 30.88
N TRP R 113 6.37 6.87 31.79
CA TRP R 113 6.22 6.18 33.07
C TRP R 113 4.81 5.66 33.31
N GLY R 114 4.71 4.60 34.12
CA GLY R 114 3.44 4.03 34.52
C GLY R 114 2.95 4.61 35.84
N GLN R 115 1.77 4.17 36.31
CA GLN R 115 1.18 4.63 37.57
C GLN R 115 1.91 4.12 38.83
N GLY R 116 2.49 2.93 38.72
CA GLY R 116 3.22 2.27 39.80
C GLY R 116 2.36 1.29 40.56
N THR R 117 3.01 0.32 41.26
CA THR R 117 2.34 -0.68 42.10
C THR R 117 3.08 -0.81 43.42
N GLN R 118 2.34 -0.76 44.54
CA GLN R 118 2.93 -0.91 45.86
C GLN R 118 3.25 -2.37 46.12
N VAL R 119 4.47 -2.64 46.58
CA VAL R 119 4.96 -3.97 46.95
C VAL R 119 5.40 -3.85 48.41
N THR R 120 4.80 -4.65 49.31
CA THR R 120 5.13 -4.63 50.74
C THR R 120 5.60 -6.01 51.21
N VAL R 121 6.83 -6.07 51.73
CA VAL R 121 7.48 -7.28 52.20
C VAL R 121 7.60 -7.23 53.75
N SER R 122 6.83 -8.10 54.44
CA SER R 122 6.80 -8.18 55.90
C SER R 122 7.75 -9.25 56.46
N SER R 123 8.01 -9.26 57.81
CA SER R 123 8.82 -10.23 58.54
C SER R 123 10.23 -10.49 57.96
#